data_7OSL
#
_entry.id   7OSL
#
_cell.length_a   1.00
_cell.length_b   1.00
_cell.length_c   1.00
_cell.angle_alpha   90.00
_cell.angle_beta   90.00
_cell.angle_gamma   90.00
#
_symmetry.space_group_name_H-M   'P 1'
#
_entity_poly.entity_id   1
_entity_poly.type   'polypeptide(L)'
_entity_poly.pdbx_seq_one_letter_code
;NISPGAEPLILNLSSNIYSSDITQQIEVMRWNFFEESGIPLPKIIVNPVKNNDSAIEFLLYQESIYKDTLIDDTVYFEAG
HAEISFEFVQEKLSTNSIVYKTNKTNQQLAHLTGMDVYATTNDKITFLLKKLVLSNAKEFIGVQETRYLMDIMERKYNEL
VKELQRQLGLSKIVDILQRLVEENVSIRDLRTIFETLIFWSTKEKDVVILCEYVRIALRRHILGRYSVSGTLLNVWLIGS
DIENELRESIRQTSSGSYLNISPERTEQIIGFLKNIMNPTGNGVILTALDIRRYVKKMIEGSFPSVPVLSFQEVGNNIEL
KVLGTVNDFRA
;
_entity_poly.pdbx_strand_id   A,B,C,D,E,F,G,H,I
#
# COMPACT_ATOMS: atom_id res chain seq x y z
N ASN A 1 14.12 -47.57 -5.16
CA ASN A 1 13.15 -46.47 -5.26
C ASN A 1 12.95 -46.01 -6.72
N ILE A 2 12.16 -44.96 -6.91
CA ILE A 2 11.85 -44.42 -8.23
C ILE A 2 12.87 -43.39 -8.69
N SER A 3 13.37 -43.54 -9.93
CA SER A 3 14.30 -42.59 -10.52
C SER A 3 13.59 -41.37 -11.12
N PRO A 4 14.29 -40.23 -11.26
CA PRO A 4 13.64 -39.03 -11.80
C PRO A 4 12.86 -39.21 -13.10
N GLY A 5 13.43 -39.89 -14.08
CA GLY A 5 12.75 -40.12 -15.33
C GLY A 5 13.52 -41.13 -16.16
N ALA A 6 13.05 -41.35 -17.38
CA ALA A 6 13.73 -42.28 -18.26
C ALA A 6 15.19 -41.90 -18.43
N GLU A 7 16.09 -42.88 -18.28
CA GLU A 7 17.52 -42.62 -18.43
C GLU A 7 17.85 -42.07 -19.82
N PRO A 8 18.63 -41.01 -19.94
CA PRO A 8 18.86 -40.41 -21.26
C PRO A 8 19.59 -41.27 -22.30
N LEU A 9 20.67 -41.97 -21.94
CA LEU A 9 21.43 -42.78 -22.89
C LEU A 9 21.97 -44.06 -22.28
N ILE A 10 21.67 -45.20 -22.90
CA ILE A 10 22.15 -46.50 -22.46
C ILE A 10 22.68 -47.28 -23.67
N LEU A 11 23.85 -47.88 -23.52
CA LEU A 11 24.51 -48.71 -24.52
C LEU A 11 24.60 -50.14 -24.03
N ASN A 12 24.00 -51.09 -24.76
CA ASN A 12 24.02 -52.51 -24.42
C ASN A 12 25.00 -53.24 -25.33
N LEU A 13 26.06 -53.80 -24.75
CA LEU A 13 27.09 -54.53 -25.47
C LEU A 13 27.14 -56.01 -25.10
N SER A 14 27.11 -56.87 -26.11
CA SER A 14 27.29 -58.30 -25.85
C SER A 14 28.68 -58.50 -25.25
N SER A 15 28.77 -59.35 -24.22
CA SER A 15 30.02 -59.52 -23.47
C SER A 15 31.21 -60.02 -24.28
N ASN A 16 30.99 -60.47 -25.51
CA ASN A 16 32.11 -60.83 -26.37
C ASN A 16 32.89 -59.60 -26.81
N ILE A 17 32.17 -58.54 -27.15
CA ILE A 17 32.72 -57.26 -27.60
C ILE A 17 33.14 -56.35 -26.44
N TYR A 18 32.48 -56.45 -25.30
CA TYR A 18 32.78 -55.60 -24.14
C TYR A 18 34.23 -55.63 -23.68
N SER A 19 34.67 -54.49 -23.13
CA SER A 19 36.00 -54.29 -22.57
C SER A 19 35.93 -53.25 -21.46
N SER A 20 36.91 -53.28 -20.56
CA SER A 20 37.01 -52.38 -19.41
C SER A 20 37.52 -50.97 -19.73
N ASP A 21 38.10 -50.73 -20.90
CA ASP A 21 38.67 -49.43 -21.29
C ASP A 21 37.71 -48.50 -22.04
N ILE A 22 36.59 -49.01 -22.54
CA ILE A 22 35.66 -48.22 -23.36
C ILE A 22 35.00 -47.08 -22.58
N THR A 23 34.77 -47.22 -21.29
CA THR A 23 34.18 -46.13 -20.51
C THR A 23 35.05 -44.86 -20.58
N GLN A 24 36.34 -44.99 -20.32
CA GLN A 24 37.27 -43.87 -20.39
C GLN A 24 37.33 -43.27 -21.80
N GLN A 25 37.29 -44.10 -22.83
CA GLN A 25 37.31 -43.62 -24.21
C GLN A 25 36.01 -42.87 -24.56
N ILE A 26 34.89 -43.33 -24.04
CA ILE A 26 33.60 -42.66 -24.24
C ILE A 26 33.60 -41.30 -23.53
N GLU A 27 34.15 -41.23 -22.32
CA GLU A 27 34.25 -39.97 -21.60
C GLU A 27 35.12 -38.96 -22.34
N VAL A 28 36.04 -39.43 -23.17
CA VAL A 28 36.88 -38.58 -24.00
C VAL A 28 36.08 -38.08 -25.20
N MET A 29 35.16 -38.87 -25.73
CA MET A 29 34.34 -38.46 -26.87
C MET A 29 33.39 -37.33 -26.49
N ARG A 30 32.92 -37.30 -25.25
CA ARG A 30 32.04 -36.23 -24.77
C ARG A 30 32.71 -34.86 -24.87
N TRP A 31 33.98 -34.76 -24.52
CA TRP A 31 34.73 -33.51 -24.64
C TRP A 31 34.84 -33.07 -26.10
N ASN A 32 35.23 -33.96 -26.99
CA ASN A 32 35.34 -33.61 -28.40
C ASN A 32 33.99 -33.14 -28.96
N PHE A 33 32.90 -33.73 -28.51
CA PHE A 33 31.57 -33.31 -28.94
C PHE A 33 31.22 -31.93 -28.40
N PHE A 34 31.55 -31.64 -27.14
CA PHE A 34 31.26 -30.33 -26.56
C PHE A 34 32.08 -29.22 -27.21
N GLU A 35 33.36 -29.43 -27.44
CA GLU A 35 34.16 -28.39 -28.06
C GLU A 35 33.72 -28.11 -29.49
N GLU A 36 33.27 -29.11 -30.23
CA GLU A 36 32.84 -28.85 -31.60
C GLU A 36 31.42 -28.34 -31.69
N SER A 37 30.50 -28.88 -30.88
CA SER A 37 29.10 -28.49 -30.92
C SER A 37 28.71 -27.47 -29.88
N GLY A 38 29.32 -27.48 -28.72
CA GLY A 38 28.88 -26.63 -27.64
C GLY A 38 27.65 -27.11 -26.94
N ILE A 39 27.32 -28.39 -27.05
CA ILE A 39 26.16 -29.04 -26.46
C ILE A 39 26.68 -29.98 -25.39
N PRO A 40 26.30 -29.82 -24.13
CA PRO A 40 26.81 -30.72 -23.09
C PRO A 40 25.98 -31.99 -22.93
N LEU A 41 26.50 -33.12 -23.39
CA LEU A 41 25.80 -34.41 -23.29
C LEU A 41 25.74 -34.96 -21.86
N PRO A 42 24.66 -35.68 -21.51
CA PRO A 42 24.57 -36.32 -20.21
C PRO A 42 25.52 -37.51 -20.09
N LYS A 43 25.65 -38.06 -18.89
CA LYS A 43 26.50 -39.23 -18.69
C LYS A 43 25.96 -40.47 -19.40
N ILE A 44 26.81 -41.18 -20.12
CA ILE A 44 26.43 -42.40 -20.85
C ILE A 44 26.60 -43.63 -19.96
N ILE A 45 25.60 -44.51 -19.97
CA ILE A 45 25.59 -45.76 -19.19
C ILE A 45 25.84 -46.93 -20.14
N VAL A 46 26.86 -47.74 -19.87
CA VAL A 46 27.18 -48.91 -20.70
C VAL A 46 26.98 -50.19 -19.89
N ASN A 47 26.09 -51.09 -20.40
CA ASN A 47 25.75 -52.37 -19.78
C ASN A 47 26.27 -53.57 -20.56
N PRO A 48 27.00 -54.48 -19.92
CA PRO A 48 27.42 -55.72 -20.59
C PRO A 48 26.28 -56.72 -20.56
N VAL A 49 26.03 -57.37 -21.70
CA VAL A 49 24.98 -58.37 -21.84
C VAL A 49 25.67 -59.73 -21.96
N LYS A 50 25.30 -60.67 -21.10
CA LYS A 50 25.93 -61.98 -20.99
C LYS A 50 25.50 -62.94 -22.10
N ASN A 51 25.82 -62.53 -23.32
CA ASN A 51 25.58 -63.26 -24.57
C ASN A 51 26.81 -62.99 -25.42
N ASN A 52 27.12 -63.91 -26.32
CA ASN A 52 28.28 -63.77 -27.19
C ASN A 52 27.92 -63.59 -28.67
N ASP A 53 26.75 -63.04 -28.95
CA ASP A 53 26.29 -62.84 -30.32
C ASP A 53 26.93 -61.65 -31.03
N SER A 54 27.90 -60.96 -30.41
CA SER A 54 28.58 -59.79 -30.99
C SER A 54 27.63 -58.64 -31.35
N ALA A 55 26.43 -58.59 -30.78
CA ALA A 55 25.44 -57.54 -30.99
C ALA A 55 25.66 -56.32 -30.09
N ILE A 56 25.13 -55.16 -30.55
CA ILE A 56 25.15 -53.89 -29.81
C ILE A 56 23.82 -53.18 -30.01
N GLU A 57 23.46 -52.33 -29.04
CA GLU A 57 22.24 -51.53 -29.12
C GLU A 57 22.35 -50.20 -28.38
N PHE A 58 21.77 -49.15 -28.97
CA PHE A 58 21.71 -47.81 -28.39
C PHE A 58 20.27 -47.45 -28.05
N LEU A 59 20.03 -47.03 -26.80
CA LEU A 59 18.73 -46.61 -26.32
C LEU A 59 18.70 -45.12 -25.98
N LEU A 60 17.75 -44.39 -26.57
CA LEU A 60 17.56 -42.97 -26.31
C LEU A 60 16.28 -42.83 -25.50
N TYR A 61 16.40 -42.36 -24.27
CA TYR A 61 15.25 -42.27 -23.36
C TYR A 61 14.50 -43.59 -23.30
N GLN A 62 15.27 -44.66 -23.17
CA GLN A 62 14.84 -46.05 -23.09
C GLN A 62 14.08 -46.59 -24.31
N GLU A 63 14.19 -45.96 -25.48
CA GLU A 63 13.61 -46.50 -26.70
C GLU A 63 14.77 -46.84 -27.62
N SER A 64 14.71 -47.98 -28.31
CA SER A 64 15.83 -48.37 -29.16
C SER A 64 15.92 -47.54 -30.44
N ILE A 65 17.10 -46.96 -30.66
CA ILE A 65 17.38 -46.11 -31.80
C ILE A 65 18.24 -46.80 -32.86
N TYR A 66 19.07 -47.77 -32.45
CA TYR A 66 19.91 -48.53 -33.37
C TYR A 66 20.33 -49.85 -32.73
N LYS A 67 20.32 -50.92 -33.53
CA LYS A 67 20.71 -52.25 -33.09
C LYS A 67 21.38 -53.01 -34.22
N ASP A 68 22.58 -53.56 -33.96
CA ASP A 68 23.33 -54.24 -35.02
C ASP A 68 24.44 -55.11 -34.42
N THR A 69 25.05 -55.92 -35.28
CA THR A 69 26.16 -56.81 -34.96
C THR A 69 27.48 -56.38 -35.58
N LEU A 70 28.52 -56.32 -34.75
CA LEU A 70 29.86 -55.98 -35.19
C LEU A 70 30.61 -57.20 -35.74
N ILE A 71 31.33 -57.00 -36.85
CA ILE A 71 32.14 -58.02 -37.50
C ILE A 71 33.52 -57.46 -37.82
N ASP A 72 34.51 -58.34 -37.85
CA ASP A 72 35.90 -58.00 -38.13
C ASP A 72 36.24 -57.91 -39.61
N ASP A 73 35.38 -58.44 -40.48
CA ASP A 73 35.62 -58.46 -41.92
C ASP A 73 35.39 -57.12 -42.61
N THR A 74 34.88 -56.10 -41.94
CA THR A 74 34.59 -54.81 -42.57
C THR A 74 35.12 -53.65 -41.75
N VAL A 75 35.22 -52.49 -42.42
CA VAL A 75 35.76 -51.26 -41.85
C VAL A 75 34.98 -50.05 -42.36
N TYR A 76 34.76 -49.07 -41.47
CA TYR A 76 34.07 -47.82 -41.75
C TYR A 76 35.08 -46.73 -42.10
N PHE A 77 34.71 -45.80 -42.99
CA PHE A 77 35.59 -44.69 -43.37
C PHE A 77 34.83 -43.40 -43.63
N GLU A 78 35.58 -42.28 -43.59
CA GLU A 78 35.11 -40.92 -43.87
C GLU A 78 36.06 -40.24 -44.85
N ALA A 79 35.48 -39.46 -45.78
CA ALA A 79 36.25 -38.73 -46.78
C ALA A 79 35.84 -37.27 -46.86
N GLY A 80 36.84 -36.39 -46.93
CA GLY A 80 36.66 -34.96 -47.04
C GLY A 80 36.49 -34.47 -48.46
N HIS A 81 37.23 -33.43 -48.84
CA HIS A 81 37.19 -32.88 -50.19
C HIS A 81 37.84 -33.79 -51.23
N ALA A 82 38.42 -34.91 -50.80
CA ALA A 82 39.06 -35.88 -51.68
C ALA A 82 38.09 -36.55 -52.66
N GLU A 83 38.66 -37.14 -53.72
CA GLU A 83 37.93 -37.83 -54.76
C GLU A 83 37.41 -39.20 -54.30
N ILE A 84 36.37 -39.66 -55.02
CA ILE A 84 35.71 -40.95 -54.77
C ILE A 84 36.63 -42.13 -55.07
N SER A 85 36.56 -43.16 -54.21
CA SER A 85 37.35 -44.39 -54.35
C SER A 85 36.43 -45.61 -54.49
N PHE A 86 36.90 -46.60 -55.24
CA PHE A 86 36.14 -47.82 -55.57
C PHE A 86 35.76 -48.72 -54.39
N GLU A 87 34.67 -49.48 -54.64
CA GLU A 87 34.04 -50.49 -53.76
C GLU A 87 33.41 -49.97 -52.46
N PHE A 88 32.95 -48.73 -52.42
CA PHE A 88 32.29 -48.20 -51.21
C PHE A 88 30.85 -48.69 -51.12
N VAL A 89 30.38 -48.92 -49.89
CA VAL A 89 29.00 -49.34 -49.63
C VAL A 89 28.33 -48.34 -48.68
N GLN A 90 27.25 -47.72 -49.14
CA GLN A 90 26.48 -46.77 -48.34
C GLN A 90 25.37 -47.47 -47.56
N GLU A 91 25.21 -47.09 -46.29
CA GLU A 91 24.15 -47.64 -45.45
C GLU A 91 23.56 -46.53 -44.58
N LYS A 92 22.24 -46.45 -44.51
CA LYS A 92 21.56 -45.46 -43.69
C LYS A 92 21.62 -45.81 -42.21
N LEU A 93 21.83 -44.79 -41.39
CA LEU A 93 21.93 -44.91 -39.94
C LEU A 93 20.73 -44.28 -39.26
N SER A 94 20.08 -43.32 -39.92
CA SER A 94 18.87 -42.68 -39.43
C SER A 94 18.18 -42.11 -40.67
N THR A 95 17.00 -41.53 -40.46
CA THR A 95 16.28 -40.93 -41.58
C THR A 95 17.06 -39.81 -42.25
N ASN A 96 18.04 -39.22 -41.55
CA ASN A 96 18.83 -38.10 -42.07
C ASN A 96 20.34 -38.31 -42.01
N SER A 97 20.84 -39.54 -41.82
CA SER A 97 22.28 -39.77 -41.82
C SER A 97 22.65 -41.10 -42.45
N ILE A 98 23.80 -41.10 -43.14
CA ILE A 98 24.33 -42.27 -43.85
C ILE A 98 25.82 -42.43 -43.54
N VAL A 99 26.27 -43.69 -43.46
CA VAL A 99 27.67 -44.08 -43.22
C VAL A 99 28.16 -44.98 -44.35
N TYR A 100 29.49 -44.94 -44.58
CA TYR A 100 30.17 -45.71 -45.63
C TYR A 100 30.96 -46.90 -45.05
N LYS A 101 30.71 -48.08 -45.62
CA LYS A 101 31.32 -49.35 -45.25
C LYS A 101 32.17 -49.94 -46.37
N THR A 102 33.21 -50.70 -45.99
CA THR A 102 34.11 -51.35 -46.95
C THR A 102 34.73 -52.59 -46.34
N ASN A 103 35.19 -53.50 -47.22
CA ASN A 103 35.89 -54.70 -46.76
C ASN A 103 37.27 -54.30 -46.25
N LYS A 104 37.72 -54.96 -45.19
CA LYS A 104 39.02 -54.64 -44.57
C LYS A 104 40.21 -54.63 -45.54
N THR A 105 40.15 -55.41 -46.63
CA THR A 105 41.24 -55.42 -47.60
C THR A 105 41.51 -54.06 -48.24
N ASN A 106 40.50 -53.20 -48.32
CA ASN A 106 40.57 -51.86 -48.89
C ASN A 106 41.12 -50.80 -47.94
N GLN A 107 41.37 -51.17 -46.68
CA GLN A 107 41.83 -50.27 -45.61
C GLN A 107 43.01 -49.35 -45.97
N GLN A 108 44.15 -49.91 -46.39
CA GLN A 108 45.34 -49.10 -46.64
C GLN A 108 45.23 -48.13 -47.83
N LEU A 109 44.50 -48.48 -48.88
CA LEU A 109 44.36 -47.54 -50.00
C LEU A 109 43.63 -46.28 -49.55
N ALA A 110 42.54 -46.43 -48.81
CA ALA A 110 41.81 -45.28 -48.28
C ALA A 110 42.69 -44.47 -47.33
N HIS A 111 43.36 -45.16 -46.42
CA HIS A 111 44.28 -44.54 -45.46
C HIS A 111 45.38 -43.76 -46.19
N LEU A 112 45.92 -44.34 -47.25
CA LEU A 112 46.95 -43.69 -48.06
C LEU A 112 46.38 -42.53 -48.87
N THR A 113 45.15 -42.67 -49.35
CA THR A 113 44.50 -41.61 -50.12
C THR A 113 44.20 -40.38 -49.25
N GLY A 114 44.07 -40.55 -47.94
CA GLY A 114 43.82 -39.47 -47.00
C GLY A 114 42.52 -39.57 -46.25
N MET A 115 41.75 -40.63 -46.47
CA MET A 115 40.48 -40.87 -45.82
C MET A 115 40.72 -41.34 -44.38
N ASP A 116 39.77 -41.04 -43.50
CA ASP A 116 39.85 -41.47 -42.12
C ASP A 116 39.14 -42.82 -42.01
N VAL A 117 39.77 -43.77 -41.31
CA VAL A 117 39.30 -45.15 -41.22
C VAL A 117 39.23 -45.62 -39.76
N TYR A 118 38.13 -46.30 -39.44
CA TYR A 118 37.81 -46.84 -38.11
C TYR A 118 37.70 -48.36 -38.20
N ALA A 119 38.55 -49.10 -37.44
CA ALA A 119 38.55 -50.56 -37.55
C ALA A 119 38.39 -51.34 -36.26
N THR A 120 38.92 -50.88 -35.13
CA THR A 120 38.75 -51.63 -33.89
C THR A 120 37.34 -51.45 -33.31
N THR A 121 36.98 -52.35 -32.40
CA THR A 121 35.67 -52.31 -31.76
C THR A 121 35.43 -50.96 -31.10
N ASN A 122 36.42 -50.45 -30.37
CA ASN A 122 36.22 -49.16 -29.71
C ASN A 122 36.06 -48.04 -30.73
N ASP A 123 36.72 -48.14 -31.88
CA ASP A 123 36.56 -47.13 -32.93
C ASP A 123 35.15 -47.20 -33.52
N LYS A 124 34.72 -48.39 -33.88
CA LYS A 124 33.39 -48.61 -34.47
C LYS A 124 32.30 -48.12 -33.53
N ILE A 125 32.39 -48.45 -32.25
CA ILE A 125 31.40 -48.02 -31.27
C ILE A 125 31.40 -46.48 -31.16
N THR A 126 32.56 -45.88 -30.93
CA THR A 126 32.66 -44.43 -30.78
C THR A 126 32.24 -43.70 -32.05
N PHE A 127 32.51 -44.25 -33.21
CA PHE A 127 32.10 -43.63 -34.48
C PHE A 127 30.58 -43.65 -34.64
N LEU A 128 29.96 -44.80 -34.39
CA LEU A 128 28.51 -44.94 -34.50
C LEU A 128 27.79 -44.06 -33.47
N LEU A 129 28.31 -44.01 -32.25
CA LEU A 129 27.76 -43.18 -31.18
C LEU A 129 27.71 -41.70 -31.58
N LYS A 130 28.82 -41.12 -32.00
CA LYS A 130 28.88 -39.71 -32.40
C LYS A 130 27.94 -39.39 -33.56
N LYS A 131 27.83 -40.26 -34.55
CA LYS A 131 26.91 -40.03 -35.68
C LYS A 131 25.45 -40.13 -35.27
N LEU A 132 25.11 -41.00 -34.33
CA LEU A 132 23.74 -41.13 -33.85
C LEU A 132 23.34 -39.93 -32.99
N VAL A 133 24.25 -39.42 -32.18
CA VAL A 133 24.00 -38.23 -31.36
C VAL A 133 23.82 -36.99 -32.22
N LEU A 134 24.70 -36.74 -33.18
CA LEU A 134 24.55 -35.60 -34.07
C LEU A 134 23.20 -35.60 -34.77
N SER A 135 22.69 -36.77 -35.11
CA SER A 135 21.40 -36.89 -35.79
C SER A 135 20.23 -36.50 -34.89
N ASN A 136 20.39 -36.60 -33.57
CA ASN A 136 19.36 -36.31 -32.59
C ASN A 136 19.66 -35.12 -31.67
N ALA A 137 20.60 -34.26 -32.08
CA ALA A 137 21.08 -33.13 -31.30
C ALA A 137 19.97 -32.25 -30.73
N LYS A 138 18.89 -32.07 -31.48
CA LYS A 138 17.75 -31.28 -30.99
C LYS A 138 17.13 -31.86 -29.71
N GLU A 139 17.28 -33.14 -29.46
CA GLU A 139 16.73 -33.77 -28.26
C GLU A 139 17.49 -33.44 -26.98
N PHE A 140 18.78 -33.13 -27.07
CA PHE A 140 19.65 -32.86 -25.92
C PHE A 140 19.71 -31.41 -25.45
N ILE A 141 19.00 -30.47 -26.08
CA ILE A 141 19.02 -29.06 -25.69
C ILE A 141 17.60 -28.55 -25.49
N GLY A 142 17.24 -28.32 -24.23
CA GLY A 142 15.92 -27.85 -23.81
C GLY A 142 15.93 -26.83 -22.66
N VAL A 143 14.83 -26.77 -21.92
CA VAL A 143 14.68 -25.79 -20.83
C VAL A 143 15.71 -25.98 -19.73
N GLN A 144 15.90 -27.19 -19.26
CA GLN A 144 16.86 -27.43 -18.17
C GLN A 144 18.31 -27.28 -18.61
N GLU A 145 18.64 -27.52 -19.88
CA GLU A 145 20.01 -27.39 -20.36
C GLU A 145 20.33 -25.93 -20.67
N THR A 146 19.40 -25.19 -21.26
CA THR A 146 19.58 -23.76 -21.49
C THR A 146 19.89 -23.04 -20.18
N ARG A 147 19.14 -23.32 -19.15
CA ARG A 147 19.35 -22.77 -17.81
C ARG A 147 20.72 -23.14 -17.26
N TYR A 148 21.29 -24.25 -17.68
CA TYR A 148 22.62 -24.67 -17.23
C TYR A 148 23.73 -23.87 -17.94
N LEU A 149 23.56 -23.58 -19.21
CA LEU A 149 24.49 -22.76 -19.99
C LEU A 149 24.54 -21.32 -19.50
N MET A 150 23.47 -20.84 -18.90
CA MET A 150 23.33 -19.51 -18.30
C MET A 150 23.79 -19.45 -16.86
N ASP A 151 23.87 -20.57 -16.16
CA ASP A 151 24.40 -20.59 -14.80
C ASP A 151 25.92 -20.58 -14.85
N ILE A 152 26.49 -21.36 -15.75
CA ILE A 152 27.87 -21.17 -16.18
C ILE A 152 27.68 -19.91 -17.01
N MET A 153 28.73 -19.22 -17.42
CA MET A 153 28.52 -18.03 -18.25
C MET A 153 27.97 -16.86 -17.44
N GLU A 154 27.97 -16.94 -16.11
CA GLU A 154 27.61 -15.84 -15.24
C GLU A 154 28.64 -15.66 -14.13
N ARG A 155 29.63 -16.54 -14.08
CA ARG A 155 30.78 -16.46 -13.21
C ARG A 155 31.75 -15.44 -13.82
N LYS A 156 31.47 -15.11 -15.08
CA LYS A 156 32.11 -14.18 -15.99
C LYS A 156 30.94 -13.78 -16.88
N TYR A 157 30.95 -12.60 -17.50
CA TYR A 157 29.79 -12.22 -18.32
C TYR A 157 28.48 -12.06 -17.54
N ASN A 158 28.57 -11.86 -16.23
CA ASN A 158 27.41 -11.72 -15.33
C ASN A 158 26.41 -10.63 -15.75
N GLU A 159 26.86 -9.48 -16.21
CA GLU A 159 25.96 -8.41 -16.63
C GLU A 159 25.27 -8.73 -17.96
N LEU A 160 25.93 -9.49 -18.81
CA LEU A 160 25.38 -9.89 -20.11
C LEU A 160 24.16 -10.79 -19.92
N VAL A 161 24.21 -11.70 -18.96
CA VAL A 161 23.10 -12.60 -18.63
C VAL A 161 21.92 -11.82 -18.02
N LYS A 162 22.16 -10.95 -17.05
CA LYS A 162 21.09 -10.11 -16.48
C LYS A 162 20.38 -9.31 -17.55
N GLU A 163 21.10 -8.69 -18.44
CA GLU A 163 20.48 -7.91 -19.52
C GLU A 163 19.67 -8.80 -20.46
N LEU A 164 20.15 -10.01 -20.75
CA LEU A 164 19.42 -10.91 -21.63
C LEU A 164 18.10 -11.37 -21.00
N GLN A 165 18.13 -11.77 -19.74
CA GLN A 165 16.93 -12.21 -19.01
C GLN A 165 15.86 -11.13 -18.93
N ARG A 166 16.25 -9.87 -18.88
CA ARG A 166 15.30 -8.76 -18.85
C ARG A 166 14.71 -8.46 -20.23
N GLN A 167 15.41 -8.77 -21.31
CA GLN A 167 14.93 -8.48 -22.65
C GLN A 167 14.13 -9.64 -23.27
N LEU A 168 14.52 -10.89 -23.04
CA LEU A 168 13.85 -12.06 -23.61
C LEU A 168 13.42 -13.07 -22.55
N GLY A 169 12.34 -13.80 -22.86
CA GLY A 169 11.87 -14.87 -21.98
C GLY A 169 12.63 -16.16 -22.22
N LEU A 170 12.85 -16.92 -21.14
CA LEU A 170 13.63 -18.15 -21.24
C LEU A 170 13.07 -19.11 -22.28
N SER A 171 11.76 -19.22 -22.40
CA SER A 171 11.17 -20.11 -23.41
C SER A 171 11.47 -19.68 -24.83
N LYS A 172 11.82 -18.42 -25.04
CA LYS A 172 12.16 -17.88 -26.35
C LYS A 172 13.62 -18.13 -26.71
N ILE A 173 14.50 -18.10 -25.70
CA ILE A 173 15.92 -18.41 -25.85
C ILE A 173 16.09 -19.87 -26.26
N VAL A 174 15.27 -20.75 -25.72
CA VAL A 174 15.27 -22.19 -26.02
C VAL A 174 14.93 -22.44 -27.49
N ASP A 175 13.93 -21.76 -28.04
CA ASP A 175 13.58 -21.95 -29.45
C ASP A 175 14.68 -21.48 -30.39
N ILE A 176 15.37 -20.41 -30.05
CA ILE A 176 16.48 -19.90 -30.87
C ILE A 176 17.65 -20.90 -30.89
N LEU A 177 18.10 -21.36 -29.73
CA LEU A 177 19.21 -22.32 -29.68
C LEU A 177 18.86 -23.63 -30.38
N GLN A 178 17.61 -24.07 -30.36
CA GLN A 178 17.22 -25.30 -31.04
C GLN A 178 17.29 -25.19 -32.56
N ARG A 179 16.91 -24.06 -33.13
CA ARG A 179 16.97 -23.87 -34.58
C ARG A 179 18.41 -23.84 -35.10
N LEU A 180 19.36 -23.45 -34.27
CA LEU A 180 20.78 -23.47 -34.65
C LEU A 180 21.35 -24.88 -34.69
N VAL A 181 21.07 -25.71 -33.69
CA VAL A 181 21.58 -27.10 -33.66
C VAL A 181 20.87 -27.96 -34.71
N GLU A 182 19.66 -27.61 -35.10
CA GLU A 182 18.94 -28.35 -36.13
C GLU A 182 19.68 -28.32 -37.47
N GLU A 183 20.53 -27.32 -37.71
CA GLU A 183 21.22 -27.13 -38.98
C GLU A 183 22.74 -27.18 -38.81
N ASN A 184 23.19 -27.84 -37.75
CA ASN A 184 24.58 -28.06 -37.37
C ASN A 184 25.41 -26.82 -37.08
N VAL A 185 24.81 -25.66 -36.86
CA VAL A 185 25.59 -24.48 -36.50
C VAL A 185 26.08 -24.70 -35.07
N SER A 186 27.29 -24.27 -34.77
CA SER A 186 27.81 -24.45 -33.42
C SER A 186 27.38 -23.34 -32.48
N ILE A 187 27.03 -23.71 -31.25
CA ILE A 187 26.60 -22.79 -30.19
C ILE A 187 27.66 -22.65 -29.11
N ARG A 188 28.93 -22.86 -29.48
CA ARG A 188 30.04 -22.72 -28.54
C ARG A 188 30.30 -21.27 -28.16
N ASP A 189 30.19 -20.35 -29.11
CA ASP A 189 30.37 -18.91 -28.88
C ASP A 189 29.07 -18.26 -28.44
N LEU A 190 28.80 -18.37 -27.14
CA LEU A 190 27.57 -17.84 -26.54
C LEU A 190 27.55 -16.31 -26.44
N ARG A 191 28.67 -15.63 -26.17
CA ARG A 191 28.58 -14.16 -26.07
C ARG A 191 28.26 -13.51 -27.40
N THR A 192 28.66 -14.09 -28.52
CA THR A 192 28.27 -13.53 -29.81
C THR A 192 26.77 -13.67 -29.99
N ILE A 193 26.20 -14.80 -29.58
CA ILE A 193 24.77 -15.07 -29.70
C ILE A 193 23.98 -14.15 -28.75
N PHE A 194 24.36 -14.09 -27.48
CA PHE A 194 23.67 -13.25 -26.51
C PHE A 194 23.79 -11.77 -26.84
N GLU A 195 24.97 -11.30 -27.22
CA GLU A 195 25.14 -9.91 -27.64
C GLU A 195 24.27 -9.54 -28.83
N THR A 196 24.13 -10.42 -29.80
CA THR A 196 23.28 -10.18 -30.96
C THR A 196 21.80 -10.15 -30.61
N LEU A 197 21.36 -10.99 -29.67
CA LEU A 197 19.95 -10.99 -29.28
C LEU A 197 19.57 -9.76 -28.46
N ILE A 198 20.45 -9.28 -27.60
CA ILE A 198 20.16 -8.08 -26.81
C ILE A 198 19.95 -6.87 -27.73
N PHE A 199 20.79 -6.73 -28.74
CA PHE A 199 20.69 -5.64 -29.71
C PHE A 199 19.41 -5.62 -30.52
N TRP A 200 18.94 -6.74 -31.03
CA TRP A 200 17.73 -6.80 -31.87
C TRP A 200 16.43 -7.07 -31.11
N SER A 201 16.49 -7.46 -29.85
CA SER A 201 15.30 -7.81 -29.07
C SER A 201 14.18 -6.78 -29.06
N THR A 202 14.48 -5.49 -29.15
CA THR A 202 13.43 -4.45 -29.18
C THR A 202 12.91 -4.13 -30.56
N LYS A 203 13.74 -4.24 -31.58
CA LYS A 203 13.37 -3.94 -32.96
C LYS A 203 12.56 -5.06 -33.61
N GLU A 204 12.85 -6.34 -33.32
CA GLU A 204 12.16 -7.48 -33.89
C GLU A 204 11.72 -8.45 -32.82
N LYS A 205 10.54 -9.04 -33.03
CA LYS A 205 9.93 -10.00 -32.12
C LYS A 205 9.67 -11.38 -32.72
N ASP A 206 9.78 -11.55 -34.03
CA ASP A 206 9.58 -12.85 -34.68
C ASP A 206 10.80 -13.74 -34.47
N VAL A 207 10.58 -14.86 -33.78
CA VAL A 207 11.63 -15.83 -33.46
C VAL A 207 12.28 -16.39 -34.71
N VAL A 208 11.51 -16.54 -35.79
CA VAL A 208 12.04 -17.06 -37.06
C VAL A 208 12.96 -16.04 -37.73
N ILE A 209 12.83 -14.76 -37.41
CA ILE A 209 13.65 -13.69 -37.98
C ILE A 209 14.93 -13.47 -37.15
N LEU A 210 14.81 -13.47 -35.83
CA LEU A 210 15.98 -13.35 -34.96
C LEU A 210 17.02 -14.41 -35.27
N CYS A 211 16.56 -15.60 -35.66
CA CYS A 211 17.43 -16.71 -36.03
C CYS A 211 18.40 -16.34 -37.15
N GLU A 212 17.95 -15.60 -38.14
CA GLU A 212 18.78 -15.21 -39.29
C GLU A 212 19.81 -14.13 -38.92
N TYR A 213 19.48 -13.22 -38.04
CA TYR A 213 20.46 -12.22 -37.60
C TYR A 213 21.59 -12.91 -36.83
N VAL A 214 21.28 -13.88 -36.00
CA VAL A 214 22.29 -14.64 -35.27
C VAL A 214 23.17 -15.43 -36.25
N ARG A 215 22.60 -15.92 -37.34
CA ARG A 215 23.38 -16.64 -38.36
C ARG A 215 24.33 -15.69 -39.09
N ILE A 216 23.90 -14.49 -39.43
CA ILE A 216 24.75 -13.51 -40.11
C ILE A 216 25.93 -13.13 -39.23
N ALA A 217 25.69 -12.93 -37.94
CA ALA A 217 26.73 -12.59 -36.97
C ALA A 217 27.76 -13.71 -36.77
N LEU A 218 27.46 -14.94 -37.17
CA LEU A 218 28.35 -16.10 -37.04
C LEU A 218 29.13 -16.42 -38.32
N ARG A 219 29.28 -15.44 -39.21
CA ARG A 219 29.96 -15.56 -40.50
C ARG A 219 31.29 -16.34 -40.49
N ARG A 220 32.18 -16.05 -39.55
CA ARG A 220 33.49 -16.73 -39.47
C ARG A 220 33.38 -18.22 -39.18
N HIS A 221 32.39 -18.65 -38.42
CA HIS A 221 32.20 -20.08 -38.15
C HIS A 221 31.67 -20.81 -39.39
N ILE A 222 30.67 -20.25 -40.05
CA ILE A 222 30.03 -20.85 -41.22
C ILE A 222 31.01 -20.90 -42.41
N LEU A 223 31.65 -19.80 -42.76
CA LEU A 223 32.61 -19.83 -43.86
C LEU A 223 33.80 -20.72 -43.56
N GLY A 224 34.28 -20.76 -42.33
CA GLY A 224 35.41 -21.58 -41.96
C GLY A 224 35.16 -23.09 -42.04
N ARG A 225 33.90 -23.50 -42.19
CA ARG A 225 33.48 -24.90 -42.30
C ARG A 225 33.27 -25.36 -43.74
N TYR A 226 32.56 -24.58 -44.56
CA TYR A 226 32.23 -24.99 -45.92
C TYR A 226 33.22 -24.52 -47.00
N SER A 227 33.88 -23.39 -46.84
CA SER A 227 34.86 -22.93 -47.82
C SER A 227 36.11 -23.80 -47.79
N VAL A 228 36.85 -23.81 -48.90
CA VAL A 228 38.09 -24.58 -49.02
C VAL A 228 39.28 -23.66 -48.82
N SER A 229 40.11 -24.02 -47.84
CA SER A 229 41.30 -23.31 -47.40
C SER A 229 41.03 -21.82 -47.17
N GLY A 230 39.79 -21.49 -46.85
CA GLY A 230 39.35 -20.14 -46.59
C GLY A 230 39.25 -19.22 -47.79
N THR A 231 39.56 -19.69 -48.99
CA THR A 231 39.59 -18.81 -50.16
C THR A 231 38.45 -18.99 -51.16
N LEU A 232 37.88 -20.19 -51.30
CA LEU A 232 36.85 -20.40 -52.32
C LEU A 232 35.70 -21.23 -51.80
N LEU A 233 34.49 -20.90 -52.26
CA LEU A 233 33.25 -21.60 -51.94
C LEU A 233 32.55 -22.11 -53.20
N ASN A 234 32.25 -23.41 -53.24
CA ASN A 234 31.53 -24.03 -54.35
C ASN A 234 30.03 -23.81 -54.20
N VAL A 235 29.36 -23.37 -55.27
CA VAL A 235 27.94 -22.97 -55.15
C VAL A 235 27.02 -23.39 -56.29
N TRP A 236 25.75 -23.62 -55.92
CA TRP A 236 24.61 -23.86 -56.80
C TRP A 236 23.58 -22.76 -56.52
N LEU A 237 22.88 -22.26 -57.55
CA LEU A 237 21.92 -21.17 -57.36
C LEU A 237 20.48 -21.54 -57.74
N ILE A 238 19.52 -20.92 -57.03
CA ILE A 238 18.09 -21.14 -57.28
C ILE A 238 17.54 -20.33 -58.46
N GLY A 239 18.07 -19.14 -58.70
CA GLY A 239 17.64 -18.24 -59.76
C GLY A 239 16.41 -17.38 -59.45
N SER A 240 16.36 -16.21 -60.10
CA SER A 240 15.32 -15.21 -59.89
C SER A 240 13.88 -15.68 -60.13
N ASP A 241 13.67 -16.54 -61.13
CA ASP A 241 12.32 -17.01 -61.42
C ASP A 241 11.74 -17.87 -60.30
N ILE A 242 12.47 -18.90 -59.88
CA ILE A 242 12.02 -19.77 -58.81
C ILE A 242 11.95 -19.02 -57.49
N GLU A 243 12.95 -18.17 -57.21
CA GLU A 243 12.94 -17.37 -55.99
C GLU A 243 11.72 -16.44 -55.94
N ASN A 244 11.38 -15.80 -57.06
CA ASN A 244 10.22 -14.93 -57.11
C ASN A 244 8.92 -15.72 -56.92
N GLU A 245 8.80 -16.87 -57.58
CA GLU A 245 7.64 -17.72 -57.42
C GLU A 245 7.48 -18.20 -55.98
N LEU A 246 8.57 -18.64 -55.36
CA LEU A 246 8.54 -19.09 -53.97
C LEU A 246 8.21 -17.94 -53.01
N ARG A 247 8.79 -16.77 -53.23
CA ARG A 247 8.54 -15.61 -52.38
C ARG A 247 7.06 -15.25 -52.34
N GLU A 248 6.39 -15.33 -53.48
CA GLU A 248 4.95 -15.03 -53.56
C GLU A 248 4.06 -16.13 -52.94
N SER A 249 4.49 -17.38 -52.95
CA SER A 249 3.75 -18.53 -52.42
C SER A 249 3.64 -18.61 -50.88
N ILE A 250 4.31 -17.74 -50.13
CA ILE A 250 4.28 -17.78 -48.65
C ILE A 250 2.91 -17.48 -48.06
N ARG A 251 2.55 -18.24 -47.02
CA ARG A 251 1.30 -18.15 -46.24
C ARG A 251 1.61 -18.36 -44.76
N GLN A 252 0.66 -17.98 -43.89
CA GLN A 252 0.86 -18.09 -42.43
C GLN A 252 -0.42 -18.33 -41.64
N THR A 253 -0.23 -18.89 -40.43
CA THR A 253 -1.28 -19.22 -39.46
C THR A 253 -0.67 -19.25 -38.06
N SER A 254 -1.54 -19.36 -37.05
CA SER A 254 -1.08 -19.39 -35.64
C SER A 254 -0.05 -20.48 -35.38
N SER A 255 -0.11 -21.58 -36.10
CA SER A 255 0.87 -22.65 -35.95
C SER A 255 2.20 -22.30 -36.60
N GLY A 256 2.21 -21.41 -37.58
CA GLY A 256 3.43 -21.02 -38.25
C GLY A 256 3.18 -20.60 -39.69
N SER A 257 4.25 -20.61 -40.47
CA SER A 257 4.24 -20.24 -41.88
C SER A 257 4.57 -21.41 -42.80
N TYR A 258 4.00 -21.36 -44.01
CA TYR A 258 4.15 -22.44 -44.98
C TYR A 258 3.98 -21.88 -46.40
N LEU A 259 4.29 -22.74 -47.37
CA LEU A 259 4.21 -22.41 -48.80
C LEU A 259 3.03 -23.06 -49.49
N ASN A 260 2.29 -22.27 -50.27
CA ASN A 260 1.17 -22.75 -51.07
C ASN A 260 1.65 -23.17 -52.46
N ILE A 261 2.17 -24.38 -52.56
CA ILE A 261 2.68 -24.93 -53.81
C ILE A 261 2.21 -26.38 -53.94
N SER A 262 1.99 -26.81 -55.17
CA SER A 262 1.51 -28.16 -55.44
C SER A 262 2.62 -29.22 -55.27
N PRO A 263 2.23 -30.44 -54.91
CA PRO A 263 3.20 -31.54 -54.77
C PRO A 263 3.95 -31.85 -56.06
N GLU A 264 3.25 -31.77 -57.19
CA GLU A 264 3.85 -32.04 -58.50
C GLU A 264 4.94 -31.02 -58.82
N ARG A 265 4.63 -29.74 -58.67
CA ARG A 265 5.61 -28.69 -58.92
C ARG A 265 6.78 -28.80 -57.95
N THR A 266 6.47 -29.16 -56.70
CA THR A 266 7.50 -29.35 -55.67
C THR A 266 8.46 -30.47 -56.08
N GLU A 267 7.91 -31.60 -56.52
CA GLU A 267 8.72 -32.73 -56.97
C GLU A 267 9.51 -32.38 -58.22
N GLN A 268 8.94 -31.57 -59.11
CA GLN A 268 9.64 -31.13 -60.32
C GLN A 268 10.83 -30.23 -59.96
N ILE A 269 10.61 -29.27 -59.08
CA ILE A 269 11.68 -28.38 -58.61
C ILE A 269 12.81 -29.21 -58.02
N ILE A 270 12.47 -30.17 -57.16
CA ILE A 270 13.44 -31.07 -56.55
C ILE A 270 14.13 -31.89 -57.63
N GLY A 271 13.36 -32.40 -58.58
CA GLY A 271 13.91 -33.18 -59.68
C GLY A 271 14.96 -32.42 -60.50
N PHE A 272 14.72 -31.13 -60.75
CA PHE A 272 15.71 -30.33 -61.49
C PHE A 272 17.04 -30.30 -60.73
N LEU A 273 16.99 -30.01 -59.44
CA LEU A 273 18.16 -29.94 -58.59
C LEU A 273 18.85 -31.30 -58.51
N LYS A 274 18.07 -32.35 -58.34
CA LYS A 274 18.58 -33.73 -58.29
C LYS A 274 19.33 -34.10 -59.57
N ASN A 275 18.86 -33.61 -60.70
CA ASN A 275 19.51 -33.88 -61.98
C ASN A 275 20.79 -33.08 -62.17
N ILE A 276 20.80 -31.80 -61.79
CA ILE A 276 21.98 -30.95 -61.94
C ILE A 276 23.10 -31.32 -60.97
N MET A 277 22.78 -31.56 -59.70
CA MET A 277 23.82 -31.88 -58.71
C MET A 277 24.55 -33.19 -58.97
N ASN A 278 25.90 -33.14 -58.82
CA ASN A 278 26.80 -34.28 -58.92
C ASN A 278 26.75 -35.11 -57.64
N PRO A 279 26.78 -36.44 -57.75
CA PRO A 279 26.72 -37.28 -56.54
C PRO A 279 27.90 -37.10 -55.59
N THR A 280 28.99 -36.48 -56.02
CA THR A 280 30.12 -36.27 -55.11
C THR A 280 29.83 -35.22 -54.04
N GLY A 281 28.91 -34.29 -54.30
CA GLY A 281 28.58 -33.24 -53.34
C GLY A 281 29.66 -32.15 -53.24
N ASN A 282 30.14 -31.91 -52.03
CA ASN A 282 31.18 -30.91 -51.78
C ASN A 282 30.77 -29.51 -52.24
N GLY A 283 29.48 -29.17 -52.15
CA GLY A 283 28.98 -27.87 -52.56
C GLY A 283 27.89 -27.33 -51.65
N VAL A 284 27.39 -26.13 -51.97
CA VAL A 284 26.37 -25.45 -51.18
C VAL A 284 25.38 -24.73 -52.08
N ILE A 285 24.17 -24.51 -51.56
CA ILE A 285 23.09 -23.79 -52.26
C ILE A 285 22.88 -22.40 -51.65
N LEU A 286 23.00 -21.34 -52.46
CA LEU A 286 22.74 -19.98 -51.97
C LEU A 286 21.29 -19.53 -52.23
N THR A 287 20.75 -18.68 -51.35
CA THR A 287 19.37 -18.22 -51.48
C THR A 287 19.18 -16.89 -50.76
N ALA A 288 18.03 -16.26 -51.01
CA ALA A 288 17.65 -15.03 -50.31
C ALA A 288 17.14 -15.36 -48.90
N LEU A 289 17.34 -14.42 -47.97
CA LEU A 289 16.91 -14.67 -46.59
C LEU A 289 15.42 -15.00 -46.45
N ASP A 290 14.58 -14.35 -47.23
CA ASP A 290 13.13 -14.57 -47.16
C ASP A 290 12.65 -15.99 -47.47
N ILE A 291 13.43 -16.78 -48.21
CA ILE A 291 13.04 -18.14 -48.59
C ILE A 291 13.94 -19.24 -48.01
N ARG A 292 15.11 -18.92 -47.49
CA ARG A 292 16.09 -19.90 -47.01
C ARG A 292 15.50 -21.00 -46.11
N ARG A 293 14.78 -20.64 -45.05
CA ARG A 293 14.21 -21.65 -44.14
C ARG A 293 13.22 -22.57 -44.84
N TYR A 294 12.44 -22.05 -45.79
CA TYR A 294 11.49 -22.86 -46.54
C TYR A 294 12.18 -23.75 -47.58
N VAL A 295 13.19 -23.23 -48.27
CA VAL A 295 13.94 -24.02 -49.24
C VAL A 295 14.60 -25.22 -48.54
N LYS A 296 15.16 -25.01 -47.36
CA LYS A 296 15.78 -26.10 -46.59
C LYS A 296 14.73 -27.15 -46.21
N LYS A 297 13.63 -26.74 -45.60
CA LYS A 297 12.56 -27.66 -45.19
C LYS A 297 11.94 -28.37 -46.39
N MET A 298 11.94 -27.74 -47.55
CA MET A 298 11.40 -28.34 -48.78
C MET A 298 12.32 -29.43 -49.31
N ILE A 299 13.61 -29.15 -49.43
CA ILE A 299 14.59 -30.11 -49.93
C ILE A 299 14.84 -31.25 -48.94
N GLU A 300 14.70 -30.97 -47.64
CA GLU A 300 14.90 -31.97 -46.60
C GLU A 300 14.22 -33.30 -46.92
N GLY A 301 14.97 -34.39 -46.71
CA GLY A 301 14.56 -35.75 -46.99
C GLY A 301 14.98 -36.28 -48.34
N SER A 302 15.24 -35.42 -49.31
CA SER A 302 15.73 -35.85 -50.61
C SER A 302 17.17 -35.34 -50.67
N PHE A 303 18.12 -36.25 -50.87
CA PHE A 303 19.55 -35.93 -50.84
C PHE A 303 19.92 -34.99 -49.68
N PRO A 304 19.59 -35.39 -48.45
CA PRO A 304 19.84 -34.60 -47.24
C PRO A 304 21.32 -34.40 -46.94
N SER A 305 21.56 -33.59 -45.90
CA SER A 305 22.90 -33.20 -45.44
C SER A 305 23.65 -32.29 -46.42
N VAL A 306 22.90 -31.50 -47.17
CA VAL A 306 23.42 -30.53 -48.13
C VAL A 306 23.12 -29.15 -47.55
N PRO A 307 24.13 -28.34 -47.23
CA PRO A 307 23.89 -27.02 -46.64
C PRO A 307 23.28 -26.00 -47.58
N VAL A 308 22.41 -25.17 -47.01
CA VAL A 308 21.76 -24.05 -47.69
C VAL A 308 22.15 -22.77 -46.96
N LEU A 309 22.82 -21.85 -47.66
CA LEU A 309 23.25 -20.57 -47.09
C LEU A 309 22.50 -19.41 -47.75
N SER A 310 22.93 -18.17 -47.46
CA SER A 310 22.31 -17.00 -48.06
C SER A 310 23.34 -15.92 -48.38
N PHE A 311 22.94 -15.03 -49.30
CA PHE A 311 23.77 -13.93 -49.78
C PHE A 311 24.14 -12.89 -48.72
N GLN A 312 23.44 -12.88 -47.60
CA GLN A 312 23.76 -11.98 -46.50
C GLN A 312 24.69 -12.65 -45.50
N GLU A 313 24.49 -13.95 -45.27
CA GLU A 313 25.38 -14.67 -44.38
C GLU A 313 26.75 -14.82 -45.01
N VAL A 314 26.80 -15.09 -46.31
CA VAL A 314 28.07 -15.16 -47.01
C VAL A 314 28.44 -13.74 -47.42
N GLY A 315 29.68 -13.36 -47.15
CA GLY A 315 30.16 -12.02 -47.46
C GLY A 315 30.65 -11.84 -48.88
N ASN A 316 30.90 -10.58 -49.23
CA ASN A 316 31.43 -10.19 -50.53
C ASN A 316 32.92 -10.39 -50.64
N ASN A 317 33.60 -10.62 -49.53
CA ASN A 317 35.05 -10.80 -49.51
C ASN A 317 35.52 -12.10 -50.17
N ILE A 318 34.77 -13.18 -50.03
CA ILE A 318 35.15 -14.48 -50.56
C ILE A 318 34.75 -14.66 -52.03
N GLU A 319 35.49 -15.57 -52.71
CA GLU A 319 35.25 -15.93 -54.11
C GLU A 319 34.25 -17.09 -54.22
N LEU A 320 33.33 -16.97 -55.18
CA LEU A 320 32.30 -17.97 -55.46
C LEU A 320 32.50 -18.68 -56.80
N LYS A 321 32.48 -20.01 -56.78
CA LYS A 321 32.58 -20.84 -57.98
C LYS A 321 31.22 -21.49 -58.20
N VAL A 322 30.57 -21.20 -59.33
CA VAL A 322 29.24 -21.73 -59.64
C VAL A 322 29.32 -23.06 -60.39
N LEU A 323 28.60 -24.07 -59.88
CA LEU A 323 28.56 -25.41 -60.45
C LEU A 323 27.20 -25.76 -61.04
N GLY A 324 26.28 -24.80 -61.17
CA GLY A 324 24.98 -25.05 -61.76
C GLY A 324 23.91 -24.14 -61.19
N THR A 325 22.77 -24.07 -61.90
CA THR A 325 21.66 -23.23 -61.49
C THR A 325 20.31 -23.84 -61.88
N VAL A 326 19.35 -23.86 -60.95
CA VAL A 326 18.02 -24.38 -61.28
C VAL A 326 17.17 -23.21 -61.75
N ASN B 1 36.41 -29.82 -16.62
CA ASN B 1 35.04 -29.32 -16.63
C ASN B 1 34.79 -28.33 -17.80
N ILE B 2 33.61 -27.74 -17.85
CA ILE B 2 33.23 -26.81 -18.92
C ILE B 2 33.63 -25.38 -18.62
N SER B 3 34.29 -24.72 -19.59
CA SER B 3 34.69 -23.32 -19.47
C SER B 3 33.55 -22.35 -19.80
N PRO B 4 33.61 -21.12 -19.29
CA PRO B 4 32.53 -20.15 -19.55
C PRO B 4 32.10 -20.01 -21.01
N GLY B 5 33.06 -19.89 -21.92
CA GLY B 5 32.74 -19.76 -23.33
C GLY B 5 34.00 -19.88 -24.15
N ALA B 6 33.85 -19.66 -25.46
CA ALA B 6 35.02 -19.71 -26.35
C ALA B 6 36.10 -18.76 -25.87
N GLU B 7 37.33 -19.26 -25.79
CA GLU B 7 38.45 -18.42 -25.35
C GLU B 7 38.64 -17.22 -26.27
N PRO B 8 38.79 -16.00 -25.74
CA PRO B 8 38.86 -14.83 -26.62
C PRO B 8 40.03 -14.75 -27.59
N LEU B 9 41.26 -15.05 -27.18
CA LEU B 9 42.43 -14.96 -28.05
C LEU B 9 43.45 -16.05 -27.79
N ILE B 10 43.83 -16.78 -28.85
CA ILE B 10 44.84 -17.84 -28.76
C ILE B 10 45.82 -17.69 -29.92
N LEU B 11 47.11 -17.78 -29.62
CA LEU B 11 48.21 -17.71 -30.57
C LEU B 11 48.94 -19.05 -30.62
N ASN B 12 48.99 -19.69 -31.79
CA ASN B 12 49.66 -20.97 -31.98
C ASN B 12 50.98 -20.74 -32.72
N LEU B 13 52.09 -21.06 -32.05
CA LEU B 13 53.44 -20.90 -32.59
C LEU B 13 54.17 -22.22 -32.77
N SER B 14 54.69 -22.45 -33.97
CA SER B 14 55.52 -23.63 -34.19
C SER B 14 56.74 -23.52 -33.29
N SER B 15 57.12 -24.64 -32.65
CA SER B 15 58.19 -24.63 -31.65
C SER B 15 59.55 -24.19 -32.16
N ASN B 16 59.73 -24.03 -33.46
CA ASN B 16 60.98 -23.49 -33.99
C ASN B 16 61.10 -22.01 -33.66
N ILE B 17 60.01 -21.28 -33.83
CA ILE B 17 59.91 -19.84 -33.58
C ILE B 17 59.67 -19.49 -32.11
N TYR B 18 59.00 -20.37 -31.37
CA TYR B 18 58.70 -20.12 -29.96
C TYR B 18 59.90 -19.79 -29.09
N SER B 19 59.66 -18.99 -28.06
CA SER B 19 60.64 -18.57 -27.06
C SER B 19 59.93 -18.30 -25.75
N SER B 20 60.70 -18.34 -24.65
CA SER B 20 60.19 -18.13 -23.29
C SER B 20 59.96 -16.67 -22.90
N ASP B 21 60.47 -15.69 -23.65
CA ASP B 21 60.36 -14.27 -23.36
C ASP B 21 59.16 -13.56 -24.01
N ILE B 22 58.51 -14.17 -24.99
CA ILE B 22 57.43 -13.51 -25.73
C ILE B 22 56.20 -13.21 -24.86
N THR B 23 55.89 -14.01 -23.86
CA THR B 23 54.74 -13.72 -22.99
C THR B 23 54.87 -12.35 -22.34
N GLN B 24 56.01 -12.08 -21.72
CA GLN B 24 56.26 -10.79 -21.07
C GLN B 24 56.20 -9.64 -22.08
N GLN B 25 56.70 -9.82 -23.28
CA GLN B 25 56.65 -8.78 -24.31
C GLN B 25 55.21 -8.54 -24.79
N ILE B 26 54.40 -9.59 -24.86
CA ILE B 26 52.99 -9.46 -25.24
C ILE B 26 52.23 -8.70 -24.13
N GLU B 27 52.51 -8.98 -22.87
CA GLU B 27 51.89 -8.27 -21.76
C GLU B 27 52.23 -6.78 -21.79
N VAL B 28 53.36 -6.41 -22.37
CA VAL B 28 53.74 -5.01 -22.54
C VAL B 28 52.95 -4.37 -23.68
N MET B 29 52.63 -5.13 -24.72
CA MET B 29 51.84 -4.61 -25.85
C MET B 29 50.42 -4.27 -25.41
N ARG B 30 49.86 -5.01 -24.45
CA ARG B 30 48.51 -4.73 -23.95
C ARG B 30 48.43 -3.33 -23.32
N TRP B 31 49.43 -2.92 -22.57
CA TRP B 31 49.46 -1.57 -21.99
C TRP B 31 49.51 -0.51 -23.07
N ASN B 32 50.39 -0.66 -24.05
CA ASN B 32 50.49 0.33 -25.13
C ASN B 32 49.17 0.43 -25.90
N PHE B 33 48.47 -0.68 -26.06
CA PHE B 33 47.18 -0.66 -26.73
C PHE B 33 46.13 0.04 -25.88
N PHE B 34 46.12 -0.20 -24.58
CA PHE B 34 45.16 0.46 -23.69
C PHE B 34 45.38 1.96 -23.62
N GLU B 35 46.62 2.42 -23.49
CA GLU B 35 46.86 3.85 -23.43
C GLU B 35 46.51 4.56 -24.73
N GLU B 36 46.71 3.93 -25.88
CA GLU B 36 46.37 4.60 -27.13
C GLU B 36 44.91 4.48 -27.49
N SER B 37 44.30 3.31 -27.30
CA SER B 37 42.91 3.09 -27.66
C SER B 37 41.94 3.26 -26.51
N GLY B 38 42.36 2.97 -25.30
CA GLY B 38 41.44 2.98 -24.18
C GLY B 38 40.53 1.78 -24.11
N ILE B 39 40.89 0.69 -24.78
CA ILE B 39 40.13 -0.56 -24.84
C ILE B 39 40.91 -1.60 -24.06
N PRO B 40 40.35 -2.19 -23.02
CA PRO B 40 41.11 -3.18 -22.26
C PRO B 40 41.00 -4.60 -22.82
N LEU B 41 42.06 -5.09 -23.46
CA LEU B 41 42.09 -6.42 -24.05
C LEU B 41 42.14 -7.55 -23.01
N PRO B 42 41.52 -8.70 -23.31
CA PRO B 42 41.60 -9.85 -22.42
C PRO B 42 42.99 -10.48 -22.43
N LYS B 43 43.22 -11.43 -21.51
CA LYS B 43 44.51 -12.12 -21.47
C LYS B 43 44.75 -12.98 -22.71
N ILE B 44 45.92 -12.85 -23.32
CA ILE B 44 46.29 -13.63 -24.50
C ILE B 44 46.94 -14.95 -24.11
N ILE B 45 46.51 -16.04 -24.75
CA ILE B 45 47.05 -17.39 -24.51
C ILE B 45 47.96 -17.78 -25.68
N VAL B 46 49.19 -18.17 -25.38
CA VAL B 46 50.16 -18.58 -26.41
C VAL B 46 50.51 -20.05 -26.23
N ASN B 47 50.26 -20.87 -27.27
CA ASN B 47 50.51 -22.32 -27.29
C ASN B 47 51.66 -22.71 -28.22
N PRO B 48 52.67 -23.42 -27.72
CA PRO B 48 53.72 -23.94 -28.59
C PRO B 48 53.24 -25.20 -29.29
N VAL B 49 53.49 -25.28 -30.60
CA VAL B 49 53.10 -26.42 -31.42
C VAL B 49 54.38 -27.15 -31.78
N LYS B 50 54.45 -28.45 -31.44
CA LYS B 50 55.65 -29.26 -31.62
C LYS B 50 55.90 -29.71 -33.06
N ASN B 51 56.08 -28.70 -33.91
CA ASN B 51 56.38 -28.81 -35.32
C ASN B 51 57.41 -27.72 -35.59
N ASN B 52 58.25 -27.90 -36.60
CA ASN B 52 59.28 -26.93 -36.93
C ASN B 52 59.07 -26.26 -38.28
N ASP B 53 57.82 -26.14 -38.72
CA ASP B 53 57.51 -25.52 -40.01
C ASP B 53 57.55 -23.99 -39.99
N SER B 54 57.94 -23.36 -38.89
CA SER B 54 57.99 -21.90 -38.76
C SER B 54 56.64 -21.19 -38.99
N ALA B 55 55.52 -21.91 -38.88
CA ALA B 55 54.17 -21.37 -39.04
C ALA B 55 53.63 -20.73 -37.76
N ILE B 56 52.67 -19.80 -37.93
CA ILE B 56 51.97 -19.13 -36.83
C ILE B 56 50.50 -19.01 -37.20
N GLU B 57 49.64 -18.91 -36.16
CA GLU B 57 48.20 -18.73 -36.35
C GLU B 57 47.56 -17.97 -35.18
N PHE B 58 46.61 -17.08 -35.52
CA PHE B 58 45.82 -16.31 -34.56
C PHE B 58 44.36 -16.74 -34.61
N LEU B 59 43.80 -17.09 -33.44
CA LEU B 59 42.40 -17.48 -33.30
C LEU B 59 41.61 -16.46 -32.49
N LEU B 60 40.51 -15.98 -33.07
CA LEU B 60 39.61 -15.04 -32.41
C LEU B 60 38.34 -15.80 -32.06
N TYR B 61 38.06 -15.96 -30.77
CA TYR B 61 36.92 -16.76 -30.31
C TYR B 61 36.93 -18.13 -30.97
N GLN B 62 38.10 -18.73 -30.97
CA GLN B 62 38.41 -20.05 -31.52
C GLN B 62 38.18 -20.22 -33.03
N GLU B 63 38.09 -19.14 -33.80
CA GLU B 63 38.00 -19.24 -35.27
C GLU B 63 39.29 -18.61 -35.81
N SER B 64 39.88 -19.23 -36.82
CA SER B 64 41.14 -18.69 -37.35
C SER B 64 40.96 -17.41 -38.15
N ILE B 65 41.71 -16.38 -37.76
CA ILE B 65 41.68 -15.06 -38.37
C ILE B 65 42.88 -14.80 -39.27
N TYR B 66 44.03 -15.43 -38.98
CA TYR B 66 45.24 -15.29 -39.78
C TYR B 66 46.18 -16.46 -39.54
N LYS B 67 46.80 -16.95 -40.62
CA LYS B 67 47.73 -18.08 -40.59
C LYS B 67 48.83 -17.86 -41.61
N ASP B 68 50.10 -17.95 -41.19
CA ASP B 68 51.21 -17.72 -42.11
C ASP B 68 52.52 -18.25 -41.52
N THR B 69 53.55 -18.25 -42.38
CA THR B 69 54.92 -18.68 -42.05
C THR B 69 55.91 -17.53 -42.03
N LEU B 70 56.67 -17.42 -40.93
CA LEU B 70 57.70 -16.41 -40.78
C LEU B 70 59.00 -16.84 -41.47
N ILE B 71 59.64 -15.87 -42.15
CA ILE B 71 60.91 -16.08 -42.85
C ILE B 71 61.87 -14.96 -42.50
N ASP B 72 63.17 -15.28 -42.56
CA ASP B 72 64.24 -14.35 -42.23
C ASP B 72 64.65 -13.43 -43.38
N ASP B 73 64.30 -13.76 -44.62
CA ASP B 73 64.68 -12.99 -45.80
C ASP B 73 63.89 -11.69 -46.00
N THR B 74 62.86 -11.42 -45.20
CA THR B 74 62.04 -10.22 -45.38
C THR B 74 61.84 -9.48 -44.06
N VAL B 75 61.43 -8.22 -44.19
CA VAL B 75 61.22 -7.31 -43.06
C VAL B 75 60.01 -6.42 -43.32
N TYR B 76 59.24 -6.15 -42.25
CA TYR B 76 58.05 -5.28 -42.28
C TYR B 76 58.44 -3.86 -41.86
N PHE B 77 57.78 -2.86 -42.46
CA PHE B 77 58.05 -1.46 -42.12
C PHE B 77 56.78 -0.62 -42.15
N GLU B 78 56.88 0.55 -41.48
CA GLU B 78 55.84 1.57 -41.39
C GLU B 78 56.43 2.94 -41.71
N ALA B 79 55.68 3.77 -42.44
CA ALA B 79 56.11 5.11 -42.82
C ALA B 79 55.04 6.15 -42.49
N GLY B 80 55.48 7.26 -41.91
CA GLY B 80 54.63 8.38 -41.55
C GLY B 80 54.42 9.36 -42.68
N HIS B 81 54.58 10.65 -42.40
CA HIS B 81 54.45 11.71 -43.39
C HIS B 81 55.60 11.71 -44.41
N ALA B 82 56.59 10.84 -44.25
CA ALA B 82 57.74 10.74 -45.14
C ALA B 82 57.36 10.30 -46.55
N GLU B 83 58.27 10.54 -47.48
CA GLU B 83 58.13 10.21 -48.90
C GLU B 83 58.26 8.71 -49.18
N ILE B 84 57.70 8.31 -50.33
CA ILE B 84 57.71 6.93 -50.81
C ILE B 84 59.12 6.46 -51.17
N SER B 85 59.46 5.21 -50.80
CA SER B 85 60.75 4.60 -51.09
C SER B 85 60.57 3.32 -51.93
N PHE B 86 61.57 3.06 -52.79
CA PHE B 86 61.54 1.94 -53.73
C PHE B 86 61.50 0.52 -53.14
N GLU B 87 60.97 -0.39 -53.97
CA GLU B 87 60.81 -1.85 -53.76
C GLU B 87 59.84 -2.27 -52.64
N PHE B 88 58.84 -1.48 -52.32
CA PHE B 88 57.87 -1.86 -51.29
C PHE B 88 56.85 -2.86 -51.85
N VAL B 89 56.43 -3.80 -51.01
CA VAL B 89 55.41 -4.81 -51.35
C VAL B 89 54.23 -4.71 -50.39
N GLN B 90 53.04 -4.42 -50.93
CA GLN B 90 51.81 -4.34 -50.15
C GLN B 90 51.12 -5.70 -50.08
N GLU B 91 50.65 -6.06 -48.89
CA GLU B 91 49.91 -7.30 -48.69
C GLU B 91 48.76 -7.07 -47.72
N LYS B 92 47.58 -7.57 -48.08
CA LYS B 92 46.39 -7.42 -47.24
C LYS B 92 46.45 -8.36 -46.04
N LEU B 93 46.01 -7.84 -44.89
CA LEU B 93 45.99 -8.58 -43.64
C LEU B 93 44.57 -8.85 -43.18
N SER B 94 43.62 -8.06 -43.66
CA SER B 94 42.20 -8.24 -43.40
C SER B 94 41.46 -7.51 -44.50
N THR B 95 40.14 -7.60 -44.50
CA THR B 95 39.34 -6.90 -45.50
C THR B 95 39.55 -5.39 -45.46
N ASN B 96 40.03 -4.85 -44.34
CA ASN B 96 40.22 -3.41 -44.16
C ASN B 96 41.61 -3.01 -43.67
N SER B 97 42.62 -3.87 -43.76
CA SER B 97 43.97 -3.49 -43.36
C SER B 97 45.03 -4.10 -44.26
N ILE B 98 46.10 -3.33 -44.50
CA ILE B 98 47.23 -3.69 -45.35
C ILE B 98 48.54 -3.38 -44.66
N VAL B 99 49.55 -4.24 -44.86
CA VAL B 99 50.90 -4.11 -44.33
C VAL B 99 51.92 -4.10 -45.47
N TYR B 100 53.05 -3.43 -45.24
CA TYR B 100 54.15 -3.29 -46.19
C TYR B 100 55.35 -4.19 -45.86
N LYS B 101 55.80 -4.96 -46.85
CA LYS B 101 56.91 -5.91 -46.77
C LYS B 101 58.05 -5.51 -47.70
N THR B 102 59.28 -5.88 -47.32
CA THR B 102 60.48 -5.59 -48.10
C THR B 102 61.56 -6.63 -47.84
N ASN B 103 62.49 -6.76 -48.79
CA ASN B 103 63.64 -7.64 -48.61
C ASN B 103 64.58 -7.02 -47.57
N LYS B 104 65.18 -7.88 -46.74
CA LYS B 104 66.05 -7.41 -45.66
C LYS B 104 67.19 -6.48 -46.11
N THR B 105 67.63 -6.57 -47.37
CA THR B 105 68.69 -5.68 -47.87
C THR B 105 68.32 -4.20 -47.81
N ASN B 106 67.03 -3.88 -47.88
CA ASN B 106 66.49 -2.52 -47.85
C ASN B 106 66.34 -1.95 -46.43
N GLN B 107 66.59 -2.75 -45.40
CA GLN B 107 66.42 -2.39 -44.00
C GLN B 107 67.04 -1.05 -43.58
N GLN B 108 68.34 -0.86 -43.77
CA GLN B 108 69.01 0.36 -43.31
C GLN B 108 68.60 1.62 -44.07
N LEU B 109 68.28 1.54 -45.35
CA LEU B 109 67.83 2.73 -46.08
C LEU B 109 66.53 3.27 -45.49
N ALA B 110 65.57 2.39 -45.24
CA ALA B 110 64.30 2.79 -44.63
C ALA B 110 64.54 3.33 -43.23
N HIS B 111 65.32 2.61 -42.43
CA HIS B 111 65.69 3.02 -41.08
C HIS B 111 66.34 4.41 -41.08
N LEU B 112 67.23 4.64 -42.04
CA LEU B 112 67.91 5.93 -42.19
C LEU B 112 66.95 7.01 -42.67
N THR B 113 66.01 6.66 -43.54
CA THR B 113 65.03 7.60 -44.04
C THR B 113 64.08 8.08 -42.93
N GLY B 114 63.91 7.28 -41.88
CA GLY B 114 63.06 7.62 -40.74
C GLY B 114 61.88 6.69 -40.53
N MET B 115 61.77 5.66 -41.34
CA MET B 115 60.69 4.68 -41.27
C MET B 115 60.94 3.74 -40.09
N ASP B 116 59.87 3.15 -39.57
CA ASP B 116 59.97 2.18 -38.49
C ASP B 116 60.01 0.79 -39.10
N VAL B 117 60.94 -0.04 -38.61
CA VAL B 117 61.20 -1.37 -39.18
C VAL B 117 61.19 -2.45 -38.09
N TYR B 118 60.54 -3.57 -38.39
CA TYR B 118 60.38 -4.73 -37.52
C TYR B 118 61.02 -5.95 -38.17
N ALA B 119 62.02 -6.55 -37.49
CA ALA B 119 62.76 -7.66 -38.09
C ALA B 119 62.87 -8.95 -37.28
N THR B 120 62.95 -8.89 -35.96
CA THR B 120 63.05 -10.12 -35.17
C THR B 120 61.69 -10.81 -35.07
N THR B 121 61.73 -12.08 -34.68
CA THR B 121 60.50 -12.86 -34.53
C THR B 121 59.54 -12.19 -33.57
N ASN B 122 60.03 -11.71 -32.43
CA ASN B 122 59.14 -11.06 -31.48
C ASN B 122 58.57 -9.77 -32.04
N ASP B 123 59.32 -9.06 -32.87
CA ASP B 123 58.83 -7.84 -33.50
C ASP B 123 57.72 -8.18 -34.50
N LYS B 124 57.99 -9.12 -35.38
CA LYS B 124 57.04 -9.55 -36.40
C LYS B 124 55.73 -10.03 -35.75
N ILE B 125 55.82 -10.85 -34.71
CA ILE B 125 54.64 -11.34 -34.02
C ILE B 125 53.87 -10.18 -33.39
N THR B 126 54.54 -9.34 -32.60
CA THR B 126 53.89 -8.22 -31.93
C THR B 126 53.31 -7.21 -32.92
N PHE B 127 53.96 -6.99 -34.06
CA PHE B 127 53.45 -6.08 -35.07
C PHE B 127 52.17 -6.63 -35.70
N LEU B 128 52.17 -7.89 -36.11
CA LEU B 128 51.00 -8.53 -36.72
C LEU B 128 49.83 -8.59 -35.74
N LEU B 129 50.10 -8.90 -34.49
CA LEU B 129 49.09 -8.94 -33.43
C LEU B 129 48.36 -7.60 -33.27
N LYS B 130 49.08 -6.52 -33.08
CA LYS B 130 48.48 -5.19 -32.91
C LYS B 130 47.66 -4.76 -34.13
N LYS B 131 48.10 -5.06 -35.34
CA LYS B 131 47.34 -4.70 -36.55
C LYS B 131 46.07 -5.54 -36.69
N LEU B 132 46.11 -6.80 -36.30
CA LEU B 132 44.93 -7.67 -36.36
C LEU B 132 43.89 -7.27 -35.31
N VAL B 133 44.32 -6.88 -34.12
CA VAL B 133 43.42 -6.41 -33.07
C VAL B 133 42.74 -5.10 -33.46
N LEU B 134 43.49 -4.11 -33.93
CA LEU B 134 42.90 -2.85 -34.37
C LEU B 134 41.82 -3.07 -35.43
N SER B 135 42.01 -4.04 -36.30
CA SER B 135 41.05 -4.35 -37.35
C SER B 135 39.74 -4.90 -36.81
N ASN B 136 39.76 -5.53 -35.63
CA ASN B 136 38.61 -6.16 -35.00
C ASN B 136 38.18 -5.52 -33.68
N ALA B 137 38.61 -4.27 -33.43
CA ALA B 137 38.36 -3.55 -32.19
C ALA B 137 36.90 -3.55 -31.75
N LYS B 138 35.97 -3.50 -32.69
CA LYS B 138 34.54 -3.55 -32.36
C LYS B 138 34.13 -4.83 -31.64
N GLU B 139 34.88 -5.92 -31.81
CA GLU B 139 34.57 -7.19 -31.15
C GLU B 139 34.90 -7.21 -29.67
N PHE B 140 35.87 -6.42 -29.21
CA PHE B 140 36.34 -6.39 -27.83
C PHE B 140 35.61 -5.42 -26.90
N ILE B 141 34.63 -4.66 -27.36
CA ILE B 141 33.91 -3.71 -26.51
C ILE B 141 32.40 -3.95 -26.63
N GLY B 142 31.81 -4.48 -25.56
CA GLY B 142 30.40 -4.81 -25.45
C GLY B 142 29.78 -4.53 -24.09
N VAL B 143 28.71 -5.25 -23.76
CA VAL B 143 27.96 -5.06 -22.52
C VAL B 143 28.81 -5.31 -21.28
N GLN B 144 29.52 -6.42 -21.23
CA GLN B 144 30.32 -6.73 -20.05
C GLN B 144 31.55 -5.84 -19.90
N GLU B 145 32.11 -5.32 -20.99
CA GLU B 145 33.28 -4.44 -20.91
C GLU B 145 32.88 -3.02 -20.58
N THR B 146 31.78 -2.53 -21.13
CA THR B 146 31.24 -1.22 -20.77
C THR B 146 30.99 -1.13 -19.27
N ARG B 147 30.37 -2.14 -18.72
CA ARG B 147 30.12 -2.23 -17.28
C ARG B 147 31.41 -2.25 -16.48
N TYR B 148 32.51 -2.71 -17.06
CA TYR B 148 33.81 -2.72 -16.37
C TYR B 148 34.44 -1.33 -16.35
N LEU B 149 34.30 -0.56 -17.42
CA LEU B 149 34.78 0.82 -17.51
C LEU B 149 34.04 1.75 -16.55
N MET B 150 32.80 1.43 -16.20
CA MET B 150 31.94 2.15 -15.27
C MET B 150 32.14 1.72 -13.82
N ASP B 151 32.66 0.52 -13.57
CA ASP B 151 32.96 0.10 -12.21
C ASP B 151 34.28 0.72 -11.76
N ILE B 152 35.27 0.73 -12.64
CA ILE B 152 36.42 1.61 -12.51
C ILE B 152 35.74 2.93 -12.86
N MET B 153 36.35 4.08 -12.62
CA MET B 153 35.68 5.32 -13.00
C MET B 153 34.51 5.66 -12.08
N GLU B 154 34.40 4.98 -10.94
CA GLU B 154 33.43 5.33 -9.91
C GLU B 154 34.09 5.36 -8.54
N ARG B 155 35.36 5.03 -8.47
CA ARG B 155 36.20 5.14 -7.30
C ARG B 155 36.62 6.59 -7.16
N LYS B 156 36.37 7.34 -8.23
CA LYS B 156 36.57 8.75 -8.50
C LYS B 156 35.49 9.01 -9.54
N TYR B 157 34.98 10.24 -9.66
CA TYR B 157 33.90 10.47 -10.63
C TYR B 157 32.60 9.72 -10.33
N ASN B 158 32.41 9.32 -9.07
CA ASN B 158 31.25 8.56 -8.60
C ASN B 158 29.89 9.22 -8.93
N GLU B 159 29.77 10.53 -8.78
CA GLU B 159 28.51 11.23 -9.07
C GLU B 159 28.24 11.31 -10.56
N LEU B 160 29.29 11.37 -11.37
CA LEU B 160 29.17 11.42 -12.83
C LEU B 160 28.53 10.14 -13.37
N VAL B 161 28.92 8.99 -12.82
CA VAL B 161 28.37 7.69 -13.21
C VAL B 161 26.90 7.56 -12.78
N LYS B 162 26.55 7.91 -11.55
CA LYS B 162 25.15 7.88 -11.11
C LYS B 162 24.26 8.73 -12.00
N GLU B 163 24.68 9.93 -12.35
CA GLU B 163 23.90 10.79 -13.22
C GLU B 163 23.76 10.18 -14.62
N LEU B 164 24.81 9.56 -15.13
CA LEU B 164 24.75 8.94 -16.46
C LEU B 164 23.78 7.76 -16.49
N GLN B 165 23.84 6.88 -15.51
CA GLN B 165 22.95 5.73 -15.42
C GLN B 165 21.48 6.13 -15.33
N ARG B 166 21.18 7.26 -14.72
CA ARG B 166 19.81 7.76 -14.64
C ARG B 166 19.35 8.41 -15.93
N GLN B 167 20.25 8.92 -16.75
CA GLN B 167 19.91 9.60 -17.98
C GLN B 167 19.84 8.67 -19.18
N LEU B 168 20.75 7.69 -19.31
CA LEU B 168 20.79 6.77 -20.44
C LEU B 168 20.79 5.31 -20.01
N GLY B 169 20.25 4.46 -20.88
CA GLY B 169 20.27 3.01 -20.64
C GLY B 169 21.60 2.41 -21.05
N LEU B 170 22.03 1.40 -20.29
CA LEU B 170 23.32 0.78 -20.56
C LEU B 170 23.44 0.28 -22.00
N SER B 171 22.38 -0.27 -22.57
CA SER B 171 22.44 -0.73 -23.95
C SER B 171 22.65 0.39 -24.96
N LYS B 172 22.35 1.62 -24.58
CA LYS B 172 22.54 2.80 -25.42
C LYS B 172 23.97 3.33 -25.35
N ILE B 173 24.59 3.23 -24.18
CA ILE B 173 25.99 3.61 -23.96
C ILE B 173 26.91 2.70 -24.77
N VAL B 174 26.57 1.43 -24.88
CA VAL B 174 27.30 0.43 -25.65
C VAL B 174 27.31 0.77 -27.14
N ASP B 175 26.20 1.18 -27.71
CA ASP B 175 26.16 1.55 -29.12
C ASP B 175 26.99 2.80 -29.42
N ILE B 176 27.01 3.76 -28.52
CA ILE B 176 27.81 4.98 -28.69
C ILE B 176 29.31 4.65 -28.68
N LEU B 177 29.80 3.93 -27.68
CA LEU B 177 31.21 3.58 -27.61
C LEU B 177 31.66 2.73 -28.80
N GLN B 178 30.81 1.88 -29.34
CA GLN B 178 31.16 1.05 -30.50
C GLN B 178 31.34 1.88 -31.77
N ARG B 179 30.52 2.89 -31.99
CA ARG B 179 30.66 3.74 -33.19
C ARG B 179 31.94 4.56 -33.15
N LEU B 180 32.47 4.87 -31.98
CA LEU B 180 33.74 5.59 -31.84
C LEU B 180 34.93 4.70 -32.19
N VAL B 181 34.97 3.47 -31.69
CA VAL B 181 36.09 2.56 -31.97
C VAL B 181 36.04 2.08 -33.42
N GLU B 182 34.87 2.04 -34.03
CA GLU B 182 34.75 1.66 -35.44
C GLU B 182 35.53 2.59 -36.36
N GLU B 183 35.81 3.82 -35.94
CA GLU B 183 36.46 4.83 -36.77
C GLU B 183 37.77 5.32 -36.14
N ASN B 184 38.37 4.48 -35.29
CA ASN B 184 39.63 4.69 -34.58
C ASN B 184 39.68 5.88 -33.62
N VAL B 185 38.56 6.45 -33.22
CA VAL B 185 38.58 7.52 -32.24
C VAL B 185 38.94 6.89 -30.90
N SER B 186 39.75 7.57 -30.09
CA SER B 186 40.12 7.01 -28.79
C SER B 186 39.08 7.28 -27.73
N ILE B 187 38.81 6.27 -26.90
CA ILE B 187 37.87 6.34 -25.78
C ILE B 187 38.57 6.38 -24.43
N ARG B 188 39.80 6.88 -24.42
CA ARG B 188 40.58 6.98 -23.19
C ARG B 188 40.04 8.05 -22.25
N ASP B 189 39.60 9.18 -22.80
CA ASP B 189 39.01 10.30 -22.04
C ASP B 189 37.51 10.11 -21.85
N LEU B 190 37.17 9.30 -20.85
CA LEU B 190 35.79 8.97 -20.53
C LEU B 190 34.98 10.13 -19.92
N ARG B 191 35.58 10.98 -19.08
CA ARG B 191 34.77 12.07 -18.51
C ARG B 191 34.34 13.09 -19.57
N THR B 192 35.10 13.29 -20.62
CA THR B 192 34.65 14.17 -21.68
C THR B 192 33.45 13.56 -22.40
N ILE B 193 33.47 12.25 -22.60
CA ILE B 193 32.39 11.53 -23.26
C ILE B 193 31.14 11.49 -22.36
N PHE B 194 31.28 11.11 -21.11
CA PHE B 194 30.15 11.06 -20.18
C PHE B 194 29.56 12.44 -19.92
N GLU B 195 30.38 13.45 -19.71
CA GLU B 195 29.89 14.82 -19.52
C GLU B 195 29.10 15.33 -20.73
N THR B 196 29.54 15.01 -21.93
CA THR B 196 28.82 15.41 -23.14
C THR B 196 27.49 14.69 -23.28
N LEU B 197 27.40 13.42 -22.89
CA LEU B 197 26.16 12.67 -23.01
C LEU B 197 25.11 13.12 -21.98
N ILE B 198 25.53 13.47 -20.78
CA ILE B 198 24.61 13.96 -19.75
C ILE B 198 23.97 15.27 -20.19
N PHE B 199 24.73 16.14 -20.84
CA PHE B 199 24.23 17.42 -21.32
C PHE B 199 23.17 17.31 -22.42
N TRP B 200 23.36 16.44 -23.40
CA TRP B 200 22.45 16.30 -24.53
C TRP B 200 21.37 15.23 -24.38
N SER B 201 21.44 14.36 -23.38
CA SER B 201 20.50 13.25 -23.21
C SER B 201 19.02 13.63 -23.24
N THR B 202 18.65 14.81 -22.77
CA THR B 202 17.25 15.24 -22.77
C THR B 202 16.81 15.94 -24.05
N LYS B 203 17.72 16.66 -24.69
CA LYS B 203 17.43 17.39 -25.92
C LYS B 203 17.38 16.50 -27.15
N GLU B 204 18.23 15.48 -27.24
CA GLU B 204 18.29 14.57 -28.39
C GLU B 204 18.26 13.12 -27.95
N LYS B 205 17.56 12.29 -28.74
CA LYS B 205 17.39 10.87 -28.46
C LYS B 205 17.93 9.95 -29.56
N ASP B 206 18.28 10.46 -30.73
CA ASP B 206 18.83 9.66 -31.81
C ASP B 206 20.29 9.31 -31.53
N VAL B 207 20.57 8.01 -31.37
CA VAL B 207 21.91 7.51 -31.07
C VAL B 207 22.91 7.89 -32.17
N VAL B 208 22.46 7.98 -33.41
CA VAL B 208 23.33 8.36 -34.53
C VAL B 208 23.71 9.84 -34.48
N ILE B 209 22.91 10.66 -33.80
CA ILE B 209 23.15 12.10 -33.64
C ILE B 209 24.04 12.38 -32.42
N LEU B 210 23.76 11.72 -31.30
CA LEU B 210 24.59 11.87 -30.09
C LEU B 210 26.05 11.58 -30.41
N CYS B 211 26.31 10.65 -31.30
CA CYS B 211 27.65 10.28 -31.73
C CYS B 211 28.43 11.47 -32.28
N GLU B 212 27.80 12.34 -33.06
CA GLU B 212 28.46 13.50 -33.65
C GLU B 212 28.78 14.59 -32.63
N TYR B 213 27.93 14.80 -31.64
CA TYR B 213 28.26 15.77 -30.59
C TYR B 213 29.48 15.32 -29.79
N VAL B 214 29.60 14.04 -29.51
CA VAL B 214 30.76 13.49 -28.80
C VAL B 214 32.00 13.65 -29.66
N ARG B 215 31.89 13.54 -30.98
CA ARG B 215 33.03 13.75 -31.88
C ARG B 215 33.49 15.20 -31.87
N ILE B 216 32.55 16.15 -31.88
CA ILE B 216 32.89 17.58 -31.85
C ILE B 216 33.62 17.93 -30.55
N ALA B 217 33.14 17.40 -29.43
CA ALA B 217 33.75 17.62 -28.13
C ALA B 217 35.16 17.04 -28.01
N LEU B 218 35.57 16.14 -28.89
CA LEU B 218 36.89 15.50 -28.89
C LEU B 218 37.87 16.14 -29.87
N ARG B 219 37.62 17.39 -30.27
CA ARG B 219 38.42 18.17 -31.21
C ARG B 219 39.95 18.07 -31.04
N ARG B 220 40.45 18.22 -29.82
CA ARG B 220 41.90 18.17 -29.57
C ARG B 220 42.51 16.81 -29.87
N HIS B 221 41.79 15.72 -29.67
CA HIS B 221 42.30 14.38 -29.99
C HIS B 221 42.36 14.16 -31.50
N ILE B 222 41.29 14.51 -32.20
CA ILE B 222 41.18 14.33 -33.66
C ILE B 222 42.20 15.22 -34.40
N LEU B 223 42.24 16.51 -34.12
CA LEU B 223 43.21 17.37 -34.79
C LEU B 223 44.65 17.00 -34.45
N GLY B 224 44.94 16.60 -33.23
CA GLY B 224 46.28 16.22 -32.83
C GLY B 224 46.81 14.96 -33.50
N ARG B 225 45.97 14.20 -34.17
CA ARG B 225 46.31 12.97 -34.90
C ARG B 225 46.52 13.19 -36.40
N TYR B 226 45.63 13.90 -37.06
CA TYR B 226 45.70 14.08 -38.51
C TYR B 226 46.44 15.33 -38.97
N SER B 227 46.43 16.41 -38.22
CA SER B 227 47.18 17.61 -38.62
C SER B 227 48.68 17.40 -38.49
N VAL B 228 49.45 18.21 -39.23
CA VAL B 228 50.91 18.15 -39.21
C VAL B 228 51.45 19.27 -38.33
N SER B 229 52.24 18.86 -37.34
CA SER B 229 52.85 19.70 -36.32
C SER B 229 51.85 20.66 -35.67
N GLY B 230 50.58 20.26 -35.67
CA GLY B 230 49.50 21.03 -35.10
C GLY B 230 49.12 22.28 -35.86
N THR B 231 49.77 22.59 -36.97
CA THR B 231 49.53 23.84 -37.68
C THR B 231 48.74 23.73 -38.98
N LEU B 232 48.89 22.64 -39.75
CA LEU B 232 48.22 22.54 -41.03
C LEU B 232 47.58 21.17 -41.25
N LEU B 233 46.43 21.17 -41.93
CA LEU B 233 45.68 19.97 -42.29
C LEU B 233 45.46 19.87 -43.80
N ASN B 234 45.86 18.73 -44.39
CA ASN B 234 45.68 18.48 -45.82
C ASN B 234 44.25 18.00 -46.11
N VAL B 235 43.59 18.57 -47.12
CA VAL B 235 42.17 18.29 -47.35
C VAL B 235 41.73 18.09 -48.80
N TRP B 236 40.71 17.26 -48.97
CA TRP B 236 39.96 17.02 -50.20
C TRP B 236 38.50 17.36 -49.92
N LEU B 237 37.77 17.94 -50.89
CA LEU B 237 36.37 18.35 -50.68
C LEU B 237 35.36 17.68 -51.61
N ILE B 238 34.15 17.47 -51.07
CA ILE B 238 33.03 16.86 -51.79
C ILE B 238 32.26 17.84 -52.69
N GLY B 239 32.18 19.12 -52.32
CA GLY B 239 31.48 20.15 -53.08
C GLY B 239 29.96 20.19 -52.92
N SER B 240 29.40 21.39 -53.15
CA SER B 240 27.97 21.67 -52.97
C SER B 240 27.03 20.80 -53.81
N ASP B 241 27.40 20.50 -55.05
CA ASP B 241 26.52 19.70 -55.90
C ASP B 241 26.33 18.27 -55.38
N ILE B 242 27.41 17.57 -55.12
CA ILE B 242 27.33 16.21 -54.60
C ILE B 242 26.74 16.19 -53.19
N GLU B 243 27.14 17.13 -52.35
CA GLU B 243 26.59 17.21 -51.00
C GLU B 243 25.08 17.44 -51.04
N ASN B 244 24.60 18.33 -51.90
CA ASN B 244 23.18 18.59 -52.03
C ASN B 244 22.43 17.35 -52.55
N GLU B 245 22.97 16.70 -53.56
CA GLU B 245 22.37 15.50 -54.12
C GLU B 245 22.29 14.39 -53.07
N LEU B 246 23.37 14.18 -52.32
CA LEU B 246 23.40 13.17 -51.27
C LEU B 246 22.43 13.51 -50.13
N ARG B 247 22.38 14.78 -49.73
CA ARG B 247 21.48 15.21 -48.65
C ARG B 247 20.02 14.90 -48.99
N GLU B 248 19.63 15.09 -50.24
CA GLU B 248 18.26 14.82 -50.68
C GLU B 248 17.97 13.31 -50.81
N SER B 249 18.96 12.49 -51.13
CA SER B 249 18.81 11.04 -51.31
C SER B 249 18.57 10.21 -50.03
N ILE B 250 18.63 10.80 -48.83
CA ILE B 250 18.45 10.07 -47.57
C ILE B 250 17.03 9.51 -47.39
N ARG B 251 16.97 8.28 -46.85
CA ARG B 251 15.76 7.52 -46.54
C ARG B 251 15.94 6.78 -45.21
N GLN B 252 14.83 6.33 -44.62
CA GLN B 252 14.88 5.64 -43.32
C GLN B 252 13.79 4.59 -43.11
N THR B 253 14.07 3.68 -42.18
CA THR B 253 13.20 2.55 -41.78
C THR B 253 13.58 2.14 -40.35
N SER B 254 12.75 1.25 -39.77
CA SER B 254 12.99 0.79 -38.39
C SER B 254 14.37 0.19 -38.19
N SER B 255 14.95 -0.39 -39.24
CA SER B 255 16.30 -0.93 -39.15
C SER B 255 17.36 0.17 -39.16
N GLY B 256 17.06 1.33 -39.72
CA GLY B 256 18.02 2.42 -39.78
C GLY B 256 17.77 3.31 -40.99
N SER B 257 18.79 4.09 -41.32
CA SER B 257 18.76 5.03 -42.43
C SER B 257 19.74 4.66 -43.54
N TYR B 258 19.38 5.02 -44.77
CA TYR B 258 20.17 4.67 -45.95
C TYR B 258 19.93 5.69 -47.07
N LEU B 259 20.74 5.56 -48.12
CA LEU B 259 20.69 6.44 -49.29
C LEU B 259 20.07 5.76 -50.51
N ASN B 260 19.15 6.47 -51.17
CA ASN B 260 18.52 5.99 -52.41
C ASN B 260 19.30 6.50 -53.62
N ILE B 261 20.37 5.78 -53.96
CA ILE B 261 21.23 6.12 -55.10
C ILE B 261 21.57 4.85 -55.86
N SER B 262 21.72 4.99 -57.17
CA SER B 262 22.02 3.84 -58.02
C SER B 262 23.47 3.38 -57.89
N PRO B 263 23.71 2.08 -58.13
CA PRO B 263 25.08 1.55 -58.08
C PRO B 263 26.02 2.20 -59.09
N GLU B 264 25.51 2.51 -60.27
CA GLU B 264 26.31 3.14 -61.31
C GLU B 264 26.78 4.52 -60.90
N ARG B 265 25.87 5.36 -60.41
CA ARG B 265 26.22 6.69 -59.94
C ARG B 265 27.17 6.61 -58.75
N THR B 266 26.94 5.63 -57.88
CA THR B 266 27.80 5.41 -56.71
C THR B 266 29.23 5.07 -57.16
N GLU B 267 29.36 4.17 -58.11
CA GLU B 267 30.66 3.78 -58.65
C GLU B 267 31.33 4.95 -59.38
N GLN B 268 30.54 5.78 -60.06
CA GLN B 268 31.07 6.97 -60.74
C GLN B 268 31.61 7.97 -59.73
N ILE B 269 30.85 8.25 -58.68
CA ILE B 269 31.28 9.16 -57.61
C ILE B 269 32.60 8.67 -57.02
N ILE B 270 32.66 7.38 -56.71
CA ILE B 270 33.87 6.75 -56.16
C ILE B 270 35.00 6.85 -57.19
N GLY B 271 34.70 6.59 -58.46
CA GLY B 271 35.70 6.67 -59.51
C GLY B 271 36.32 8.07 -59.64
N PHE B 272 35.52 9.12 -59.48
CA PHE B 272 36.07 10.48 -59.53
C PHE B 272 37.11 10.68 -58.42
N LEU B 273 36.75 10.31 -57.20
CA LEU B 273 37.62 10.43 -56.03
C LEU B 273 38.88 9.56 -56.21
N LYS B 274 38.69 8.34 -56.68
CA LYS B 274 39.80 7.41 -56.92
C LYS B 274 40.79 7.99 -57.93
N ASN B 275 40.32 8.71 -58.92
CA ASN B 275 41.19 9.34 -59.92
C ASN B 275 41.91 10.57 -59.37
N ILE B 276 41.22 11.40 -58.59
CA ILE B 276 41.84 12.61 -58.04
C ILE B 276 42.86 12.32 -56.95
N MET B 277 42.55 11.43 -56.01
CA MET B 277 43.48 11.14 -54.90
C MET B 277 44.79 10.48 -55.35
N ASN B 278 45.91 10.97 -54.76
CA ASN B 278 47.26 10.47 -54.95
C ASN B 278 47.47 9.21 -54.10
N PRO B 279 48.16 8.21 -54.64
CA PRO B 279 48.38 6.96 -53.88
C PRO B 279 49.17 7.14 -52.58
N THR B 280 49.85 8.26 -52.39
CA THR B 280 50.59 8.47 -51.15
C THR B 280 49.68 8.71 -49.94
N GLY B 281 48.46 9.22 -50.16
CA GLY B 281 47.54 9.50 -49.07
C GLY B 281 47.92 10.73 -48.27
N ASN B 282 48.07 10.56 -46.95
CA ASN B 282 48.45 11.64 -46.05
C ASN B 282 47.47 12.83 -46.10
N GLY B 283 46.18 12.56 -46.31
CA GLY B 283 45.16 13.60 -46.39
C GLY B 283 43.84 13.16 -45.78
N VAL B 284 42.86 14.09 -45.80
CA VAL B 284 41.55 13.85 -45.21
C VAL B 284 40.44 14.46 -46.08
N ILE B 285 39.23 13.92 -45.95
CA ILE B 285 38.04 14.39 -46.67
C ILE B 285 37.10 15.12 -45.72
N LEU B 286 36.77 16.40 -46.00
CA LEU B 286 35.82 17.15 -45.18
C LEU B 286 34.39 17.06 -45.73
N THR B 287 33.39 17.11 -44.84
CA THR B 287 31.99 16.99 -45.25
C THR B 287 31.08 17.62 -44.20
N ALA B 288 29.80 17.80 -44.57
CA ALA B 288 28.78 18.29 -43.65
C ALA B 288 28.35 17.18 -42.70
N LEU B 289 27.93 17.57 -41.49
CA LEU B 289 27.51 16.56 -40.50
C LEU B 289 26.39 15.66 -40.98
N ASP B 290 25.43 16.21 -41.72
CA ASP B 290 24.29 15.43 -42.22
C ASP B 290 24.63 14.26 -43.13
N ILE B 291 25.77 14.28 -43.80
CA ILE B 291 26.16 13.23 -44.74
C ILE B 291 27.41 12.43 -44.33
N ARG B 292 28.19 12.90 -43.37
CA ARG B 292 29.45 12.27 -42.98
C ARG B 292 29.38 10.75 -42.77
N ARG B 293 28.46 10.26 -41.95
CA ARG B 293 28.34 8.82 -41.70
C ARG B 293 28.04 8.03 -42.96
N TYR B 294 27.23 8.57 -43.85
CA TYR B 294 26.90 7.91 -45.12
C TYR B 294 28.05 7.96 -46.11
N VAL B 295 28.75 9.08 -46.20
CA VAL B 295 29.90 9.20 -47.09
C VAL B 295 30.99 8.19 -46.68
N LYS B 296 31.23 8.04 -45.39
CA LYS B 296 32.20 7.06 -44.89
C LYS B 296 31.78 5.63 -45.25
N LYS B 297 30.55 5.27 -44.93
CA LYS B 297 30.03 3.93 -45.23
C LYS B 297 29.98 3.65 -46.73
N MET B 298 29.82 4.68 -47.54
CA MET B 298 29.81 4.55 -49.00
C MET B 298 31.22 4.29 -49.55
N ILE B 299 32.20 5.08 -49.15
CA ILE B 299 33.58 4.95 -49.61
C ILE B 299 34.23 3.68 -49.05
N GLU B 300 33.84 3.25 -47.86
CA GLU B 300 34.39 2.06 -47.22
C GLU B 300 34.50 0.87 -48.19
N GLY B 301 35.66 0.21 -48.13
CA GLY B 301 36.02 -0.91 -48.98
C GLY B 301 36.81 -0.55 -50.22
N SER B 302 36.70 0.68 -50.71
CA SER B 302 37.49 1.14 -51.84
C SER B 302 38.48 2.15 -51.25
N PHE B 303 39.78 1.90 -51.43
CA PHE B 303 40.84 2.71 -50.84
C PHE B 303 40.53 3.07 -49.37
N PRO B 304 40.32 2.04 -48.53
CA PRO B 304 39.99 2.19 -47.12
C PRO B 304 41.12 2.80 -46.29
N SER B 305 40.79 3.06 -45.02
CA SER B 305 41.68 3.67 -44.03
C SER B 305 42.00 5.14 -44.33
N VAL B 306 41.06 5.82 -44.95
CA VAL B 306 41.15 7.25 -45.27
C VAL B 306 40.14 7.96 -44.37
N PRO B 307 40.57 8.85 -43.48
CA PRO B 307 39.64 9.53 -42.57
C PRO B 307 38.72 10.53 -43.25
N VAL B 308 37.50 10.59 -42.75
CA VAL B 308 36.47 11.53 -43.17
C VAL B 308 36.07 12.38 -41.96
N LEU B 309 36.28 13.70 -42.03
CA LEU B 309 35.96 14.62 -40.95
C LEU B 309 34.82 15.55 -41.37
N SER B 310 34.54 16.57 -40.55
CA SER B 310 33.50 17.54 -40.86
C SER B 310 33.88 18.95 -40.41
N PHE B 311 33.21 19.92 -41.02
CA PHE B 311 33.43 21.35 -40.80
C PHE B 311 33.11 21.82 -39.38
N GLN B 312 32.35 21.04 -38.62
CA GLN B 312 32.04 21.37 -37.23
C GLN B 312 33.05 20.73 -36.29
N GLU B 313 33.49 19.52 -36.61
CA GLU B 313 34.52 18.88 -35.79
C GLU B 313 35.84 19.61 -35.95
N VAL B 314 36.18 20.00 -37.16
CA VAL B 314 37.39 20.78 -37.39
C VAL B 314 37.06 22.24 -37.10
N GLY B 315 37.91 22.90 -36.32
CA GLY B 315 37.70 24.29 -35.96
C GLY B 315 38.17 25.28 -37.01
N ASN B 316 37.79 26.54 -36.77
CA ASN B 316 38.18 27.64 -37.64
C ASN B 316 39.59 28.15 -37.37
N ASN B 317 40.18 27.78 -36.25
CA ASN B 317 41.53 28.24 -35.91
C ASN B 317 42.63 27.63 -36.78
N ILE B 318 42.50 26.38 -37.19
CA ILE B 318 43.55 25.71 -37.97
C ILE B 318 43.49 26.08 -39.44
N GLU B 319 44.65 25.97 -40.11
CA GLU B 319 44.80 26.23 -41.55
C GLU B 319 44.54 24.98 -42.38
N LEU B 320 43.81 25.15 -43.47
CA LEU B 320 43.47 24.08 -44.41
C LEU B 320 44.17 24.22 -45.76
N LYS B 321 44.84 23.16 -46.20
CA LYS B 321 45.49 23.10 -47.51
C LYS B 321 44.69 22.14 -48.39
N VAL B 322 44.13 22.64 -49.48
CA VAL B 322 43.30 21.82 -50.38
C VAL B 322 44.13 21.16 -51.47
N LEU B 323 43.97 19.84 -51.60
CA LEU B 323 44.70 19.05 -52.58
C LEU B 323 43.79 18.52 -53.69
N GLY B 324 42.55 18.95 -53.77
CA GLY B 324 41.63 18.54 -54.81
C GLY B 324 40.18 18.54 -54.36
N THR B 325 39.28 18.48 -55.34
CA THR B 325 37.84 18.47 -55.08
C THR B 325 37.11 17.63 -56.13
N VAL B 326 36.11 16.85 -55.69
CA VAL B 326 35.32 16.07 -56.65
C VAL B 326 34.21 16.94 -57.21
N ASN B 327 33.80 16.64 -58.44
CA ASN B 327 32.78 17.42 -59.14
C ASN B 327 31.86 16.51 -59.94
N ASN C 1 48.04 -1.76 -13.11
CA ASN C 1 46.61 -1.88 -13.40
C ASN C 1 46.08 -0.65 -14.16
N ILE C 2 44.76 -0.62 -14.40
CA ILE C 2 44.12 0.47 -15.13
C ILE C 2 43.73 1.63 -14.23
N SER C 3 44.09 2.85 -14.62
CA SER C 3 43.72 4.06 -13.89
C SER C 3 42.31 4.55 -14.27
N PRO C 4 41.67 5.33 -13.39
CA PRO C 4 40.31 5.80 -13.67
C PRO C 4 40.08 6.42 -15.04
N GLY C 5 40.94 7.33 -15.47
CA GLY C 5 40.79 7.96 -16.77
C GLY C 5 42.04 8.75 -17.10
N ALA C 6 41.99 9.46 -18.22
CA ALA C 6 43.11 10.29 -18.61
C ALA C 6 43.51 11.25 -17.51
N GLU C 7 44.80 11.32 -17.21
CA GLU C 7 45.28 12.21 -16.17
C GLU C 7 44.96 13.67 -16.49
N PRO C 8 44.42 14.44 -15.55
CA PRO C 8 44.00 15.81 -15.89
C PRO C 8 45.09 16.78 -16.33
N LEU C 9 46.25 16.84 -15.67
CA LEU C 9 47.31 17.78 -16.02
C LEU C 9 48.70 17.19 -15.83
N ILE C 10 49.53 17.26 -16.87
CA ILE C 10 50.90 16.78 -16.84
C ILE C 10 51.83 17.82 -17.48
N LEU C 11 52.93 18.12 -16.80
CA LEU C 11 53.97 19.04 -17.26
C LEU C 11 55.26 18.28 -17.51
N ASN C 12 55.76 18.32 -18.76
CA ASN C 12 57.01 17.67 -19.13
C ASN C 12 58.13 18.70 -19.24
N LEU C 13 59.17 18.55 -18.42
CA LEU C 13 60.31 19.47 -18.39
C LEU C 13 61.63 18.78 -18.75
N SER C 14 62.37 19.36 -19.69
CA SER C 14 63.69 18.83 -20.00
C SER C 14 64.63 19.04 -18.82
N SER C 15 65.46 18.02 -18.53
CA SER C 15 66.37 18.02 -17.38
C SER C 15 67.26 19.26 -17.28
N ASN C 16 67.49 19.93 -18.40
CA ASN C 16 68.25 21.19 -18.39
C ASN C 16 67.55 22.28 -17.59
N ILE C 17 66.22 22.31 -17.62
CA ILE C 17 65.40 23.31 -16.94
C ILE C 17 64.86 22.83 -15.58
N TYR C 18 64.61 21.53 -15.46
CA TYR C 18 64.06 20.97 -14.23
C TYR C 18 64.84 21.31 -12.97
N SER C 19 64.12 21.40 -11.85
CA SER C 19 64.65 21.68 -10.52
C SER C 19 63.82 20.94 -9.48
N SER C 20 64.42 20.73 -8.30
CA SER C 20 63.79 20.03 -7.18
C SER C 20 62.82 20.86 -6.34
N ASP C 21 62.71 22.18 -6.59
CA ASP C 21 61.85 23.09 -5.81
C ASP C 21 60.57 23.53 -6.50
N ILE C 22 60.41 23.25 -7.79
CA ILE C 22 59.24 23.71 -8.56
C ILE C 22 57.92 23.12 -8.08
N THR C 23 57.92 21.89 -7.57
CA THR C 23 56.67 21.30 -7.08
C THR C 23 56.02 22.16 -5.99
N GLN C 24 56.79 22.54 -4.98
CA GLN C 24 56.29 23.40 -3.90
C GLN C 24 55.79 24.74 -4.42
N GLN C 25 56.47 25.33 -5.39
CA GLN C 25 56.02 26.61 -5.97
C GLN C 25 54.72 26.43 -6.75
N ILE C 26 54.56 25.32 -7.46
CA ILE C 26 53.32 25.02 -8.18
C ILE C 26 52.17 24.82 -7.20
N GLU C 27 52.41 24.14 -6.09
CA GLU C 27 51.39 23.95 -5.06
C GLU C 27 50.94 25.29 -4.46
N VAL C 28 51.81 26.29 -4.48
CA VAL C 28 51.47 27.64 -4.02
C VAL C 28 50.61 28.34 -5.06
N MET C 29 50.81 28.09 -6.35
CA MET C 29 50.02 28.69 -7.41
C MET C 29 48.57 28.21 -7.36
N ARG C 30 48.34 26.96 -6.95
CA ARG C 30 46.99 26.41 -6.85
C ARG C 30 46.14 27.20 -5.84
N TRP C 31 46.70 27.57 -4.70
CA TRP C 31 45.98 28.38 -3.72
C TRP C 31 45.65 29.75 -4.28
N ASN C 32 46.59 30.44 -4.90
CA ASN C 32 46.32 31.76 -5.47
C ASN C 32 45.23 31.67 -6.53
N PHE C 33 45.19 30.60 -7.30
CA PHE C 33 44.15 30.41 -8.31
C PHE C 33 42.80 30.16 -7.66
N PHE C 34 42.74 29.38 -6.59
CA PHE C 34 41.48 29.12 -5.91
C PHE C 34 40.92 30.36 -5.23
N GLU C 35 41.75 31.14 -4.55
CA GLU C 35 41.22 32.33 -3.91
C GLU C 35 40.74 33.36 -4.92
N GLU C 36 41.37 33.47 -6.08
CA GLU C 36 40.90 34.46 -7.05
C GLU C 36 39.74 33.95 -7.89
N SER C 37 39.77 32.69 -8.31
CA SER C 37 38.73 32.13 -9.16
C SER C 37 37.67 31.35 -8.42
N GLY C 38 38.01 30.71 -7.32
CA GLY C 38 37.07 29.84 -6.65
C GLY C 38 36.88 28.50 -7.31
N ILE C 39 37.82 28.09 -8.14
CA ILE C 39 37.79 26.83 -8.89
C ILE C 39 38.89 25.95 -8.31
N PRO C 40 38.57 24.77 -7.79
CA PRO C 40 39.63 23.93 -7.22
C PRO C 40 40.30 23.03 -8.24
N LEU C 41 41.53 23.35 -8.63
CA LEU C 41 42.29 22.57 -9.60
C LEU C 41 42.77 21.21 -9.08
N PRO C 42 42.83 20.19 -9.94
CA PRO C 42 43.37 18.90 -9.54
C PRO C 42 44.88 18.95 -9.31
N LYS C 43 45.44 17.87 -8.77
CA LYS C 43 46.89 17.82 -8.55
C LYS C 43 47.67 17.79 -9.85
N ILE C 44 48.70 18.63 -9.96
CA ILE C 44 49.55 18.69 -11.16
C ILE C 44 50.71 17.71 -11.06
N ILE C 45 50.97 16.98 -12.14
CA ILE C 45 52.06 16.00 -12.23
C ILE C 45 53.18 16.59 -13.08
N VAL C 46 54.41 16.62 -12.55
CA VAL C 46 55.56 17.14 -13.28
C VAL C 46 56.58 16.03 -13.52
N ASN C 47 56.89 15.76 -14.81
CA ASN C 47 57.83 14.72 -15.26
C ASN C 47 59.11 15.29 -15.85
N PRO C 48 60.28 14.87 -15.36
CA PRO C 48 61.55 15.28 -15.96
C PRO C 48 61.85 14.43 -17.19
N VAL C 49 62.27 15.09 -18.27
CA VAL C 49 62.62 14.44 -19.53
C VAL C 49 64.13 14.56 -19.68
N LYS C 50 64.80 13.42 -19.80
CA LYS C 50 66.27 13.34 -19.84
C LYS C 50 66.88 13.75 -21.19
N ASN C 51 66.64 15.02 -21.50
CA ASN C 51 67.12 15.71 -22.69
C ASN C 51 67.53 17.10 -22.21
N ASN C 52 68.44 17.74 -22.94
CA ASN C 52 68.91 19.07 -22.56
C ASN C 52 68.53 20.14 -23.59
N ASP C 53 67.44 19.92 -24.31
CA ASP C 53 66.98 20.87 -25.33
C ASP C 53 66.24 22.10 -24.77
N SER C 54 66.16 22.27 -23.45
CA SER C 54 65.46 23.39 -22.81
C SER C 54 63.96 23.49 -23.15
N ALA C 55 63.36 22.42 -23.66
CA ALA C 55 61.94 22.38 -24.01
C ALA C 55 61.01 22.08 -22.83
N ILE C 56 59.74 22.51 -22.96
CA ILE C 56 58.67 22.27 -21.99
C ILE C 56 57.39 21.96 -22.75
N GLU C 57 56.47 21.22 -22.10
CA GLU C 57 55.17 20.89 -22.66
C GLU C 57 54.09 20.71 -21.61
N PHE C 58 52.88 21.20 -21.91
CA PHE C 58 51.69 21.05 -21.06
C PHE C 58 50.67 20.15 -21.73
N LEU C 59 50.21 19.12 -21.01
CA LEU C 59 49.19 18.19 -21.49
C LEU C 59 47.90 18.31 -20.69
N LEU C 60 46.78 18.54 -21.38
CA LEU C 60 45.47 18.62 -20.77
C LEU C 60 44.71 17.36 -21.15
N TYR C 61 44.38 16.54 -20.15
CA TYR C 61 43.74 15.24 -20.40
C TYR C 61 44.48 14.45 -21.46
N GLN C 62 45.81 14.43 -21.29
CA GLN C 62 46.79 13.76 -22.14
C GLN C 62 46.86 14.23 -23.59
N GLU C 63 46.36 15.41 -23.93
CA GLU C 63 46.52 15.97 -25.27
C GLU C 63 47.37 17.22 -25.12
N SER C 64 48.31 17.43 -26.02
CA SER C 64 49.20 18.59 -25.90
C SER C 64 48.51 19.91 -26.21
N ILE C 65 48.59 20.84 -25.26
CA ILE C 65 47.99 22.17 -25.37
C ILE C 65 49.01 23.27 -25.65
N TYR C 66 50.27 23.07 -25.24
CA TYR C 66 51.34 24.03 -25.50
C TYR C 66 52.70 23.35 -25.38
N LYS C 67 53.61 23.71 -26.29
CA LYS C 67 54.96 23.17 -26.33
C LYS C 67 55.93 24.26 -26.81
N ASP C 68 57.01 24.48 -26.05
CA ASP C 68 57.95 25.53 -26.40
C ASP C 68 59.27 25.37 -25.64
N THR C 69 60.26 26.17 -26.07
CA THR C 69 61.61 26.20 -25.49
C THR C 69 61.90 27.48 -24.73
N LEU C 70 62.36 27.34 -23.49
CA LEU C 70 62.74 28.47 -22.65
C LEU C 70 64.16 28.96 -22.99
N ILE C 71 64.33 30.28 -23.02
CA ILE C 71 65.61 30.94 -23.30
C ILE C 71 65.84 32.04 -22.27
N ASP C 72 67.12 32.31 -22.01
CA ASP C 72 67.54 33.32 -21.04
C ASP C 72 67.58 34.74 -21.60
N ASP C 73 67.59 34.92 -22.92
CA ASP C 73 67.69 36.23 -23.54
C ASP C 73 66.40 37.04 -23.52
N THR C 74 65.27 36.48 -23.07
CA THR C 74 64.00 37.20 -23.07
C THR C 74 63.29 37.10 -21.72
N VAL C 75 62.32 38.01 -21.54
CA VAL C 75 61.55 38.14 -20.30
C VAL C 75 60.10 38.51 -20.63
N TYR C 76 59.16 37.95 -19.86
CA TYR C 76 57.73 38.21 -19.97
C TYR C 76 57.30 39.29 -18.99
N PHE C 77 56.30 40.10 -19.37
CA PHE C 77 55.80 41.16 -18.50
C PHE C 77 54.30 41.35 -18.64
N GLU C 78 53.71 42.01 -17.61
CA GLU C 78 52.30 42.39 -17.53
C GLU C 78 52.16 43.84 -17.13
N ALA C 79 51.18 44.54 -17.71
CA ALA C 79 50.91 45.93 -17.42
C ALA C 79 49.43 46.18 -17.12
N GLY C 80 49.18 46.97 -16.07
CA GLY C 80 47.85 47.34 -15.63
C GLY C 80 47.29 48.55 -16.36
N HIS C 81 46.76 49.51 -15.60
CA HIS C 81 46.22 50.75 -16.16
C HIS C 81 47.31 51.68 -16.71
N ALA C 82 48.58 51.32 -16.56
CA ALA C 82 49.71 52.10 -17.04
C ALA C 82 49.73 52.23 -18.56
N GLU C 83 50.49 53.23 -19.03
CA GLU C 83 50.67 53.53 -20.45
C GLU C 83 51.55 52.51 -21.17
N ILE C 84 51.38 52.47 -22.50
CA ILE C 84 52.14 51.58 -23.39
C ILE C 84 53.62 51.94 -23.42
N SER C 85 54.48 50.92 -23.39
CA SER C 85 55.93 51.09 -23.44
C SER C 85 56.54 50.39 -24.65
N PHE C 86 57.63 50.98 -25.15
CA PHE C 86 58.37 50.56 -26.35
C PHE C 86 58.96 49.15 -26.33
N GLU C 87 59.14 48.63 -27.56
CA GLU C 87 59.74 47.33 -27.92
C GLU C 87 59.00 46.07 -27.45
N PHE C 88 57.68 46.15 -27.23
CA PHE C 88 56.93 44.96 -26.81
C PHE C 88 56.65 44.02 -27.98
N VAL C 89 56.65 42.72 -27.70
CA VAL C 89 56.34 41.68 -28.69
C VAL C 89 55.15 40.86 -28.20
N GLN C 90 54.06 40.87 -28.97
CA GLN C 90 52.86 40.09 -28.66
C GLN C 90 52.91 38.71 -29.30
N GLU C 91 52.55 37.68 -28.53
CA GLU C 91 52.49 36.31 -29.02
C GLU C 91 51.26 35.61 -28.47
N LYS C 92 50.51 34.93 -29.34
CA LYS C 92 49.33 34.21 -28.93
C LYS C 92 49.67 32.92 -28.20
N LEU C 93 48.91 32.63 -27.15
CA LEU C 93 49.08 31.46 -26.31
C LEU C 93 47.93 30.49 -26.45
N SER C 94 46.76 30.97 -26.88
CA SER C 94 45.60 30.14 -27.13
C SER C 94 44.69 30.90 -28.08
N THR C 95 43.56 30.28 -28.42
CA THR C 95 42.57 30.91 -29.27
C THR C 95 42.06 32.23 -28.70
N ASN C 96 42.16 32.42 -27.39
CA ASN C 96 41.62 33.58 -26.70
C ASN C 96 42.58 34.23 -25.70
N SER C 97 43.88 33.96 -25.77
CA SER C 97 44.84 34.60 -24.86
C SER C 97 46.16 34.92 -25.55
N ILE C 98 46.74 36.06 -25.16
CA ILE C 98 47.99 36.59 -25.70
C ILE C 98 48.89 37.05 -24.55
N VAL C 99 50.21 36.85 -24.72
CA VAL C 99 51.24 37.26 -23.76
C VAL C 99 52.25 38.19 -24.43
N TYR C 100 52.87 39.05 -23.62
CA TYR C 100 53.87 40.04 -24.05
C TYR C 100 55.30 39.63 -23.67
N LYS C 101 56.19 39.63 -24.67
CA LYS C 101 57.60 39.27 -24.56
C LYS C 101 58.52 40.45 -24.84
N THR C 102 59.70 40.45 -24.22
CA THR C 102 60.69 41.52 -24.37
C THR C 102 62.10 40.98 -24.10
N ASN C 103 63.09 41.70 -24.62
CA ASN C 103 64.49 41.34 -24.36
C ASN C 103 64.83 41.66 -22.90
N LYS C 104 65.63 40.79 -22.29
CA LYS C 104 66.01 40.96 -20.88
C LYS C 104 66.66 42.31 -20.56
N THR C 105 67.33 42.96 -21.53
CA THR C 105 67.94 44.26 -21.30
C THR C 105 66.94 45.34 -20.88
N ASN C 106 65.70 45.25 -21.32
CA ASN C 106 64.62 46.19 -21.01
C ASN C 106 63.95 45.98 -19.64
N GLN C 107 64.37 44.95 -18.92
CA GLN C 107 63.81 44.56 -17.62
C GLN C 107 63.60 45.68 -16.59
N GLN C 108 64.66 46.43 -16.24
CA GLN C 108 64.56 47.44 -15.19
C GLN C 108 63.67 48.64 -15.50
N LEU C 109 63.61 49.10 -16.74
CA LEU C 109 62.73 50.24 -17.04
C LEU C 109 61.27 49.87 -16.81
N ALA C 110 60.85 48.69 -17.25
CA ALA C 110 59.48 48.23 -17.02
C ALA C 110 59.22 48.08 -15.52
N HIS C 111 60.15 47.42 -14.82
CA HIS C 111 60.08 47.24 -13.38
C HIS C 111 59.95 48.59 -12.66
N LEU C 112 60.72 49.58 -13.10
CA LEU C 112 60.69 50.93 -12.54
C LEU C 112 59.40 51.64 -12.89
N THR C 113 58.88 51.41 -14.09
CA THR C 113 57.63 52.03 -14.53
C THR C 113 56.43 51.50 -13.75
N GLY C 114 56.52 50.30 -13.19
CA GLY C 114 55.46 49.70 -12.39
C GLY C 114 54.87 48.41 -12.93
N MET C 115 55.39 47.91 -14.04
CA MET C 115 54.95 46.69 -14.69
C MET C 115 55.48 45.49 -13.91
N ASP C 116 54.77 44.36 -14.04
CA ASP C 116 55.20 43.12 -13.40
C ASP C 116 56.00 42.31 -14.42
N VAL C 117 57.15 41.78 -13.97
CA VAL C 117 58.10 41.08 -14.83
C VAL C 117 58.49 39.72 -14.27
N TYR C 118 58.52 38.71 -15.14
CA TYR C 118 58.85 37.33 -14.84
C TYR C 118 60.10 36.91 -15.61
N ALA C 119 61.16 36.51 -14.91
CA ALA C 119 62.42 36.20 -15.57
C ALA C 119 63.05 34.83 -15.29
N THR C 120 62.93 34.29 -14.07
CA THR C 120 63.51 32.99 -13.79
C THR C 120 62.66 31.87 -14.39
N THR C 121 63.28 30.69 -14.49
CA THR C 121 62.59 29.52 -15.04
C THR C 121 61.31 29.23 -14.27
N ASN C 122 61.37 29.28 -12.95
CA ASN C 122 60.17 28.98 -12.16
C ASN C 122 59.12 30.06 -12.36
N ASP C 123 59.51 31.31 -12.60
CA ASP C 123 58.56 32.37 -12.88
C ASP C 123 57.89 32.15 -14.23
N LYS C 124 58.69 31.92 -15.26
CA LYS C 124 58.21 31.68 -16.61
C LYS C 124 57.24 30.51 -16.65
N ILE C 125 57.60 29.40 -16.00
CA ILE C 125 56.73 28.23 -15.96
C ILE C 125 55.41 28.56 -15.25
N THR C 126 55.49 29.11 -14.05
CA THR C 126 54.29 29.45 -13.27
C THR C 126 53.41 30.48 -13.97
N PHE C 127 54.01 31.42 -14.68
CA PHE C 127 53.25 32.42 -15.42
C PHE C 127 52.49 31.78 -16.59
N LEU C 128 53.15 30.96 -17.38
CA LEU C 128 52.53 30.30 -18.53
C LEU C 128 51.44 29.34 -18.08
N LEU C 129 51.67 28.61 -17.00
CA LEU C 129 50.70 27.67 -16.42
C LEU C 129 49.39 28.38 -16.06
N LYS C 130 49.45 29.44 -15.28
CA LYS C 130 48.25 30.18 -14.87
C LYS C 130 47.48 30.75 -16.06
N LYS C 131 48.16 31.25 -17.07
CA LYS C 131 47.48 31.79 -18.26
C LYS C 131 46.83 30.68 -19.09
N LEU C 132 47.44 29.51 -19.18
CA LEU C 132 46.87 28.38 -19.92
C LEU C 132 45.65 27.81 -19.20
N VAL C 133 45.68 27.74 -17.88
CA VAL C 133 44.54 27.26 -17.09
C VAL C 133 43.36 28.23 -17.20
N LEU C 134 43.58 29.52 -17.02
CA LEU C 134 42.49 30.50 -17.14
C LEU C 134 41.82 30.41 -18.50
N SER C 135 42.56 30.12 -19.54
CA SER C 135 42.02 29.99 -20.89
C SER C 135 41.09 28.79 -21.04
N ASN C 136 41.29 27.75 -20.22
CA ASN C 136 40.52 26.51 -20.27
C ASN C 136 39.67 26.23 -19.03
N ALA C 137 39.40 27.27 -18.24
CA ALA C 137 38.67 27.18 -16.97
C ALA C 137 37.36 26.38 -17.07
N LYS C 138 36.64 26.51 -18.17
CA LYS C 138 35.40 25.76 -18.37
C LYS C 138 35.60 24.24 -18.33
N GLU C 139 36.79 23.75 -18.61
CA GLU C 139 37.09 22.32 -18.58
C GLU C 139 37.20 21.74 -17.17
N PHE C 140 37.58 22.54 -16.19
CA PHE C 140 37.79 22.11 -14.80
C PHE C 140 36.58 22.16 -13.89
N ILE C 141 35.40 22.59 -14.34
CA ILE C 141 34.22 22.67 -13.49
C ILE C 141 33.06 21.95 -14.17
N GLY C 142 32.68 20.79 -13.60
CA GLY C 142 31.63 19.92 -14.08
C GLY C 142 30.78 19.27 -13.00
N VAL C 143 30.18 18.11 -13.31
CA VAL C 143 29.29 17.42 -12.40
C VAL C 143 30.01 16.97 -11.13
N GLN C 144 31.15 16.33 -11.25
CA GLN C 144 31.86 15.86 -10.07
C GLN C 144 32.46 16.97 -9.23
N GLU C 145 32.79 18.11 -9.82
CA GLU C 145 33.36 19.24 -9.07
C GLU C 145 32.27 20.06 -8.39
N THR C 146 31.14 20.27 -9.07
CA THR C 146 30.00 20.94 -8.46
C THR C 146 29.56 20.22 -7.19
N ARG C 147 29.44 18.91 -7.25
CA ARG C 147 29.09 18.08 -6.11
C ARG C 147 30.12 18.19 -4.98
N TYR C 148 31.36 18.52 -5.30
CA TYR C 148 32.40 18.71 -4.28
C TYR C 148 32.25 20.05 -3.57
N LEU C 149 31.88 21.10 -4.29
CA LEU C 149 31.64 22.42 -3.72
C LEU C 149 30.42 22.43 -2.80
N MET C 150 29.46 21.54 -3.01
CA MET C 150 28.27 21.35 -2.22
C MET C 150 28.47 20.42 -1.03
N ASP C 151 29.48 19.56 -1.05
CA ASP C 151 29.79 18.71 0.09
C ASP C 151 30.56 19.52 1.13
N ILE C 152 31.51 20.31 0.70
CA ILE C 152 32.05 21.41 1.49
C ILE C 152 30.86 22.35 1.42
N MET C 153 30.78 23.40 2.23
CA MET C 153 29.63 24.29 2.12
C MET C 153 28.34 23.67 2.66
N GLU C 154 28.45 22.56 3.38
CA GLU C 154 27.31 21.96 4.09
C GLU C 154 27.70 21.62 5.52
N ARG C 155 28.94 21.83 5.88
CA ARG C 155 29.47 21.70 7.22
C ARG C 155 29.08 22.96 7.99
N LYS C 156 28.63 23.94 7.23
CA LYS C 156 28.12 25.27 7.56
C LYS C 156 27.18 25.53 6.39
N TYR C 157 26.15 26.36 6.53
CA TYR C 157 25.22 26.55 5.41
C TYR C 157 24.44 25.30 4.99
N ASN C 158 24.34 24.32 5.89
CA ASN C 158 23.64 23.05 5.66
C ASN C 158 22.20 23.20 5.17
N GLU C 159 21.42 24.11 5.72
CA GLU C 159 20.03 24.31 5.30
C GLU C 159 19.95 24.97 3.93
N LEU C 160 20.91 25.79 3.58
CA LEU C 160 20.95 26.47 2.29
C LEU C 160 21.11 25.47 1.15
N VAL C 161 21.94 24.45 1.35
CA VAL C 161 22.16 23.37 0.38
C VAL C 161 20.91 22.51 0.21
N LYS C 162 20.30 22.07 1.31
CA LYS C 162 19.05 21.30 1.25
C LYS C 162 17.97 22.03 0.47
N GLU C 163 17.79 23.32 0.72
CA GLU C 163 16.79 24.10 0.00
C GLU C 163 17.15 24.22 -1.48
N LEU C 164 18.43 24.36 -1.81
CA LEU C 164 18.85 24.47 -3.22
C LEU C 164 18.58 23.16 -3.98
N GLN C 165 18.96 22.03 -3.40
CA GLN C 165 18.75 20.71 -4.02
C GLN C 165 17.26 20.43 -4.28
N ARG C 166 16.37 20.93 -3.44
CA ARG C 166 14.94 20.75 -3.65
C ARG C 166 14.38 21.68 -4.71
N GLN C 167 15.02 22.81 -4.97
CA GLN C 167 14.53 23.78 -5.93
C GLN C 167 15.08 23.56 -7.34
N LEU C 168 16.37 23.20 -7.49
CA LEU C 168 17.01 23.00 -8.78
C LEU C 168 17.67 21.64 -8.92
N GLY C 169 17.74 21.15 -10.16
CA GLY C 169 18.44 19.91 -10.45
C GLY C 169 19.94 20.13 -10.58
N LEU C 170 20.71 19.14 -10.13
CA LEU C 170 22.16 19.30 -10.16
C LEU C 170 22.69 19.62 -11.55
N SER C 171 22.13 19.03 -12.59
CA SER C 171 22.58 19.33 -13.94
C SER C 171 22.34 20.77 -14.35
N LYS C 172 21.42 21.46 -13.70
CA LYS C 172 21.10 22.86 -13.96
C LYS C 172 22.05 23.81 -13.22
N ILE C 173 22.50 23.42 -12.04
CA ILE C 173 23.48 24.16 -11.25
C ILE C 173 24.82 24.18 -11.98
N VAL C 174 25.17 23.09 -12.63
CA VAL C 174 26.40 22.95 -13.43
C VAL C 174 26.42 23.91 -14.61
N ASP C 175 25.32 24.06 -15.32
CA ASP C 175 25.27 24.98 -16.46
C ASP C 175 25.40 26.44 -16.01
N ILE C 176 24.83 26.79 -14.88
CA ILE C 176 24.93 28.16 -14.36
C ILE C 176 26.39 28.49 -13.98
N LEU C 177 27.03 27.64 -13.18
CA LEU C 177 28.42 27.89 -12.78
C LEU C 177 29.37 27.93 -13.97
N GLN C 178 29.12 27.15 -15.03
CA GLN C 178 29.98 27.18 -16.21
C GLN C 178 29.89 28.49 -16.98
N ARG C 179 28.72 29.09 -17.09
CA ARG C 179 28.56 30.36 -17.80
C ARG C 179 29.24 31.52 -17.07
N LEU C 180 29.40 31.41 -15.76
CA LEU C 180 30.12 32.43 -14.98
C LEU C 180 31.63 32.35 -15.20
N VAL C 181 32.22 31.17 -15.19
CA VAL C 181 33.67 31.02 -15.39
C VAL C 181 34.04 31.29 -16.84
N GLU C 182 33.11 31.09 -17.78
CA GLU C 182 33.37 31.38 -19.18
C GLU C 182 33.69 32.86 -19.41
N GLU C 183 33.27 33.76 -18.52
CA GLU C 183 33.44 35.20 -18.68
C GLU C 183 34.25 35.80 -17.54
N ASN C 184 35.07 34.97 -16.90
CA ASN C 184 35.97 35.29 -15.78
C ASN C 184 35.32 35.83 -14.51
N VAL C 185 34.01 35.65 -14.33
CA VAL C 185 33.39 36.07 -13.08
C VAL C 185 33.84 35.09 -12.01
N SER C 186 34.10 35.56 -10.80
CA SER C 186 34.53 34.66 -9.74
C SER C 186 33.37 33.98 -9.05
N ILE C 187 33.54 32.69 -8.75
CA ILE C 187 32.55 31.86 -8.06
C ILE C 187 32.98 31.55 -6.63
N ARG C 188 33.79 32.42 -6.03
CA ARG C 188 34.26 32.24 -4.67
C ARG C 188 33.14 32.43 -3.64
N ASP C 189 32.26 33.41 -3.87
CA ASP C 189 31.11 33.70 -3.01
C ASP C 189 29.90 32.87 -3.39
N LEU C 190 29.89 31.63 -2.89
CA LEU C 190 28.81 30.68 -3.18
C LEU C 190 27.48 31.01 -2.50
N ARG C 191 27.45 31.54 -1.27
CA ARG C 191 26.16 31.82 -0.65
C ARG C 191 25.42 32.95 -1.36
N THR C 192 26.10 33.90 -1.96
CA THR C 192 25.41 34.91 -2.73
C THR C 192 24.76 34.29 -3.97
N ILE C 193 25.44 33.35 -4.59
CA ILE C 193 24.94 32.66 -5.77
C ILE C 193 23.78 31.73 -5.42
N PHE C 194 23.93 30.90 -4.39
CA PHE C 194 22.87 29.98 -3.97
C PHE C 194 21.65 30.73 -3.44
N GLU C 195 21.83 31.77 -2.65
CA GLU C 195 20.71 32.57 -2.17
C GLU C 195 19.93 33.21 -3.32
N THR C 196 20.61 33.69 -4.34
CA THR C 196 19.94 34.27 -5.50
C THR C 196 19.18 33.24 -6.31
N LEU C 197 19.68 32.02 -6.44
CA LEU C 197 19.00 30.99 -7.20
C LEU C 197 17.75 30.46 -6.48
N ILE C 198 17.79 30.34 -5.16
CA ILE C 198 16.62 29.91 -4.39
C ILE C 198 15.48 30.91 -4.52
N PHE C 199 15.79 32.19 -4.54
CA PHE C 199 14.78 33.24 -4.68
C PHE C 199 14.07 33.25 -6.04
N TRP C 200 14.79 33.07 -7.15
CA TRP C 200 14.20 33.13 -8.49
C TRP C 200 13.79 31.78 -9.09
N SER C 201 14.17 30.66 -8.49
CA SER C 201 13.87 29.33 -9.03
C SER C 201 12.41 29.07 -9.40
N THR C 202 11.45 29.66 -8.69
CA THR C 202 10.02 29.45 -9.00
C THR C 202 9.46 30.42 -10.02
N LYS C 203 9.97 31.64 -10.05
CA LYS C 203 9.52 32.69 -10.95
C LYS C 203 10.08 32.52 -12.37
N GLU C 204 11.32 32.09 -12.53
CA GLU C 204 11.96 31.91 -13.84
C GLU C 204 12.60 30.55 -13.94
N LYS C 205 12.52 29.97 -15.14
CA LYS C 205 13.05 28.65 -15.45
C LYS C 205 14.11 28.62 -16.54
N ASP C 206 14.29 29.70 -17.30
CA ASP C 206 15.29 29.77 -18.36
C ASP C 206 16.69 29.95 -17.77
N VAL C 207 17.55 28.96 -18.00
CA VAL C 207 18.93 28.95 -17.52
C VAL C 207 19.72 30.14 -18.02
N VAL C 208 19.43 30.62 -19.23
CA VAL C 208 20.12 31.77 -19.80
C VAL C 208 19.70 33.08 -19.11
N ILE C 209 18.54 33.11 -18.48
CA ILE C 209 18.01 34.28 -17.76
C ILE C 209 18.48 34.29 -16.31
N LEU C 210 18.45 33.15 -15.62
CA LEU C 210 18.94 33.06 -14.25
C LEU C 210 20.37 33.55 -14.14
N CYS C 211 21.16 33.32 -15.17
CA CYS C 211 22.55 33.76 -15.25
C CYS C 211 22.70 35.27 -15.03
N GLU C 212 21.81 36.07 -15.61
CA GLU C 212 21.88 37.54 -15.51
C GLU C 212 21.49 38.04 -14.12
N TYR C 213 20.54 37.42 -13.44
CA TYR C 213 20.19 37.82 -12.09
C TYR C 213 21.37 37.58 -11.15
N VAL C 214 22.08 36.46 -11.32
CA VAL C 214 23.26 36.16 -10.51
C VAL C 214 24.36 37.17 -10.79
N ARG C 215 24.47 37.66 -12.02
CA ARG C 215 25.46 38.68 -12.35
C ARG C 215 25.14 40.01 -11.69
N ILE C 216 23.87 40.40 -11.67
CA ILE C 216 23.45 41.66 -11.03
C ILE C 216 23.74 41.61 -9.53
N ALA C 217 23.47 40.48 -8.89
CA ALA C 217 23.72 40.29 -7.47
C ALA C 217 25.21 40.33 -7.12
N LEU C 218 26.11 40.18 -8.08
CA LEU C 218 27.56 40.20 -7.88
C LEU C 218 28.21 41.55 -8.19
N ARG C 219 27.42 42.63 -8.19
CA ARG C 219 27.85 44.00 -8.48
C ARG C 219 29.18 44.44 -7.86
N ARG C 220 29.38 44.18 -6.57
CA ARG C 220 30.62 44.58 -5.88
C ARG C 220 31.87 43.89 -6.43
N HIS C 221 31.75 42.65 -6.88
CA HIS C 221 32.89 41.94 -7.45
C HIS C 221 33.24 42.50 -8.85
N ILE C 222 32.23 42.69 -9.68
CA ILE C 222 32.41 43.18 -11.06
C ILE C 222 32.93 44.61 -11.07
N LEU C 223 32.30 45.52 -10.35
CA LEU C 223 32.79 46.91 -10.32
C LEU C 223 34.17 47.01 -9.68
N GLY C 224 34.45 46.24 -8.65
CA GLY C 224 35.76 46.27 -7.99
C GLY C 224 36.92 45.79 -8.85
N ARG C 225 36.64 45.16 -10.00
CA ARG C 225 37.63 44.66 -10.94
C ARG C 225 37.90 45.60 -12.11
N TYR C 226 36.86 46.13 -12.75
CA TYR C 226 37.02 46.97 -13.93
C TYR C 226 37.12 48.47 -13.65
N SER C 227 36.48 49.00 -12.62
CA SER C 227 36.58 50.42 -12.31
C SER C 227 37.97 50.79 -11.79
N VAL C 228 38.31 52.08 -11.91
CA VAL C 228 39.60 52.58 -11.45
C VAL C 228 39.41 53.28 -10.10
N SER C 229 40.19 52.80 -9.13
CA SER C 229 40.20 53.24 -7.73
C SER C 229 38.79 53.30 -7.15
N GLY C 230 37.89 52.48 -7.68
CA GLY C 230 36.52 52.40 -7.26
C GLY C 230 35.65 53.59 -7.59
N THR C 231 36.17 54.62 -8.25
CA THR C 231 35.40 55.83 -8.52
C THR C 231 34.94 56.03 -9.96
N LEU C 232 35.68 55.56 -10.96
CA LEU C 232 35.31 55.83 -12.35
C LEU C 232 35.46 54.59 -13.22
N LEU C 233 34.54 54.47 -14.20
CA LEU C 233 34.52 53.40 -15.19
C LEU C 233 34.57 53.94 -16.62
N ASN C 234 35.55 53.47 -17.41
CA ASN C 234 35.70 53.86 -18.81
C ASN C 234 34.75 53.06 -19.69
N VAL C 235 34.01 53.71 -20.59
CA VAL C 235 32.95 53.03 -21.34
C VAL C 235 32.83 53.39 -22.83
N TRP C 236 32.40 52.39 -23.60
CA TRP C 236 32.01 52.47 -25.01
C TRP C 236 30.55 52.04 -25.12
N LEU C 237 29.75 52.67 -25.99
CA LEU C 237 28.32 52.34 -26.11
C LEU C 237 27.90 51.83 -27.49
N ILE C 238 26.89 50.95 -27.48
CA ILE C 238 26.34 50.37 -28.72
C ILE C 238 25.34 51.30 -29.44
N GLY C 239 24.57 52.08 -28.71
CA GLY C 239 23.55 52.98 -29.24
C GLY C 239 22.21 52.35 -29.57
N SER C 240 21.16 53.17 -29.48
CA SER C 240 19.77 52.73 -29.66
C SER C 240 19.45 52.08 -31.01
N ASP C 241 20.07 52.57 -32.10
CA ASP C 241 19.80 51.99 -33.42
C ASP C 241 20.29 50.55 -33.54
N ILE C 242 21.54 50.30 -33.22
CA ILE C 242 22.09 48.95 -33.29
C ILE C 242 21.42 48.04 -32.25
N GLU C 243 21.19 48.55 -31.05
CA GLU C 243 20.51 47.76 -30.01
C GLU C 243 19.11 47.35 -30.47
N ASN C 244 18.36 48.28 -31.07
CA ASN C 244 17.02 47.97 -31.56
C ASN C 244 17.07 46.94 -32.70
N GLU C 245 17.97 47.12 -33.64
CA GLU C 245 18.12 46.17 -34.74
C GLU C 245 18.49 44.78 -34.24
N LEU C 246 19.42 44.70 -33.29
CA LEU C 246 19.82 43.42 -32.71
C LEU C 246 18.68 42.79 -31.92
N ARG C 247 17.96 43.58 -31.14
CA ARG C 247 16.83 43.08 -30.35
C ARG C 247 15.77 42.42 -31.23
N GLU C 248 15.51 43.00 -32.39
CA GLU C 248 14.53 42.45 -33.34
C GLU C 248 15.03 41.19 -34.05
N SER C 249 16.33 41.05 -34.28
CA SER C 249 16.94 39.93 -35.00
C SER C 249 16.98 38.59 -34.23
N ILE C 250 16.58 38.53 -32.96
CA ILE C 250 16.63 37.29 -32.17
C ILE C 250 15.68 36.21 -32.67
N ARG C 251 16.17 34.95 -32.64
CA ARG C 251 15.47 33.73 -33.03
C ARG C 251 15.83 32.60 -32.07
N GLN C 252 15.03 31.52 -32.07
CA GLN C 252 15.25 30.39 -31.16
C GLN C 252 14.82 29.03 -31.71
N THR C 253 15.40 27.99 -31.11
CA THR C 253 15.19 26.57 -31.44
C THR C 253 15.52 25.73 -30.20
N SER C 254 15.20 24.43 -30.27
CA SER C 254 15.45 23.52 -29.16
C SER C 254 16.91 23.49 -28.72
N SER C 255 17.82 23.74 -29.65
CA SER C 255 19.24 23.79 -29.31
C SER C 255 19.60 25.09 -28.59
N GLY C 256 18.84 26.16 -28.78
CA GLY C 256 19.13 27.43 -28.16
C GLY C 256 18.61 28.60 -28.98
N SER C 257 19.15 29.77 -28.68
CA SER C 257 18.80 31.03 -29.33
C SER C 257 19.96 31.62 -30.13
N TYR C 258 19.63 32.34 -31.19
CA TYR C 258 20.63 32.91 -32.09
C TYR C 258 20.05 34.14 -32.80
N LEU C 259 20.93 34.85 -33.50
CA LEU C 259 20.59 36.06 -34.24
C LEU C 259 20.53 35.85 -35.76
N ASN C 260 19.47 36.36 -36.38
CA ASN C 260 19.30 36.32 -37.84
C ASN C 260 19.87 37.59 -38.47
N ILE C 261 21.19 37.61 -38.67
CA ILE C 261 21.88 38.75 -39.26
C ILE C 261 22.91 38.24 -40.27
N SER C 262 23.13 39.02 -41.32
CA SER C 262 24.06 38.64 -42.37
C SER C 262 25.53 38.78 -41.93
N PRO C 263 26.42 37.97 -42.52
CA PRO C 263 27.85 38.06 -42.21
C PRO C 263 28.46 39.41 -42.53
N GLU C 264 28.02 40.02 -43.63
CA GLU C 264 28.52 41.33 -44.05
C GLU C 264 28.18 42.41 -43.04
N ARG C 265 26.91 42.48 -42.64
CA ARG C 265 26.50 43.46 -41.63
C ARG C 265 27.20 43.20 -40.31
N THR C 266 27.39 41.93 -39.97
CA THR C 266 28.09 41.54 -38.75
C THR C 266 29.54 42.05 -38.79
N GLU C 267 30.22 41.83 -39.90
CA GLU C 267 31.59 42.29 -40.09
C GLU C 267 31.68 43.82 -40.09
N GLN C 268 30.67 44.49 -40.65
CA GLN C 268 30.61 45.95 -40.66
C GLN C 268 30.47 46.50 -39.23
N ILE C 269 29.56 45.92 -38.46
CA ILE C 269 29.34 46.32 -37.06
C ILE C 269 30.65 46.18 -36.29
N ILE C 270 31.32 45.04 -36.46
CA ILE C 270 32.60 44.76 -35.83
C ILE C 270 33.65 45.76 -36.31
N GLY C 271 33.67 46.04 -37.62
CA GLY C 271 34.61 47.00 -38.18
C GLY C 271 34.47 48.39 -37.59
N PHE C 272 33.25 48.85 -37.33
CA PHE C 272 33.04 50.17 -36.72
C PHE C 272 33.71 50.21 -35.34
N LEU C 273 33.46 49.19 -34.52
CA LEU C 273 34.02 49.08 -33.18
C LEU C 273 35.53 48.97 -33.23
N LYS C 274 36.05 48.15 -34.13
CA LYS C 274 37.49 47.99 -34.33
C LYS C 274 38.17 49.30 -34.67
N ASN C 275 37.50 50.15 -35.43
CA ASN C 275 38.05 51.46 -35.80
C ASN C 275 37.99 52.47 -34.65
N ILE C 276 36.89 52.49 -33.90
CA ILE C 276 36.75 53.43 -32.79
C ILE C 276 37.64 53.08 -31.59
N MET C 277 37.72 51.82 -31.21
CA MET C 277 38.53 51.43 -30.05
C MET C 277 40.03 51.64 -30.24
N ASN C 278 40.67 52.21 -29.18
CA ASN C 278 42.10 52.44 -29.09
C ASN C 278 42.82 51.13 -28.73
N PRO C 279 43.98 50.88 -29.33
CA PRO C 279 44.71 49.63 -29.02
C PRO C 279 45.15 49.49 -27.57
N THR C 280 45.14 50.56 -26.77
CA THR C 280 45.52 50.44 -25.37
C THR C 280 44.48 49.70 -24.53
N GLY C 281 43.22 49.70 -24.95
CA GLY C 281 42.15 49.03 -24.20
C GLY C 281 41.76 49.78 -22.93
N ASN C 282 41.80 49.07 -21.80
CA ASN C 282 41.47 49.66 -20.49
C ASN C 282 40.05 50.23 -20.46
N GLY C 283 39.10 49.60 -21.18
CA GLY C 283 37.72 50.06 -21.22
C GLY C 283 36.73 48.90 -21.24
N VAL C 284 35.43 49.26 -21.26
CA VAL C 284 34.35 48.28 -21.24
C VAL C 284 33.20 48.72 -22.15
N ILE C 285 32.42 47.75 -22.62
CA ILE C 285 31.25 47.99 -23.47
C ILE C 285 29.95 47.77 -22.69
N LEU C 286 29.07 48.78 -22.62
CA LEU C 286 27.77 48.62 -21.95
C LEU C 286 26.66 48.23 -22.92
N THR C 287 25.67 47.47 -22.44
CA THR C 287 24.57 47.01 -23.29
C THR C 287 23.33 46.69 -22.46
N ALA C 288 22.20 46.49 -23.14
CA ALA C 288 20.96 46.07 -22.50
C ALA C 288 21.03 44.57 -22.18
N LEU C 289 20.34 44.15 -21.12
CA LEU C 289 20.37 42.74 -20.73
C LEU C 289 19.91 41.79 -21.83
N ASP C 290 18.90 42.18 -22.60
CA ASP C 290 18.37 41.35 -23.68
C ASP C 290 19.35 40.97 -24.79
N ILE C 291 20.40 41.76 -25.01
CA ILE C 291 21.37 41.52 -26.07
C ILE C 291 22.79 41.18 -25.60
N ARG C 292 23.11 41.42 -24.32
CA ARG C 292 24.46 41.24 -23.79
C ARG C 292 25.13 39.90 -24.16
N ARG C 293 24.47 38.78 -23.92
CA ARG C 293 25.07 37.47 -24.22
C ARG C 293 25.35 37.30 -25.72
N TYR C 294 24.49 37.83 -26.57
CA TYR C 294 24.68 37.76 -28.02
C TYR C 294 25.78 38.71 -28.50
N VAL C 295 25.83 39.92 -27.96
CA VAL C 295 26.88 40.88 -28.32
C VAL C 295 28.26 40.32 -27.96
N LYS C 296 28.39 39.69 -26.80
CA LYS C 296 29.65 39.07 -26.39
C LYS C 296 30.05 37.95 -27.36
N LYS C 297 29.15 37.02 -27.61
CA LYS C 297 29.41 35.89 -28.52
C LYS C 297 29.68 36.36 -29.95
N MET C 298 29.11 37.50 -30.34
CA MET C 298 29.34 38.05 -31.67
C MET C 298 30.73 38.67 -31.78
N ILE C 299 31.12 39.51 -30.83
CA ILE C 299 32.44 40.15 -30.83
C ILE C 299 33.57 39.15 -30.59
N GLU C 300 33.30 38.09 -29.85
CA GLU C 300 34.28 37.06 -29.55
C GLU C 300 35.07 36.63 -30.78
N GLY C 301 36.40 36.51 -30.59
CA GLY C 301 37.36 36.17 -31.61
C GLY C 301 38.01 37.35 -32.30
N SER C 302 37.38 38.51 -32.31
CA SER C 302 37.98 39.71 -32.87
C SER C 302 38.26 40.62 -31.67
N PHE C 303 39.52 41.02 -31.49
CA PHE C 303 39.94 41.80 -30.33
C PHE C 303 39.34 41.26 -29.02
N PRO C 304 39.55 39.98 -28.73
CA PRO C 304 39.01 39.31 -27.54
C PRO C 304 39.58 39.83 -26.23
N SER C 305 39.03 39.31 -25.14
CA SER C 305 39.38 39.68 -23.76
C SER C 305 38.96 41.11 -23.39
N VAL C 306 37.90 41.59 -24.00
CA VAL C 306 37.31 42.89 -23.75
C VAL C 306 35.98 42.65 -23.04
N PRO C 307 35.80 43.12 -21.80
CA PRO C 307 34.55 42.88 -21.08
C PRO C 307 33.34 43.64 -21.62
N VAL C 308 32.19 42.96 -21.55
CA VAL C 308 30.89 43.50 -21.92
C VAL C 308 29.99 43.45 -20.69
N LEU C 309 29.52 44.61 -20.22
CA LEU C 309 28.65 44.71 -19.05
C LEU C 309 27.25 45.19 -19.46
N SER C 310 26.41 45.52 -18.48
CA SER C 310 25.07 46.01 -18.75
C SER C 310 24.65 47.09 -17.76
N PHE C 311 23.66 47.88 -18.18
CA PHE C 311 23.11 48.99 -17.41
C PHE C 311 22.43 48.59 -16.12
N GLN C 312 22.09 47.32 -15.94
CA GLN C 312 21.49 46.82 -14.71
C GLN C 312 22.57 46.27 -13.78
N GLU C 313 23.58 45.63 -14.34
CA GLU C 313 24.68 45.14 -13.53
C GLU C 313 25.49 46.32 -12.99
N VAL C 314 25.72 47.32 -13.81
CA VAL C 314 26.41 48.52 -13.35
C VAL C 314 25.36 49.43 -12.71
N GLY C 315 25.65 49.91 -11.51
CA GLY C 315 24.74 50.77 -10.79
C GLY C 315 24.80 52.24 -11.19
N ASN C 316 23.83 53.00 -10.67
CA ASN C 316 23.75 54.44 -10.88
C ASN C 316 24.67 55.21 -9.96
N ASN C 317 25.23 54.55 -8.96
CA ASN C 317 26.11 55.20 -7.99
C ASN C 317 27.46 55.61 -8.56
N ILE C 318 28.01 54.84 -9.49
CA ILE C 318 29.32 55.10 -10.08
C ILE C 318 29.27 56.08 -11.24
N GLU C 319 30.41 56.75 -11.49
CA GLU C 319 30.59 57.69 -12.60
C GLU C 319 31.09 56.99 -13.86
N LEU C 320 30.52 57.36 -15.00
CA LEU C 320 30.87 56.82 -16.31
C LEU C 320 31.56 57.84 -17.22
N LYS C 321 32.71 57.45 -17.79
CA LYS C 321 33.46 58.27 -18.74
C LYS C 321 33.34 57.58 -20.11
N VAL C 322 32.75 58.27 -21.08
CA VAL C 322 32.53 57.71 -22.41
C VAL C 322 33.68 58.00 -23.36
N LEU C 323 34.19 56.95 -24.00
CA LEU C 323 35.31 57.01 -24.93
C LEU C 323 34.91 56.73 -26.38
N GLY C 324 33.62 56.65 -26.68
CA GLY C 324 33.16 56.43 -28.04
C GLY C 324 31.85 55.67 -28.10
N THR C 325 31.21 55.71 -29.27
CA THR C 325 29.92 55.04 -29.47
C THR C 325 29.76 54.53 -30.89
N VAL C 326 29.31 53.29 -31.06
CA VAL C 326 29.06 52.76 -32.41
C VAL C 326 27.62 53.04 -32.77
N ASN D 1 43.80 23.61 3.66
CA ASN D 1 42.68 23.10 2.88
C ASN D 1 41.69 24.22 2.47
N ILE D 2 40.58 23.84 1.83
CA ILE D 2 39.58 24.78 1.35
C ILE D 2 38.55 25.13 2.42
N SER D 3 38.29 26.44 2.60
CA SER D 3 37.29 26.91 3.55
C SER D 3 35.88 26.89 2.95
N PRO D 4 34.83 26.83 3.80
CA PRO D 4 33.47 26.76 3.28
C PRO D 4 33.10 27.79 2.21
N GLY D 5 33.45 29.05 2.43
CA GLY D 5 33.15 30.08 1.45
C GLY D 5 33.87 31.36 1.82
N ALA D 6 33.59 32.42 1.06
CA ALA D 6 34.20 33.70 1.37
C ALA D 6 33.93 34.13 2.80
N GLU D 7 34.97 34.54 3.51
CA GLU D 7 34.82 34.96 4.90
C GLU D 7 33.87 36.16 5.01
N PRO D 8 32.90 36.14 5.94
CA PRO D 8 31.92 37.22 5.97
C PRO D 8 32.42 38.62 6.29
N LEU D 9 33.30 38.81 7.27
CA LEU D 9 33.80 40.14 7.65
C LEU D 9 35.26 40.12 8.05
N ILE D 10 36.07 40.98 7.42
CA ILE D 10 37.49 41.14 7.73
C ILE D 10 37.83 42.61 7.82
N LEU D 11 38.58 42.97 8.87
CA LEU D 11 39.06 44.33 9.13
C LEU D 11 40.58 44.36 9.05
N ASN D 12 41.13 45.15 8.14
CA ASN D 12 42.58 45.30 7.97
C ASN D 12 43.04 46.63 8.57
N LEU D 13 43.89 46.55 9.59
CA LEU D 13 44.42 47.71 10.30
C LEU D 13 45.92 47.86 10.15
N SER D 14 46.37 49.04 9.73
CA SER D 14 47.80 49.31 9.70
C SER D 14 48.34 49.21 11.12
N SER D 15 49.50 48.58 11.28
CA SER D 15 50.04 48.27 12.61
C SER D 15 50.33 49.50 13.47
N ASN D 16 50.30 50.70 12.90
CA ASN D 16 50.45 51.92 13.70
C ASN D 16 49.23 52.12 14.60
N ILE D 17 48.04 51.91 14.04
CA ILE D 17 46.76 52.06 14.72
C ILE D 17 46.36 50.82 15.55
N TYR D 18 46.79 49.63 15.14
CA TYR D 18 46.43 48.39 15.83
C TYR D 18 46.78 48.38 17.32
N SER D 19 45.97 47.63 18.08
CA SER D 19 46.11 47.44 19.52
C SER D 19 45.57 46.06 19.89
N SER D 20 46.03 45.55 21.03
CA SER D 20 45.61 44.24 21.54
C SER D 20 44.23 44.19 22.22
N ASP D 21 43.64 45.33 22.56
CA ASP D 21 42.35 45.42 23.24
C ASP D 21 41.12 45.54 22.34
N ILE D 22 41.29 45.86 21.06
CA ILE D 22 40.18 46.10 20.15
C ILE D 22 39.30 44.87 19.92
N THR D 23 39.86 43.66 19.95
CA THR D 23 39.04 42.46 19.76
C THR D 23 37.92 42.38 20.81
N GLN D 24 38.26 42.54 22.08
CA GLN D 24 37.28 42.51 23.17
C GLN D 24 36.23 43.61 23.02
N GLN D 25 36.63 44.81 22.59
CA GLN D 25 35.67 45.90 22.39
C GLN D 25 34.75 45.61 21.21
N ILE D 26 35.25 44.99 20.16
CA ILE D 26 34.43 44.59 19.01
C ILE D 26 33.42 43.52 19.42
N GLU D 27 33.85 42.55 20.22
CA GLU D 27 32.94 41.52 20.72
C GLU D 27 31.82 42.12 21.57
N VAL D 28 32.07 43.24 22.20
CA VAL D 28 31.06 43.96 22.99
C VAL D 28 30.08 44.67 22.05
N MET D 29 30.55 45.17 20.90
CA MET D 29 29.68 45.83 19.93
C MET D 29 28.67 44.86 19.33
N ARG D 30 29.04 43.60 19.14
CA ARG D 30 28.14 42.58 18.60
C ARG D 30 26.90 42.41 19.49
N TRP D 31 27.08 42.39 20.80
CA TRP D 31 25.94 42.30 21.72
C TRP D 31 25.04 43.52 21.60
N ASN D 32 25.59 44.71 21.61
CA ASN D 32 24.76 45.92 21.48
C ASN D 32 24.00 45.92 20.18
N PHE D 33 24.59 45.41 19.11
CA PHE D 33 23.91 45.34 17.82
C PHE D 33 22.78 44.31 17.86
N PHE D 34 22.99 43.17 18.49
CA PHE D 34 21.95 42.15 18.59
C PHE D 34 20.76 42.61 19.44
N GLU D 35 21.02 43.23 20.58
CA GLU D 35 19.90 43.69 21.40
C GLU D 35 19.08 44.78 20.71
N GLU D 36 19.71 45.65 19.94
CA GLU D 36 18.94 46.70 19.28
C GLU D 36 18.30 46.23 17.98
N SER D 37 19.00 45.42 17.18
CA SER D 37 18.48 44.96 15.90
C SER D 37 17.86 43.58 15.94
N GLY D 38 18.34 42.69 16.79
CA GLY D 38 17.88 41.33 16.76
C GLY D 38 18.45 40.50 15.64
N ILE D 39 19.57 40.93 15.07
CA ILE D 39 20.26 40.28 13.96
C ILE D 39 21.57 39.74 14.51
N PRO D 40 21.83 38.44 14.45
CA PRO D 40 23.08 37.93 15.00
C PRO D 40 24.23 37.94 14.00
N LEU D 41 25.17 38.88 14.17
CA LEU D 41 26.33 39.00 13.29
C LEU D 41 27.35 37.87 13.44
N PRO D 42 28.02 37.49 12.34
CA PRO D 42 29.07 36.48 12.41
C PRO D 42 30.32 37.02 13.12
N LYS D 43 31.27 36.12 13.42
CA LYS D 43 32.51 36.55 14.06
C LYS D 43 33.36 37.44 13.16
N ILE D 44 33.85 38.55 13.69
CA ILE D 44 34.69 39.49 12.94
C ILE D 44 36.18 39.12 13.06
N ILE D 45 36.89 39.14 11.93
CA ILE D 45 38.32 38.83 11.86
C ILE D 45 39.10 40.14 11.69
N VAL D 46 40.06 40.41 12.57
CA VAL D 46 40.88 41.62 12.49
C VAL D 46 42.34 41.25 12.21
N ASN D 47 42.90 41.77 11.09
CA ASN D 47 44.27 41.51 10.63
C ASN D 47 45.17 42.74 10.76
N PRO D 48 46.32 42.63 11.45
CA PRO D 48 47.27 43.74 11.48
C PRO D 48 48.12 43.75 10.21
N VAL D 49 48.28 44.92 9.61
CA VAL D 49 49.06 45.10 8.38
C VAL D 49 50.35 45.83 8.78
N LYS D 50 51.49 45.23 8.44
CA LYS D 50 52.81 45.75 8.83
C LYS D 50 53.27 46.95 7.98
N ASN D 51 52.47 48.00 8.08
CA ASN D 51 52.67 49.29 7.43
C ASN D 51 52.27 50.33 8.47
N ASN D 52 52.82 51.53 8.38
CA ASN D 52 52.51 52.58 9.33
C ASN D 52 51.78 53.77 8.69
N ASP D 53 51.02 53.51 7.63
CA ASP D 53 50.29 54.56 6.92
C ASP D 53 48.99 54.99 7.61
N SER D 54 48.69 54.47 8.81
CA SER D 54 47.46 54.80 9.55
C SER D 54 46.16 54.50 8.78
N ALA D 55 46.21 53.65 7.76
CA ALA D 55 45.06 53.24 6.96
C ALA D 55 44.26 52.09 7.59
N ILE D 56 42.97 52.01 7.21
CA ILE D 56 42.05 50.95 7.63
C ILE D 56 41.20 50.54 6.44
N GLU D 57 40.71 49.30 6.47
CA GLU D 57 39.82 48.78 5.43
C GLU D 57 38.86 47.72 5.94
N PHE D 58 37.61 47.76 5.46
CA PHE D 58 36.56 46.79 5.77
C PHE D 58 36.21 45.98 4.53
N LEU D 59 36.24 44.66 4.65
CA LEU D 59 35.88 43.74 3.58
C LEU D 59 34.61 42.96 3.90
N LEU D 60 33.63 43.01 3.00
CA LEU D 60 32.38 42.27 3.14
C LEU D 60 32.40 41.14 2.11
N TYR D 61 32.42 39.91 2.59
CA TYR D 61 32.53 38.73 1.72
C TYR D 61 33.70 38.90 0.76
N GLN D 62 34.82 39.33 1.32
CA GLN D 62 36.11 39.58 0.67
C GLN D 62 36.11 40.66 -0.42
N GLU D 63 35.13 41.55 -0.47
CA GLU D 63 35.14 42.67 -1.39
C GLU D 63 35.23 43.93 -0.54
N SER D 64 36.05 44.90 -0.94
CA SER D 64 36.21 46.10 -0.14
C SER D 64 34.99 47.01 -0.16
N ILE D 65 34.50 47.35 1.03
CA ILE D 65 33.32 48.19 1.21
C ILE D 65 33.69 49.62 1.67
N TYR D 66 34.81 49.76 2.38
CA TYR D 66 35.28 51.07 2.83
C TYR D 66 36.77 51.02 3.12
N LYS D 67 37.49 52.08 2.74
CA LYS D 67 38.93 52.21 2.95
C LYS D 67 39.29 53.67 3.23
N ASP D 68 40.02 53.92 4.32
CA ASP D 68 40.36 55.29 4.67
C ASP D 68 41.49 55.33 5.70
N THR D 69 42.01 56.55 5.94
CA THR D 69 43.07 56.83 6.90
C THR D 69 42.58 57.62 8.11
N LEU D 70 42.93 57.14 9.30
CA LEU D 70 42.60 57.80 10.55
C LEU D 70 43.60 58.91 10.90
N ILE D 71 43.08 60.05 11.37
CA ILE D 71 43.87 61.21 11.78
C ILE D 71 43.39 61.68 13.15
N ASP D 72 44.30 62.29 13.90
CA ASP D 72 44.06 62.80 15.25
C ASP D 72 43.44 64.20 15.29
N ASP D 73 43.53 64.96 14.21
CA ASP D 73 43.02 66.33 14.15
C ASP D 73 41.50 66.44 14.04
N THR D 74 40.76 65.34 13.87
CA THR D 74 39.32 65.41 13.69
C THR D 74 38.60 64.42 14.61
N VAL D 75 37.29 64.67 14.78
CA VAL D 75 36.43 63.89 15.66
C VAL D 75 35.03 63.76 15.03
N TYR D 76 34.41 62.58 15.22
CA TYR D 76 33.08 62.25 14.73
C TYR D 76 32.04 62.51 15.83
N PHE D 77 30.83 62.93 15.45
CA PHE D 77 29.77 63.18 16.40
C PHE D 77 28.38 62.80 15.87
N GLU D 78 27.44 62.62 16.81
CA GLU D 78 26.03 62.32 16.57
C GLU D 78 25.14 63.25 17.39
N ALA D 79 24.03 63.70 16.79
CA ALA D 79 23.08 64.59 17.45
C ALA D 79 21.64 64.09 17.32
N GLY D 80 20.92 64.13 18.43
CA GLY D 80 19.53 63.74 18.49
C GLY D 80 18.57 64.85 18.13
N HIS D 81 17.54 65.07 18.96
CA HIS D 81 16.57 66.13 18.74
C HIS D 81 17.14 67.53 18.97
N ALA D 82 18.40 67.62 19.39
CA ALA D 82 19.09 68.89 19.66
C ALA D 82 19.26 69.74 18.40
N GLU D 83 19.52 71.04 18.64
CA GLU D 83 19.73 72.05 17.60
C GLU D 83 21.08 71.92 16.90
N ILE D 84 21.14 72.48 15.69
CA ILE D 84 22.33 72.47 14.84
C ILE D 84 23.45 73.34 15.43
N SER D 85 24.69 72.84 15.32
CA SER D 85 25.88 73.54 15.80
C SER D 85 26.86 73.80 14.65
N PHE D 86 27.56 74.92 14.74
CA PHE D 86 28.50 75.40 13.71
C PHE D 86 29.71 74.51 13.42
N GLU D 87 30.21 74.68 12.17
CA GLU D 87 31.38 74.03 11.56
C GLU D 87 31.30 72.51 11.35
N PHE D 88 30.11 71.95 11.17
CA PHE D 88 29.99 70.52 10.91
C PHE D 88 30.31 70.19 9.45
N VAL D 89 30.92 69.02 9.23
CA VAL D 89 31.26 68.53 7.89
C VAL D 89 30.58 67.19 7.64
N GLN D 90 29.72 67.13 6.62
CA GLN D 90 29.04 65.91 6.22
C GLN D 90 29.86 65.13 5.20
N GLU D 91 29.95 63.81 5.40
CA GLU D 91 30.64 62.93 4.46
C GLU D 91 29.87 61.64 4.29
N LYS D 92 29.70 61.21 3.04
CA LYS D 92 28.99 59.96 2.74
C LYS D 92 29.84 58.75 3.06
N LEU D 93 29.20 57.73 3.61
CA LEU D 93 29.82 56.48 4.00
C LEU D 93 29.33 55.33 3.13
N SER D 94 28.15 55.47 2.53
CA SER D 94 27.59 54.49 1.61
C SER D 94 26.56 55.24 0.78
N THR D 95 25.98 54.55 -0.20
CA THR D 95 24.94 55.16 -1.02
C THR D 95 23.75 55.63 -0.21
N ASN D 96 23.55 55.09 1.00
CA ASN D 96 22.41 55.42 1.84
C ASN D 96 22.78 55.82 3.28
N SER D 97 24.03 56.18 3.56
CA SER D 97 24.40 56.63 4.90
C SER D 97 25.45 57.73 4.87
N ILE D 98 25.33 58.67 5.81
CA ILE D 98 26.21 59.83 5.95
C ILE D 98 26.60 60.00 7.41
N VAL D 99 27.85 60.44 7.65
CA VAL D 99 28.41 60.71 8.96
C VAL D 99 28.91 62.16 9.05
N TYR D 100 28.91 62.71 10.26
CA TYR D 100 29.34 64.07 10.56
C TYR D 100 30.72 64.14 11.23
N LYS D 101 31.60 64.96 10.65
CA LYS D 101 32.98 65.18 11.09
C LYS D 101 33.22 66.62 11.54
N THR D 102 34.16 66.80 12.47
CA THR D 102 34.52 68.12 13.00
C THR D 102 35.95 68.14 13.49
N ASN D 103 36.53 69.35 13.56
CA ASN D 103 37.86 69.52 14.11
C ASN D 103 37.82 69.31 15.63
N LYS D 104 38.86 68.68 16.16
CA LYS D 104 38.91 68.36 17.59
C LYS D 104 38.69 69.56 18.53
N THR D 105 39.00 70.79 18.08
CA THR D 105 38.77 71.98 18.91
C THR D 105 37.32 72.18 19.30
N ASN D 106 36.39 71.68 18.48
CA ASN D 106 34.95 71.78 18.69
C ASN D 106 34.37 70.71 19.62
N GLN D 107 35.20 69.76 20.05
CA GLN D 107 34.80 68.63 20.89
C GLN D 107 33.96 68.98 22.13
N GLN D 108 34.47 69.84 23.01
CA GLN D 108 33.77 70.15 24.26
C GLN D 108 32.45 70.92 24.07
N LEU D 109 32.34 71.78 23.06
CA LEU D 109 31.07 72.48 22.84
C LEU D 109 29.97 71.49 22.48
N ALA D 110 30.26 70.55 21.58
CA ALA D 110 29.29 69.52 21.21
C ALA D 110 28.96 68.66 22.43
N HIS D 111 29.98 68.22 23.15
CA HIS D 111 29.81 67.42 24.36
C HIS D 111 28.93 68.15 25.38
N LEU D 112 29.17 69.45 25.55
CA LEU D 112 28.39 70.28 26.46
C LEU D 112 26.97 70.49 25.95
N THR D 113 26.80 70.61 24.63
CA THR D 113 25.48 70.79 24.04
C THR D 113 24.61 69.54 24.21
N GLY D 114 25.22 68.37 24.36
CA GLY D 114 24.51 67.11 24.54
C GLY D 114 24.72 66.08 23.45
N MET D 115 25.55 66.38 22.47
CA MET D 115 25.86 65.51 21.36
C MET D 115 26.81 64.40 21.81
N ASP D 116 26.77 63.28 21.10
CA ASP D 116 27.66 62.15 21.38
C ASP D 116 28.88 62.29 20.47
N VAL D 117 30.07 62.12 21.04
CA VAL D 117 31.33 62.34 20.35
C VAL D 117 32.28 61.15 20.50
N TYR D 118 32.91 60.77 19.39
CA TYR D 118 33.85 59.65 19.28
C TYR D 118 35.22 60.17 18.86
N ALA D 119 36.25 59.94 19.68
CA ALA D 119 37.57 60.50 19.41
C ALA D 119 38.76 59.53 19.39
N THR D 120 38.77 58.49 20.23
CA THR D 120 39.90 57.56 20.21
C THR D 120 39.80 56.62 19.01
N THR D 121 40.93 55.97 18.71
CA THR D 121 40.98 55.04 17.59
C THR D 121 39.93 53.95 17.74
N ASN D 122 39.80 53.38 18.93
CA ASN D 122 38.81 52.31 19.13
C ASN D 122 37.40 52.85 18.97
N ASP D 123 37.16 54.10 19.34
CA ASP D 123 35.84 54.71 19.14
C ASP D 123 35.55 54.88 17.66
N LYS D 124 36.49 55.48 16.94
CA LYS D 124 36.36 55.73 15.51
C LYS D 124 36.13 54.42 14.75
N ILE D 125 36.90 53.39 15.05
CA ILE D 125 36.73 52.09 14.41
C ILE D 125 35.36 51.51 14.71
N THR D 126 34.99 51.42 15.98
CA THR D 126 33.70 50.85 16.38
C THR D 126 32.52 51.65 15.84
N PHE D 127 32.65 52.98 15.74
CA PHE D 127 31.58 53.81 15.20
C PHE D 127 31.39 53.55 13.70
N LEU D 128 32.47 53.52 12.95
CA LEU D 128 32.41 53.27 11.50
C LEU D 128 31.88 51.87 11.20
N LEU D 129 32.31 50.89 11.98
CA LEU D 129 31.86 49.51 11.84
C LEU D 129 30.34 49.38 11.98
N LYS D 130 29.76 49.89 13.06
CA LYS D 130 28.31 49.82 13.29
C LYS D 130 27.52 50.52 12.19
N LYS D 131 27.98 51.66 11.70
CA LYS D 131 27.27 52.37 10.63
C LYS D 131 27.36 51.63 9.29
N LEU D 132 28.48 50.98 9.02
CA LEU D 132 28.64 50.21 7.78
C LEU D 132 27.79 48.93 7.80
N VAL D 133 27.69 48.28 8.96
CA VAL D 133 26.85 47.09 9.12
C VAL D 133 25.37 47.44 8.97
N LEU D 134 24.89 48.46 9.65
CA LEU D 134 23.49 48.87 9.53
C LEU D 134 23.12 49.15 8.07
N SER D 135 24.04 49.70 7.30
CA SER D 135 23.79 50.02 5.90
C SER D 135 23.62 48.76 5.05
N ASN D 136 24.19 47.63 5.47
CA ASN D 136 24.16 46.36 4.74
C ASN D 136 23.41 45.24 5.47
N ALA D 137 22.56 45.60 6.43
CA ALA D 137 21.82 44.66 7.28
C ALA D 137 21.12 43.55 6.50
N LYS D 138 20.57 43.86 5.33
CA LYS D 138 19.91 42.87 4.49
C LYS D 138 20.81 41.72 4.06
N GLU D 139 22.12 41.94 4.02
CA GLU D 139 23.09 40.90 3.65
C GLU D 139 23.31 39.84 4.72
N PHE D 140 23.12 40.17 5.98
CA PHE D 140 23.34 39.28 7.12
C PHE D 140 22.16 38.42 7.56
N ILE D 141 21.00 38.50 6.91
CA ILE D 141 19.83 37.71 7.29
C ILE D 141 19.28 36.99 6.06
N GLY D 142 19.47 35.67 6.03
CA GLY D 142 19.05 34.78 4.96
C GLY D 142 18.51 33.42 5.39
N VAL D 143 18.61 32.42 4.52
CA VAL D 143 18.06 31.08 4.78
C VAL D 143 18.74 30.41 5.98
N GLN D 144 20.04 30.42 6.04
CA GLN D 144 20.74 29.76 7.15
C GLN D 144 20.59 30.50 8.48
N GLU D 145 20.41 31.81 8.47
CA GLU D 145 20.24 32.57 9.70
C GLU D 145 18.81 32.48 10.21
N THR D 146 17.83 32.53 9.33
CA THR D 146 16.43 32.33 9.71
C THR D 146 16.26 30.99 10.41
N ARG D 147 16.82 29.94 9.86
CA ARG D 147 16.80 28.61 10.45
C ARG D 147 17.48 28.59 11.81
N TYR D 148 18.41 29.48 12.07
CA TYR D 148 19.09 29.57 13.36
C TYR D 148 18.21 30.24 14.42
N LEU D 149 17.46 31.27 14.04
CA LEU D 149 16.53 31.96 14.92
C LEU D 149 15.37 31.05 15.33
N MET D 150 15.01 30.08 14.52
CA MET D 150 13.98 29.09 14.76
C MET D 150 14.48 27.87 15.54
N ASP D 151 15.78 27.59 15.54
CA ASP D 151 16.32 26.49 16.34
C ASP D 151 16.45 26.96 17.78
N ILE D 152 16.94 28.16 17.99
CA ILE D 152 16.76 28.87 19.25
C ILE D 152 15.28 29.18 19.14
N MET D 153 14.60 29.61 20.20
CA MET D 153 13.18 29.94 20.04
C MET D 153 12.32 28.69 19.89
N GLU D 154 12.86 27.51 20.18
CA GLU D 154 12.09 26.27 20.23
C GLU D 154 12.42 25.48 21.49
N ARG D 155 13.34 25.97 22.28
CA ARG D 155 13.69 25.46 23.60
C ARG D 155 12.64 25.95 24.58
N LYS D 156 11.85 26.91 24.10
CA LYS D 156 10.72 27.62 24.68
C LYS D 156 9.92 27.99 23.44
N TYR D 157 8.60 28.19 23.54
CA TYR D 157 7.86 28.50 22.31
C TYR D 157 7.86 27.39 21.26
N ASN D 158 8.13 26.15 21.67
CA ASN D 158 8.20 24.98 20.79
C ASN D 158 6.95 24.76 19.94
N GLU D 159 5.77 24.94 20.49
CA GLU D 159 4.52 24.74 19.73
C GLU D 159 4.29 25.87 18.72
N LEU D 160 4.75 27.06 19.03
CA LEU D 160 4.62 28.22 18.15
C LEU D 160 5.39 28.01 16.86
N VAL D 161 6.58 27.44 16.94
CA VAL D 161 7.44 27.14 15.79
C VAL D 161 6.81 26.04 14.92
N LYS D 162 6.36 24.94 15.53
CA LYS D 162 5.68 23.87 14.79
C LYS D 162 4.48 24.39 14.01
N GLU D 163 3.66 25.21 14.61
CA GLU D 163 2.51 25.77 13.92
C GLU D 163 2.93 26.69 12.79
N LEU D 164 3.99 27.47 12.96
CA LEU D 164 4.47 28.36 11.90
C LEU D 164 4.99 27.58 10.70
N GLN D 165 5.79 26.55 10.93
CA GLN D 165 6.33 25.71 9.85
C GLN D 165 5.25 25.02 9.04
N ARG D 166 4.13 24.67 9.66
CA ARG D 166 3.00 24.07 8.95
C ARG D 166 2.19 25.08 8.16
N GLN D 167 2.19 26.34 8.55
CA GLN D 167 1.41 27.37 7.90
C GLN D 167 2.16 28.08 6.77
N LEU D 168 3.45 28.36 6.93
CA LEU D 168 4.26 29.05 5.93
C LEU D 168 5.52 28.29 5.55
N GLY D 169 5.97 28.51 4.31
CA GLY D 169 7.22 27.92 3.85
C GLY D 169 8.43 28.73 4.30
N LEU D 170 9.52 28.04 4.61
CA LEU D 170 10.71 28.74 5.10
C LEU D 170 11.17 29.83 4.15
N SER D 171 11.10 29.62 2.85
CA SER D 171 11.52 30.66 1.91
C SER D 171 10.64 31.91 1.97
N LYS D 172 9.42 31.78 2.48
CA LYS D 172 8.49 32.89 2.64
C LYS D 172 8.75 33.68 3.91
N ILE D 173 9.18 33.00 4.96
CA ILE D 173 9.55 33.61 6.24
C ILE D 173 10.77 34.50 6.05
N VAL D 174 11.71 34.07 5.21
CA VAL D 174 12.93 34.82 4.87
C VAL D 174 12.62 36.14 4.19
N ASP D 175 11.68 36.17 3.25
CA ASP D 175 11.33 37.41 2.58
C ASP D 175 10.67 38.42 3.50
N ILE D 176 9.86 37.96 4.44
CA ILE D 176 9.22 38.84 5.41
C ILE D 176 10.26 39.48 6.35
N LEU D 177 11.14 38.70 6.95
CA LEU D 177 12.16 39.24 7.84
C LEU D 177 13.11 40.20 7.12
N GLN D 178 13.40 39.99 5.85
CA GLN D 178 14.27 40.90 5.10
C GLN D 178 13.63 42.26 4.84
N ARG D 179 12.34 42.32 4.57
CA ARG D 179 11.66 43.59 4.34
C ARG D 179 11.60 44.44 5.61
N LEU D 180 11.61 43.82 6.79
CA LEU D 180 11.63 44.54 8.06
C LEU D 180 12.99 45.17 8.33
N VAL D 181 14.09 44.45 8.12
CA VAL D 181 15.43 45.01 8.36
C VAL D 181 15.80 46.05 7.31
N GLU D 182 15.24 45.96 6.11
CA GLU D 182 15.48 46.95 5.07
C GLU D 182 15.05 48.34 5.49
N GLU D 183 14.12 48.48 6.44
CA GLU D 183 13.56 49.75 6.86
C GLU D 183 13.81 50.02 8.34
N ASN D 184 14.86 49.39 8.89
CA ASN D 184 15.33 49.49 10.27
C ASN D 184 14.35 49.06 11.35
N VAL D 185 13.29 48.33 11.04
CA VAL D 185 12.41 47.83 12.08
C VAL D 185 13.16 46.72 12.82
N SER D 186 13.00 46.64 14.13
CA SER D 186 13.68 45.61 14.89
C SER D 186 12.94 44.28 14.88
N ILE D 187 13.68 43.19 14.74
CA ILE D 187 13.15 41.83 14.74
C ILE D 187 13.51 41.08 16.01
N ARG D 188 13.71 41.81 17.10
CA ARG D 188 14.03 41.22 18.39
C ARG D 188 12.86 40.47 19.00
N ASP D 189 11.65 41.02 18.86
CA ASP D 189 10.40 40.41 19.36
C ASP D 189 9.81 39.45 18.33
N LEU D 190 10.35 38.24 18.32
CA LEU D 190 9.94 37.19 17.38
C LEU D 190 8.55 36.61 17.65
N ARG D 191 8.12 36.43 18.91
CA ARG D 191 6.79 35.86 19.12
C ARG D 191 5.67 36.78 18.65
N THR D 192 5.87 38.08 18.69
CA THR D 192 4.85 38.97 18.15
C THR D 192 4.76 38.80 16.63
N ILE D 193 5.89 38.61 15.98
CA ILE D 193 5.96 38.43 14.53
C ILE D 193 5.37 37.06 14.14
N PHE D 194 5.80 35.99 14.79
CA PHE D 194 5.30 34.65 14.49
C PHE D 194 3.81 34.53 14.81
N GLU D 195 3.35 35.04 15.93
CA GLU D 195 1.94 35.03 16.27
C GLU D 195 1.09 35.77 15.24
N THR D 196 1.56 36.89 14.73
CA THR D 196 0.83 37.63 13.71
C THR D 196 0.78 36.88 12.38
N LEU D 197 1.84 36.18 12.00
CA LEU D 197 1.85 35.44 10.74
C LEU D 197 0.96 34.20 10.78
N ILE D 198 0.89 33.52 11.92
CA ILE D 198 0.02 32.35 12.06
C ILE D 198 -1.45 32.75 11.93
N PHE D 199 -1.82 33.90 12.46
CA PHE D 199 -3.19 34.41 12.38
C PHE D 199 -3.64 34.77 10.96
N TRP D 200 -2.81 35.42 10.17
CA TRP D 200 -3.18 35.86 8.81
C TRP D 200 -2.80 34.91 7.68
N SER D 201 -1.99 33.88 7.93
CA SER D 201 -1.52 32.97 6.88
C SER D 201 -2.61 32.37 5.98
N THR D 202 -3.80 32.13 6.49
CA THR D 202 -4.89 31.55 5.69
C THR D 202 -5.73 32.59 4.96
N LYS D 203 -5.90 33.76 5.53
CA LYS D 203 -6.69 34.84 4.95
C LYS D 203 -5.97 35.58 3.83
N GLU D 204 -4.65 35.80 3.96
CA GLU D 204 -3.87 36.51 2.95
C GLU D 204 -2.63 35.72 2.58
N LYS D 205 -2.26 35.79 1.30
CA LYS D 205 -1.12 35.09 0.74
C LYS D 205 -0.06 35.98 0.11
N ASP D 206 -0.35 37.27 -0.11
CA ASP D 206 0.61 38.21 -0.69
C ASP D 206 1.65 38.62 0.37
N VAL D 207 2.90 38.28 0.10
CA VAL D 207 4.03 38.58 0.98
C VAL D 207 4.18 40.07 1.22
N VAL D 208 3.86 40.89 0.24
CA VAL D 208 3.95 42.34 0.37
C VAL D 208 2.85 42.89 1.29
N ILE D 209 1.75 42.16 1.46
CA ILE D 209 0.64 42.56 2.34
C ILE D 209 0.86 42.08 3.77
N LEU D 210 1.32 40.84 3.95
CA LEU D 210 1.62 40.31 5.28
C LEU D 210 2.59 41.22 6.00
N CYS D 211 3.52 41.81 5.28
CA CYS D 211 4.52 42.73 5.82
C CYS D 211 3.87 43.89 6.58
N GLU D 212 2.79 44.45 6.07
CA GLU D 212 2.10 45.59 6.69
C GLU D 212 1.33 45.20 7.95
N TYR D 213 0.75 44.02 8.01
CA TYR D 213 0.08 43.59 9.24
C TYR D 213 1.09 43.41 10.36
N VAL D 214 2.28 42.89 10.06
CA VAL D 214 3.34 42.74 11.03
C VAL D 214 3.83 44.11 11.50
N ARG D 215 3.84 45.10 10.63
CA ARG D 215 4.22 46.45 11.02
C ARG D 215 3.19 47.09 11.95
N ILE D 216 1.91 46.89 11.68
CA ILE D 216 0.84 47.42 12.55
C ILE D 216 0.93 46.80 13.94
N ALA D 217 1.17 45.51 14.02
CA ALA D 217 1.31 44.79 15.28
C ALA D 217 2.51 45.24 16.11
N LEU D 218 3.49 45.93 15.51
CA LEU D 218 4.69 46.40 16.18
C LEU D 218 4.62 47.88 16.59
N ARG D 219 3.41 48.43 16.71
CA ARG D 219 3.13 49.82 17.07
C ARG D 219 4.00 50.40 18.21
N ARG D 220 4.13 49.69 19.32
CA ARG D 220 4.92 50.18 20.46
C ARG D 220 6.40 50.37 20.14
N HIS D 221 6.98 49.55 19.28
CA HIS D 221 8.38 49.70 18.89
C HIS D 221 8.57 50.92 17.98
N ILE D 222 7.72 51.07 16.97
CA ILE D 222 7.80 52.16 16.00
C ILE D 222 7.52 53.50 16.66
N LEU D 223 6.44 53.66 17.40
CA LEU D 223 6.16 54.92 18.08
C LEU D 223 7.22 55.25 19.13
N GLY D 224 7.72 54.27 19.85
CA GLY D 224 8.74 54.49 20.86
C GLY D 224 10.08 54.98 20.32
N ARG D 225 10.30 54.92 19.02
CA ARG D 225 11.52 55.35 18.33
C ARG D 225 11.42 56.74 17.73
N TYR D 226 10.34 57.05 17.00
CA TYR D 226 10.21 58.33 16.32
C TYR D 226 9.50 59.43 17.11
N SER D 227 8.56 59.10 17.99
CA SER D 227 7.90 60.13 18.78
C SER D 227 8.83 60.71 19.84
N VAL D 228 8.52 61.93 20.30
CA VAL D 228 9.32 62.61 21.31
C VAL D 228 8.65 62.44 22.67
N SER D 229 9.42 61.88 23.59
CA SER D 229 9.03 61.55 24.97
C SER D 229 7.70 60.81 25.03
N GLY D 230 7.38 60.08 23.97
CA GLY D 230 6.17 59.30 23.84
C GLY D 230 4.88 60.07 23.67
N THR D 231 4.92 61.40 23.63
CA THR D 231 3.68 62.18 23.57
C THR D 231 3.37 62.85 22.23
N LEU D 232 4.38 63.23 21.44
CA LEU D 232 4.12 63.94 20.20
C LEU D 232 4.97 63.43 19.05
N LEU D 233 4.38 63.42 17.85
CA LEU D 233 5.01 63.02 16.60
C LEU D 233 4.98 64.13 15.56
N ASN D 234 6.15 64.51 15.03
CA ASN D 234 6.26 65.53 13.99
C ASN D 234 5.96 64.92 12.63
N VAL D 235 5.11 65.58 11.83
CA VAL D 235 4.62 64.97 10.58
C VAL D 235 4.55 65.90 9.37
N TRP D 236 4.75 65.28 8.19
CA TRP D 236 4.55 65.86 6.86
C TRP D 236 3.53 64.98 6.13
N LEU D 237 2.63 65.57 5.33
CA LEU D 237 1.58 64.80 4.64
C LEU D 237 1.64 64.87 3.12
N ILE D 238 1.20 63.79 2.47
CA ILE D 238 1.16 63.70 1.01
C ILE D 238 -0.06 64.38 0.39
N GLY D 239 -1.20 64.36 1.05
CA GLY D 239 -2.45 64.92 0.57
C GLY D 239 -3.26 64.03 -0.38
N SER D 240 -4.59 64.24 -0.34
CA SER D 240 -5.55 63.43 -1.09
C SER D 240 -5.33 63.42 -2.61
N ASP D 241 -4.93 64.54 -3.20
CA ASP D 241 -4.71 64.60 -4.64
C ASP D 241 -3.56 63.70 -5.11
N ILE D 242 -2.40 63.85 -4.50
CA ILE D 242 -1.24 63.03 -4.86
C ILE D 242 -1.49 61.57 -4.49
N GLU D 243 -2.09 61.31 -3.34
CA GLU D 243 -2.39 59.93 -2.94
C GLU D 243 -3.35 59.27 -3.93
N ASN D 244 -4.37 59.99 -4.38
CA ASN D 244 -5.31 59.45 -5.35
C ASN D 244 -4.62 59.18 -6.69
N GLU D 245 -3.81 60.11 -7.16
CA GLU D 245 -3.08 59.93 -8.41
C GLU D 245 -2.13 58.73 -8.33
N LEU D 246 -1.41 58.59 -7.23
CA LEU D 246 -0.50 57.46 -7.04
C LEU D 246 -1.27 56.14 -6.94
N ARG D 247 -2.37 56.12 -6.22
CA ARG D 247 -3.18 54.91 -6.08
C ARG D 247 -3.66 54.39 -7.43
N GLU D 248 -4.04 55.28 -8.34
CA GLU D 248 -4.49 54.89 -9.67
C GLU D 248 -3.35 54.42 -10.59
N SER D 249 -2.14 54.93 -10.41
CA SER D 249 -0.97 54.60 -11.24
C SER D 249 -0.37 53.20 -11.02
N ILE D 250 -0.85 52.41 -10.05
CA ILE D 250 -0.29 51.08 -9.77
C ILE D 250 -0.52 50.08 -10.90
N ARG D 251 0.51 49.27 -11.16
CA ARG D 251 0.56 48.19 -12.17
C ARG D 251 1.32 46.99 -11.60
N GLN D 252 1.16 45.83 -12.25
CA GLN D 252 1.81 44.59 -11.77
C GLN D 252 2.17 43.60 -12.89
N THR D 253 3.11 42.72 -12.54
CA THR D 253 3.66 41.67 -13.40
C THR D 253 4.24 40.56 -12.51
N SER D 254 4.59 39.43 -13.15
CA SER D 254 5.15 38.29 -12.42
C SER D 254 6.36 38.65 -11.57
N SER D 255 7.13 39.65 -11.99
CA SER D 255 8.28 40.09 -11.22
C SER D 255 7.87 40.92 -10.01
N GLY D 256 6.70 41.55 -10.04
CA GLY D 256 6.24 42.37 -8.95
C GLY D 256 5.31 43.49 -9.41
N SER D 257 5.16 44.49 -8.55
CA SER D 257 4.32 45.65 -8.79
C SER D 257 5.12 46.94 -8.90
N TYR D 258 4.60 47.87 -9.69
CA TYR D 258 5.29 49.14 -9.96
C TYR D 258 4.27 50.22 -10.33
N LEU D 259 4.76 51.46 -10.40
CA LEU D 259 3.95 52.63 -10.72
C LEU D 259 4.19 53.15 -12.13
N ASN D 260 3.10 53.43 -12.85
CA ASN D 260 3.17 54.00 -14.19
C ASN D 260 3.12 55.53 -14.10
N ILE D 261 4.28 56.14 -13.85
CA ILE D 261 4.40 57.59 -13.73
C ILE D 261 5.66 58.04 -14.48
N SER D 262 5.59 59.24 -15.05
CA SER D 262 6.72 59.78 -15.80
C SER D 262 7.86 60.25 -14.90
N PRO D 263 9.10 60.20 -15.41
CA PRO D 263 10.25 60.66 -14.64
C PRO D 263 10.17 62.13 -14.26
N GLU D 264 9.63 62.96 -15.16
CA GLU D 264 9.49 64.39 -14.91
C GLU D 264 8.52 64.66 -13.76
N ARG D 265 7.34 64.05 -13.80
CA ARG D 265 6.37 64.23 -12.72
C ARG D 265 6.93 63.69 -11.41
N THR D 266 7.67 62.58 -11.48
CA THR D 266 8.31 62.00 -10.31
C THR D 266 9.30 62.97 -9.69
N GLU D 267 10.15 63.58 -10.52
CA GLU D 267 11.13 64.55 -10.06
C GLU D 267 10.44 65.80 -9.50
N GLN D 268 9.33 66.22 -10.11
CA GLN D 268 8.56 67.36 -9.62
C GLN D 268 7.97 67.08 -8.24
N ILE D 269 7.37 65.91 -8.07
CA ILE D 269 6.81 65.49 -6.78
C ILE D 269 7.90 65.53 -5.72
N ILE D 270 9.06 64.97 -6.03
CA ILE D 270 10.21 64.94 -5.13
C ILE D 270 10.68 66.37 -4.87
N GLY D 271 10.73 67.19 -5.91
CA GLY D 271 11.13 68.59 -5.77
C GLY D 271 10.24 69.37 -4.81
N PHE D 272 8.92 69.13 -4.84
CA PHE D 272 8.02 69.81 -3.92
C PHE D 272 8.39 69.48 -2.47
N LEU D 273 8.56 68.21 -2.17
CA LEU D 273 8.93 67.73 -0.83
C LEU D 273 10.29 68.27 -0.42
N LYS D 274 11.26 68.24 -1.33
CA LYS D 274 12.60 68.76 -1.07
C LYS D 274 12.56 70.25 -0.70
N ASN D 275 11.66 71.00 -1.31
CA ASN D 275 11.52 72.43 -1.03
C ASN D 275 10.85 72.67 0.32
N ILE D 276 9.80 71.91 0.65
CA ILE D 276 9.09 72.09 1.91
C ILE D 276 9.91 71.62 3.13
N MET D 277 10.55 70.46 3.06
CA MET D 277 11.29 69.95 4.21
C MET D 277 12.50 70.79 4.60
N ASN D 278 12.65 70.99 5.94
CA ASN D 278 13.78 71.67 6.57
C ASN D 278 14.99 70.74 6.66
N PRO D 279 16.20 71.26 6.42
CA PRO D 279 17.39 70.40 6.48
C PRO D 279 17.66 69.78 7.85
N THR D 280 17.03 70.26 8.92
CA THR D 280 17.26 69.66 10.23
C THR D 280 16.62 68.29 10.37
N GLY D 281 15.57 68.01 9.60
CA GLY D 281 14.90 66.71 9.69
C GLY D 281 14.03 66.58 10.94
N ASN D 282 14.28 65.52 11.72
CA ASN D 282 13.54 65.27 12.96
C ASN D 282 12.02 65.14 12.72
N GLY D 283 11.62 64.60 11.57
CA GLY D 283 10.21 64.43 11.24
C GLY D 283 9.95 63.13 10.48
N VAL D 284 8.65 62.91 10.17
CA VAL D 284 8.20 61.70 9.49
C VAL D 284 7.11 62.04 8.47
N ILE D 285 6.97 61.17 7.46
CA ILE D 285 5.94 61.30 6.42
C ILE D 285 4.85 60.24 6.60
N LEU D 286 3.58 60.66 6.73
CA LEU D 286 2.46 59.72 6.84
C LEU D 286 1.81 59.43 5.48
N THR D 287 1.28 58.21 5.31
CA THR D 287 0.66 57.81 4.04
C THR D 287 -0.33 56.67 4.26
N ALA D 288 -1.14 56.40 3.22
CA ALA D 288 -2.06 55.27 3.24
C ALA D 288 -1.30 53.96 3.01
N LEU D 289 -1.81 52.87 3.56
CA LEU D 289 -1.13 51.58 3.42
C LEU D 289 -0.92 51.16 1.97
N ASP D 290 -1.89 51.43 1.10
CA ASP D 290 -1.80 51.06 -0.31
C ASP D 290 -0.64 51.67 -1.09
N ILE D 291 -0.11 52.80 -0.66
CA ILE D 291 0.98 53.48 -1.36
C ILE D 291 2.31 53.55 -0.59
N ARG D 292 2.31 53.28 0.71
CA ARG D 292 3.49 53.42 1.56
C ARG D 292 4.77 52.79 0.98
N ARG D 293 4.74 51.52 0.59
CA ARG D 293 5.94 50.86 0.05
C ARG D 293 6.45 51.52 -1.22
N TYR D 294 5.55 52.00 -2.08
CA TYR D 294 5.92 52.68 -3.31
C TYR D 294 6.45 54.09 -3.04
N VAL D 295 5.83 54.83 -2.13
CA VAL D 295 6.31 56.16 -1.76
C VAL D 295 7.73 56.10 -1.19
N LYS D 296 8.00 55.11 -0.34
CA LYS D 296 9.35 54.93 0.21
C LYS D 296 10.37 54.64 -0.89
N LYS D 297 10.09 53.66 -1.74
CA LYS D 297 10.99 53.29 -2.83
C LYS D 297 11.16 54.43 -3.84
N MET D 298 10.16 55.29 -3.98
CA MET D 298 10.23 56.44 -4.88
C MET D 298 11.16 57.52 -4.31
N ILE D 299 10.96 57.91 -3.05
CA ILE D 299 11.77 58.93 -2.39
C ILE D 299 13.20 58.46 -2.16
N GLU D 300 13.40 57.17 -1.97
CA GLU D 300 14.72 56.59 -1.74
C GLU D 300 15.78 57.15 -2.70
N GLY D 301 16.94 57.50 -2.12
CA GLY D 301 18.06 58.09 -2.81
C GLY D 301 18.11 59.60 -2.78
N SER D 302 16.98 60.27 -2.60
CA SER D 302 16.96 61.72 -2.49
C SER D 302 16.61 61.99 -1.03
N PHE D 303 17.47 62.74 -0.32
CA PHE D 303 17.31 62.99 1.11
C PHE D 303 16.91 61.72 1.88
N PRO D 304 17.71 60.66 1.75
CA PRO D 304 17.47 59.36 2.39
C PRO D 304 17.52 59.40 3.90
N SER D 305 17.17 58.25 4.50
CA SER D 305 17.10 58.05 5.95
C SER D 305 15.98 58.84 6.63
N VAL D 306 14.90 59.08 5.90
CA VAL D 306 13.72 59.76 6.37
C VAL D 306 12.61 58.72 6.46
N PRO D 307 12.06 58.45 7.65
CA PRO D 307 11.02 57.43 7.79
C PRO D 307 9.68 57.80 7.19
N VAL D 308 9.01 56.78 6.64
CA VAL D 308 7.67 56.88 6.08
C VAL D 308 6.77 55.90 6.84
N LEU D 309 5.74 56.42 7.51
CA LEU D 309 4.80 55.61 8.28
C LEU D 309 3.42 55.64 7.64
N SER D 310 2.40 55.10 8.34
CA SER D 310 1.04 55.10 7.84
C SER D 310 0.02 55.32 8.96
N PHE D 311 -1.18 55.75 8.54
CA PHE D 311 -2.28 56.06 9.44
C PHE D 311 -2.83 54.86 10.21
N GLN D 312 -2.53 53.65 9.79
CA GLN D 312 -2.94 52.45 10.50
C GLN D 312 -1.86 52.01 11.48
N GLU D 313 -0.60 52.15 11.11
CA GLU D 313 0.49 51.82 12.01
C GLU D 313 0.53 52.82 13.16
N VAL D 314 0.32 54.09 12.86
CA VAL D 314 0.26 55.10 13.90
C VAL D 314 -1.15 55.12 14.46
N GLY D 315 -1.27 55.09 15.78
CA GLY D 315 -2.57 55.07 16.43
C GLY D 315 -3.21 56.43 16.61
N ASN D 316 -4.47 56.38 17.03
CA ASN D 316 -5.26 57.58 17.31
C ASN D 316 -4.96 58.16 18.69
N ASN D 317 -4.27 57.41 19.54
CA ASN D 317 -3.96 57.83 20.90
C ASN D 317 -2.93 58.97 20.95
N ILE D 318 -1.96 58.98 20.05
CA ILE D 318 -0.89 59.99 20.05
C ILE D 318 -1.31 61.27 19.32
N GLU D 319 -0.64 62.38 19.70
CA GLU D 319 -0.82 63.69 19.10
C GLU D 319 0.11 63.91 17.91
N LEU D 320 -0.44 64.51 16.85
CA LEU D 320 0.29 64.82 15.62
C LEU D 320 0.50 66.32 15.40
N LYS D 321 1.75 66.71 15.13
CA LYS D 321 2.12 68.09 14.81
C LYS D 321 2.52 68.13 13.34
N VAL D 322 1.79 68.91 12.53
CA VAL D 322 2.03 68.99 11.09
C VAL D 322 3.00 70.12 10.75
N LEU D 323 4.04 69.79 9.97
CA LEU D 323 5.08 70.71 9.55
C LEU D 323 5.05 71.00 8.05
N GLY D 324 4.03 70.57 7.32
CA GLY D 324 3.91 70.84 5.90
C GLY D 324 3.17 69.74 5.16
N THR D 325 2.74 70.06 3.94
CA THR D 325 2.00 69.12 3.10
C THR D 325 2.28 69.30 1.62
N VAL D 326 2.52 68.21 0.90
CA VAL D 326 2.74 68.31 -0.54
C VAL D 326 1.40 68.12 -1.23
N ASN E 1 25.51 34.25 25.71
CA ASN E 1 24.90 33.75 24.49
C ASN E 1 23.55 34.44 24.21
N ILE E 2 22.84 33.98 23.16
CA ILE E 2 21.58 34.58 22.74
C ILE E 2 20.38 33.95 23.46
N SER E 3 19.50 34.79 24.02
CA SER E 3 18.28 34.34 24.67
C SER E 3 17.14 34.09 23.68
N PRO E 4 16.15 33.26 24.05
CA PRO E 4 15.05 32.95 23.12
C PRO E 4 14.39 34.14 22.44
N GLY E 5 14.03 35.17 23.21
CA GLY E 5 13.41 36.34 22.64
C GLY E 5 13.33 37.45 23.67
N ALA E 6 12.68 38.54 23.29
CA ALA E 6 12.52 39.65 24.22
C ALA E 6 11.90 39.20 25.53
N GLU E 7 12.51 39.60 26.65
CA GLU E 7 12.00 39.22 27.95
C GLU E 7 10.56 39.73 28.15
N PRO E 8 9.65 38.90 28.64
CA PRO E 8 8.25 39.34 28.73
C PRO E 8 7.93 40.52 29.65
N LEU E 9 8.49 40.55 30.87
CA LEU E 9 8.21 41.64 31.82
C LEU E 9 9.42 42.02 32.65
N ILE E 10 9.77 43.31 32.66
CA ILE E 10 10.88 43.84 33.45
C ILE E 10 10.43 45.10 34.18
N LEU E 11 10.76 45.19 35.45
CA LEU E 11 10.47 46.34 36.31
C LEU E 11 11.79 46.99 36.76
N ASN E 12 11.96 48.28 36.42
CA ASN E 12 13.16 49.03 36.81
C ASN E 12 12.83 49.98 37.95
N LEU E 13 13.47 49.76 39.10
CA LEU E 13 13.26 50.57 40.29
C LEU E 13 14.50 51.34 40.72
N SER E 14 14.36 52.65 40.91
CA SER E 14 15.47 53.44 41.45
C SER E 14 15.80 52.92 42.84
N SER E 15 17.09 52.81 43.15
CA SER E 15 17.55 52.20 44.40
C SER E 15 17.07 52.92 45.65
N ASN E 16 16.49 54.11 45.51
CA ASN E 16 15.86 54.80 46.62
C ASN E 16 14.60 54.07 47.09
N ILE E 17 13.79 53.62 46.14
CA ILE E 17 12.54 52.91 46.39
C ILE E 17 12.73 51.39 46.57
N TYR E 18 13.73 50.81 45.95
CA TYR E 18 13.98 49.37 46.02
C TYR E 18 14.11 48.82 47.43
N SER E 19 13.70 47.55 47.58
CA SER E 19 13.75 46.79 48.82
C SER E 19 13.91 45.32 48.48
N SER E 20 14.42 44.54 49.44
CA SER E 20 14.65 43.10 49.30
C SER E 20 13.41 42.22 49.44
N ASP E 21 12.30 42.73 49.95
CA ASP E 21 11.07 41.97 50.18
C ASP E 21 10.06 41.99 49.03
N ILE E 22 10.20 42.89 48.06
CA ILE E 22 9.22 43.05 46.99
C ILE E 22 9.12 41.84 46.06
N THR E 23 10.20 41.10 45.84
CA THR E 23 10.13 39.91 44.99
C THR E 23 9.08 38.92 45.50
N GLN E 24 9.15 38.58 46.78
CA GLN E 24 8.18 37.66 47.40
C GLN E 24 6.75 38.19 47.32
N GLN E 25 6.56 39.49 47.49
CA GLN E 25 5.23 40.09 47.40
C GLN E 25 4.70 40.05 45.97
N ILE E 26 5.57 40.25 44.98
CA ILE E 26 5.18 40.15 43.57
C ILE E 26 4.78 38.72 43.23
N GLU E 27 5.52 37.74 43.73
CA GLU E 27 5.19 36.33 43.50
C GLU E 27 3.82 35.98 44.10
N VAL E 28 3.40 36.69 45.13
CA VAL E 28 2.08 36.51 45.73
C VAL E 28 1.00 37.14 44.84
N MET E 29 1.31 38.23 44.16
CA MET E 29 0.35 38.87 43.26
C MET E 29 0.03 37.98 42.06
N ARG E 30 1.00 37.20 41.58
CA ARG E 30 0.79 36.28 40.46
C ARG E 30 -0.30 35.26 40.77
N TRP E 31 -0.31 34.70 41.97
CA TRP E 31 -1.35 33.75 42.38
C TRP E 31 -2.72 34.42 42.41
N ASN E 32 -2.84 35.58 43.02
CA ASN E 32 -4.13 36.27 43.07
C ASN E 32 -4.63 36.59 41.66
N PHE E 33 -3.74 36.89 40.74
CA PHE E 33 -4.13 37.17 39.36
C PHE E 33 -4.58 35.89 38.66
N PHE E 34 -3.91 34.77 38.88
CA PHE E 34 -4.31 33.52 38.26
C PHE E 34 -5.65 33.01 38.77
N GLU E 35 -5.89 33.06 40.06
CA GLU E 35 -7.17 32.59 40.58
C GLU E 35 -8.34 33.47 40.11
N GLU E 36 -8.14 34.76 39.93
CA GLU E 36 -9.24 35.60 39.48
C GLU E 36 -9.41 35.57 37.97
N SER E 37 -8.32 35.59 37.21
CA SER E 37 -8.37 35.63 35.76
C SER E 37 -8.23 34.28 35.09
N GLY E 38 -7.48 33.37 35.69
CA GLY E 38 -7.18 32.11 35.04
C GLY E 38 -6.14 32.20 33.96
N ILE E 39 -5.34 33.25 33.97
CA ILE E 39 -4.27 33.52 32.98
C ILE E 39 -2.95 33.35 33.71
N PRO E 40 -2.08 32.44 33.30
CA PRO E 40 -0.81 32.27 34.00
C PRO E 40 0.30 33.20 33.51
N LEU E 41 0.62 34.22 34.30
CA LEU E 41 1.67 35.18 33.94
C LEU E 41 3.08 34.62 34.01
N PRO E 42 3.99 35.09 33.14
CA PRO E 42 5.38 34.67 33.19
C PRO E 42 6.11 35.25 34.39
N LYS E 43 7.34 34.78 34.65
CA LYS E 43 8.13 35.30 35.75
C LYS E 43 8.51 36.77 35.55
N ILE E 44 8.30 37.60 36.57
CA ILE E 44 8.65 39.02 36.53
C ILE E 44 10.08 39.25 37.00
N ILE E 45 10.84 40.05 36.25
CA ILE E 45 12.22 40.40 36.56
C ILE E 45 12.28 41.82 37.11
N VAL E 46 12.85 42.01 38.30
CA VAL E 46 12.97 43.33 38.91
C VAL E 46 14.44 43.72 39.03
N ASN E 47 14.81 44.87 38.40
CA ASN E 47 16.17 45.41 38.38
C ASN E 47 16.32 46.69 39.18
N PRO E 48 17.27 46.76 40.12
CA PRO E 48 17.54 48.01 40.84
C PRO E 48 18.43 48.93 40.00
N VAL E 49 18.06 50.20 39.94
CA VAL E 49 18.80 51.22 39.19
C VAL E 49 19.49 52.12 40.22
N LYS E 50 20.81 52.26 40.09
CA LYS E 50 21.64 53.01 41.04
C LYS E 50 21.54 54.52 40.88
N ASN E 51 20.31 55.00 41.07
CA ASN E 51 19.92 56.40 41.05
C ASN E 51 18.93 56.58 42.19
N ASN E 52 18.84 57.79 42.72
CA ASN E 52 17.92 58.06 43.83
C ASN E 52 16.79 59.01 43.46
N ASP E 53 16.39 59.03 42.20
CA ASP E 53 15.32 59.90 41.73
C ASP E 53 13.92 59.40 42.07
N SER E 54 13.77 58.30 42.80
CA SER E 54 12.48 57.71 43.17
C SER E 54 11.59 57.33 41.97
N ALA E 55 12.19 57.17 40.78
CA ALA E 55 11.49 56.78 39.55
C ALA E 55 11.31 55.27 39.42
N ILE E 56 10.29 54.88 38.63
CA ILE E 56 9.98 53.48 38.30
C ILE E 56 9.59 53.39 36.83
N GLU E 57 9.78 52.19 36.26
CA GLU E 57 9.38 51.91 34.87
C GLU E 57 9.02 50.45 34.64
N PHE E 58 7.98 50.22 33.83
CA PHE E 58 7.53 48.90 33.41
C PHE E 58 7.77 48.68 31.93
N LEU E 59 8.45 47.58 31.58
CA LEU E 59 8.72 47.20 30.20
C LEU E 59 7.97 45.94 29.79
N LEU E 60 7.21 46.01 28.71
CA LEU E 60 6.49 44.86 28.16
C LEU E 60 7.19 44.45 26.88
N TYR E 61 7.76 43.25 26.87
CA TYR E 61 8.54 42.78 25.73
C TYR E 61 9.58 43.81 25.32
N GLN E 62 10.28 44.33 26.33
CA GLN E 62 11.33 45.33 26.27
C GLN E 62 10.93 46.70 25.69
N GLU E 63 9.65 47.03 25.63
CA GLU E 63 9.21 48.36 25.23
C GLU E 63 8.57 49.00 26.45
N SER E 64 8.85 50.28 26.69
CA SER E 64 8.30 50.93 27.88
C SER E 64 6.81 51.20 27.77
N ILE E 65 6.06 50.72 28.76
CA ILE E 65 4.61 50.86 28.83
C ILE E 65 4.18 51.92 29.85
N TYR E 66 4.98 52.15 30.89
CA TYR E 66 4.69 53.16 31.90
C TYR E 66 5.97 53.55 32.64
N LYS E 67 6.10 54.86 32.91
CA LYS E 67 7.26 55.42 33.61
C LYS E 67 6.82 56.58 34.49
N ASP E 68 7.17 56.56 35.78
CA ASP E 68 6.73 57.62 36.68
C ASP E 68 7.54 57.62 37.98
N THR E 69 7.34 58.67 38.77
CA THR E 69 7.99 58.90 40.06
C THR E 69 7.04 58.76 41.24
N LEU E 70 7.42 57.93 42.22
CA LEU E 70 6.64 57.75 43.43
C LEU E 70 6.92 58.85 44.45
N ILE E 71 5.86 59.34 45.10
CA ILE E 71 5.93 60.38 46.13
C ILE E 71 5.12 59.95 47.34
N ASP E 72 5.55 60.45 48.51
CA ASP E 72 4.92 60.13 49.79
C ASP E 72 3.71 60.99 50.14
N ASP E 73 3.52 62.13 49.48
CA ASP E 73 2.42 63.04 49.76
C ASP E 73 1.07 62.61 49.19
N THR E 74 1.00 61.53 48.41
CA THR E 74 -0.27 61.11 47.80
C THR E 74 -0.51 59.61 48.02
N VAL E 75 -1.77 59.22 47.84
CA VAL E 75 -2.25 57.85 48.03
C VAL E 75 -3.29 57.49 46.98
N TYR E 76 -3.26 56.23 46.52
CA TYR E 76 -4.19 55.67 45.54
C TYR E 76 -5.33 54.95 46.25
N PHE E 77 -6.53 55.00 45.67
CA PHE E 77 -7.69 54.32 46.24
C PHE E 77 -8.62 53.75 45.18
N GLU E 78 -9.47 52.80 45.64
CA GLU E 78 -10.52 52.13 44.86
C GLU E 78 -11.84 52.16 45.60
N ALA E 79 -12.93 52.34 44.87
CA ALA E 79 -14.28 52.37 45.44
C ALA E 79 -15.23 51.46 44.68
N GLY E 80 -16.01 50.68 45.44
CA GLY E 80 -17.01 49.77 44.91
C GLY E 80 -18.35 50.44 44.65
N HIS E 81 -19.44 49.81 45.12
CA HIS E 81 -20.77 50.36 44.99
C HIS E 81 -21.01 51.59 45.88
N ALA E 82 -20.03 51.96 46.70
CA ALA E 82 -20.10 53.11 47.60
C ALA E 82 -20.23 54.44 46.87
N GLU E 83 -20.68 55.45 47.62
CA GLU E 83 -20.87 56.82 47.14
C GLU E 83 -19.55 57.57 46.95
N ILE E 84 -19.64 58.62 46.11
CA ILE E 84 -18.52 59.50 45.77
C ILE E 84 -18.06 60.34 46.96
N SER E 85 -16.73 60.49 47.12
CA SER E 85 -16.13 61.29 48.17
C SER E 85 -15.29 62.42 47.58
N PHE E 86 -15.23 63.55 48.29
CA PHE E 86 -14.54 64.77 47.85
C PHE E 86 -13.03 64.68 47.63
N GLU E 87 -12.55 65.58 46.75
CA GLU E 87 -11.14 65.82 46.34
C GLU E 87 -10.45 64.67 45.60
N PHE E 88 -11.19 63.84 44.86
CA PHE E 88 -10.56 62.77 44.08
C PHE E 88 -9.93 63.32 42.80
N VAL E 89 -8.81 62.73 42.38
CA VAL E 89 -8.10 63.10 41.15
C VAL E 89 -7.99 61.88 40.24
N GLN E 90 -8.56 61.98 39.04
CA GLN E 90 -8.49 60.91 38.04
C GLN E 90 -7.27 61.07 37.13
N GLU E 91 -6.56 59.96 36.88
CA GLU E 91 -5.42 59.97 35.98
C GLU E 91 -5.43 58.71 35.13
N LYS E 92 -5.23 58.87 33.82
CA LYS E 92 -5.20 57.73 32.90
C LYS E 92 -3.89 56.97 33.01
N LEU E 93 -4.00 55.65 32.94
CA LEU E 93 -2.88 54.72 33.04
C LEU E 93 -2.62 54.03 31.71
N SER E 94 -3.63 53.95 30.86
CA SER E 94 -3.53 53.39 29.51
C SER E 94 -4.69 53.97 28.73
N THR E 95 -4.74 53.65 27.44
CA THR E 95 -5.84 54.11 26.61
C THR E 95 -7.19 53.63 27.11
N ASN E 96 -7.23 52.55 27.90
CA ASN E 96 -8.47 51.97 28.39
C ASN E 96 -8.53 51.78 29.91
N SER E 97 -7.65 52.43 30.68
CA SER E 97 -7.71 52.31 32.14
C SER E 97 -7.36 53.62 32.84
N ILE E 98 -8.04 53.87 33.96
CA ILE E 98 -7.88 55.08 34.77
C ILE E 98 -7.79 54.70 36.25
N VAL E 99 -6.97 55.43 37.01
CA VAL E 99 -6.76 55.26 38.44
C VAL E 99 -7.06 56.58 39.18
N TYR E 100 -7.47 56.46 40.44
CA TYR E 100 -7.82 57.59 41.32
C TYR E 100 -6.74 57.87 42.37
N LYS E 101 -6.33 59.14 42.45
CA LYS E 101 -5.30 59.65 43.36
C LYS E 101 -5.88 60.68 44.33
N THR E 102 -5.27 60.75 45.53
CA THR E 102 -5.69 61.68 46.57
C THR E 102 -4.52 62.05 47.48
N ASN E 103 -4.64 63.19 48.16
CA ASN E 103 -3.63 63.60 49.13
C ASN E 103 -3.75 62.71 50.37
N LYS E 104 -2.61 62.36 50.95
CA LYS E 104 -2.57 61.45 52.11
C LYS E 104 -3.45 61.85 53.29
N THR E 105 -3.72 63.14 53.48
CA THR E 105 -4.59 63.57 54.58
C THR E 105 -6.01 63.00 54.51
N ASN E 106 -6.49 62.69 53.31
CA ASN E 106 -7.81 62.14 53.04
C ASN E 106 -7.92 60.63 53.27
N GLN E 107 -6.81 59.97 53.60
CA GLN E 107 -6.72 58.53 53.80
C GLN E 107 -7.78 57.91 54.73
N GLN E 108 -7.88 58.37 55.98
CA GLN E 108 -8.79 57.76 56.95
C GLN E 108 -10.27 57.94 56.63
N LEU E 109 -10.68 59.06 56.05
CA LEU E 109 -12.09 59.23 55.71
C LEU E 109 -12.52 58.19 54.68
N ALA E 110 -11.72 58.00 53.64
CA ALA E 110 -12.00 56.99 52.62
C ALA E 110 -11.96 55.59 53.22
N HIS E 111 -10.94 55.31 54.01
CA HIS E 111 -10.78 54.02 54.69
C HIS E 111 -12.01 53.72 55.56
N LEU E 112 -12.50 54.71 56.29
CA LEU E 112 -13.68 54.56 57.15
C LEU E 112 -14.95 54.43 56.31
N THR E 113 -15.01 55.12 55.18
CA THR E 113 -16.17 55.04 54.29
C THR E 113 -16.31 53.65 53.67
N GLY E 114 -15.22 52.89 53.58
CA GLY E 114 -15.22 51.53 53.03
C GLY E 114 -14.39 51.34 51.78
N MET E 115 -13.72 52.38 51.31
CA MET E 115 -12.88 52.34 50.13
C MET E 115 -11.57 51.63 50.46
N ASP E 116 -10.93 51.07 49.43
CA ASP E 116 -9.65 50.40 49.59
C ASP E 116 -8.56 51.40 49.22
N VAL E 117 -7.51 51.46 50.06
CA VAL E 117 -6.44 52.45 49.94
C VAL E 117 -5.07 51.79 49.97
N TYR E 118 -4.20 52.25 49.07
CA TYR E 118 -2.83 51.77 48.89
C TYR E 118 -1.85 52.91 49.16
N ALA E 119 -0.96 52.74 50.14
CA ALA E 119 -0.06 53.83 50.53
C ALA E 119 1.44 53.53 50.55
N THR E 120 1.87 52.32 50.93
CA THR E 120 3.30 52.03 50.96
C THR E 120 3.84 51.80 49.54
N THR E 121 5.15 51.86 49.43
CA THR E 121 5.81 51.65 48.14
C THR E 121 5.42 50.30 47.54
N ASN E 122 5.44 49.25 48.36
CA ASN E 122 5.09 47.93 47.82
C ASN E 122 3.62 47.88 47.41
N ASP E 123 2.75 48.61 48.08
CA ASP E 123 1.34 48.67 47.69
C ASP E 123 1.19 49.40 46.36
N LYS E 124 1.78 50.57 46.25
CA LYS E 124 1.70 51.38 45.04
C LYS E 124 2.25 50.61 43.83
N ILE E 125 3.39 49.94 43.99
CA ILE E 125 3.97 49.15 42.90
C ILE E 125 3.02 48.01 42.52
N THR E 126 2.60 47.21 43.48
CA THR E 126 1.72 46.06 43.22
C THR E 126 0.38 46.49 42.63
N PHE E 127 -0.14 47.63 43.05
CA PHE E 127 -1.41 48.14 42.52
C PHE E 127 -1.26 48.55 41.05
N LEU E 128 -0.22 49.30 40.73
CA LEU E 128 0.03 49.76 39.36
C LEU E 128 0.31 48.58 38.43
N LEU E 129 1.07 47.61 38.91
CA LEU E 129 1.38 46.40 38.15
C LEU E 129 0.12 45.63 37.74
N LYS E 130 -0.75 45.31 38.68
CA LYS E 130 -2.00 44.59 38.38
C LYS E 130 -2.90 45.34 37.40
N LYS E 131 -3.00 46.65 37.52
CA LYS E 131 -3.83 47.44 36.60
C LYS E 131 -3.22 47.49 35.20
N LEU E 132 -1.91 47.54 35.09
CA LEU E 132 -1.23 47.56 33.79
C LEU E 132 -1.33 46.20 33.09
N VAL E 133 -1.24 45.11 33.83
CA VAL E 133 -1.39 43.76 33.27
C VAL E 133 -2.81 43.52 32.78
N LEU E 134 -3.82 43.82 33.59
CA LEU E 134 -5.21 43.65 33.16
C LEU E 134 -5.49 44.40 31.87
N SER E 135 -4.88 45.55 31.68
CA SER E 135 -5.07 46.35 30.47
C SER E 135 -4.49 45.68 29.23
N ASN E 136 -3.50 44.81 29.40
CA ASN E 136 -2.80 44.13 28.30
C ASN E 136 -2.98 42.61 28.30
N ALA E 137 -4.00 42.10 28.98
CA ALA E 137 -4.27 40.68 29.16
C ALA E 137 -4.23 39.89 27.84
N LYS E 138 -4.71 40.47 26.76
CA LYS E 138 -4.68 39.80 25.45
C LYS E 138 -3.29 39.45 24.98
N GLU E 139 -2.26 40.15 25.45
CA GLU E 139 -0.88 39.87 25.07
C GLU E 139 -0.29 38.62 25.71
N PHE E 140 -0.78 38.21 26.87
CA PHE E 140 -0.28 37.07 27.63
C PHE E 140 -0.92 35.72 27.32
N ILE E 141 -1.88 35.63 26.40
CA ILE E 141 -2.54 34.37 26.08
C ILE E 141 -2.50 34.15 24.56
N GLY E 142 -1.67 33.19 24.14
CA GLY E 142 -1.46 32.82 22.75
C GLY E 142 -1.31 31.33 22.48
N VAL E 143 -0.63 30.97 21.40
CA VAL E 143 -0.45 29.58 20.99
C VAL E 143 0.30 28.76 22.03
N GLN E 144 1.42 29.26 22.51
CA GLN E 144 2.20 28.49 23.47
C GLN E 144 1.55 28.40 24.86
N GLU E 145 0.74 29.37 25.25
CA GLU E 145 0.06 29.35 26.55
C GLU E 145 -1.19 28.48 26.50
N THR E 146 -1.96 28.54 25.43
CA THR E 146 -3.11 27.65 25.25
C THR E 146 -2.67 26.19 25.35
N ARG E 147 -1.61 25.83 24.67
CA ARG E 147 -1.05 24.49 24.72
C ARG E 147 -0.61 24.11 26.13
N TYR E 148 -0.27 25.07 26.96
CA TYR E 148 0.12 24.79 28.35
C TYR E 148 -1.10 24.51 29.22
N LEU E 149 -2.21 25.21 29.00
CA LEU E 149 -3.46 24.99 29.71
C LEU E 149 -4.06 23.63 29.38
N MET E 150 -3.78 23.09 28.20
CA MET E 150 -4.21 21.78 27.74
C MET E 150 -3.27 20.66 28.15
N ASP E 151 -2.02 20.94 28.48
CA ASP E 151 -1.11 19.92 28.98
C ASP E 151 -1.40 19.67 30.45
N ILE E 152 -1.62 20.72 31.21
CA ILE E 152 -2.28 20.63 32.50
C ILE E 152 -3.69 20.34 32.03
N MET E 153 -4.62 19.93 32.88
CA MET E 153 -5.98 19.69 32.39
C MET E 153 -6.08 18.44 31.55
N GLU E 154 -5.06 17.57 31.57
CA GLU E 154 -5.11 16.26 30.93
C GLU E 154 -4.59 15.19 31.87
N ARG E 155 -4.14 15.57 33.04
CA ARG E 155 -3.74 14.70 34.12
C ARG E 155 -5.01 14.22 34.83
N LYS E 156 -6.10 14.89 34.48
CA LYS E 156 -7.49 14.74 34.87
C LYS E 156 -8.21 15.30 33.64
N TYR E 157 -9.45 14.90 33.36
CA TYR E 157 -10.10 15.42 32.15
C TYR E 157 -9.42 15.03 30.84
N ASN E 158 -8.62 13.97 30.85
CA ASN E 158 -7.89 13.47 29.69
C ASN E 158 -8.75 13.19 28.45
N GLU E 159 -9.93 12.60 28.62
CA GLU E 159 -10.82 12.31 27.48
C GLU E 159 -11.45 13.58 26.92
N LEU E 160 -11.67 14.57 27.76
CA LEU E 160 -12.25 15.85 27.35
C LEU E 160 -11.33 16.59 26.40
N VAL E 161 -10.02 16.56 26.65
CA VAL E 161 -9.01 17.18 25.79
C VAL E 161 -8.90 16.45 24.45
N LYS E 162 -8.81 15.12 24.45
CA LYS E 162 -8.77 14.34 23.21
C LYS E 162 -9.98 14.64 22.31
N GLU E 163 -11.16 14.70 22.87
CA GLU E 163 -12.35 15.00 22.07
C GLU E 163 -12.30 16.43 21.53
N LEU E 164 -11.79 17.38 22.30
CA LEU E 164 -11.69 18.77 21.84
C LEU E 164 -10.70 18.90 20.68
N GLN E 165 -9.52 18.30 20.79
CA GLN E 165 -8.51 18.34 19.74
C GLN E 165 -8.99 17.74 18.43
N ARG E 166 -9.86 16.74 18.48
CA ARG E 166 -10.44 16.14 17.27
C ARG E 166 -11.54 17.00 16.67
N GLN E 167 -12.21 17.83 17.46
CA GLN E 167 -13.31 18.64 16.98
C GLN E 167 -12.88 20.02 16.48
N LEU E 168 -11.92 20.68 17.15
CA LEU E 168 -11.45 22.01 16.77
C LEU E 168 -9.94 22.08 16.58
N GLY E 169 -9.50 23.00 15.72
CA GLY E 169 -8.09 23.24 15.53
C GLY E 169 -7.52 24.16 16.59
N LEU E 170 -6.27 23.91 16.99
CA LEU E 170 -5.67 24.70 18.04
C LEU E 170 -5.70 26.19 17.75
N SER E 171 -5.49 26.59 16.50
CA SER E 171 -5.54 28.02 16.18
C SER E 171 -6.91 28.64 16.39
N LYS E 172 -7.96 27.83 16.40
CA LYS E 172 -9.33 28.28 16.62
C LYS E 172 -9.66 28.42 18.11
N ILE E 173 -9.08 27.55 18.94
CA ILE E 173 -9.23 27.60 20.40
C ILE E 173 -8.58 28.87 20.94
N VAL E 174 -7.46 29.29 20.35
CA VAL E 174 -6.75 30.51 20.71
C VAL E 174 -7.58 31.76 20.47
N ASP E 175 -8.28 31.85 19.34
CA ASP E 175 -9.12 33.00 19.08
C ASP E 175 -10.31 33.10 20.04
N ILE E 176 -10.88 31.98 20.43
CA ILE E 176 -11.99 31.97 21.39
C ILE E 176 -11.53 32.46 22.76
N LEU E 177 -10.45 31.91 23.30
CA LEU E 177 -9.96 32.34 24.61
C LEU E 177 -9.53 33.81 24.62
N GLN E 178 -9.03 34.34 23.52
CA GLN E 178 -8.64 35.75 23.45
C GLN E 178 -9.84 36.69 23.52
N ARG E 179 -10.94 36.37 22.87
CA ARG E 179 -12.14 37.21 22.89
C ARG E 179 -12.76 37.27 24.29
N LEU E 180 -12.58 36.25 25.11
CA LEU E 180 -13.08 36.23 26.47
C LEU E 180 -12.26 37.16 27.39
N VAL E 181 -10.93 37.11 27.31
CA VAL E 181 -10.07 37.96 28.15
C VAL E 181 -10.14 39.42 27.69
N GLU E 182 -10.45 39.68 26.44
CA GLU E 182 -10.60 41.04 25.94
C GLU E 182 -11.71 41.79 26.65
N GLU E 183 -12.69 41.09 27.25
CA GLU E 183 -13.85 41.70 27.89
C GLU E 183 -13.94 41.33 29.36
N ASN E 184 -12.80 40.97 29.96
CA ASN E 184 -12.63 40.59 31.37
C ASN E 184 -13.38 39.36 31.84
N VAL E 185 -13.90 38.51 30.96
CA VAL E 185 -14.54 37.29 31.41
C VAL E 185 -13.44 36.36 31.92
N SER E 186 -13.71 35.64 33.00
CA SER E 186 -12.70 34.73 33.53
C SER E 186 -12.68 33.40 32.82
N ILE E 187 -11.47 32.88 32.55
CA ILE E 187 -11.24 31.60 31.90
C ILE E 187 -10.72 30.56 32.88
N ARG E 188 -11.06 30.70 34.15
CA ARG E 188 -10.63 29.76 35.18
C ARG E 188 -11.34 28.42 35.06
N ASP E 189 -12.63 28.43 34.74
CA ASP E 189 -13.45 27.23 34.54
C ASP E 189 -13.35 26.71 33.11
N LEU E 190 -12.28 25.96 32.85
CA LEU E 190 -12.01 25.41 31.54
C LEU E 190 -12.95 24.28 31.12
N ARG E 191 -13.39 23.39 32.02
CA ARG E 191 -14.28 22.32 31.58
C ARG E 191 -15.64 22.84 31.13
N THR E 192 -16.12 23.94 31.68
CA THR E 192 -17.37 24.50 31.18
C THR E 192 -17.18 25.02 29.76
N ILE E 193 -16.05 25.63 29.49
CA ILE E 193 -15.72 26.16 28.17
C ILE E 193 -15.50 25.03 27.17
N PHE E 194 -14.67 24.05 27.51
CA PHE E 194 -14.40 22.92 26.61
C PHE E 194 -15.65 22.08 26.36
N GLU E 195 -16.44 21.79 27.39
CA GLU E 195 -17.69 21.05 27.22
C GLU E 195 -18.67 21.79 26.29
N THR E 196 -18.76 23.09 26.38
CA THR E 196 -19.64 23.86 25.51
C THR E 196 -19.15 23.87 24.07
N LEU E 197 -17.84 23.90 23.83
CA LEU E 197 -17.31 23.92 22.47
C LEU E 197 -17.47 22.56 21.78
N ILE E 198 -17.31 21.46 22.50
CA ILE E 198 -17.50 20.13 21.93
C ILE E 198 -18.94 19.93 21.47
N PHE E 199 -19.90 20.45 22.22
CA PHE E 199 -21.32 20.35 21.88
C PHE E 199 -21.70 21.11 20.62
N TRP E 200 -21.23 22.33 20.42
CA TRP E 200 -21.60 23.17 19.27
C TRP E 200 -20.66 23.09 18.07
N SER E 201 -19.49 22.48 18.18
CA SER E 201 -18.52 22.43 17.10
C SER E 201 -19.03 21.93 15.75
N THR E 202 -20.00 21.03 15.73
CA THR E 202 -20.55 20.52 14.47
C THR E 202 -21.70 21.34 13.92
N LYS E 203 -22.49 21.94 14.78
CA LYS E 203 -23.63 22.75 14.40
C LYS E 203 -23.25 24.15 13.92
N GLU E 204 -22.25 24.78 14.52
CA GLU E 204 -21.80 26.13 14.14
C GLU E 204 -20.30 26.17 13.94
N LYS E 205 -19.87 26.97 12.96
CA LYS E 205 -18.48 27.13 12.58
C LYS E 205 -17.93 28.56 12.69
N ASP E 206 -18.79 29.56 12.86
CA ASP E 206 -18.36 30.95 13.01
C ASP E 206 -17.80 31.20 14.41
N VAL E 207 -16.51 31.55 14.47
CA VAL E 207 -15.80 31.81 15.73
C VAL E 207 -16.44 32.95 16.51
N VAL E 208 -17.01 33.94 15.82
CA VAL E 208 -17.67 35.06 16.48
C VAL E 208 -19.00 34.63 17.12
N ILE E 209 -19.60 33.55 16.66
CA ILE E 209 -20.85 33.01 17.19
C ILE E 209 -20.59 32.04 18.34
N LEU E 210 -19.61 31.16 18.20
CA LEU E 210 -19.24 30.23 19.27
C LEU E 210 -18.94 31.00 20.56
N CYS E 211 -18.36 32.17 20.43
CA CYS E 211 -18.03 33.05 21.55
C CYS E 211 -19.25 33.37 22.42
N GLU E 212 -20.39 33.63 21.80
CA GLU E 212 -21.62 33.98 22.54
C GLU E 212 -22.23 32.78 23.25
N TYR E 213 -22.16 31.59 22.69
CA TYR E 213 -22.66 30.41 23.39
C TYR E 213 -21.82 30.15 24.65
N VAL E 214 -20.52 30.32 24.57
CA VAL E 214 -19.65 30.17 25.74
C VAL E 214 -19.98 31.23 26.79
N ARG E 215 -20.35 32.43 26.38
CA ARG E 215 -20.75 33.48 27.33
C ARG E 215 -22.06 33.13 28.03
N ILE E 216 -23.04 32.60 27.31
CA ILE E 216 -24.32 32.22 27.89
C ILE E 216 -24.13 31.11 28.92
N ALA E 217 -23.29 30.15 28.64
CA ALA E 217 -22.96 29.04 29.55
C ALA E 217 -22.25 29.49 30.82
N LEU E 218 -21.68 30.69 30.85
CA LEU E 218 -20.96 31.24 32.00
C LEU E 218 -21.80 32.18 32.87
N ARG E 219 -23.13 32.10 32.76
CA ARG E 219 -24.10 32.92 33.48
C ARG E 219 -23.78 33.20 34.96
N ARG E 220 -23.44 32.18 35.74
CA ARG E 220 -23.15 32.34 37.17
C ARG E 220 -21.94 33.23 37.44
N HIS E 221 -20.93 33.19 36.58
CA HIS E 221 -19.75 34.05 36.76
C HIS E 221 -20.08 35.51 36.44
N ILE E 222 -20.76 35.74 35.33
CA ILE E 222 -21.11 37.09 34.88
C ILE E 222 -22.09 37.76 35.84
N LEU E 223 -23.19 37.11 36.19
CA LEU E 223 -24.14 37.70 37.13
C LEU E 223 -23.52 37.89 38.52
N GLY E 224 -22.69 36.97 38.96
CA GLY E 224 -22.05 37.07 40.26
C GLY E 224 -21.06 38.23 40.40
N ARG E 225 -20.69 38.87 39.30
CA ARG E 225 -19.78 40.02 39.25
C ARG E 225 -20.49 41.36 39.17
N TYR E 226 -21.48 41.52 38.30
CA TYR E 226 -22.15 42.79 38.10
C TYR E 226 -23.41 43.02 38.95
N SER E 227 -24.15 41.98 39.31
CA SER E 227 -25.33 42.15 40.15
C SER E 227 -24.93 42.51 41.58
N VAL E 228 -25.86 43.14 42.30
CA VAL E 228 -25.64 43.54 43.69
C VAL E 228 -26.28 42.54 44.62
N SER E 229 -25.45 41.99 45.49
CA SER E 229 -25.77 40.96 46.49
C SER E 229 -26.55 39.80 45.87
N GLY E 230 -26.34 39.58 44.58
CA GLY E 230 -26.97 38.52 43.82
C GLY E 230 -28.45 38.70 43.53
N THR E 231 -29.07 39.80 43.96
CA THR E 231 -30.50 39.96 43.78
C THR E 231 -30.95 40.98 42.73
N LEU E 232 -30.18 42.05 42.46
CA LEU E 232 -30.62 43.07 41.53
C LEU E 232 -29.49 43.53 40.61
N LEU E 233 -29.87 43.84 39.36
CA LEU E 233 -28.97 44.35 38.34
C LEU E 233 -29.43 45.70 37.79
N ASN E 234 -28.55 46.71 37.82
CA ASN E 234 -28.83 48.05 37.30
C ASN E 234 -28.62 48.07 35.79
N VAL E 235 -29.58 48.63 35.04
CA VAL E 235 -29.55 48.54 33.58
C VAL E 235 -29.93 49.80 32.81
N TRP E 236 -29.30 49.94 31.62
CA TRP E 236 -29.60 50.94 30.59
C TRP E 236 -29.95 50.18 29.31
N LEU E 237 -30.92 50.66 28.52
CA LEU E 237 -31.34 49.96 27.31
C LEU E 237 -31.15 50.75 26.01
N ILE E 238 -30.90 50.02 24.92
CA ILE E 238 -30.70 50.61 23.59
C ILE E 238 -32.01 50.96 22.87
N GLY E 239 -33.07 50.18 23.09
CA GLY E 239 -34.37 50.36 22.45
C GLY E 239 -34.52 49.78 21.04
N SER E 240 -35.76 49.42 20.71
CA SER E 240 -36.10 48.76 19.44
C SER E 240 -35.72 49.54 18.18
N ASP E 241 -35.84 50.86 18.19
CA ASP E 241 -35.51 51.66 17.02
C ASP E 241 -34.02 51.59 16.67
N ILE E 242 -33.16 51.89 17.63
CA ILE E 242 -31.72 51.84 17.40
C ILE E 242 -31.25 50.42 17.14
N GLU E 243 -31.78 49.44 17.88
CA GLU E 243 -31.42 48.05 17.64
C GLU E 243 -31.79 47.61 16.23
N ASN E 244 -32.98 47.97 15.76
CA ASN E 244 -33.40 47.63 14.41
C ASN E 244 -32.52 48.30 13.37
N GLU E 245 -32.22 49.58 13.55
CA GLU E 245 -31.34 50.31 12.63
C GLU E 245 -29.94 49.69 12.59
N LEU E 246 -29.39 49.35 13.74
CA LEU E 246 -28.07 48.71 13.80
C LEU E 246 -28.08 47.32 13.18
N ARG E 247 -29.11 46.54 13.44
CA ARG E 247 -29.23 45.19 12.88
C ARG E 247 -29.22 45.21 11.36
N GLU E 248 -29.88 46.18 10.75
CA GLU E 248 -29.90 46.32 9.29
C GLU E 248 -28.57 46.81 8.70
N SER E 249 -27.81 47.61 9.44
CA SER E 249 -26.53 48.19 8.99
C SER E 249 -25.34 47.22 8.89
N ILE E 250 -25.48 45.96 9.29
CA ILE E 250 -24.38 44.99 9.26
C ILE E 250 -23.92 44.63 7.84
N ARG E 251 -22.59 44.52 7.68
CA ARG E 251 -21.89 44.16 6.43
C ARG E 251 -20.71 43.24 6.77
N GLN E 252 -20.17 42.55 5.76
CA GLN E 252 -19.07 41.60 5.96
C GLN E 252 -18.12 41.48 4.77
N THR E 253 -16.90 41.00 5.08
CA THR E 253 -15.80 40.78 4.14
C THR E 253 -14.86 39.72 4.73
N SER E 254 -13.90 39.27 3.90
CA SER E 254 -12.95 38.24 4.34
C SER E 254 -12.19 38.63 5.61
N SER E 255 -11.99 39.92 5.83
CA SER E 255 -11.33 40.38 7.04
C SER E 255 -12.24 40.32 8.26
N GLY E 256 -13.56 40.35 8.06
CA GLY E 256 -14.50 40.30 9.15
C GLY E 256 -15.79 41.03 8.81
N SER E 257 -16.54 41.37 9.87
CA SER E 257 -17.81 42.07 9.78
C SER E 257 -17.75 43.47 10.38
N TYR E 258 -18.57 44.36 9.84
CA TYR E 258 -18.58 45.76 10.25
C TYR E 258 -19.95 46.38 9.97
N LEU E 259 -20.15 47.58 10.51
CA LEU E 259 -21.39 48.34 10.38
C LEU E 259 -21.27 49.52 9.41
N ASN E 260 -22.25 49.64 8.52
CA ASN E 260 -22.32 50.75 7.56
C ASN E 260 -23.15 51.90 8.16
N ILE E 261 -22.48 52.72 8.98
CA ILE E 261 -23.12 53.87 9.62
C ILE E 261 -22.18 55.07 9.52
N SER E 262 -22.78 56.27 9.41
CA SER E 262 -22.00 57.48 9.28
C SER E 262 -21.34 57.91 10.60
N PRO E 263 -20.21 58.61 10.52
CA PRO E 263 -19.53 59.11 11.72
C PRO E 263 -20.39 60.05 12.55
N GLU E 264 -21.16 60.91 11.89
CA GLU E 264 -22.04 61.86 12.57
C GLU E 264 -23.12 61.15 13.37
N ARG E 265 -23.81 60.20 12.75
CA ARG E 265 -24.84 59.43 13.45
C ARG E 265 -24.22 58.62 14.59
N THR E 266 -23.03 58.09 14.37
CA THR E 266 -22.31 57.34 15.40
C THR E 266 -22.02 58.23 16.61
N GLU E 267 -21.51 59.43 16.36
CA GLU E 267 -21.22 60.39 17.42
C GLU E 267 -22.50 60.85 18.13
N GLN E 268 -23.59 61.00 17.38
CA GLN E 268 -24.89 61.37 17.95
C GLN E 268 -25.42 60.27 18.87
N ILE E 269 -25.37 59.02 18.42
CA ILE E 269 -25.79 57.87 19.22
C ILE E 269 -25.00 57.84 20.52
N ILE E 270 -23.69 57.99 20.42
CA ILE E 270 -22.79 58.01 21.58
C ILE E 270 -23.14 59.21 22.46
N GLY E 271 -23.39 60.36 21.85
CA GLY E 271 -23.76 61.55 22.60
C GLY E 271 -25.04 61.38 23.42
N PHE E 272 -26.03 60.69 22.90
CA PHE E 272 -27.26 60.44 23.65
C PHE E 272 -26.95 59.64 24.92
N LEU E 273 -26.21 58.56 24.78
CA LEU E 273 -25.82 57.70 25.90
C LEU E 273 -24.95 58.48 26.90
N LYS E 274 -24.00 59.25 26.41
CA LYS E 274 -23.14 60.08 27.25
C LYS E 274 -23.95 61.06 28.08
N ASN E 275 -25.02 61.59 27.53
CA ASN E 275 -25.88 62.52 28.26
C ASN E 275 -26.76 61.83 29.29
N ILE E 276 -27.33 60.67 28.97
CA ILE E 276 -28.20 59.95 29.91
C ILE E 276 -27.41 59.32 31.07
N MET E 277 -26.27 58.69 30.80
CA MET E 277 -25.52 58.04 31.87
C MET E 277 -24.95 58.99 32.92
N ASN E 278 -25.11 58.60 34.21
CA ASN E 278 -24.59 59.30 35.38
C ASN E 278 -23.10 59.02 35.55
N PRO E 279 -22.32 60.03 35.92
CA PRO E 279 -20.86 59.82 36.09
C PRO E 279 -20.49 58.80 37.16
N THR E 280 -21.41 58.44 38.06
CA THR E 280 -21.08 57.45 39.08
C THR E 280 -20.93 56.04 38.53
N GLY E 281 -21.58 55.75 37.39
CA GLY E 281 -21.50 54.41 36.79
C GLY E 281 -22.32 53.37 37.56
N ASN E 282 -21.66 52.28 37.93
CA ASN E 282 -22.31 51.19 38.69
C ASN E 282 -23.52 50.60 37.94
N GLY E 283 -23.46 50.55 36.60
CA GLY E 283 -24.55 50.01 35.80
C GLY E 283 -24.04 49.23 34.58
N VAL E 284 -25.00 48.70 33.81
CA VAL E 284 -24.70 47.87 32.64
C VAL E 284 -25.68 48.17 31.51
N ILE E 285 -25.25 47.90 30.27
CA ILE E 285 -26.07 48.08 29.07
C ILE E 285 -26.52 46.72 28.50
N LEU E 286 -27.82 46.50 28.36
CA LEU E 286 -28.33 45.25 27.76
C LEU E 286 -28.58 45.40 26.26
N THR E 287 -28.42 44.31 25.50
CA THR E 287 -28.60 44.34 24.05
C THR E 287 -28.93 42.95 23.52
N ALA E 288 -29.35 42.90 22.25
CA ALA E 288 -29.59 41.64 21.56
C ALA E 288 -28.26 40.99 21.15
N LEU E 289 -28.24 39.66 21.08
CA LEU E 289 -27.00 38.96 20.72
C LEU E 289 -26.44 39.39 19.37
N ASP E 290 -27.31 39.63 18.39
CA ASP E 290 -26.88 40.01 17.04
C ASP E 290 -26.09 41.31 16.95
N ILE E 291 -26.23 42.23 17.90
CA ILE E 291 -25.54 43.52 17.88
C ILE E 291 -24.52 43.73 19.00
N ARG E 292 -24.54 42.91 20.04
CA ARG E 292 -23.69 43.09 21.23
C ARG E 292 -22.20 43.37 20.91
N ARG E 293 -21.55 42.53 20.11
CA ARG E 293 -20.13 42.72 19.78
C ARG E 293 -19.87 44.04 19.07
N TYR E 294 -20.78 44.46 18.20
CA TYR E 294 -20.64 45.73 17.49
C TYR E 294 -20.92 46.93 18.39
N VAL E 295 -21.93 46.85 19.24
CA VAL E 295 -22.23 47.93 20.19
C VAL E 295 -21.04 48.15 21.13
N LYS E 296 -20.42 47.09 21.60
CA LYS E 296 -19.24 47.21 22.46
C LYS E 296 -18.08 47.88 21.72
N LYS E 297 -17.73 47.39 20.55
CA LYS E 297 -16.64 47.95 19.75
C LYS E 297 -16.94 49.39 19.33
N MET E 298 -18.20 49.74 19.18
CA MET E 298 -18.60 51.10 18.82
C MET E 298 -18.41 52.07 20.01
N ILE E 299 -18.92 51.71 21.17
CA ILE E 299 -18.82 52.54 22.38
C ILE E 299 -17.38 52.61 22.90
N GLU E 300 -16.60 51.57 22.68
CA GLU E 300 -15.19 51.52 23.12
C GLU E 300 -14.45 52.82 22.80
N GLY E 301 -13.69 53.29 23.81
CA GLY E 301 -12.93 54.51 23.75
C GLY E 301 -13.63 55.74 24.31
N SER E 302 -14.95 55.74 24.34
CA SER E 302 -15.70 56.84 24.94
C SER E 302 -16.32 56.25 26.20
N PHE E 303 -16.02 56.83 27.37
CA PHE E 303 -16.46 56.30 28.66
C PHE E 303 -16.29 54.78 28.75
N PRO E 304 -15.07 54.28 28.52
CA PRO E 304 -14.75 52.85 28.53
C PRO E 304 -14.89 52.22 29.91
N SER E 305 -14.71 50.90 29.93
CA SER E 305 -14.82 50.05 31.12
C SER E 305 -16.24 49.93 31.64
N VAL E 306 -17.21 50.05 30.73
CA VAL E 306 -18.64 49.91 31.02
C VAL E 306 -19.08 48.59 30.37
N PRO E 307 -19.55 47.61 31.14
CA PRO E 307 -19.97 46.33 30.57
C PRO E 307 -21.22 46.38 29.72
N VAL E 308 -21.23 45.57 28.66
CA VAL E 308 -22.36 45.38 27.76
C VAL E 308 -22.74 43.91 27.79
N LEU E 309 -23.97 43.60 28.23
CA LEU E 309 -24.46 42.24 28.32
C LEU E 309 -25.60 42.02 27.32
N SER E 310 -26.29 40.87 27.42
CA SER E 310 -27.40 40.56 26.54
C SER E 310 -28.52 39.83 27.28
N PHE E 311 -29.71 39.89 26.68
CA PHE E 311 -30.93 39.29 27.22
C PHE E 311 -30.91 37.77 27.30
N GLN E 312 -29.98 37.12 26.60
CA GLN E 312 -29.84 35.67 26.67
C GLN E 312 -28.81 35.29 27.72
N GLU E 313 -27.74 36.08 27.84
CA GLU E 313 -26.75 35.82 28.87
C GLU E 313 -27.35 36.08 30.24
N VAL E 314 -28.12 37.15 30.38
CA VAL E 314 -28.80 37.44 31.64
C VAL E 314 -30.09 36.63 31.63
N GLY E 315 -30.35 35.93 32.74
CA GLY E 315 -31.54 35.11 32.86
C GLY E 315 -32.79 35.86 33.29
N ASN E 316 -33.92 35.16 33.21
CA ASN E 316 -35.21 35.67 33.64
C ASN E 316 -35.41 35.61 35.14
N ASN E 317 -34.55 34.87 35.84
CA ASN E 317 -34.66 34.70 37.28
C ASN E 317 -34.33 35.97 38.08
N ILE E 318 -33.40 36.79 37.59
CA ILE E 318 -32.98 38.00 38.29
C ILE E 318 -33.88 39.20 37.99
N GLU E 319 -33.89 40.15 38.93
CA GLU E 319 -34.64 41.42 38.82
C GLU E 319 -33.79 42.51 38.16
N LEU E 320 -34.42 43.25 37.24
CA LEU E 320 -33.79 44.35 36.51
C LEU E 320 -34.34 45.72 36.90
N LYS E 321 -33.45 46.65 37.23
CA LYS E 321 -33.79 48.04 37.54
C LYS E 321 -33.29 48.93 36.40
N VAL E 322 -34.20 49.60 35.70
CA VAL E 322 -33.85 50.44 34.55
C VAL E 322 -33.56 51.87 34.97
N LEU E 323 -32.40 52.38 34.54
CA LEU E 323 -31.93 53.74 34.85
C LEU E 323 -31.91 54.66 33.63
N GLY E 324 -32.45 54.24 32.49
CA GLY E 324 -32.51 55.07 31.31
C GLY E 324 -32.50 54.26 30.03
N THR E 325 -32.89 54.91 28.93
CA THR E 325 -32.94 54.27 27.62
C THR E 325 -32.62 55.23 26.48
N VAL E 326 -31.79 54.80 25.55
CA VAL E 326 -31.47 55.66 24.39
C VAL E 326 -32.47 55.33 23.28
N ASN F 1 1.85 25.33 42.86
CA ASN F 1 1.70 25.26 41.41
C ASN F 1 0.23 25.42 40.98
N ILE F 2 -0.04 25.27 39.69
CA ILE F 2 -1.38 25.43 39.13
C ILE F 2 -2.18 24.13 39.16
N SER F 3 -3.42 24.19 39.66
CA SER F 3 -4.31 23.04 39.69
C SER F 3 -5.05 22.83 38.37
N PRO F 4 -5.51 21.61 38.09
CA PRO F 4 -6.18 21.34 36.81
C PRO F 4 -7.26 22.32 36.39
N GLY F 5 -8.18 22.67 37.30
CA GLY F 5 -9.23 23.61 36.98
C GLY F 5 -9.97 24.01 38.23
N ALA F 6 -11.03 24.79 38.05
CA ALA F 6 -11.84 25.20 39.19
C ALA F 6 -12.32 24.00 40.00
N GLU F 7 -12.13 24.05 41.32
CA GLU F 7 -12.55 22.95 42.17
C GLU F 7 -14.06 22.70 42.07
N PRO F 8 -14.50 21.45 41.92
CA PRO F 8 -15.93 21.20 41.70
C PRO F 8 -16.89 21.59 42.83
N LEU F 9 -16.58 21.27 44.09
CA LEU F 9 -17.47 21.58 45.21
C LEU F 9 -16.71 21.97 46.47
N ILE F 10 -17.06 23.13 47.04
CA ILE F 10 -16.47 23.62 48.28
C ILE F 10 -17.57 24.12 49.21
N LEU F 11 -17.48 23.73 50.48
CA LEU F 11 -18.39 24.13 51.54
C LEU F 11 -17.65 24.96 52.59
N ASN F 12 -18.09 26.21 52.80
CA ASN F 12 -17.48 27.10 53.78
C ASN F 12 -18.37 27.19 55.02
N LEU F 13 -17.86 26.74 56.16
CA LEU F 13 -18.59 26.74 57.43
C LEU F 13 -17.96 27.64 58.47
N SER F 14 -18.76 28.55 59.06
CA SER F 14 -18.25 29.35 60.16
C SER F 14 -17.89 28.42 61.31
N SER F 15 -16.76 28.69 61.97
CA SER F 15 -16.22 27.80 63.00
C SER F 15 -17.16 27.61 64.19
N ASN F 16 -18.23 28.39 64.29
CA ASN F 16 -19.25 28.20 65.31
C ASN F 16 -20.02 26.90 65.06
N ILE F 17 -20.38 26.66 63.80
CA ILE F 17 -21.12 25.48 63.36
C ILE F 17 -20.23 24.27 63.05
N TYR F 18 -19.00 24.50 62.63
CA TYR F 18 -18.08 23.42 62.26
C TYR F 18 -17.87 22.37 63.35
N SER F 19 -17.61 21.14 62.91
CA SER F 19 -17.32 19.98 63.73
C SER F 19 -16.42 19.03 62.96
N SER F 20 -15.69 18.19 63.69
CA SER F 20 -14.76 17.21 63.12
C SER F 20 -15.39 15.95 62.55
N ASP F 21 -16.66 15.67 62.83
CA ASP F 21 -17.37 14.47 62.38
C ASP F 21 -18.12 14.61 61.06
N ILE F 22 -18.34 15.83 60.57
CA ILE F 22 -19.13 16.06 59.36
C ILE F 22 -18.52 15.48 58.09
N THR F 23 -17.19 15.41 57.98
CA THR F 23 -16.57 14.83 56.77
C THR F 23 -17.05 13.40 56.54
N GLN F 24 -16.97 12.57 57.57
CA GLN F 24 -17.41 11.17 57.49
C GLN F 24 -18.90 11.07 57.15
N GLN F 25 -19.73 11.94 57.69
CA GLN F 25 -21.17 11.94 57.38
C GLN F 25 -21.42 12.36 55.93
N ILE F 26 -20.66 13.31 55.41
CA ILE F 26 -20.76 13.74 54.01
C ILE F 26 -20.35 12.60 53.08
N GLU F 27 -19.29 11.89 53.41
CA GLU F 27 -18.86 10.73 52.62
C GLU F 27 -19.93 9.65 52.57
N VAL F 28 -20.78 9.59 53.59
CA VAL F 28 -21.90 8.64 53.62
C VAL F 28 -23.02 9.13 52.71
N MET F 29 -23.23 10.44 52.59
CA MET F 29 -24.26 10.99 51.71
C MET F 29 -23.94 10.72 50.24
N ARG F 30 -22.67 10.70 49.86
CA ARG F 30 -22.26 10.41 48.49
C ARG F 30 -22.73 9.02 48.04
N TRP F 31 -22.60 8.02 48.90
CA TRP F 31 -23.07 6.68 48.58
C TRP F 31 -24.58 6.64 48.38
N ASN F 32 -25.34 7.25 49.28
CA ASN F 32 -26.79 7.27 49.13
C ASN F 32 -27.20 7.97 47.84
N PHE F 33 -26.48 9.00 47.45
CA PHE F 33 -26.77 9.71 46.21
C PHE F 33 -26.46 8.84 45.00
N PHE F 34 -25.36 8.10 45.03
CA PHE F 34 -25.01 7.22 43.91
C PHE F 34 -25.97 6.06 43.76
N GLU F 35 -26.37 5.42 44.85
CA GLU F 35 -27.31 4.32 44.72
C GLU F 35 -28.68 4.79 44.22
N GLU F 36 -29.13 5.98 44.59
CA GLU F 36 -30.43 6.42 44.10
C GLU F 36 -30.36 7.03 42.72
N SER F 37 -29.33 7.82 42.42
CA SER F 37 -29.22 8.49 41.13
C SER F 37 -28.34 7.78 40.13
N GLY F 38 -27.33 7.07 40.58
CA GLY F 38 -26.38 6.48 39.66
C GLY F 38 -25.39 7.46 39.08
N ILE F 39 -25.21 8.61 39.72
CA ILE F 39 -24.31 9.68 39.31
C ILE F 39 -23.17 9.73 40.31
N PRO F 40 -21.93 9.55 39.92
CA PRO F 40 -20.84 9.57 40.90
C PRO F 40 -20.29 10.98 41.15
N LEU F 41 -20.62 11.56 42.30
CA LEU F 41 -20.17 12.90 42.67
C LEU F 41 -18.67 12.97 43.00
N PRO F 42 -18.03 14.11 42.69
CA PRO F 42 -16.63 14.29 43.05
C PRO F 42 -16.45 14.49 44.55
N LYS F 43 -15.19 14.48 45.01
CA LYS F 43 -14.92 14.70 46.44
C LYS F 43 -15.27 16.11 46.90
N ILE F 44 -15.99 16.22 48.01
CA ILE F 44 -16.38 17.51 48.58
C ILE F 44 -15.31 18.04 49.53
N ILE F 45 -14.97 19.32 49.40
CA ILE F 45 -13.98 20.01 50.24
C ILE F 45 -14.72 20.89 51.24
N VAL F 46 -14.45 20.72 52.54
CA VAL F 46 -15.09 21.52 53.58
C VAL F 46 -14.04 22.36 54.30
N ASN F 47 -14.21 23.71 54.27
CA ASN F 47 -13.31 24.69 54.89
C ASN F 47 -13.92 25.38 56.09
N PRO F 48 -13.23 25.37 57.24
CA PRO F 48 -13.71 26.13 58.40
C PRO F 48 -13.30 27.60 58.27
N VAL F 49 -14.24 28.49 58.55
CA VAL F 49 -14.03 29.93 58.49
C VAL F 49 -14.01 30.46 59.92
N LYS F 50 -12.93 31.17 60.27
CA LYS F 50 -12.68 31.66 61.63
C LYS F 50 -13.52 32.90 62.00
N ASN F 51 -14.84 32.70 61.95
CA ASN F 51 -15.86 33.67 62.29
C ASN F 51 -16.92 32.87 63.03
N ASN F 52 -17.68 33.54 63.90
CA ASN F 52 -18.72 32.86 64.67
C ASN F 52 -20.13 33.34 64.33
N ASP F 53 -20.33 33.80 63.09
CA ASP F 53 -21.63 34.30 62.65
C ASP F 53 -22.64 33.18 62.30
N SER F 54 -22.31 31.91 62.52
CA SER F 54 -23.18 30.78 62.20
C SER F 54 -23.59 30.69 60.71
N ALA F 55 -22.84 31.33 59.81
CA ALA F 55 -23.07 31.32 58.37
C ALA F 55 -22.49 30.09 57.67
N ILE F 56 -23.07 29.76 56.50
CA ILE F 56 -22.62 28.67 55.64
C ILE F 56 -22.71 29.11 54.18
N GLU F 57 -21.91 28.50 53.32
CA GLU F 57 -21.92 28.78 51.88
C GLU F 57 -21.48 27.58 51.05
N PHE F 58 -22.17 27.37 49.92
CA PHE F 58 -21.86 26.33 48.94
C PHE F 58 -21.36 26.94 47.64
N LEU F 59 -20.20 26.50 47.16
CA LEU F 59 -19.61 26.95 45.90
C LEU F 59 -19.56 25.84 44.87
N LEU F 60 -20.12 26.09 43.69
CA LEU F 60 -20.12 25.17 42.56
C LEU F 60 -19.15 25.70 41.52
N TYR F 61 -18.07 24.98 41.27
CA TYR F 61 -17.02 25.43 40.35
C TYR F 61 -16.59 26.84 40.70
N GLN F 62 -16.37 27.05 42.00
CA GLN F 62 -15.96 28.30 42.64
C GLN F 62 -16.90 29.49 42.48
N GLU F 63 -18.17 29.29 42.14
CA GLU F 63 -19.15 30.36 42.10
C GLU F 63 -20.17 30.05 43.20
N SER F 64 -20.60 31.07 43.94
CA SER F 64 -21.53 30.82 45.04
C SER F 64 -22.94 30.50 44.56
N ILE F 65 -23.46 29.36 45.02
CA ILE F 65 -24.78 28.87 44.65
C ILE F 65 -25.81 29.06 45.77
N TYR F 66 -25.36 29.07 47.03
CA TYR F 66 -26.24 29.29 48.18
C TYR F 66 -25.43 29.76 49.38
N LYS F 67 -25.99 30.72 50.12
CA LYS F 67 -25.37 31.30 51.31
C LYS F 67 -26.43 31.66 52.34
N ASP F 68 -26.27 31.19 53.58
CA ASP F 68 -27.27 31.45 54.61
C ASP F 68 -26.71 31.18 56.00
N THR F 69 -27.50 31.57 57.01
CA THR F 69 -27.19 31.38 58.44
C THR F 69 -28.10 30.37 59.11
N LEU F 70 -27.49 29.42 59.82
CA LEU F 70 -28.21 28.41 60.57
C LEU F 70 -28.65 28.91 61.94
N ILE F 71 -29.89 28.58 62.33
CA ILE F 71 -30.47 28.95 63.62
C ILE F 71 -31.12 27.72 64.25
N ASP F 72 -31.16 27.72 65.59
CA ASP F 72 -31.71 26.63 66.39
C ASP F 72 -33.22 26.68 66.58
N ASP F 73 -33.85 27.83 66.35
CA ASP F 73 -35.29 28.01 66.54
C ASP F 73 -36.16 27.39 65.45
N THR F 74 -35.60 26.88 64.36
CA THR F 74 -36.39 26.32 63.27
C THR F 74 -35.89 24.94 62.86
N VAL F 75 -36.75 24.21 62.15
CA VAL F 75 -36.50 22.85 61.70
C VAL F 75 -37.10 22.62 60.30
N TYR F 76 -36.37 21.87 59.47
CA TYR F 76 -36.77 21.51 58.12
C TYR F 76 -37.47 20.15 58.12
N PHE F 77 -38.47 19.98 57.24
CA PHE F 77 -39.20 18.73 57.13
C PHE F 77 -39.59 18.38 55.69
N GLU F 78 -39.90 17.10 55.49
CA GLU F 78 -40.36 16.52 54.23
C GLU F 78 -41.60 15.65 54.46
N ALA F 79 -42.55 15.72 53.53
CA ALA F 79 -43.79 14.94 53.61
C ALA F 79 -44.07 14.21 52.31
N GLY F 80 -44.44 12.94 52.44
CA GLY F 80 -44.79 12.07 51.32
C GLY F 80 -46.24 12.19 50.90
N HIS F 81 -46.92 11.04 50.74
CA HIS F 81 -48.33 11.01 50.36
C HIS F 81 -49.25 11.47 51.50
N ALA F 82 -48.70 11.78 52.67
CA ALA F 82 -49.45 12.23 53.83
C ALA F 82 -50.14 13.59 53.61
N GLU F 83 -51.12 13.86 54.49
CA GLU F 83 -51.92 15.09 54.47
C GLU F 83 -51.13 16.30 54.98
N ILE F 84 -51.61 17.48 54.57
CA ILE F 84 -51.04 18.77 54.96
C ILE F 84 -51.21 19.07 56.44
N SER F 85 -50.16 19.65 57.06
CA SER F 85 -50.16 20.03 58.47
C SER F 85 -49.94 21.54 58.60
N PHE F 86 -50.53 22.12 59.64
CA PHE F 86 -50.49 23.57 59.90
C PHE F 86 -49.10 24.19 60.19
N GLU F 87 -49.04 25.50 59.88
CA GLU F 87 -47.89 26.42 60.06
C GLU F 87 -46.64 26.13 59.23
N PHE F 88 -46.76 25.51 58.05
CA PHE F 88 -45.59 25.26 57.21
C PHE F 88 -45.17 26.54 56.48
N VAL F 89 -43.86 26.72 56.29
CA VAL F 89 -43.29 27.87 55.57
C VAL F 89 -42.46 27.37 54.38
N GLN F 90 -42.85 27.76 53.17
CA GLN F 90 -42.13 27.42 51.95
C GLN F 90 -41.08 28.46 51.61
N GLU F 91 -39.88 27.99 51.24
CA GLU F 91 -38.80 28.87 50.82
C GLU F 91 -38.07 28.27 49.63
N LYS F 92 -37.82 29.08 48.61
CA LYS F 92 -37.12 28.62 47.42
C LYS F 92 -35.63 28.47 47.68
N LEU F 93 -35.06 27.41 47.10
CA LEU F 93 -33.66 27.07 47.24
C LEU F 93 -32.92 27.23 45.91
N SER F 94 -33.64 27.18 44.81
CA SER F 94 -33.11 27.39 43.47
C SER F 94 -34.30 27.76 42.60
N THR F 95 -34.02 28.07 41.33
CA THR F 95 -35.09 28.39 40.39
C THR F 95 -36.07 27.25 40.21
N ASN F 96 -35.67 26.02 40.54
CA ASN F 96 -36.51 24.83 40.35
C ASN F 96 -36.65 23.95 41.61
N SER F 97 -36.31 24.45 42.79
CA SER F 97 -36.48 23.66 44.01
C SER F 97 -36.91 24.52 45.20
N ILE F 98 -37.75 23.94 46.06
CA ILE F 98 -38.32 24.58 47.25
C ILE F 98 -38.23 23.62 48.44
N VAL F 99 -37.97 24.19 49.62
CA VAL F 99 -37.89 23.47 50.90
C VAL F 99 -38.89 24.04 51.89
N TYR F 100 -39.34 23.18 52.82
CA TYR F 100 -40.31 23.53 53.87
C TYR F 100 -39.66 23.70 55.24
N LYS F 101 -39.95 24.83 55.89
CA LYS F 101 -39.44 25.22 57.20
C LYS F 101 -40.56 25.36 58.23
N THR F 102 -40.23 25.13 59.50
CA THR F 102 -41.19 25.22 60.60
C THR F 102 -40.47 25.56 61.91
N ASN F 103 -41.23 26.11 62.86
CA ASN F 103 -40.69 26.38 64.19
C ASN F 103 -40.49 25.05 64.92
N LYS F 104 -39.40 24.96 65.70
CA LYS F 104 -39.06 23.73 66.40
C LYS F 104 -40.18 23.15 67.28
N THR F 105 -41.09 23.99 67.77
CA THR F 105 -42.21 23.51 68.58
C THR F 105 -43.11 22.50 67.86
N ASN F 106 -43.18 22.59 66.53
CA ASN F 106 -43.99 21.72 65.68
C ASN F 106 -43.34 20.38 65.36
N GLN F 107 -42.08 20.17 65.78
CA GLN F 107 -41.29 18.97 65.51
C GLN F 107 -42.00 17.63 65.77
N GLN F 108 -42.49 17.40 66.99
CA GLN F 108 -43.10 16.11 67.33
C GLN F 108 -44.42 15.81 66.60
N LEU F 109 -45.24 16.82 66.31
CA LEU F 109 -46.48 16.56 65.58
C LEU F 109 -46.18 16.02 64.19
N ALA F 110 -45.25 16.65 63.49
CA ALA F 110 -44.85 16.19 62.15
C ALA F 110 -44.25 14.79 62.24
N HIS F 111 -43.32 14.61 63.18
CA HIS F 111 -42.68 13.32 63.43
C HIS F 111 -43.72 12.23 63.71
N LEU F 112 -44.72 12.55 64.51
CA LEU F 112 -45.81 11.63 64.84
C LEU F 112 -46.71 11.38 63.64
N THR F 113 -46.95 12.41 62.83
CA THR F 113 -47.78 12.27 61.64
C THR F 113 -47.12 11.38 60.59
N GLY F 114 -45.80 11.25 60.61
CA GLY F 114 -45.07 10.40 59.67
C GLY F 114 -44.11 11.13 58.76
N MET F 115 -43.98 12.44 58.91
CA MET F 115 -43.12 13.29 58.12
C MET F 115 -41.67 13.10 58.58
N ASP F 116 -40.73 13.37 57.69
CA ASP F 116 -39.31 13.29 58.01
C ASP F 116 -38.84 14.68 58.42
N VAL F 117 -38.08 14.76 59.52
CA VAL F 117 -37.65 16.01 60.11
C VAL F 117 -36.14 16.02 60.37
N TYR F 118 -35.50 17.15 60.03
CA TYR F 118 -34.07 17.39 60.15
C TYR F 118 -33.83 18.55 61.10
N ALA F 119 -33.11 18.31 62.21
CA ALA F 119 -32.92 19.36 63.22
C ALA F 119 -31.49 19.69 63.64
N THR F 120 -30.57 18.74 63.68
CA THR F 120 -29.20 19.05 64.06
C THR F 120 -28.46 19.73 62.90
N THR F 121 -27.34 20.36 63.24
CA THR F 121 -26.52 21.05 62.25
C THR F 121 -26.11 20.10 61.13
N ASN F 122 -25.65 18.90 61.48
CA ASN F 122 -25.22 17.96 60.47
C ASN F 122 -26.40 17.51 59.60
N ASP F 123 -27.60 17.44 60.16
CA ASP F 123 -28.79 17.10 59.37
C ASP F 123 -29.12 18.23 58.40
N LYS F 124 -29.19 19.45 58.91
CA LYS F 124 -29.50 20.62 58.09
C LYS F 124 -28.50 20.77 56.95
N ILE F 125 -27.22 20.63 57.23
CA ILE F 125 -26.20 20.73 56.19
C ILE F 125 -26.39 19.63 55.14
N THR F 126 -26.47 18.38 55.56
CA THR F 126 -26.63 17.26 54.64
C THR F 126 -27.93 17.34 53.84
N PHE F 127 -29.00 17.85 54.43
CA PHE F 127 -30.26 18.00 53.73
C PHE F 127 -30.17 19.05 52.63
N LEU F 128 -29.62 20.22 52.95
CA LEU F 128 -29.46 21.30 51.97
C LEU F 128 -28.52 20.91 50.85
N LEU F 129 -27.44 20.22 51.18
CA LEU F 129 -26.47 19.73 50.21
C LEU F 129 -27.13 18.82 49.16
N LYS F 130 -27.84 17.78 49.59
CA LYS F 130 -28.50 16.85 48.66
C LYS F 130 -29.53 17.56 47.77
N LYS F 131 -30.28 18.50 48.30
CA LYS F 131 -31.27 19.24 47.50
C LYS F 131 -30.61 20.17 46.49
N LEU F 132 -29.48 20.78 46.84
CA LEU F 132 -28.75 21.66 45.92
C LEU F 132 -28.09 20.86 44.79
N VAL F 133 -27.55 19.69 45.10
CA VAL F 133 -26.95 18.81 44.09
C VAL F 133 -28.00 18.28 43.12
N LEU F 134 -29.12 17.77 43.61
CA LEU F 134 -30.18 17.28 42.73
C LEU F 134 -30.64 18.35 41.75
N SER F 135 -30.65 19.59 42.18
CA SER F 135 -31.07 20.71 41.33
C SER F 135 -30.09 20.98 40.20
N ASN F 136 -28.82 20.62 40.35
CA ASN F 136 -27.75 20.87 39.38
C ASN F 136 -27.15 19.60 38.78
N ALA F 137 -27.86 18.48 38.88
CA ALA F 137 -27.39 17.16 38.43
C ALA F 137 -26.83 17.15 37.01
N LYS F 138 -27.40 17.94 36.10
CA LYS F 138 -26.89 18.02 34.73
C LYS F 138 -25.45 18.52 34.66
N GLU F 139 -24.97 19.25 35.65
CA GLU F 139 -23.60 19.74 35.68
C GLU F 139 -22.56 18.68 36.00
N PHE F 140 -22.92 17.63 36.73
CA PHE F 140 -22.02 16.56 37.16
C PHE F 140 -21.86 15.38 36.21
N ILE F 141 -22.53 15.36 35.06
CA ILE F 141 -22.42 14.25 34.11
C ILE F 141 -22.09 14.78 32.72
N GLY F 142 -20.86 14.54 32.28
CA GLY F 142 -20.32 14.96 30.99
C GLY F 142 -19.42 13.97 30.28
N VAL F 143 -18.51 14.47 29.43
CA VAL F 143 -17.63 13.61 28.64
C VAL F 143 -16.70 12.78 29.51
N GLN F 144 -16.04 13.39 30.47
CA GLN F 144 -15.11 12.63 31.31
C GLN F 144 -15.80 11.68 32.28
N GLU F 145 -17.04 11.95 32.70
CA GLU F 145 -17.75 11.06 33.61
C GLU F 145 -18.38 9.89 32.86
N THR F 146 -18.93 10.13 31.68
CA THR F 146 -19.47 9.07 30.83
C THR F 146 -18.39 8.03 30.55
N ARG F 147 -17.20 8.47 30.18
CA ARG F 147 -16.06 7.60 29.94
C ARG F 147 -15.66 6.83 31.20
N TYR F 148 -15.96 7.34 32.37
CA TYR F 148 -15.65 6.64 33.62
C TYR F 148 -16.67 5.52 33.89
N LEU F 149 -17.94 5.75 33.57
CA LEU F 149 -18.99 4.75 33.71
C LEU F 149 -18.80 3.59 32.75
N MET F 150 -18.14 3.82 31.63
CA MET F 150 -17.81 2.82 30.60
C MET F 150 -16.50 2.09 30.87
N ASP F 151 -15.60 2.66 31.68
CA ASP F 151 -14.37 1.98 32.06
C ASP F 151 -14.67 0.97 33.16
N ILE F 152 -15.46 1.38 34.14
CA ILE F 152 -16.14 0.46 35.03
C ILE F 152 -17.17 -0.11 34.05
N MET F 153 -17.87 -1.20 34.35
CA MET F 153 -18.85 -1.69 33.40
C MET F 153 -18.21 -2.34 32.18
N GLU F 154 -16.91 -2.62 32.23
CA GLU F 154 -16.23 -3.39 31.19
C GLU F 154 -15.37 -4.47 31.80
N ARG F 155 -15.31 -4.54 33.12
CA ARG F 155 -14.67 -5.59 33.89
C ARG F 155 -15.60 -6.78 33.92
N LYS F 156 -16.84 -6.52 33.51
CA LYS F 156 -18.01 -7.37 33.34
C LYS F 156 -18.76 -6.64 32.23
N TYR F 157 -19.58 -7.32 31.43
CA TYR F 157 -20.26 -6.60 30.34
C TYR F 157 -19.32 -6.04 29.27
N ASN F 158 -18.10 -6.57 29.18
CA ASN F 158 -17.07 -6.13 28.23
C ASN F 158 -17.52 -6.11 26.77
N GLU F 159 -18.26 -7.10 26.31
CA GLU F 159 -18.74 -7.16 24.92
C GLU F 159 -19.85 -6.16 24.67
N LEU F 160 -20.64 -5.84 25.68
CA LEU F 160 -21.72 -4.87 25.57
C LEU F 160 -21.17 -3.47 25.28
N VAL F 161 -20.07 -3.11 25.93
CA VAL F 161 -19.39 -1.83 25.73
C VAL F 161 -18.77 -1.73 24.33
N LYS F 162 -18.03 -2.75 23.90
CA LYS F 162 -17.47 -2.78 22.54
C LYS F 162 -18.54 -2.60 21.47
N GLU F 163 -19.65 -3.29 21.59
CA GLU F 163 -20.74 -3.15 20.62
C GLU F 163 -21.33 -1.75 20.65
N LEU F 164 -21.47 -1.15 21.83
CA LEU F 164 -22.01 0.21 21.95
C LEU F 164 -21.09 1.24 21.29
N GLN F 165 -19.80 1.18 21.57
CA GLN F 165 -18.82 2.11 21.00
C GLN F 165 -18.78 2.05 19.48
N ARG F 166 -19.04 0.91 18.89
CA ARG F 166 -19.09 0.77 17.43
C ARG F 166 -20.40 1.29 16.83
N GLN F 167 -21.47 1.31 17.60
CA GLN F 167 -22.77 1.74 17.11
C GLN F 167 -23.02 3.24 17.29
N LEU F 168 -22.60 3.84 18.41
CA LEU F 168 -22.80 5.25 18.71
C LEU F 168 -21.52 5.98 19.05
N GLY F 169 -21.49 7.29 18.76
CA GLY F 169 -20.36 8.12 19.14
C GLY F 169 -20.45 8.57 20.59
N LEU F 170 -19.30 8.68 21.25
CA LEU F 170 -19.30 9.04 22.67
C LEU F 170 -20.04 10.35 22.92
N SER F 171 -19.90 11.33 22.04
CA SER F 171 -20.61 12.60 22.23
C SER F 171 -22.12 12.47 22.18
N LYS F 172 -22.63 11.40 21.57
CA LYS F 172 -24.06 11.12 21.46
C LYS F 172 -24.59 10.41 22.71
N ILE F 173 -23.77 9.56 23.32
CA ILE F 173 -24.09 8.87 24.56
C ILE F 173 -24.25 9.88 25.70
N VAL F 174 -23.42 10.92 25.70
CA VAL F 174 -23.45 12.01 26.68
C VAL F 174 -24.76 12.79 26.63
N ASP F 175 -25.27 13.09 25.44
CA ASP F 175 -26.54 13.82 25.34
C ASP F 175 -27.72 12.99 25.83
N ILE F 176 -27.72 11.69 25.59
CA ILE F 176 -28.78 10.81 26.07
C ILE F 176 -28.80 10.73 27.60
N LEU F 177 -27.66 10.46 28.23
CA LEU F 177 -27.61 10.37 29.69
C LEU F 177 -27.98 11.70 30.36
N GLN F 178 -27.68 12.84 29.75
CA GLN F 178 -28.04 14.14 30.32
C GLN F 178 -29.54 14.39 30.30
N ARG F 179 -30.24 13.99 29.27
CA ARG F 179 -31.69 14.19 29.18
C ARG F 179 -32.43 13.34 30.22
N LEU F 180 -31.86 12.22 30.63
CA LEU F 180 -32.45 11.38 31.68
C LEU F 180 -32.31 12.01 33.07
N VAL F 181 -31.14 12.53 33.41
CA VAL F 181 -30.94 13.16 34.72
C VAL F 181 -31.65 14.50 34.81
N GLU F 182 -31.87 15.17 33.69
CA GLU F 182 -32.62 16.43 33.68
C GLU F 182 -34.03 16.28 34.21
N GLU F 183 -34.61 15.07 34.16
CA GLU F 183 -35.98 14.80 34.55
C GLU F 183 -36.07 13.79 35.69
N ASN F 184 -34.99 13.68 36.46
CA ASN F 184 -34.81 12.80 37.62
C ASN F 184 -34.91 11.30 37.37
N VAL F 185 -34.83 10.84 36.13
CA VAL F 185 -34.83 9.40 35.89
C VAL F 185 -33.48 8.86 36.37
N SER F 186 -33.48 7.67 36.97
CA SER F 186 -32.23 7.11 37.45
C SER F 186 -31.46 6.38 36.36
N ILE F 187 -30.14 6.56 36.34
CA ILE F 187 -29.23 5.92 35.39
C ILE F 187 -28.38 4.85 36.05
N ARG F 188 -28.89 4.25 37.12
CA ARG F 188 -28.19 3.19 37.83
C ARG F 188 -28.12 1.90 37.03
N ASP F 189 -29.20 1.56 36.33
CA ASP F 189 -29.29 0.37 35.48
C ASP F 189 -28.78 0.66 34.07
N LEU F 190 -27.45 0.59 33.93
CA LEU F 190 -26.79 0.87 32.66
C LEU F 190 -26.98 -0.21 31.59
N ARG F 191 -27.04 -1.49 31.94
CA ARG F 191 -27.22 -2.49 30.88
C ARG F 191 -28.59 -2.40 30.23
N THR F 192 -29.62 -1.97 30.94
CA THR F 192 -30.90 -1.78 30.28
C THR F 192 -30.81 -0.63 29.28
N ILE F 193 -30.09 0.42 29.63
CA ILE F 193 -29.91 1.59 28.77
C ILE F 193 -29.04 1.24 27.56
N PHE F 194 -27.89 0.62 27.77
CA PHE F 194 -26.99 0.25 26.68
C PHE F 194 -27.62 -0.80 25.76
N GLU F 195 -28.28 -1.81 26.30
CA GLU F 195 -28.97 -2.81 25.47
C GLU F 195 -30.05 -2.18 24.60
N THR F 196 -30.80 -1.22 25.12
CA THR F 196 -31.83 -0.54 24.34
C THR F 196 -31.24 0.32 23.23
N LEU F 197 -30.09 0.96 23.46
CA LEU F 197 -29.49 1.82 22.44
C LEU F 197 -28.87 0.99 21.31
N ILE F 198 -28.28 -0.16 21.63
CA ILE F 198 -27.72 -1.04 20.60
C ILE F 198 -28.81 -1.55 19.66
N PHE F 199 -29.98 -1.84 20.19
CA PHE F 199 -31.11 -2.33 19.39
C PHE F 199 -31.66 -1.28 18.41
N TRP F 200 -31.82 -0.03 18.81
CA TRP F 200 -32.41 1.01 17.97
C TRP F 200 -31.41 1.87 17.20
N SER F 201 -30.11 1.78 17.47
CA SER F 201 -29.10 2.62 16.83
C SER F 201 -29.14 2.66 15.30
N THR F 202 -29.52 1.57 14.64
CA THR F 202 -29.59 1.53 13.17
C THR F 202 -30.92 2.00 12.61
N LYS F 203 -32.01 1.78 13.31
CA LYS F 203 -33.34 2.16 12.88
C LYS F 203 -33.64 3.65 13.07
N GLU F 204 -33.16 4.27 14.15
CA GLU F 204 -33.40 5.68 14.43
C GLU F 204 -32.10 6.40 14.78
N LYS F 205 -32.01 7.66 14.34
CA LYS F 205 -30.86 8.51 14.53
C LYS F 205 -31.13 9.80 15.30
N ASP F 206 -32.39 10.17 15.51
CA ASP F 206 -32.74 11.38 16.27
C ASP F 206 -32.54 11.15 17.77
N VAL F 207 -31.63 11.91 18.36
CA VAL F 207 -31.30 11.83 19.78
C VAL F 207 -32.51 12.12 20.66
N VAL F 208 -33.41 12.99 20.21
CA VAL F 208 -34.62 13.32 20.96
C VAL F 208 -35.61 12.16 20.96
N ILE F 209 -35.53 11.26 19.98
CA ILE F 209 -36.41 10.09 19.85
C ILE F 209 -35.85 8.90 20.61
N LEU F 210 -34.55 8.65 20.52
CA LEU F 210 -33.90 7.56 21.25
C LEU F 210 -34.18 7.69 22.75
N CYS F 211 -34.25 8.91 23.23
CA CYS F 211 -34.54 9.21 24.63
C CYS F 211 -35.85 8.58 25.10
N GLU F 212 -36.88 8.62 24.28
CA GLU F 212 -38.20 8.07 24.64
C GLU F 212 -38.23 6.54 24.64
N TYR F 213 -37.50 5.89 23.75
CA TYR F 213 -37.43 4.43 23.79
C TYR F 213 -36.74 3.97 25.07
N VAL F 214 -35.69 4.66 25.50
CA VAL F 214 -35.00 4.34 26.75
C VAL F 214 -35.94 4.56 27.94
N ARG F 215 -36.81 5.57 27.87
CA ARG F 215 -37.77 5.80 28.94
C ARG F 215 -38.82 4.70 29.02
N ILE F 216 -39.32 4.23 27.89
CA ILE F 216 -40.31 3.14 27.85
C ILE F 216 -39.71 1.86 28.44
N ALA F 217 -38.47 1.56 28.11
CA ALA F 217 -37.77 0.39 28.63
C ALA F 217 -37.53 0.44 30.13
N LEU F 218 -37.63 1.61 30.77
CA LEU F 218 -37.41 1.80 32.20
C LEU F 218 -38.72 1.82 33.02
N ARG F 219 -39.79 1.26 32.47
CA ARG F 219 -41.13 1.20 33.06
C ARG F 219 -41.17 0.87 34.56
N ARG F 220 -40.47 -0.17 35.00
CA ARG F 220 -40.47 -0.59 36.41
C ARG F 220 -39.89 0.47 37.35
N HIS F 221 -38.92 1.23 36.92
CA HIS F 221 -38.35 2.29 37.75
C HIS F 221 -39.31 3.47 37.88
N ILE F 222 -39.89 3.91 36.77
CA ILE F 222 -40.81 5.04 36.74
C ILE F 222 -42.10 4.72 37.50
N LEU F 223 -42.75 3.61 37.21
CA LEU F 223 -43.98 3.27 37.95
C LEU F 223 -43.71 3.03 39.42
N GLY F 224 -42.60 2.42 39.78
CA GLY F 224 -42.27 2.15 41.17
C GLY F 224 -42.01 3.40 42.01
N ARG F 225 -41.87 4.57 41.39
CA ARG F 225 -41.65 5.86 42.04
C ARG F 225 -42.92 6.68 42.20
N TYR F 226 -43.74 6.81 41.17
CA TYR F 226 -44.93 7.65 41.23
C TYR F 226 -46.21 6.93 41.64
N SER F 227 -46.38 5.66 41.34
CA SER F 227 -47.58 4.94 41.76
C SER F 227 -47.58 4.71 43.27
N VAL F 228 -48.79 4.51 43.83
CA VAL F 228 -48.95 4.26 45.26
C VAL F 228 -49.14 2.77 45.48
N SER F 229 -48.26 2.23 46.33
CA SER F 229 -48.17 0.82 46.70
C SER F 229 -48.20 -0.10 45.48
N GLY F 230 -47.72 0.42 44.35
CA GLY F 230 -47.66 -0.30 43.10
C GLY F 230 -48.97 -0.58 42.41
N THR F 231 -50.11 -0.17 42.99
CA THR F 231 -51.40 -0.51 42.42
C THR F 231 -52.16 0.62 41.73
N LEU F 232 -52.00 1.87 42.15
CA LEU F 232 -52.77 2.96 41.56
C LEU F 232 -51.92 4.19 41.29
N LEU F 233 -52.24 4.88 40.19
CA LEU F 233 -51.59 6.11 39.76
C LEU F 233 -52.59 7.26 39.62
N ASN F 234 -52.32 8.39 40.29
CA ASN F 234 -53.16 9.59 40.20
C ASN F 234 -52.81 10.38 38.95
N VAL F 235 -53.82 10.80 38.17
CA VAL F 235 -53.57 11.40 36.86
C VAL F 235 -54.43 12.62 36.50
N TRP F 236 -53.82 13.52 35.71
CA TRP F 236 -54.44 14.67 35.05
C TRP F 236 -54.22 14.51 33.54
N LEU F 237 -55.20 14.89 32.72
CA LEU F 237 -55.08 14.72 31.26
C LEU F 237 -55.13 16.03 30.47
N ILE F 238 -54.44 16.06 29.32
CA ILE F 238 -54.41 17.22 28.44
C ILE F 238 -55.62 17.32 27.52
N GLY F 239 -56.17 16.19 27.07
CA GLY F 239 -57.30 16.11 26.16
C GLY F 239 -56.96 16.24 24.67
N SER F 240 -57.81 15.61 23.86
CA SER F 240 -57.60 15.53 22.40
C SER F 240 -57.51 16.89 21.68
N ASP F 241 -58.29 17.88 22.11
CA ASP F 241 -58.24 19.19 21.46
C ASP F 241 -56.90 19.90 21.61
N ILE F 242 -56.43 20.03 22.86
CA ILE F 242 -55.14 20.68 23.10
C ILE F 242 -54.00 19.86 22.53
N GLU F 243 -54.06 18.53 22.66
CA GLU F 243 -53.03 17.67 22.09
C GLU F 243 -52.96 17.82 20.57
N ASN F 244 -54.10 17.87 19.91
CA ASN F 244 -54.13 18.05 18.45
C ASN F 244 -53.58 19.41 18.05
N GLU F 245 -53.97 20.46 18.77
CA GLU F 245 -53.47 21.80 18.49
C GLU F 245 -51.95 21.88 18.68
N LEU F 246 -51.45 21.31 19.77
CA LEU F 246 -50.00 21.29 20.03
C LEU F 246 -49.25 20.47 18.99
N ARG F 247 -49.78 19.30 18.62
CA ARG F 247 -49.14 18.44 17.62
C ARG F 247 -48.94 19.17 16.29
N GLU F 248 -49.92 19.96 15.87
CA GLU F 248 -49.82 20.73 14.63
C GLU F 248 -48.87 21.93 14.72
N SER F 249 -48.72 22.53 15.90
CA SER F 249 -47.86 23.71 16.12
C SER F 249 -46.35 23.46 16.08
N ILE F 250 -45.88 22.21 15.97
CA ILE F 250 -44.44 21.91 15.96
C ILE F 250 -43.71 22.45 14.73
N ARG F 251 -42.49 22.97 14.96
CA ARG F 251 -41.56 23.52 13.97
C ARG F 251 -40.13 23.09 14.33
N GLN F 252 -39.21 23.22 13.36
CA GLN F 252 -37.82 22.81 13.57
C GLN F 252 -36.80 23.60 12.76
N THR F 253 -35.55 23.54 13.25
CA THR F 253 -34.36 24.21 12.69
C THR F 253 -33.12 23.45 13.14
N SER F 254 -31.97 23.82 12.56
CA SER F 254 -30.70 23.15 12.88
C SER F 254 -30.38 23.19 14.37
N SER F 255 -30.84 24.22 15.08
CA SER F 255 -30.63 24.29 16.52
C SER F 255 -31.55 23.36 17.28
N GLY F 256 -32.68 22.98 16.71
CA GLY F 256 -33.63 22.09 17.37
C GLY F 256 -35.05 22.34 16.92
N SER F 257 -35.98 21.84 17.73
CA SER F 257 -37.42 21.93 17.49
C SER F 257 -38.13 22.79 18.53
N TYR F 258 -39.22 23.43 18.10
CA TYR F 258 -39.97 24.34 18.95
C TYR F 258 -41.41 24.42 18.48
N LEU F 259 -42.25 25.06 19.30
CA LEU F 259 -43.67 25.25 19.04
C LEU F 259 -44.02 26.67 18.62
N ASN F 260 -44.82 26.79 17.56
CA ASN F 260 -45.32 28.09 17.10
C ASN F 260 -46.66 28.40 17.75
N ILE F 261 -46.59 28.91 18.98
CA ILE F 261 -47.78 29.28 19.75
C ILE F 261 -47.54 30.64 20.42
N SER F 262 -48.61 31.41 20.55
CA SER F 262 -48.52 32.74 21.14
C SER F 262 -48.33 32.70 22.66
N PRO F 263 -47.67 33.73 23.21
CA PRO F 263 -47.48 33.81 24.67
C PRO F 263 -48.79 33.85 25.45
N GLU F 264 -49.78 34.55 24.91
CA GLU F 264 -51.09 34.65 25.55
C GLU F 264 -51.79 33.30 25.64
N ARG F 265 -51.84 32.57 24.52
CA ARG F 265 -52.45 31.25 24.51
C ARG F 265 -51.68 30.31 25.43
N THR F 266 -50.36 30.45 25.46
CA THR F 266 -49.50 29.63 26.33
C THR F 266 -49.85 29.89 27.80
N GLU F 267 -49.97 31.16 28.18
CA GLU F 267 -50.33 31.53 29.54
C GLU F 267 -51.74 31.08 29.89
N GLN F 268 -52.66 31.12 28.92
CA GLN F 268 -54.04 30.64 29.13
C GLN F 268 -54.05 29.13 29.40
N ILE F 269 -53.34 28.36 28.58
CA ILE F 269 -53.23 26.91 28.74
C ILE F 269 -52.70 26.61 30.14
N ILE F 270 -51.63 27.28 30.53
CA ILE F 270 -51.01 27.14 31.84
C ILE F 270 -52.01 27.54 32.93
N GLY F 271 -52.71 28.65 32.72
CA GLY F 271 -53.71 29.11 33.68
C GLY F 271 -54.81 28.10 33.94
N PHE F 272 -55.28 27.39 32.91
CA PHE F 272 -56.31 26.37 33.09
C PHE F 272 -55.80 25.27 34.03
N LEU F 273 -54.60 24.77 33.76
CA LEU F 273 -53.97 23.73 34.57
C LEU F 273 -53.74 24.21 36.00
N LYS F 274 -53.25 25.44 36.14
CA LYS F 274 -53.00 26.04 37.45
C LYS F 274 -54.29 26.13 38.27
N ASN F 275 -55.41 26.38 37.63
CA ASN F 275 -56.69 26.45 38.32
C ASN F 275 -57.23 25.07 38.70
N ILE F 276 -57.10 24.07 37.82
CA ILE F 276 -57.60 22.73 38.11
C ILE F 276 -56.76 22.01 39.17
N MET F 277 -55.44 22.07 39.09
CA MET F 277 -54.59 21.36 40.04
C MET F 277 -54.70 21.88 41.47
N ASN F 278 -54.77 20.90 42.42
CA ASN F 278 -54.81 21.13 43.86
C ASN F 278 -53.40 21.42 44.38
N PRO F 279 -53.26 22.36 45.32
CA PRO F 279 -51.92 22.68 45.83
C PRO F 279 -51.23 21.53 46.54
N THR F 280 -51.93 20.47 46.91
CA THR F 280 -51.28 19.33 47.57
C THR F 280 -50.41 18.52 46.62
N GLY F 281 -50.68 18.55 45.32
CA GLY F 281 -49.90 17.79 44.35
C GLY F 281 -50.20 16.30 44.38
N ASN F 282 -49.16 15.48 44.54
CA ASN F 282 -49.28 14.02 44.62
C ASN F 282 -49.94 13.43 43.36
N GLY F 283 -49.70 14.03 42.18
CA GLY F 283 -50.26 13.55 40.93
C GLY F 283 -49.30 13.68 39.76
N VAL F 284 -49.77 13.24 38.58
CA VAL F 284 -48.97 13.23 37.36
C VAL F 284 -49.82 13.61 36.15
N ILE F 285 -49.16 14.13 35.11
CA ILE F 285 -49.80 14.50 33.85
C ILE F 285 -49.45 13.51 32.72
N LEU F 286 -50.45 12.88 32.10
CA LEU F 286 -50.20 11.97 30.98
C LEU F 286 -50.31 12.68 29.63
N THR F 287 -49.54 12.23 28.64
CA THR F 287 -49.53 12.85 27.31
C THR F 287 -49.04 11.86 26.25
N ALA F 288 -49.24 12.24 24.99
CA ALA F 288 -48.73 11.46 23.85
C ALA F 288 -47.23 11.68 23.70
N LEU F 289 -46.53 10.67 23.18
CA LEU F 289 -45.08 10.78 23.03
C LEU F 289 -44.64 11.97 22.17
N ASP F 290 -45.38 12.26 21.11
CA ASP F 290 -45.04 13.36 20.21
C ASP F 290 -44.98 14.76 20.84
N ILE F 291 -45.68 14.98 21.95
CA ILE F 291 -45.74 16.28 22.61
C ILE F 291 -45.10 16.33 24.01
N ARG F 292 -44.83 15.18 24.63
CA ARG F 292 -44.34 15.11 26.01
C ARG F 292 -43.16 16.06 26.31
N ARG F 293 -42.09 16.02 25.53
CA ARG F 293 -40.93 16.89 25.80
C ARG F 293 -41.28 18.37 25.71
N TYR F 294 -42.16 18.74 24.79
CA TYR F 294 -42.59 20.14 24.66
C TYR F 294 -43.53 20.56 25.78
N VAL F 295 -44.46 19.69 26.18
CA VAL F 295 -45.37 19.99 27.29
C VAL F 295 -44.57 20.21 28.57
N LYS F 296 -43.57 19.40 28.83
CA LYS F 296 -42.72 19.56 30.01
C LYS F 296 -41.98 20.89 29.97
N LYS F 297 -41.29 21.18 28.88
CA LYS F 297 -40.54 22.43 28.71
C LYS F 297 -41.45 23.65 28.75
N MET F 298 -42.71 23.50 28.34
CA MET F 298 -43.68 24.59 28.37
C MET F 298 -44.13 24.88 29.81
N ILE F 299 -44.52 23.86 30.55
CA ILE F 299 -44.98 24.01 31.94
C ILE F 299 -43.84 24.42 32.87
N GLU F 300 -42.62 24.01 32.58
CA GLU F 300 -41.45 24.33 33.39
C GLU F 300 -41.40 25.80 33.81
N GLY F 301 -41.10 26.01 35.10
CA GLY F 301 -41.04 27.31 35.74
C GLY F 301 -42.32 27.75 36.43
N SER F 302 -43.47 27.22 36.03
CA SER F 302 -44.72 27.53 36.70
C SER F 302 -45.12 26.23 37.39
N PHE F 303 -45.31 26.28 38.71
CA PHE F 303 -45.58 25.10 39.53
C PHE F 303 -44.70 23.90 39.13
N PRO F 304 -43.39 24.09 39.15
CA PRO F 304 -42.40 23.08 38.77
C PRO F 304 -42.37 21.87 39.69
N SER F 305 -41.55 20.88 39.29
CA SER F 305 -41.37 19.61 39.99
C SER F 305 -42.60 18.70 39.94
N VAL F 306 -43.37 18.82 38.88
CA VAL F 306 -44.56 18.02 38.62
C VAL F 306 -44.22 17.09 37.45
N PRO F 307 -44.23 15.78 37.64
CA PRO F 307 -43.88 14.85 36.56
C PRO F 307 -44.89 14.77 35.43
N VAL F 308 -44.35 14.61 34.22
CA VAL F 308 -45.12 14.43 32.99
C VAL F 308 -44.73 13.08 32.39
N LEU F 309 -45.69 12.16 32.26
CA LEU F 309 -45.45 10.83 31.70
C LEU F 309 -46.19 10.68 30.37
N SER F 310 -46.24 9.45 29.84
CA SER F 310 -46.93 9.18 28.59
C SER F 310 -47.62 7.82 28.60
N PHE F 311 -48.60 7.67 27.70
CA PHE F 311 -49.41 6.46 27.57
C PHE F 311 -48.65 5.23 27.12
N GLN F 312 -47.45 5.40 26.58
CA GLN F 312 -46.61 4.28 26.18
C GLN F 312 -45.66 3.89 27.30
N GLU F 313 -45.16 4.88 28.03
CA GLU F 313 -44.29 4.58 29.17
C GLU F 313 -45.11 3.92 30.27
N VAL F 314 -46.31 4.40 30.52
CA VAL F 314 -47.18 3.77 31.49
C VAL F 314 -47.91 2.63 30.79
N GLY F 315 -47.92 1.46 31.43
CA GLY F 315 -48.55 0.29 30.87
C GLY F 315 -50.05 0.19 31.12
N ASN F 316 -50.66 -0.78 30.46
CA ASN F 316 -52.08 -1.08 30.59
C ASN F 316 -52.39 -1.91 31.82
N ASN F 317 -51.37 -2.48 32.46
CA ASN F 317 -51.55 -3.31 33.63
C ASN F 317 -52.01 -2.54 34.88
N ILE F 318 -51.57 -1.31 35.04
CA ILE F 318 -51.89 -0.49 36.21
C ILE F 318 -53.23 0.26 36.07
N GLU F 319 -53.83 0.58 37.23
CA GLU F 319 -55.07 1.35 37.34
C GLU F 319 -54.81 2.84 37.42
N LEU F 320 -55.60 3.61 36.67
CA LEU F 320 -55.52 5.08 36.63
C LEU F 320 -56.72 5.77 37.27
N LYS F 321 -56.45 6.71 38.18
CA LYS F 321 -57.46 7.53 38.84
C LYS F 321 -57.32 8.96 38.31
N VAL F 322 -58.37 9.47 37.64
CA VAL F 322 -58.33 10.80 37.04
C VAL F 322 -58.84 11.88 37.99
N LEU F 323 -58.03 12.92 38.16
CA LEU F 323 -58.34 14.05 39.05
C LEU F 323 -58.63 15.35 38.30
N GLY F 324 -58.77 15.32 36.98
CA GLY F 324 -59.08 16.51 36.21
C GLY F 324 -58.52 16.45 34.81
N THR F 325 -59.03 17.34 33.95
CA THR F 325 -58.59 17.40 32.55
C THR F 325 -58.64 18.82 31.99
N VAL F 326 -57.58 19.23 31.29
CA VAL F 326 -57.59 20.56 30.67
C VAL F 326 -58.14 20.41 29.26
N ASN G 1 -16.20 0.92 47.12
CA ASN G 1 -16.12 1.52 45.79
C ASN G 1 -17.41 1.27 44.98
N ILE G 2 -17.41 1.67 43.71
CA ILE G 2 -18.57 1.54 42.83
C ILE G 2 -18.62 0.18 42.13
N SER G 3 -19.78 -0.49 42.19
CA SER G 3 -19.98 -1.78 41.53
C SER G 3 -20.34 -1.61 40.04
N PRO G 4 -20.09 -2.64 39.22
CA PRO G 4 -20.37 -2.53 37.79
C PRO G 4 -21.74 -1.99 37.40
N GLY G 5 -22.80 -2.49 38.02
CA GLY G 5 -24.13 -2.01 37.73
C GLY G 5 -25.12 -2.56 38.73
N ALA G 6 -26.40 -2.27 38.50
CA ALA G 6 -27.44 -2.79 39.39
C ALA G 6 -27.36 -4.31 39.52
N GLU G 7 -27.38 -4.79 40.76
CA GLU G 7 -27.31 -6.22 40.98
C GLU G 7 -28.47 -6.96 40.31
N PRO G 8 -28.21 -8.06 39.59
CA PRO G 8 -29.30 -8.71 38.84
C PRO G 8 -30.45 -9.30 39.64
N LEU G 9 -30.19 -10.01 40.74
CA LEU G 9 -31.24 -10.65 41.54
C LEU G 9 -30.93 -10.62 43.02
N ILE G 10 -31.87 -10.10 43.82
CA ILE G 10 -31.74 -10.05 45.28
C ILE G 10 -33.05 -10.51 45.90
N LEU G 11 -32.95 -11.38 46.91
CA LEU G 11 -34.07 -11.91 47.69
C LEU G 11 -33.96 -11.45 49.14
N ASN G 12 -34.97 -10.72 49.62
CA ASN G 12 -35.02 -10.23 51.00
C ASN G 12 -35.98 -11.08 51.82
N LEU G 13 -35.45 -11.77 52.83
CA LEU G 13 -36.24 -12.64 53.70
C LEU G 13 -36.26 -12.16 55.14
N SER G 14 -37.47 -12.02 55.70
CA SER G 14 -37.58 -11.69 57.12
C SER G 14 -36.94 -12.82 57.92
N SER G 15 -36.18 -12.46 58.96
CA SER G 15 -35.40 -13.43 59.74
C SER G 15 -36.25 -14.51 60.41
N ASN G 16 -37.57 -14.35 60.42
CA ASN G 16 -38.48 -15.37 60.91
C ASN G 16 -38.47 -16.59 60.00
N ILE G 17 -38.51 -16.35 58.70
CA ILE G 17 -38.51 -17.38 57.66
C ILE G 17 -37.11 -17.86 57.26
N TYR G 18 -36.10 -17.00 57.36
CA TYR G 18 -34.74 -17.32 56.97
C TYR G 18 -34.17 -18.58 57.62
N SER G 19 -33.28 -19.25 56.89
CA SER G 19 -32.57 -20.45 57.30
C SER G 19 -31.22 -20.49 56.58
N SER G 20 -30.28 -21.24 57.16
CA SER G 20 -28.92 -21.39 56.61
C SER G 20 -28.78 -22.37 55.45
N ASP G 21 -29.77 -23.21 55.17
CA ASP G 21 -29.74 -24.22 54.10
C ASP G 21 -30.30 -23.77 52.76
N ILE G 22 -31.01 -22.65 52.69
CA ILE G 22 -31.68 -22.20 51.47
C ILE G 22 -30.69 -21.83 50.35
N THR G 23 -29.51 -21.34 50.67
CA THR G 23 -28.53 -21.00 49.63
C THR G 23 -28.20 -22.23 48.78
N GLN G 24 -27.86 -23.34 49.42
CA GLN G 24 -27.55 -24.59 48.72
C GLN G 24 -28.73 -25.09 47.88
N GLN G 25 -29.94 -24.97 48.38
CA GLN G 25 -31.13 -25.39 47.63
C GLN G 25 -31.39 -24.47 46.43
N ILE G 26 -31.14 -23.19 46.57
CA ILE G 26 -31.28 -22.23 45.46
C ILE G 26 -30.25 -22.53 44.38
N GLU G 27 -29.02 -22.84 44.77
CA GLU G 27 -27.96 -23.20 43.82
C GLU G 27 -28.33 -24.47 43.04
N VAL G 28 -29.16 -25.33 43.62
CA VAL G 28 -29.64 -26.54 42.95
C VAL G 28 -30.73 -26.17 41.95
N MET G 29 -31.55 -25.17 42.23
CA MET G 29 -32.61 -24.73 41.33
C MET G 29 -32.02 -24.14 40.04
N ARG G 30 -30.87 -23.48 40.13
CA ARG G 30 -30.20 -22.92 38.95
C ARG G 30 -29.87 -24.00 37.92
N TRP G 31 -29.37 -25.15 38.36
CA TRP G 31 -29.08 -26.26 37.45
C TRP G 31 -30.34 -26.78 36.79
N ASN G 32 -31.40 -27.01 37.54
CA ASN G 32 -32.64 -27.50 36.95
C ASN G 32 -33.18 -26.50 35.92
N PHE G 33 -33.03 -25.22 36.18
CA PHE G 33 -33.48 -24.19 35.23
C PHE G 33 -32.62 -24.20 33.97
N PHE G 34 -31.31 -24.36 34.11
CA PHE G 34 -30.43 -24.40 32.94
C PHE G 34 -30.67 -25.62 32.08
N GLU G 35 -30.81 -26.81 32.67
CA GLU G 35 -31.05 -27.98 31.86
C GLU G 35 -32.39 -27.93 31.15
N GLU G 36 -33.42 -27.33 31.74
CA GLU G 36 -34.70 -27.27 31.06
C GLU G 36 -34.79 -26.13 30.08
N SER G 37 -34.26 -24.95 30.41
CA SER G 37 -34.33 -23.78 29.55
C SER G 37 -33.11 -23.55 28.69
N GLY G 38 -31.93 -23.91 29.18
CA GLY G 38 -30.71 -23.58 28.48
C GLY G 38 -30.28 -22.15 28.63
N ILE G 39 -30.77 -21.46 29.65
CA ILE G 39 -30.48 -20.05 29.96
C ILE G 39 -29.65 -20.03 31.23
N PRO G 40 -28.45 -19.50 31.23
CA PRO G 40 -27.66 -19.50 32.46
C PRO G 40 -27.91 -18.29 33.35
N LEU G 41 -28.62 -18.50 34.47
CA LEU G 41 -28.93 -17.42 35.40
C LEU G 41 -27.72 -16.92 36.19
N PRO G 42 -27.68 -15.64 36.53
CA PRO G 42 -26.60 -15.10 37.36
C PRO G 42 -26.73 -15.58 38.81
N LYS G 43 -25.70 -15.29 39.62
CA LYS G 43 -25.74 -15.69 41.03
C LYS G 43 -26.81 -14.92 41.81
N ILE G 44 -27.61 -15.63 42.59
CA ILE G 44 -28.66 -15.03 43.42
C ILE G 44 -28.12 -14.63 44.79
N ILE G 45 -28.46 -13.42 45.25
CA ILE G 45 -28.05 -12.89 46.54
C ILE G 45 -29.25 -12.94 47.49
N VAL G 46 -29.10 -13.56 48.65
CA VAL G 46 -30.18 -13.65 49.64
C VAL G 46 -29.77 -12.90 50.92
N ASN G 47 -30.57 -11.88 51.31
CA ASN G 47 -30.34 -11.04 52.48
C ASN G 47 -31.36 -11.27 53.59
N PRO G 48 -30.93 -11.57 54.81
CA PRO G 48 -31.86 -11.67 55.93
C PRO G 48 -32.20 -10.28 56.47
N VAL G 49 -33.50 -10.06 56.72
CA VAL G 49 -34.01 -8.80 57.26
C VAL G 49 -34.42 -9.04 58.70
N LYS G 50 -33.88 -8.22 59.61
CA LYS G 50 -34.08 -8.38 61.06
C LYS G 50 -35.46 -7.87 61.53
N ASN G 51 -36.48 -8.52 61.00
CA ASN G 51 -37.89 -8.30 61.30
C ASN G 51 -38.51 -9.69 61.32
N ASN G 52 -39.61 -9.84 62.06
CA ASN G 52 -40.26 -11.14 62.16
C ASN G 52 -41.66 -11.16 61.55
N ASP G 53 -41.91 -10.31 60.57
CA ASP G 53 -43.22 -10.24 59.93
C ASP G 53 -43.50 -11.35 58.92
N SER G 54 -42.60 -12.33 58.78
CA SER G 54 -42.76 -13.43 57.81
C SER G 54 -42.90 -12.98 56.35
N ALA G 55 -42.48 -11.76 56.02
CA ALA G 55 -42.51 -11.21 54.67
C ALA G 55 -41.30 -11.61 53.82
N ILE G 56 -41.50 -11.57 52.49
CA ILE G 56 -40.46 -11.85 51.50
C ILE G 56 -40.60 -10.86 50.35
N GLU G 57 -39.47 -10.62 49.64
CA GLU G 57 -39.46 -9.76 48.47
C GLU G 57 -38.38 -10.14 47.46
N PHE G 58 -38.72 -10.04 46.17
CA PHE G 58 -37.81 -10.30 45.06
C PHE G 58 -37.54 -9.01 44.28
N LEU G 59 -36.26 -8.69 44.10
CA LEU G 59 -35.82 -7.51 43.35
C LEU G 59 -35.11 -7.90 42.07
N LEU G 60 -35.57 -7.38 40.94
CA LEU G 60 -34.97 -7.59 39.63
C LEU G 60 -34.28 -6.30 39.21
N TYR G 61 -32.95 -6.34 39.09
CA TYR G 61 -32.17 -5.13 38.80
C TYR G 61 -32.55 -4.00 39.74
N GLN G 62 -32.63 -4.35 41.01
CA GLN G 62 -32.96 -3.50 42.15
C GLN G 62 -34.34 -2.86 42.12
N GLU G 63 -35.29 -3.36 41.33
CA GLU G 63 -36.67 -2.87 41.35
C GLU G 63 -37.52 -4.02 41.87
N SER G 64 -38.48 -3.73 42.74
CA SER G 64 -39.31 -4.80 43.30
C SER G 64 -40.28 -5.39 42.30
N ILE G 65 -40.22 -6.72 42.15
CA ILE G 65 -41.06 -7.47 41.22
C ILE G 65 -42.17 -8.24 41.92
N TYR G 66 -41.95 -8.62 43.20
CA TYR G 66 -42.95 -9.32 43.99
C TYR G 66 -42.65 -9.18 45.48
N LYS G 67 -43.70 -8.98 46.28
CA LYS G 67 -43.60 -8.83 47.72
C LYS G 67 -44.81 -9.45 48.40
N ASP G 68 -44.59 -10.32 49.39
CA ASP G 68 -45.71 -11.00 50.05
C ASP G 68 -45.26 -11.64 51.36
N THR G 69 -46.25 -12.11 52.13
CA THR G 69 -46.08 -12.80 53.40
C THR G 69 -46.44 -14.27 53.35
N LEU G 70 -45.53 -15.12 53.85
CA LEU G 70 -45.73 -16.56 53.92
C LEU G 70 -46.52 -16.96 55.16
N ILE G 71 -47.48 -17.88 54.98
CA ILE G 71 -48.32 -18.41 56.06
C ILE G 71 -48.35 -19.93 55.97
N ASP G 72 -48.52 -20.56 57.13
CA ASP G 72 -48.56 -22.02 57.28
C ASP G 72 -49.91 -22.65 56.97
N ASP G 73 -50.99 -21.88 56.96
CA ASP G 73 -52.34 -22.37 56.72
C ASP G 73 -52.64 -22.69 55.26
N THR G 74 -51.76 -22.38 54.31
CA THR G 74 -52.02 -22.63 52.90
C THR G 74 -50.86 -23.35 52.22
N VAL G 75 -51.17 -23.94 51.06
CA VAL G 75 -50.23 -24.73 50.27
C VAL G 75 -50.47 -24.50 48.78
N TYR G 76 -49.36 -24.44 48.00
CA TYR G 76 -49.39 -24.26 46.55
C TYR G 76 -49.33 -25.62 45.85
N PHE G 77 -49.99 -25.73 44.70
CA PHE G 77 -49.98 -26.97 43.92
C PHE G 77 -49.96 -26.71 42.41
N GLU G 78 -49.57 -27.77 41.66
CA GLU G 78 -49.53 -27.82 40.21
C GLU G 78 -50.20 -29.09 39.71
N ALA G 79 -50.93 -28.99 38.60
CA ALA G 79 -51.63 -30.12 37.99
C ALA G 79 -51.36 -30.22 36.50
N GLY G 80 -51.09 -31.45 36.06
CA GLY G 80 -50.83 -31.77 34.66
C GLY G 80 -52.10 -32.04 33.88
N HIS G 81 -52.11 -33.14 33.12
CA HIS G 81 -53.28 -33.53 32.33
C HIS G 81 -54.44 -34.04 33.19
N ALA G 82 -54.26 -34.14 34.51
CA ALA G 82 -55.26 -34.61 35.45
C ALA G 82 -56.49 -33.70 35.52
N GLU G 83 -57.59 -34.26 36.03
CA GLU G 83 -58.87 -33.58 36.19
C GLU G 83 -58.87 -32.58 37.36
N ILE G 84 -59.81 -31.63 37.27
CA ILE G 84 -60.01 -30.57 38.26
C ILE G 84 -60.57 -31.09 39.58
N SER G 85 -60.05 -30.56 40.69
CA SER G 85 -60.49 -30.89 42.04
C SER G 85 -60.98 -29.63 42.78
N PHE G 86 -61.93 -29.82 43.68
CA PHE G 86 -62.59 -28.74 44.43
C PHE G 86 -61.69 -27.91 45.37
N GLU G 87 -62.18 -26.66 45.59
CA GLU G 87 -61.62 -25.59 46.46
C GLU G 87 -60.29 -24.97 46.02
N PHE G 88 -59.96 -24.95 44.73
CA PHE G 88 -58.73 -24.29 44.28
C PHE G 88 -58.93 -22.78 44.19
N VAL G 89 -57.86 -22.03 44.49
CA VAL G 89 -57.85 -20.56 44.42
C VAL G 89 -56.73 -20.10 43.48
N GLN G 90 -57.11 -19.38 42.41
CA GLN G 90 -56.17 -18.82 41.46
C GLN G 90 -55.73 -17.41 41.86
N GLU G 91 -54.43 -17.13 41.76
CA GLU G 91 -53.90 -15.81 42.05
C GLU G 91 -52.81 -15.46 41.05
N LYS G 92 -52.87 -14.24 40.52
CA LYS G 92 -51.88 -13.77 39.54
C LYS G 92 -50.55 -13.42 40.21
N LEU G 93 -49.47 -13.79 39.53
CA LEU G 93 -48.11 -13.58 39.98
C LEU G 93 -47.39 -12.55 39.12
N SER G 94 -47.85 -12.36 37.88
CA SER G 94 -47.34 -11.36 36.97
C SER G 94 -48.44 -11.12 35.94
N THR G 95 -48.20 -10.19 35.03
CA THR G 95 -49.17 -9.92 33.97
C THR G 95 -49.43 -11.13 33.09
N ASN G 96 -48.51 -12.10 33.08
CA ASN G 96 -48.62 -13.29 32.23
C ASN G 96 -48.44 -14.61 32.97
N SER G 97 -48.55 -14.64 34.30
CA SER G 97 -48.45 -15.90 35.04
C SER G 97 -49.39 -15.93 36.25
N ILE G 98 -49.94 -17.13 36.51
CA ILE G 98 -50.89 -17.40 37.59
C ILE G 98 -50.48 -18.67 38.32
N VAL G 99 -50.69 -18.68 39.65
CA VAL G 99 -50.43 -19.80 40.54
C VAL G 99 -51.70 -20.19 41.29
N TYR G 100 -51.78 -21.47 41.67
CA TYR G 100 -52.91 -22.07 42.39
C TYR G 100 -52.60 -22.29 43.87
N LYS G 101 -53.50 -21.79 44.73
CA LYS G 101 -53.40 -21.86 46.19
C LYS G 101 -54.56 -22.67 46.78
N THR G 102 -54.30 -23.31 47.94
CA THR G 102 -55.29 -24.14 48.63
C THR G 102 -55.00 -24.19 50.12
N ASN G 103 -56.04 -24.49 50.90
CA ASN G 103 -55.88 -24.68 52.34
C ASN G 103 -55.13 -25.99 52.60
N LYS G 104 -54.24 -25.97 53.58
CA LYS G 104 -53.41 -27.15 53.90
C LYS G 104 -54.22 -28.43 54.18
N THR G 105 -55.46 -28.30 54.66
CA THR G 105 -56.28 -29.50 54.92
C THR G 105 -56.53 -30.35 53.69
N ASN G 106 -56.59 -29.73 52.51
CA ASN G 106 -56.82 -30.39 51.23
C ASN G 106 -55.57 -31.04 50.63
N GLN G 107 -54.40 -30.83 51.23
CA GLN G 107 -53.12 -31.33 50.76
C GLN G 107 -53.07 -32.78 50.25
N GLN G 108 -53.48 -33.75 51.06
CA GLN G 108 -53.38 -35.16 50.68
C GLN G 108 -54.31 -35.58 49.54
N LEU G 109 -55.49 -34.97 49.41
CA LEU G 109 -56.37 -35.34 48.30
C LEU G 109 -55.71 -34.97 46.96
N ALA G 110 -55.14 -33.78 46.87
CA ALA G 110 -54.44 -33.36 45.66
C ALA G 110 -53.24 -34.25 45.40
N HIS G 111 -52.44 -34.49 46.44
CA HIS G 111 -51.28 -35.38 46.36
C HIS G 111 -51.68 -36.77 45.89
N LEU G 112 -52.77 -37.30 46.44
CA LEU G 112 -53.29 -38.61 46.06
C LEU G 112 -53.83 -38.61 44.64
N THR G 113 -54.44 -37.50 44.21
CA THR G 113 -54.96 -37.39 42.86
C THR G 113 -53.84 -37.39 41.82
N GLY G 114 -52.62 -37.01 42.22
CA GLY G 114 -51.46 -36.98 41.34
C GLY G 114 -50.84 -35.62 41.12
N MET G 115 -51.37 -34.60 41.77
CA MET G 115 -50.90 -33.22 41.67
C MET G 115 -49.60 -33.06 42.46
N ASP G 116 -48.80 -32.07 42.08
CA ASP G 116 -47.57 -31.75 42.77
C ASP G 116 -47.86 -30.64 43.77
N VAL G 117 -47.38 -30.80 45.00
CA VAL G 117 -47.68 -29.90 46.11
C VAL G 117 -46.43 -29.43 46.82
N TYR G 118 -46.38 -28.12 47.11
CA TYR G 118 -45.27 -27.43 47.77
C TYR G 118 -45.75 -26.85 49.09
N ALA G 119 -45.14 -27.26 50.23
CA ALA G 119 -45.62 -26.82 51.53
C ALA G 119 -44.59 -26.17 52.47
N THR G 120 -43.34 -26.61 52.47
CA THR G 120 -42.36 -25.99 53.36
C THR G 120 -41.91 -24.64 52.83
N THR G 121 -41.30 -23.85 53.71
CA THR G 121 -40.80 -22.53 53.36
C THR G 121 -39.84 -22.61 52.17
N ASN G 122 -38.91 -23.55 52.19
CA ASN G 122 -37.96 -23.64 51.10
C ASN G 122 -38.66 -24.04 49.80
N ASP G 123 -39.72 -24.83 49.88
CA ASP G 123 -40.48 -25.20 48.69
C ASP G 123 -41.21 -23.98 48.13
N LYS G 124 -41.92 -23.27 48.99
CA LYS G 124 -42.67 -22.09 48.60
C LYS G 124 -41.75 -21.04 47.97
N ILE G 125 -40.60 -20.78 48.58
CA ILE G 125 -39.64 -19.82 48.04
C ILE G 125 -39.13 -20.29 46.67
N THR G 126 -38.64 -21.52 46.59
CA THR G 126 -38.11 -22.05 45.32
C THR G 126 -39.16 -22.12 44.23
N PHE G 127 -40.40 -22.41 44.58
CA PHE G 127 -41.49 -22.46 43.60
C PHE G 127 -41.79 -21.07 43.04
N LEU G 128 -41.92 -20.08 43.91
CA LEU G 128 -42.22 -18.71 43.50
C LEU G 128 -41.06 -18.13 42.68
N LEU G 129 -39.83 -18.41 43.07
CA LEU G 129 -38.64 -17.96 42.35
C LEU G 129 -38.63 -18.45 40.90
N LYS G 130 -38.77 -19.75 40.67
CA LYS G 130 -38.78 -20.32 39.32
C LYS G 130 -39.91 -19.76 38.45
N LYS G 131 -41.10 -19.54 39.00
CA LYS G 131 -42.20 -18.98 38.22
C LYS G 131 -41.97 -17.50 37.89
N LEU G 132 -41.36 -16.75 38.78
CA LEU G 132 -41.06 -15.34 38.52
C LEU G 132 -39.96 -15.18 37.46
N VAL G 133 -38.95 -16.04 37.50
CA VAL G 133 -37.88 -16.03 36.50
C VAL G 133 -38.40 -16.41 35.12
N LEU G 134 -39.16 -17.48 35.00
CA LEU G 134 -39.73 -17.88 33.71
C LEU G 134 -40.55 -16.76 33.09
N SER G 135 -41.24 -15.98 33.90
CA SER G 135 -42.04 -14.87 33.41
C SER G 135 -41.20 -13.75 32.83
N ASN G 136 -39.94 -13.61 33.25
CA ASN G 136 -39.02 -12.56 32.84
C ASN G 136 -37.79 -13.07 32.07
N ALA G 137 -37.87 -14.28 31.52
CA ALA G 137 -36.77 -14.95 30.83
C ALA G 137 -36.10 -14.07 29.77
N LYS G 138 -36.86 -13.26 29.06
CA LYS G 138 -36.30 -12.36 28.05
C LYS G 138 -35.30 -11.37 28.62
N GLU G 139 -35.38 -11.05 29.90
CA GLU G 139 -34.45 -10.12 30.54
C GLU G 139 -33.06 -10.69 30.77
N PHE G 140 -32.92 -12.00 30.93
CA PHE G 140 -31.67 -12.69 31.22
C PHE G 140 -30.83 -13.12 30.02
N ILE G 141 -31.26 -12.88 28.79
CA ILE G 141 -30.51 -13.28 27.60
C ILE G 141 -30.33 -12.09 26.67
N GLY G 142 -29.08 -11.58 26.61
CA GLY G 142 -28.68 -10.43 25.81
C GLY G 142 -27.32 -10.55 25.14
N VAL G 143 -26.69 -9.40 24.86
CA VAL G 143 -25.40 -9.36 24.16
C VAL G 143 -24.30 -10.06 24.94
N GLN G 144 -24.16 -9.76 26.21
CA GLN G 144 -23.09 -10.37 27.00
C GLN G 144 -23.32 -11.86 27.28
N GLU G 145 -24.56 -12.31 27.34
CA GLU G 145 -24.85 -13.73 27.59
C GLU G 145 -24.71 -14.56 26.31
N THR G 146 -25.17 -14.04 25.18
CA THR G 146 -24.98 -14.71 23.89
C THR G 146 -23.51 -14.97 23.64
N ARG G 147 -22.67 -13.99 23.87
CA ARG G 147 -21.21 -14.12 23.73
C ARG G 147 -20.65 -15.17 24.69
N TYR G 148 -21.32 -15.42 25.80
CA TYR G 148 -20.86 -16.45 26.75
C TYR G 148 -21.21 -17.86 26.26
N LEU G 149 -22.36 -18.03 25.65
CA LEU G 149 -22.79 -19.31 25.07
C LEU G 149 -21.93 -19.71 23.87
N MET G 150 -21.33 -18.76 23.18
CA MET G 150 -20.44 -18.95 22.05
C MET G 150 -18.97 -19.14 22.46
N ASP G 151 -18.59 -18.71 23.66
CA ASP G 151 -17.24 -18.94 24.16
C ASP G 151 -17.15 -20.38 24.68
N ILE G 152 -18.16 -20.81 25.42
CA ILE G 152 -18.39 -22.23 25.63
C ILE G 152 -18.86 -22.61 24.25
N MET G 153 -18.95 -23.90 23.89
CA MET G 153 -19.44 -24.22 22.56
C MET G 153 -18.42 -23.93 21.47
N GLU G 154 -17.17 -23.65 21.84
CA GLU G 154 -16.08 -23.50 20.88
C GLU G 154 -14.87 -24.30 21.32
N ARG G 155 -14.96 -24.93 22.47
CA ARG G 155 -13.98 -25.86 23.01
C ARG G 155 -14.19 -27.20 22.30
N LYS G 156 -15.33 -27.29 21.62
CA LYS G 156 -15.89 -28.34 20.80
C LYS G 156 -16.76 -27.55 19.83
N TYR G 157 -17.05 -28.05 18.63
CA TYR G 157 -17.85 -27.24 17.71
C TYR G 157 -17.20 -25.93 17.27
N ASN G 158 -15.87 -25.83 17.39
CA ASN G 158 -15.09 -24.64 17.05
C ASN G 158 -15.31 -24.13 15.62
N GLU G 159 -15.40 -25.01 14.64
CA GLU G 159 -15.61 -24.59 13.24
C GLU G 159 -17.03 -24.10 13.01
N LEU G 160 -17.99 -24.63 13.74
CA LEU G 160 -19.38 -24.22 13.65
C LEU G 160 -19.56 -22.77 14.07
N VAL G 161 -18.88 -22.35 15.12
CA VAL G 161 -18.91 -20.98 15.62
C VAL G 161 -18.25 -20.00 14.64
N LYS G 162 -17.07 -20.33 14.14
CA LYS G 162 -16.39 -19.50 13.13
C LYS G 162 -17.26 -19.27 11.90
N GLU G 163 -17.90 -20.31 11.40
CA GLU G 163 -18.77 -20.17 10.24
C GLU G 163 -20.00 -19.31 10.57
N LEU G 164 -20.55 -19.43 11.76
CA LEU G 164 -21.71 -18.63 12.16
C LEU G 164 -21.36 -17.14 12.24
N GLN G 165 -20.24 -16.81 12.88
CA GLN G 165 -19.78 -15.42 13.01
C GLN G 165 -19.53 -14.76 11.66
N ARG G 166 -19.11 -15.51 10.65
CA ARG G 166 -18.90 -14.97 9.31
C ARG G 166 -20.21 -14.79 8.55
N GLN G 167 -21.25 -15.54 8.88
CA GLN G 167 -22.52 -15.48 8.19
C GLN G 167 -23.50 -14.46 8.80
N LEU G 168 -23.57 -14.35 10.13
CA LEU G 168 -24.48 -13.45 10.82
C LEU G 168 -23.79 -12.52 11.80
N GLY G 169 -24.39 -11.34 12.00
CA GLY G 169 -23.88 -10.40 12.99
C GLY G 169 -24.36 -10.75 14.39
N LEU G 170 -23.52 -10.51 15.39
CA LEU G 170 -23.87 -10.87 16.75
C LEU G 170 -25.19 -10.24 17.19
N SER G 171 -25.46 -9.01 16.81
CA SER G 171 -26.72 -8.38 17.20
C SER G 171 -27.94 -9.06 16.61
N LYS G 172 -27.78 -9.82 15.53
CA LYS G 172 -28.85 -10.56 14.87
C LYS G 172 -29.10 -11.92 15.54
N ILE G 173 -28.04 -12.54 16.05
CA ILE G 173 -28.12 -13.80 16.79
C ILE G 173 -28.88 -13.58 18.10
N VAL G 174 -28.69 -12.42 18.72
CA VAL G 174 -29.37 -12.03 19.96
C VAL G 174 -30.87 -11.89 19.76
N ASP G 175 -31.32 -11.29 18.65
CA ASP G 175 -32.75 -11.17 18.41
C ASP G 175 -33.41 -12.52 18.16
N ILE G 176 -32.74 -13.44 17.50
CA ILE G 176 -33.28 -14.78 17.26
C ILE G 176 -33.45 -15.55 18.56
N LEU G 177 -32.42 -15.62 19.39
CA LEU G 177 -32.52 -16.34 20.67
C LEU G 177 -33.57 -15.74 21.60
N GLN G 178 -33.79 -14.43 21.57
CA GLN G 178 -34.81 -13.80 22.42
C GLN G 178 -36.23 -14.18 22.00
N ARG G 179 -36.52 -14.29 20.72
CA ARG G 179 -37.85 -14.67 20.26
C ARG G 179 -38.19 -16.11 20.63
N LEU G 180 -37.20 -16.97 20.78
CA LEU G 180 -37.41 -18.35 21.20
C LEU G 180 -37.77 -18.44 22.69
N VAL G 181 -37.06 -17.73 23.56
CA VAL G 181 -37.35 -17.76 25.01
C VAL G 181 -38.65 -17.04 25.32
N GLU G 182 -39.05 -16.07 24.49
CA GLU G 182 -40.32 -15.38 24.69
C GLU G 182 -41.51 -16.32 24.62
N GLU G 183 -41.38 -17.47 23.97
CA GLU G 183 -42.48 -18.41 23.76
C GLU G 183 -42.18 -19.78 24.38
N ASN G 184 -41.30 -19.79 25.37
CA ASN G 184 -40.84 -20.96 26.15
C ASN G 184 -40.16 -22.06 25.36
N VAL G 185 -39.70 -21.82 24.14
CA VAL G 185 -38.96 -22.84 23.42
C VAL G 185 -37.60 -22.97 24.10
N SER G 186 -37.08 -24.19 24.22
CA SER G 186 -35.79 -24.36 24.86
C SER G 186 -34.63 -24.11 23.89
N ILE G 187 -33.59 -23.44 24.39
CA ILE G 187 -32.38 -23.13 23.62
C ILE G 187 -31.19 -23.96 24.10
N ARG G 188 -31.47 -25.14 24.66
CA ARG G 188 -30.43 -26.03 25.14
C ARG G 188 -29.63 -26.66 24.00
N ASP G 189 -30.31 -27.04 22.91
CA ASP G 189 -29.70 -27.62 21.71
C ASP G 189 -29.22 -26.54 20.75
N LEU G 190 -28.04 -25.99 21.04
CA LEU G 190 -27.45 -24.92 20.24
C LEU G 190 -26.95 -25.36 18.85
N ARG G 191 -26.39 -26.56 18.69
CA ARG G 191 -25.92 -26.93 17.35
C ARG G 191 -27.06 -27.10 16.36
N THR G 192 -28.24 -27.49 16.79
CA THR G 192 -29.37 -27.54 15.86
C THR G 192 -29.75 -26.14 15.42
N ILE G 193 -29.69 -25.18 16.33
CA ILE G 193 -30.02 -23.79 16.05
C ILE G 193 -28.95 -23.15 15.15
N PHE G 194 -27.68 -23.30 15.50
CA PHE G 194 -26.58 -22.74 14.70
C PHE G 194 -26.49 -23.39 13.32
N GLU G 195 -26.62 -24.71 13.23
CA GLU G 195 -26.62 -25.39 11.93
C GLU G 195 -27.76 -24.91 11.04
N THR G 196 -28.94 -24.68 11.58
CA THR G 196 -30.06 -24.18 10.79
C THR G 196 -29.85 -22.75 10.33
N LEU G 197 -29.22 -21.90 11.12
CA LEU G 197 -28.99 -20.52 10.71
C LEU G 197 -27.91 -20.40 9.63
N ILE G 198 -26.88 -21.23 9.69
CA ILE G 198 -25.83 -21.22 8.67
C ILE G 198 -26.40 -21.61 7.30
N PHE G 199 -27.32 -22.57 7.28
CA PHE G 199 -27.95 -23.02 6.04
C PHE G 199 -28.83 -21.97 5.38
N TRP G 200 -29.64 -21.22 6.13
CA TRP G 200 -30.56 -20.23 5.57
C TRP G 200 -30.03 -18.79 5.51
N SER G 201 -28.91 -18.48 6.14
CA SER G 201 -28.38 -17.12 6.20
C SER G 201 -28.25 -16.40 4.87
N THR G 202 -27.97 -17.10 3.78
CA THR G 202 -27.84 -16.47 2.46
C THR G 202 -29.15 -16.36 1.69
N LYS G 203 -30.05 -17.31 1.87
CA LYS G 203 -31.34 -17.34 1.18
C LYS G 203 -32.36 -16.37 1.78
N GLU G 204 -32.37 -16.18 3.10
CA GLU G 204 -33.31 -15.28 3.78
C GLU G 204 -32.58 -14.37 4.74
N LYS G 205 -33.07 -13.13 4.82
CA LYS G 205 -32.49 -12.08 5.66
C LYS G 205 -33.45 -11.51 6.70
N ASP G 206 -34.75 -11.81 6.61
CA ASP G 206 -35.74 -11.34 7.57
C ASP G 206 -35.65 -12.15 8.87
N VAL G 207 -35.31 -11.45 9.96
CA VAL G 207 -35.15 -12.07 11.29
C VAL G 207 -36.45 -12.72 11.76
N VAL G 208 -37.60 -12.18 11.39
CA VAL G 208 -38.88 -12.75 11.77
C VAL G 208 -39.17 -14.04 11.02
N ILE G 209 -38.55 -14.25 9.87
CA ILE G 209 -38.70 -15.46 9.05
C ILE G 209 -37.73 -16.55 9.49
N LEU G 210 -36.47 -16.19 9.73
CA LEU G 210 -35.46 -17.14 10.22
C LEU G 210 -35.95 -17.83 11.49
N CYS G 211 -36.68 -17.11 12.33
CA CYS G 211 -37.25 -17.62 13.57
C CYS G 211 -38.13 -18.85 13.33
N GLU G 212 -38.94 -18.85 12.29
CA GLU G 212 -39.85 -19.96 11.99
C GLU G 212 -39.12 -21.21 11.46
N TYR G 213 -38.06 -21.04 10.69
CA TYR G 213 -37.27 -22.19 10.25
C TYR G 213 -36.62 -22.88 11.44
N VAL G 214 -36.11 -22.11 12.39
CA VAL G 214 -35.51 -22.68 13.59
C VAL G 214 -36.57 -23.42 14.41
N ARG G 215 -37.81 -22.94 14.41
CA ARG G 215 -38.90 -23.63 15.12
C ARG G 215 -39.24 -24.96 14.44
N ILE G 216 -39.29 -24.99 13.12
CA ILE G 216 -39.58 -26.24 12.39
C ILE G 216 -38.51 -27.28 12.64
N ALA G 217 -37.25 -26.88 12.66
CA ALA G 217 -36.13 -27.77 12.94
C ALA G 217 -36.12 -28.33 14.35
N LEU G 218 -36.88 -27.75 15.28
CA LEU G 218 -36.97 -28.17 16.67
C LEU G 218 -38.20 -29.04 16.97
N ARG G 219 -38.79 -29.64 15.94
CA ARG G 219 -39.99 -30.49 16.01
C ARG G 219 -40.04 -31.47 17.19
N ARG G 220 -38.97 -32.23 17.44
CA ARG G 220 -38.94 -33.21 18.52
C ARG G 220 -39.08 -32.58 19.91
N HIS G 221 -38.57 -31.39 20.13
CA HIS G 221 -38.71 -30.71 21.42
C HIS G 221 -40.14 -30.21 21.63
N ILE G 222 -40.71 -29.59 20.63
CA ILE G 222 -42.07 -29.03 20.69
C ILE G 222 -43.11 -30.13 20.81
N LEU G 223 -43.09 -31.15 19.97
CA LEU G 223 -44.06 -32.23 20.08
C LEU G 223 -43.90 -33.01 21.39
N GLY G 224 -42.68 -33.21 21.86
CA GLY G 224 -42.44 -33.93 23.10
C GLY G 224 -42.95 -33.23 24.35
N ARG G 225 -43.33 -31.97 24.27
CA ARG G 225 -43.86 -31.16 25.37
C ARG G 225 -45.39 -31.08 25.38
N TYR G 226 -46.03 -30.82 24.25
CA TYR G 226 -47.48 -30.64 24.21
C TYR G 226 -48.29 -31.89 23.89
N SER G 227 -47.77 -32.85 23.13
CA SER G 227 -48.50 -34.08 22.87
C SER G 227 -48.56 -34.96 24.12
N VAL G 228 -49.56 -35.85 24.14
CA VAL G 228 -49.75 -36.78 25.25
C VAL G 228 -49.19 -38.15 24.88
N SER G 229 -48.28 -38.61 25.72
CA SER G 229 -47.55 -39.88 25.58
C SER G 229 -46.96 -40.05 24.18
N GLY G 230 -46.66 -38.94 23.52
CA GLY G 230 -46.10 -38.91 22.19
C GLY G 230 -47.02 -39.34 21.07
N THR G 231 -48.26 -39.70 21.35
CA THR G 231 -49.14 -40.23 20.30
C THR G 231 -50.26 -39.30 19.84
N LEU G 232 -50.80 -38.42 20.68
CA LEU G 232 -51.91 -37.58 20.27
C LEU G 232 -51.76 -36.14 20.75
N LEU G 233 -52.24 -35.21 19.92
CA LEU G 233 -52.23 -33.78 20.19
C LEU G 233 -53.64 -33.18 20.12
N ASN G 234 -54.06 -32.50 21.19
CA ASN G 234 -55.37 -31.84 21.26
C ASN G 234 -55.30 -30.49 20.55
N VAL G 235 -56.27 -30.19 19.68
CA VAL G 235 -56.20 -29.01 18.84
C VAL G 235 -57.50 -28.22 18.66
N TRP G 236 -57.33 -26.90 18.48
CA TRP G 236 -58.35 -25.92 18.11
C TRP G 236 -57.90 -25.26 16.80
N LEU G 237 -58.82 -24.95 15.88
CA LEU G 237 -58.46 -24.37 14.59
C LEU G 237 -59.08 -22.99 14.32
N ILE G 238 -58.34 -22.17 13.56
CA ILE G 238 -58.78 -20.82 13.19
C ILE G 238 -59.76 -20.79 12.01
N GLY G 239 -59.61 -21.70 11.05
CA GLY G 239 -60.43 -21.78 9.85
C GLY G 239 -60.03 -20.85 8.71
N SER G 240 -60.35 -21.28 7.48
CA SER G 240 -59.98 -20.58 6.25
C SER G 240 -60.47 -19.13 6.14
N ASP G 241 -61.68 -18.86 6.63
CA ASP G 241 -62.21 -17.49 6.54
C ASP G 241 -61.41 -16.48 7.36
N ILE G 242 -61.23 -16.77 8.65
CA ILE G 242 -60.46 -15.88 9.52
C ILE G 242 -59.00 -15.83 9.09
N GLU G 243 -58.41 -16.96 8.72
CA GLU G 243 -57.02 -16.97 8.26
C GLU G 243 -56.86 -16.12 7.01
N ASN G 244 -57.78 -16.21 6.06
CA ASN G 244 -57.72 -15.40 4.85
C ASN G 244 -57.88 -13.92 5.16
N GLU G 245 -58.84 -13.57 6.01
CA GLU G 245 -59.04 -12.18 6.41
C GLU G 245 -57.80 -11.61 7.11
N LEU G 246 -57.22 -12.38 8.02
CA LEU G 246 -56.00 -11.95 8.73
C LEU G 246 -54.82 -11.82 7.77
N ARG G 247 -54.66 -12.77 6.86
CA ARG G 247 -53.57 -12.73 5.89
C ARG G 247 -53.60 -11.46 5.05
N GLU G 248 -54.79 -11.02 4.65
CA GLU G 248 -54.94 -9.80 3.86
C GLU G 248 -54.71 -8.52 4.67
N SER G 249 -55.00 -8.53 5.97
CA SER G 249 -54.86 -7.36 6.85
C SER G 249 -53.42 -6.95 7.22
N ILE G 250 -52.40 -7.71 6.82
CA ILE G 250 -51.00 -7.40 7.18
C ILE G 250 -50.48 -6.12 6.53
N ARG G 251 -49.72 -5.34 7.32
CA ARG G 251 -49.07 -4.08 6.94
C ARG G 251 -47.68 -4.02 7.56
N GLN G 252 -46.83 -3.11 7.07
CA GLN G 252 -45.45 -2.99 7.56
C GLN G 252 -44.87 -1.57 7.49
N THR G 253 -43.84 -1.35 8.32
CA THR G 253 -43.11 -0.09 8.46
C THR G 253 -41.71 -0.40 9.00
N SER G 254 -40.84 0.62 9.02
CA SER G 254 -39.47 0.46 9.50
C SER G 254 -39.39 -0.11 10.91
N SER G 255 -40.40 0.16 11.73
CA SER G 255 -40.43 -0.38 13.08
C SER G 255 -40.84 -1.85 13.10
N GLY G 256 -41.55 -2.31 12.07
CA GLY G 256 -41.98 -3.70 12.01
C GLY G 256 -43.27 -3.85 11.24
N SER G 257 -43.92 -4.99 11.45
CA SER G 257 -45.18 -5.35 10.81
C SER G 257 -46.33 -5.45 11.80
N TYR G 258 -47.54 -5.15 11.31
CA TYR G 258 -48.73 -5.15 12.14
C TYR G 258 -49.97 -5.42 11.28
N LEU G 259 -51.10 -5.62 11.96
CA LEU G 259 -52.39 -5.91 11.33
C LEU G 259 -53.34 -4.72 11.35
N ASN G 260 -53.96 -4.45 10.20
CA ASN G 260 -54.97 -3.40 10.07
C ASN G 260 -56.36 -3.97 10.32
N ILE G 261 -56.72 -4.09 11.60
CA ILE G 261 -58.03 -4.61 12.01
C ILE G 261 -58.57 -3.75 13.14
N SER G 262 -59.90 -3.61 13.18
CA SER G 262 -60.55 -2.80 14.20
C SER G 262 -60.55 -3.46 15.57
N PRO G 263 -60.56 -2.66 16.65
CA PRO G 263 -60.62 -3.20 18.00
C PRO G 263 -61.87 -4.03 18.27
N GLU G 264 -63.00 -3.61 17.72
CA GLU G 264 -64.26 -4.33 17.88
C GLU G 264 -64.20 -5.72 17.26
N ARG G 265 -63.76 -5.81 16.01
CA ARG G 265 -63.63 -7.10 15.34
C ARG G 265 -62.61 -7.97 16.07
N THR G 266 -61.53 -7.36 16.56
CA THR G 266 -60.50 -8.07 17.31
C THR G 266 -61.09 -8.69 18.57
N GLU G 267 -61.86 -7.91 19.32
CA GLU G 267 -62.50 -8.37 20.54
C GLU G 267 -63.54 -9.46 20.23
N GLN G 268 -64.24 -9.35 19.11
CA GLN G 268 -65.22 -10.35 18.69
C GLN G 268 -64.51 -11.68 18.37
N ILE G 269 -63.43 -11.61 17.60
CA ILE G 269 -62.65 -12.81 17.27
C ILE G 269 -62.19 -13.50 18.55
N ILE G 270 -61.65 -12.72 19.48
CA ILE G 270 -61.21 -13.22 20.77
C ILE G 270 -62.40 -13.81 21.54
N GLY G 271 -63.53 -13.10 21.51
CA GLY G 271 -64.73 -13.58 22.20
C GLY G 271 -65.20 -14.94 21.69
N PHE G 272 -65.12 -15.19 20.39
CA PHE G 272 -65.50 -16.49 19.84
C PHE G 272 -64.64 -17.60 20.45
N LEU G 273 -63.32 -17.40 20.44
CA LEU G 273 -62.36 -18.35 20.99
C LEU G 273 -62.58 -18.53 22.49
N LYS G 274 -62.77 -17.43 23.21
CA LYS G 274 -63.03 -17.46 24.64
C LYS G 274 -64.27 -18.28 24.98
N ASN G 275 -65.28 -18.22 24.13
CA ASN G 275 -66.52 -18.98 24.35
C ASN G 275 -66.35 -20.47 24.02
N ILE G 276 -65.64 -20.81 22.95
CA ILE G 276 -65.42 -22.21 22.58
C ILE G 276 -64.47 -22.93 23.53
N MET G 277 -63.36 -22.32 23.93
CA MET G 277 -62.40 -22.98 24.79
C MET G 277 -62.92 -23.29 26.19
N ASN G 278 -62.61 -24.52 26.66
CA ASN G 278 -62.93 -25.03 27.99
C ASN G 278 -61.94 -24.47 29.01
N PRO G 279 -62.40 -24.10 30.20
CA PRO G 279 -61.48 -23.55 31.22
C PRO G 279 -60.38 -24.50 31.67
N THR G 280 -60.50 -25.81 31.39
CA THR G 280 -59.45 -26.74 31.78
C THR G 280 -58.18 -26.60 30.94
N GLY G 281 -58.30 -26.09 29.71
CA GLY G 281 -57.13 -25.95 28.83
C GLY G 281 -56.66 -27.26 28.26
N ASN G 282 -55.38 -27.57 28.46
CA ASN G 282 -54.77 -28.81 27.97
C ASN G 282 -54.89 -28.98 26.45
N GLY G 283 -54.83 -27.87 25.70
CA GLY G 283 -54.94 -27.90 24.25
C GLY G 283 -54.03 -26.88 23.58
N VAL G 284 -54.07 -26.87 22.23
CA VAL G 284 -53.22 -25.99 21.43
C VAL G 284 -54.00 -25.47 20.21
N ILE G 285 -53.57 -24.31 19.69
CA ILE G 285 -54.15 -23.68 18.51
C ILE G 285 -53.22 -23.81 17.30
N LEU G 286 -53.69 -24.42 16.20
CA LEU G 286 -52.89 -24.50 14.97
C LEU G 286 -53.16 -23.35 14.01
N THR G 287 -52.15 -22.95 13.23
CA THR G 287 -52.28 -21.84 12.30
C THR G 287 -51.25 -21.95 11.17
N ALA G 288 -51.44 -21.14 10.13
CA ALA G 288 -50.47 -21.04 9.03
C ALA G 288 -49.27 -20.22 9.47
N LEU G 289 -48.10 -20.51 8.88
CA LEU G 289 -46.88 -19.78 9.26
C LEU G 289 -46.99 -18.27 9.06
N ASP G 290 -47.66 -17.84 7.99
CA ASP G 290 -47.79 -16.41 7.69
C ASP G 290 -48.50 -15.58 8.75
N ILE G 291 -49.36 -16.18 9.57
CA ILE G 291 -50.12 -15.46 10.59
C ILE G 291 -49.78 -15.82 12.05
N ARG G 292 -49.08 -16.91 12.29
CA ARG G 292 -48.78 -17.41 13.63
C ARG G 292 -48.27 -16.34 14.63
N ARG G 293 -47.23 -15.60 14.27
CA ARG G 293 -46.68 -14.58 15.17
C ARG G 293 -47.70 -13.49 15.50
N TYR G 294 -48.52 -13.11 14.54
CA TYR G 294 -49.56 -12.09 14.75
C TYR G 294 -50.72 -12.64 15.58
N VAL G 295 -51.14 -13.87 15.32
CA VAL G 295 -52.21 -14.49 16.11
C VAL G 295 -51.80 -14.62 17.57
N LYS G 296 -50.56 -15.00 17.85
CA LYS G 296 -50.06 -15.08 19.22
C LYS G 296 -50.07 -13.72 19.90
N LYS G 297 -49.49 -12.72 19.27
CA LYS G 297 -49.45 -11.35 19.82
C LYS G 297 -50.85 -10.77 19.99
N MET G 298 -51.79 -11.17 19.15
CA MET G 298 -53.17 -10.71 19.26
C MET G 298 -53.90 -11.33 20.46
N ILE G 299 -53.82 -12.65 20.62
CA ILE G 299 -54.47 -13.36 21.72
C ILE G 299 -53.81 -13.04 23.06
N GLU G 300 -52.52 -12.75 23.07
CA GLU G 300 -51.77 -12.43 24.28
C GLU G 300 -52.51 -11.46 25.18
N GLY G 301 -52.51 -11.78 26.48
CA GLY G 301 -53.17 -11.01 27.52
C GLY G 301 -54.57 -11.49 27.87
N SER G 302 -55.25 -12.17 26.96
CA SER G 302 -56.56 -12.74 27.25
C SER G 302 -56.34 -14.24 27.26
N PHE G 303 -56.69 -14.91 28.37
CA PHE G 303 -56.43 -16.33 28.57
C PHE G 303 -55.02 -16.74 28.10
N PRO G 304 -53.99 -16.07 28.63
CA PRO G 304 -52.59 -16.30 28.27
C PRO G 304 -52.09 -17.68 28.67
N SER G 305 -50.84 -17.96 28.25
CA SER G 305 -50.14 -19.23 28.47
C SER G 305 -50.75 -20.40 27.71
N VAL G 306 -51.34 -20.11 26.56
CA VAL G 306 -51.93 -21.09 25.65
C VAL G 306 -51.04 -21.14 24.41
N PRO G 307 -50.42 -22.28 24.11
CA PRO G 307 -49.53 -22.37 22.94
C PRO G 307 -50.22 -22.29 21.60
N VAL G 308 -49.55 -21.64 20.65
CA VAL G 308 -49.98 -21.52 19.27
C VAL G 308 -48.90 -22.14 18.38
N LEU G 309 -49.25 -23.20 17.65
CA LEU G 309 -48.32 -23.90 16.77
C LEU G 309 -48.71 -23.69 15.30
N SER G 310 -48.08 -24.43 14.39
CA SER G 310 -48.39 -24.34 12.96
C SER G 310 -48.31 -25.70 12.28
N PHE G 311 -48.98 -25.77 11.12
CA PHE G 311 -49.06 -26.99 10.31
C PHE G 311 -47.73 -27.46 9.73
N GLN G 312 -46.72 -26.60 9.71
CA GLN G 312 -45.39 -26.98 9.24
C GLN G 312 -44.53 -27.44 10.40
N GLU G 313 -44.66 -26.80 11.56
CA GLU G 313 -43.92 -27.23 12.73
C GLU G 313 -44.44 -28.58 13.20
N VAL G 314 -45.74 -28.77 13.20
CA VAL G 314 -46.31 -30.06 13.55
C VAL G 314 -46.28 -30.94 12.30
N GLY G 315 -45.77 -32.15 12.45
CA GLY G 315 -45.66 -33.07 11.33
C GLY G 315 -46.93 -33.84 11.02
N ASN G 316 -46.89 -34.53 9.88
CA ASN G 316 -47.99 -35.38 9.43
C ASN G 316 -48.00 -36.75 10.11
N ASN G 317 -46.92 -37.10 10.80
CA ASN G 317 -46.80 -38.38 11.47
C ASN G 317 -47.72 -38.53 12.69
N ILE G 318 -47.94 -37.44 13.43
CA ILE G 318 -48.76 -37.48 14.64
C ILE G 318 -50.26 -37.35 14.34
N GLU G 319 -51.08 -37.88 15.27
CA GLU G 319 -52.53 -37.81 15.22
C GLU G 319 -53.07 -36.55 15.91
N LEU G 320 -54.05 -35.91 15.26
CA LEU G 320 -54.70 -34.70 15.76
C LEU G 320 -56.15 -34.93 16.19
N LYS G 321 -56.50 -34.48 17.40
CA LYS G 321 -57.86 -34.53 17.93
C LYS G 321 -58.38 -33.10 18.00
N VAL G 322 -59.44 -32.81 17.25
CA VAL G 322 -60.01 -31.45 17.20
C VAL G 322 -61.09 -31.25 18.25
N LEU G 323 -60.94 -30.18 19.03
CA LEU G 323 -61.86 -29.81 20.10
C LEU G 323 -62.67 -28.55 19.81
N GLY G 324 -62.62 -28.02 18.60
CA GLY G 324 -63.40 -26.85 18.23
C GLY G 324 -62.71 -26.02 17.16
N THR G 325 -63.49 -25.12 16.54
CA THR G 325 -62.98 -24.26 15.48
C THR G 325 -63.67 -22.90 15.47
N VAL G 326 -62.89 -21.82 15.36
CA VAL G 326 -63.51 -20.49 15.29
C VAL G 326 -63.76 -20.16 13.82
N ASN H 1 -20.16 -27.46 36.41
CA ASN H 1 -20.20 -26.35 35.45
C ASN H 1 -21.09 -26.68 34.24
N ILE H 2 -21.13 -25.78 33.26
CA ILE H 2 -21.96 -25.94 32.06
C ILE H 2 -21.23 -26.71 30.96
N SER H 3 -21.90 -27.73 30.41
CA SER H 3 -21.35 -28.50 29.30
C SER H 3 -21.59 -27.82 27.94
N PRO H 4 -20.77 -28.15 26.92
CA PRO H 4 -20.91 -27.49 25.62
C PRO H 4 -22.32 -27.42 25.05
N GLY H 5 -23.05 -28.53 25.05
CA GLY H 5 -24.39 -28.54 24.53
C GLY H 5 -25.09 -29.83 24.89
N ALA H 6 -26.31 -30.01 24.37
CA ALA H 6 -27.04 -31.24 24.63
C ALA H 6 -26.22 -32.47 24.24
N GLU H 7 -26.14 -33.44 25.15
CA GLU H 7 -25.40 -34.64 24.87
C GLU H 7 -25.95 -35.38 23.64
N PRO H 8 -25.09 -35.82 22.71
CA PRO H 8 -25.62 -36.40 21.48
C PRO H 8 -26.42 -37.70 21.60
N LEU H 9 -25.97 -38.67 22.40
CA LEU H 9 -26.65 -39.95 22.54
C LEU H 9 -26.58 -40.51 23.95
N ILE H 10 -27.75 -40.83 24.53
CA ILE H 10 -27.85 -41.42 25.86
C ILE H 10 -28.81 -42.60 25.83
N LEU H 11 -28.40 -43.71 26.43
CA LEU H 11 -29.19 -44.93 26.57
C LEU H 11 -29.51 -45.19 28.03
N ASN H 12 -30.81 -45.24 28.38
CA ASN H 12 -31.25 -45.50 29.74
C ASN H 12 -31.76 -46.94 29.86
N LEU H 13 -31.09 -47.74 30.68
CA LEU H 13 -31.43 -49.15 30.89
C LEU H 13 -31.87 -49.45 32.31
N SER H 14 -33.04 -50.08 32.47
CA SER H 14 -33.47 -50.51 33.78
C SER H 14 -32.46 -51.53 34.30
N SER H 15 -32.14 -51.45 35.59
CA SER H 15 -31.09 -52.27 36.20
C SER H 15 -31.36 -53.77 36.12
N ASN H 16 -32.57 -54.17 35.75
CA ASN H 16 -32.90 -55.57 35.50
C ASN H 16 -32.18 -56.10 34.27
N ILE H 17 -32.17 -55.32 33.20
CA ILE H 17 -31.53 -55.64 31.94
C ILE H 17 -30.04 -55.28 31.88
N TYR H 18 -29.61 -54.25 32.59
CA TYR H 18 -28.22 -53.79 32.57
C TYR H 18 -27.20 -54.88 32.90
N SER H 19 -26.01 -54.72 32.30
CA SER H 19 -24.85 -55.58 32.49
C SER H 19 -23.59 -54.76 32.28
N SER H 20 -22.48 -55.24 32.85
CA SER H 20 -21.17 -54.58 32.77
C SER H 20 -20.42 -54.76 31.45
N ASP H 21 -20.82 -55.69 30.59
CA ASP H 21 -20.16 -55.99 29.31
C ASP H 21 -20.70 -55.23 28.11
N ILE H 22 -21.87 -54.59 28.20
CA ILE H 22 -22.50 -53.93 27.06
C ILE H 22 -21.71 -52.73 26.53
N THR H 23 -20.98 -52.00 27.37
CA THR H 23 -20.19 -50.87 26.88
C THR H 23 -19.19 -51.30 25.81
N GLN H 24 -18.41 -52.33 26.09
CA GLN H 24 -17.44 -52.87 25.16
C GLN H 24 -18.09 -53.35 23.86
N GLN H 25 -19.25 -53.98 23.95
CA GLN H 25 -19.97 -54.44 22.75
C GLN H 25 -20.50 -53.27 21.94
N ILE H 26 -20.95 -52.20 22.59
CA ILE H 26 -21.41 -51.00 21.89
C ILE H 26 -20.25 -50.32 21.18
N GLU H 27 -19.08 -50.25 21.81
CA GLU H 27 -17.89 -49.69 21.19
C GLU H 27 -17.48 -50.48 19.95
N VAL H 28 -17.82 -51.76 19.88
CA VAL H 28 -17.57 -52.60 18.72
C VAL H 28 -18.57 -52.27 17.60
N MET H 29 -19.80 -51.93 17.95
CA MET H 29 -20.81 -51.57 16.96
C MET H 29 -20.45 -50.28 16.23
N ARG H 30 -19.80 -49.34 16.92
CA ARG H 30 -19.36 -48.09 16.30
C ARG H 30 -18.41 -48.33 15.14
N TRP H 31 -17.47 -49.25 15.27
CA TRP H 31 -16.55 -49.60 14.19
C TRP H 31 -17.31 -50.19 13.00
N ASN H 32 -18.19 -51.15 13.24
CA ASN H 32 -18.96 -51.75 12.14
C ASN H 32 -19.79 -50.71 11.42
N PHE H 33 -20.32 -49.72 12.14
CA PHE H 33 -21.09 -48.65 11.51
C PHE H 33 -20.18 -47.74 10.69
N PHE H 34 -19.00 -47.42 11.19
CA PHE H 34 -18.07 -46.57 10.44
C PHE H 34 -17.57 -47.25 9.16
N GLU H 35 -17.22 -48.51 9.21
CA GLU H 35 -16.74 -49.18 8.00
C GLU H 35 -17.85 -49.33 6.95
N GLU H 36 -19.09 -49.52 7.35
CA GLU H 36 -20.14 -49.67 6.35
C GLU H 36 -20.67 -48.32 5.86
N SER H 37 -20.85 -47.36 6.75
CA SER H 37 -21.39 -46.05 6.38
C SER H 37 -20.33 -45.01 6.13
N GLY H 38 -19.20 -45.07 6.81
CA GLY H 38 -18.22 -44.01 6.71
C GLY H 38 -18.57 -42.78 7.49
N ILE H 39 -19.45 -42.88 8.47
CA ILE H 39 -19.94 -41.79 9.32
C ILE H 39 -19.39 -42.04 10.72
N PRO H 40 -18.61 -41.14 11.29
CA PRO H 40 -18.07 -41.39 12.63
C PRO H 40 -19.00 -40.94 13.75
N LEU H 41 -19.65 -41.89 14.42
CA LEU H 41 -20.56 -41.60 15.52
C LEU H 41 -19.87 -41.09 16.80
N PRO H 42 -20.52 -40.22 17.56
CA PRO H 42 -19.98 -39.76 18.83
C PRO H 42 -20.00 -40.85 19.90
N LYS H 43 -19.36 -40.59 21.04
CA LYS H 43 -19.36 -41.56 22.13
C LYS H 43 -20.75 -41.74 22.75
N ILE H 44 -21.18 -42.97 22.93
CA ILE H 44 -22.48 -43.29 23.52
C ILE H 44 -22.39 -43.38 25.04
N ILE H 45 -23.35 -42.76 25.74
CA ILE H 45 -23.43 -42.76 27.21
C ILE H 45 -24.55 -43.72 27.62
N VAL H 46 -24.25 -44.70 28.48
CA VAL H 46 -25.24 -45.65 28.97
C VAL H 46 -25.43 -45.48 30.48
N ASN H 47 -26.67 -45.19 30.90
CA ASN H 47 -27.06 -44.96 32.29
C ASN H 47 -27.94 -46.08 32.86
N PRO H 48 -27.57 -46.69 33.99
CA PRO H 48 -28.44 -47.67 34.63
C PRO H 48 -29.50 -46.95 35.46
N VAL H 49 -30.75 -47.41 35.35
CA VAL H 49 -31.88 -46.86 36.08
C VAL H 49 -32.28 -47.90 37.11
N LYS H 50 -32.31 -47.49 38.39
CA LYS H 50 -32.57 -48.40 39.51
C LYS H 50 -34.06 -48.73 39.68
N ASN H 51 -34.58 -49.37 38.65
CA ASN H 51 -35.94 -49.88 38.52
C ASN H 51 -35.80 -51.23 37.85
N ASN H 52 -36.74 -52.13 38.09
CA ASN H 52 -36.67 -53.47 37.50
C ASN H 52 -37.80 -53.75 36.52
N ASP H 53 -38.32 -52.72 35.87
CA ASP H 53 -39.42 -52.86 34.92
C ASP H 53 -38.97 -53.39 33.54
N SER H 54 -37.71 -53.75 33.35
CA SER H 54 -37.17 -54.24 32.07
C SER H 54 -37.32 -53.26 30.91
N ALA H 55 -37.51 -51.97 31.19
CA ALA H 55 -37.65 -50.91 30.19
C ALA H 55 -36.30 -50.37 29.69
N ILE H 56 -36.32 -49.80 28.47
CA ILE H 56 -35.17 -49.16 27.83
C ILE H 56 -35.64 -47.89 27.12
N GLU H 57 -34.71 -46.94 26.96
CA GLU H 57 -34.99 -45.69 26.24
C GLU H 57 -33.75 -45.11 25.56
N PHE H 58 -33.94 -44.57 24.35
CA PHE H 58 -32.90 -43.90 23.58
C PHE H 58 -33.21 -42.41 23.46
N LEU H 59 -32.23 -41.57 23.81
CA LEU H 59 -32.35 -40.11 23.71
C LEU H 59 -31.38 -39.54 22.68
N LEU H 60 -31.92 -38.78 21.73
CA LEU H 60 -31.13 -38.11 20.70
C LEU H 60 -31.12 -36.62 21.01
N TYR H 61 -29.95 -36.08 21.33
CA TYR H 61 -29.84 -34.68 21.75
C TYR H 61 -30.83 -34.37 22.86
N GLN H 62 -30.89 -35.28 23.82
CA GLN H 62 -31.75 -35.26 25.01
C GLN H 62 -33.26 -35.27 24.75
N GLU H 63 -33.73 -35.67 23.58
CA GLU H 63 -35.15 -35.84 23.32
C GLU H 63 -35.38 -37.33 23.09
N SER H 64 -36.45 -37.88 23.64
CA SER H 64 -36.70 -39.31 23.49
C SER H 64 -37.13 -39.71 22.09
N ILE H 65 -36.40 -40.65 21.49
CA ILE H 65 -36.65 -41.16 20.15
C ILE H 65 -37.31 -42.54 20.15
N TYR H 66 -37.08 -43.33 21.19
CA TYR H 66 -37.69 -44.65 21.32
C TYR H 66 -37.68 -45.10 22.78
N LYS H 67 -38.77 -45.72 23.21
CA LYS H 67 -38.93 -46.23 24.57
C LYS H 67 -39.76 -47.51 24.56
N ASP H 68 -39.25 -48.58 25.18
CA ASP H 68 -39.96 -49.85 25.16
C ASP H 68 -39.41 -50.80 26.23
N THR H 69 -40.12 -51.92 26.41
CA THR H 69 -39.77 -52.99 27.35
C THR H 69 -39.34 -54.27 26.65
N LEU H 70 -38.21 -54.83 27.09
CA LEU H 70 -37.68 -56.08 26.58
C LEU H 70 -38.31 -57.29 27.27
N ILE H 71 -38.64 -58.32 26.47
CA ILE H 71 -39.23 -59.57 26.96
C ILE H 71 -38.47 -60.75 26.35
N ASP H 72 -38.46 -61.86 27.08
CA ASP H 72 -37.77 -63.09 26.68
C ASP H 72 -38.57 -63.99 25.75
N ASP H 73 -39.89 -63.80 25.66
CA ASP H 73 -40.76 -64.64 24.83
C ASP H 73 -40.67 -64.36 23.34
N THR H 74 -39.97 -63.32 22.89
CA THR H 74 -39.91 -62.97 21.47
C THR H 74 -38.47 -62.75 21.00
N VAL H 75 -38.31 -62.79 19.69
CA VAL H 75 -37.00 -62.66 19.02
C VAL H 75 -37.14 -61.86 17.72
N TYR H 76 -36.14 -61.03 17.43
CA TYR H 76 -36.05 -60.21 16.22
C TYR H 76 -35.25 -60.93 15.15
N PHE H 77 -35.64 -60.74 13.88
CA PHE H 77 -34.93 -61.36 12.76
C PHE H 77 -34.88 -60.46 11.52
N GLU H 78 -33.94 -60.79 10.62
CA GLU H 78 -33.75 -60.16 9.31
C GLU H 78 -33.60 -61.22 8.23
N ALA H 79 -34.17 -60.94 7.05
CA ALA H 79 -34.10 -61.84 5.91
C ALA H 79 -33.65 -61.11 4.65
N GLY H 80 -32.73 -61.73 3.92
CA GLY H 80 -32.20 -61.21 2.67
C GLY H 80 -33.06 -61.57 1.48
N HIS H 81 -32.43 -62.09 0.42
CA HIS H 81 -33.12 -62.51 -0.79
C HIS H 81 -33.98 -63.76 -0.58
N ALA H 82 -33.95 -64.35 0.61
CA ALA H 82 -34.71 -65.56 0.95
C ALA H 82 -36.22 -65.34 0.91
N GLU H 83 -36.95 -66.45 0.84
CA GLU H 83 -38.41 -66.50 0.79
C GLU H 83 -39.05 -66.19 2.15
N ILE H 84 -40.33 -65.78 2.07
CA ILE H 84 -41.15 -65.43 3.23
C ILE H 84 -41.46 -66.66 4.10
N SER H 85 -41.40 -66.47 5.42
CA SER H 85 -41.68 -67.53 6.39
C SER H 85 -42.85 -67.12 7.31
N PHE H 86 -43.60 -68.13 7.76
CA PHE H 86 -44.81 -67.94 8.58
C PHE H 86 -44.61 -67.28 9.95
N GLU H 87 -45.72 -66.66 10.41
CA GLU H 87 -45.90 -65.97 11.71
C GLU H 87 -45.03 -64.73 11.96
N PHE H 88 -44.61 -64.02 10.93
CA PHE H 88 -43.82 -62.80 11.13
C PHE H 88 -44.73 -61.64 11.57
N VAL H 89 -44.21 -60.78 12.45
CA VAL H 89 -44.92 -59.59 12.94
C VAL H 89 -44.10 -58.35 12.62
N GLN H 90 -44.66 -57.45 11.83
CA GLN H 90 -44.02 -56.18 11.48
C GLN H 90 -44.38 -55.08 12.48
N GLU H 91 -43.37 -54.31 12.90
CA GLU H 91 -43.60 -53.18 13.80
C GLU H 91 -42.72 -52.01 13.38
N LYS H 92 -43.33 -50.81 13.33
CA LYS H 92 -42.60 -49.60 12.96
C LYS H 92 -41.71 -49.11 14.09
N LEU H 93 -40.51 -48.67 13.72
CA LEU H 93 -39.50 -48.18 14.63
C LEU H 93 -39.30 -46.68 14.47
N SER H 94 -39.62 -46.14 13.30
CA SER H 94 -39.57 -44.71 13.01
C SER H 94 -40.50 -44.48 11.83
N THR H 95 -40.65 -43.21 11.46
CA THR H 95 -41.49 -42.88 10.32
C THR H 95 -41.01 -43.54 9.03
N ASN H 96 -39.74 -43.94 8.96
CA ASN H 96 -39.15 -44.54 7.77
C ASN H 96 -38.44 -45.88 8.01
N SER H 97 -38.68 -46.56 9.13
CA SER H 97 -38.07 -47.86 9.36
C SER H 97 -39.01 -48.82 10.09
N ILE H 98 -38.93 -50.11 9.72
CA ILE H 98 -39.74 -51.18 10.26
C ILE H 98 -38.85 -52.39 10.59
N VAL H 99 -39.18 -53.09 11.69
CA VAL H 99 -38.49 -54.29 12.15
C VAL H 99 -39.48 -55.46 12.28
N TYR H 100 -38.95 -56.68 12.13
CA TYR H 100 -39.71 -57.93 12.19
C TYR H 100 -39.49 -58.70 13.50
N LYS H 101 -40.61 -59.07 14.14
CA LYS H 101 -40.66 -59.80 15.41
C LYS H 101 -41.33 -61.17 15.26
N THR H 102 -40.92 -62.11 16.11
CA THR H 102 -41.45 -63.48 16.11
C THR H 102 -41.35 -64.10 17.50
N ASN H 103 -42.18 -65.13 17.74
CA ASN H 103 -42.10 -65.87 18.99
C ASN H 103 -40.83 -66.73 18.99
N LYS H 104 -40.19 -66.83 20.15
CA LYS H 104 -38.93 -67.58 20.27
C LYS H 104 -38.97 -69.02 19.74
N THR H 105 -40.14 -69.66 19.72
CA THR H 105 -40.26 -71.02 19.18
C THR H 105 -39.84 -71.14 17.72
N ASN H 106 -39.96 -70.07 16.95
CA ASN H 106 -39.63 -70.00 15.54
C ASN H 106 -38.14 -69.75 15.25
N GLN H 107 -37.35 -69.54 16.30
CA GLN H 107 -35.92 -69.24 16.21
C GLN H 107 -35.10 -70.17 15.31
N GLN H 108 -35.10 -71.48 15.58
CA GLN H 108 -34.28 -72.42 14.81
C GLN H 108 -34.71 -72.59 13.36
N LEU H 109 -36.01 -72.51 13.07
CA LEU H 109 -36.46 -72.64 11.68
C LEU H 109 -35.91 -71.49 10.84
N ALA H 110 -35.98 -70.27 11.35
CA ALA H 110 -35.43 -69.11 10.66
C ALA H 110 -33.92 -69.23 10.52
N HIS H 111 -33.26 -69.58 11.62
CA HIS H 111 -31.81 -69.80 11.65
C HIS H 111 -31.39 -70.85 10.61
N LEU H 112 -32.15 -71.94 10.52
CA LEU H 112 -31.89 -73.00 9.56
C LEU H 112 -32.18 -72.54 8.13
N THR H 113 -33.20 -71.71 7.95
CA THR H 113 -33.55 -71.19 6.64
C THR H 113 -32.50 -70.23 6.11
N GLY H 114 -31.72 -69.60 6.99
CA GLY H 114 -30.65 -68.67 6.60
C GLY H 114 -30.83 -67.24 7.05
N MET H 115 -31.89 -66.95 7.80
CA MET H 115 -32.20 -65.64 8.32
C MET H 115 -31.29 -65.30 9.49
N ASP H 116 -31.10 -64.01 9.74
CA ASP H 116 -30.32 -63.54 10.86
C ASP H 116 -31.26 -63.34 12.05
N VAL H 117 -30.86 -63.82 13.23
CA VAL H 117 -31.70 -63.79 14.42
C VAL H 117 -30.94 -63.23 15.62
N TYR H 118 -31.61 -62.33 16.35
CA TYR H 118 -31.10 -61.64 17.53
C TYR H 118 -31.98 -61.98 18.74
N ALA H 119 -31.39 -62.59 19.78
CA ALA H 119 -32.20 -63.03 20.92
C ALA H 119 -31.76 -62.57 22.31
N THR H 120 -30.47 -62.44 22.59
CA THR H 120 -30.05 -61.99 23.92
C THR H 120 -30.27 -60.49 24.07
N THR H 121 -30.24 -60.05 25.33
CA THR H 121 -30.45 -58.63 25.64
C THR H 121 -29.44 -57.76 24.89
N ASN H 122 -28.18 -58.15 24.90
CA ASN H 122 -27.17 -57.34 24.21
C ASN H 122 -27.42 -57.34 22.70
N ASP H 123 -27.95 -58.43 22.15
CA ASP H 123 -28.28 -58.47 20.73
C ASP H 123 -29.44 -57.54 20.41
N LYS H 124 -30.52 -57.65 21.18
CA LYS H 124 -31.70 -56.82 21.00
C LYS H 124 -31.35 -55.33 21.11
N ILE H 125 -30.57 -54.95 22.10
CA ILE H 125 -30.15 -53.56 22.28
C ILE H 125 -29.33 -53.10 21.08
N THR H 126 -28.28 -53.83 20.73
CA THR H 126 -27.40 -53.46 19.62
C THR H 126 -28.13 -53.43 18.28
N PHE H 127 -29.10 -54.31 18.09
CA PHE H 127 -29.88 -54.32 16.85
C PHE H 127 -30.77 -53.08 16.75
N LEU H 128 -31.48 -52.75 17.81
CA LEU H 128 -32.36 -51.58 17.83
C LEU H 128 -31.55 -50.28 17.69
N LEU H 129 -30.40 -50.20 18.34
CA LEU H 129 -29.50 -49.05 18.26
C LEU H 129 -29.07 -48.77 16.82
N LYS H 130 -28.53 -49.76 16.12
CA LYS H 130 -28.08 -49.58 14.73
C LYS H 130 -29.22 -49.17 13.80
N LYS H 131 -30.41 -49.71 13.97
CA LYS H 131 -31.56 -49.33 13.13
C LYS H 131 -32.03 -47.91 13.43
N LEU H 132 -31.98 -47.47 14.67
CA LEU H 132 -32.39 -46.12 15.03
C LEU H 132 -31.39 -45.08 14.52
N VAL H 133 -30.09 -45.39 14.57
CA VAL H 133 -29.05 -44.51 14.05
C VAL H 133 -29.15 -44.37 12.53
N LEU H 134 -29.25 -45.47 11.81
CA LEU H 134 -29.40 -45.41 10.35
C LEU H 134 -30.58 -44.55 9.93
N SER H 135 -31.65 -44.57 10.68
CA SER H 135 -32.83 -43.78 10.38
C SER H 135 -32.60 -42.28 10.55
N ASN H 136 -31.64 -41.88 11.38
CA ASN H 136 -31.33 -40.48 11.68
C ASN H 136 -29.93 -40.04 11.23
N ALA H 137 -29.32 -40.79 10.30
CA ALA H 137 -27.96 -40.56 9.82
C ALA H 137 -27.69 -39.11 9.42
N LYS H 138 -28.66 -38.43 8.83
CA LYS H 138 -28.51 -37.03 8.44
C LYS H 138 -28.20 -36.11 9.63
N GLU H 139 -28.58 -36.49 10.84
CA GLU H 139 -28.32 -35.69 12.03
C GLU H 139 -26.87 -35.72 12.49
N PHE H 140 -26.13 -36.78 12.21
CA PHE H 140 -24.75 -36.96 12.64
C PHE H 140 -23.67 -36.42 11.72
N ILE H 141 -24.00 -35.82 10.59
CA ILE H 141 -23.02 -35.31 9.64
C ILE H 141 -23.34 -33.86 9.29
N GLY H 142 -22.51 -32.93 9.82
CA GLY H 142 -22.63 -31.49 9.65
C GLY H 142 -21.33 -30.74 9.47
N VAL H 143 -21.31 -29.46 9.83
CA VAL H 143 -20.14 -28.60 9.63
C VAL H 143 -18.94 -29.08 10.43
N GLN H 144 -19.11 -29.38 11.70
CA GLN H 144 -17.98 -29.82 12.52
C GLN H 144 -17.48 -31.22 12.18
N GLU H 145 -18.33 -32.10 11.66
CA GLU H 145 -17.92 -33.45 11.29
C GLU H 145 -17.24 -33.46 9.92
N THR H 146 -17.75 -32.70 8.97
CA THR H 146 -17.12 -32.56 7.67
C THR H 146 -15.68 -32.07 7.82
N ARG H 147 -15.47 -31.06 8.64
CA ARG H 147 -14.15 -30.53 8.95
C ARG H 147 -13.26 -31.59 9.60
N TYR H 148 -13.82 -32.57 10.27
CA TYR H 148 -13.03 -33.64 10.89
C TYR H 148 -12.58 -34.67 9.85
N LEU H 149 -13.42 -34.97 8.87
CA LEU H 149 -13.09 -35.88 7.77
C LEU H 149 -12.01 -35.30 6.87
N MET H 150 -11.89 -33.99 6.81
CA MET H 150 -10.88 -33.26 6.04
C MET H 150 -9.58 -33.03 6.82
N ASP H 151 -9.61 -33.11 8.14
CA ASP H 151 -8.40 -32.99 8.94
C ASP H 151 -7.66 -34.33 8.92
N ILE H 152 -8.40 -35.41 9.09
CA ILE H 152 -7.91 -36.73 8.72
C ILE H 152 -7.97 -36.58 7.21
N MET H 153 -7.36 -37.46 6.43
CA MET H 153 -7.45 -37.31 4.97
C MET H 153 -6.60 -36.15 4.47
N GLU H 154 -5.71 -35.61 5.28
CA GLU H 154 -4.72 -34.62 4.85
C GLU H 154 -3.34 -34.99 5.36
N ARG H 155 -3.23 -36.05 6.13
CA ARG H 155 -2.00 -36.65 6.59
C ARG H 155 -1.43 -37.48 5.44
N LYS H 156 -2.28 -37.67 4.43
CA LYS H 156 -2.14 -38.36 3.16
C LYS H 156 -3.17 -37.63 2.30
N TYR H 157 -3.01 -37.59 0.98
CA TYR H 157 -3.99 -36.83 0.19
C TYR H 157 -4.04 -35.32 0.47
N ASN H 158 -2.97 -34.79 1.05
CA ASN H 158 -2.84 -33.37 1.41
C ASN H 158 -3.11 -32.39 0.26
N GLU H 159 -2.62 -32.67 -0.93
CA GLU H 159 -2.84 -31.79 -2.08
C GLU H 159 -4.28 -31.84 -2.58
N LEU H 160 -4.93 -32.99 -2.44
CA LEU H 160 -6.31 -33.17 -2.84
C LEU H 160 -7.26 -32.28 -2.02
N VAL H 161 -7.00 -32.17 -0.72
CA VAL H 161 -7.77 -31.31 0.19
C VAL H 161 -7.55 -29.82 -0.13
N LYS H 162 -6.31 -29.39 -0.29
CA LYS H 162 -6.02 -27.99 -0.66
C LYS H 162 -6.74 -27.60 -1.95
N GLU H 163 -6.71 -28.44 -2.96
CA GLU H 163 -7.40 -28.13 -4.22
C GLU H 163 -8.91 -28.07 -4.02
N LEU H 164 -9.47 -28.93 -3.19
CA LEU H 164 -10.91 -28.93 -2.93
C LEU H 164 -11.35 -27.66 -2.22
N GLN H 165 -10.63 -27.26 -1.18
CA GLN H 165 -10.94 -26.03 -0.42
C GLN H 165 -10.90 -24.78 -1.29
N ARG H 166 -10.03 -24.75 -2.29
CA ARG H 166 -9.95 -23.63 -3.22
C ARG H 166 -11.08 -23.64 -4.25
N GLN H 167 -11.63 -24.79 -4.56
CA GLN H 167 -12.69 -24.91 -5.56
C GLN H 167 -14.10 -24.77 -4.99
N LEU H 168 -14.38 -25.33 -3.81
CA LEU H 168 -15.70 -25.29 -3.19
C LEU H 168 -15.68 -24.74 -1.77
N GLY H 169 -16.80 -24.14 -1.37
CA GLY H 169 -16.95 -23.66 0.00
C GLY H 169 -17.37 -24.78 0.93
N LEU H 170 -16.87 -24.73 2.17
CA LEU H 170 -17.17 -25.79 3.13
C LEU H 170 -18.67 -26.00 3.30
N SER H 171 -19.46 -24.94 3.31
CA SER H 171 -20.91 -25.08 3.45
C SER H 171 -21.55 -25.83 2.29
N LYS H 172 -20.90 -25.87 1.14
CA LYS H 172 -21.38 -26.57 -0.05
C LYS H 172 -21.00 -28.05 -0.02
N ILE H 173 -19.86 -28.39 0.56
CA ILE H 173 -19.40 -29.76 0.74
C ILE H 173 -20.33 -30.49 1.71
N VAL H 174 -20.81 -29.79 2.73
CA VAL H 174 -21.74 -30.31 3.73
C VAL H 174 -23.07 -30.71 3.11
N ASP H 175 -23.61 -29.90 2.20
CA ASP H 175 -24.87 -30.24 1.55
C ASP H 175 -24.74 -31.47 0.65
N ILE H 176 -23.62 -31.64 -0.02
CA ILE H 176 -23.39 -32.79 -0.87
C ILE H 176 -23.32 -34.08 -0.04
N LEU H 177 -22.50 -34.10 1.00
CA LEU H 177 -22.39 -35.30 1.85
C LEU H 177 -23.71 -35.67 2.52
N GLN H 178 -24.55 -34.71 2.88
CA GLN H 178 -25.84 -35.01 3.49
C GLN H 178 -26.81 -35.67 2.53
N ARG H 179 -26.85 -35.27 1.27
CA ARG H 179 -27.74 -35.87 0.30
C ARG H 179 -27.37 -37.33 0.00
N LEU H 180 -26.10 -37.69 0.16
CA LEU H 180 -25.67 -39.08 -0.03
C LEU H 180 -26.11 -39.98 1.13
N VAL H 181 -25.96 -39.54 2.38
CA VAL H 181 -26.37 -40.35 3.54
C VAL H 181 -27.89 -40.41 3.64
N GLU H 182 -28.60 -39.42 3.12
CA GLU H 182 -30.06 -39.45 3.13
C GLU H 182 -30.62 -40.63 2.35
N GLU H 183 -29.86 -41.20 1.42
CA GLU H 183 -30.32 -42.28 0.55
C GLU H 183 -29.46 -43.54 0.71
N ASN H 184 -28.81 -43.66 1.86
CA ASN H 184 -27.94 -44.77 2.27
C ASN H 184 -26.71 -45.02 1.41
N VAL H 185 -26.28 -44.09 0.58
CA VAL H 185 -25.05 -44.29 -0.17
C VAL H 185 -23.90 -44.17 0.83
N SER H 186 -22.86 -44.99 0.67
CA SER H 186 -21.74 -44.91 1.60
C SER H 186 -20.74 -43.83 1.21
N ILE H 187 -20.24 -43.12 2.21
CA ILE H 187 -19.25 -42.06 2.05
C ILE H 187 -17.87 -42.47 2.57
N ARG H 188 -17.60 -43.78 2.56
CA ARG H 188 -16.31 -44.30 3.00
C ARG H 188 -15.18 -43.96 2.04
N ASP H 189 -15.45 -44.01 0.73
CA ASP H 189 -14.48 -43.67 -0.32
C ASP H 189 -14.50 -42.18 -0.63
N LEU H 190 -13.77 -41.43 0.20
CA LEU H 190 -13.70 -39.97 0.07
C LEU H 190 -12.88 -39.48 -1.13
N ARG H 191 -11.79 -40.14 -1.52
CA ARG H 191 -11.03 -39.63 -2.68
C ARG H 191 -11.80 -39.74 -3.98
N THR H 192 -12.68 -40.71 -4.11
CA THR H 192 -13.51 -40.77 -5.31
C THR H 192 -14.47 -39.60 -5.34
N ILE H 193 -15.02 -39.23 -4.19
CA ILE H 193 -15.95 -38.12 -4.07
C ILE H 193 -15.23 -36.79 -4.28
N PHE H 194 -14.11 -36.56 -3.61
CA PHE H 194 -13.35 -35.32 -3.76
C PHE H 194 -12.78 -35.17 -5.18
N GLU H 195 -12.23 -36.22 -5.76
CA GLU H 195 -11.74 -36.15 -7.13
C GLU H 195 -12.84 -35.81 -8.13
N THR H 196 -14.04 -36.33 -7.94
CA THR H 196 -15.16 -36.01 -8.82
C THR H 196 -15.63 -34.57 -8.66
N LEU H 197 -15.60 -34.02 -7.45
CA LEU H 197 -16.05 -32.64 -7.24
C LEU H 197 -15.04 -31.63 -7.80
N ILE H 198 -13.75 -31.91 -7.70
CA ILE H 198 -12.74 -31.02 -8.27
C ILE H 198 -12.87 -30.92 -9.78
N PHE H 199 -13.19 -32.02 -10.44
CA PHE H 199 -13.36 -32.06 -11.88
C PHE H 199 -14.56 -31.25 -12.39
N TRP H 200 -15.71 -31.32 -11.74
CA TRP H 200 -16.93 -30.64 -12.19
C TRP H 200 -17.17 -29.27 -11.56
N SER H 201 -16.44 -28.88 -10.53
CA SER H 201 -16.66 -27.61 -9.83
C SER H 201 -16.72 -26.36 -10.72
N THR H 202 -16.00 -26.31 -11.82
CA THR H 202 -16.02 -25.16 -12.72
C THR H 202 -17.11 -25.22 -13.78
N LYS H 203 -17.44 -26.41 -14.25
CA LYS H 203 -18.45 -26.61 -15.28
C LYS H 203 -19.88 -26.52 -14.76
N GLU H 204 -20.15 -26.99 -13.54
CA GLU H 204 -21.48 -26.96 -12.94
C GLU H 204 -21.44 -26.40 -11.54
N LYS H 205 -22.49 -25.63 -11.19
CA LYS H 205 -22.63 -24.97 -9.91
C LYS H 205 -23.86 -25.38 -9.10
N ASP H 206 -24.82 -26.08 -9.70
CA ASP H 206 -26.03 -26.53 -9.00
C ASP H 206 -25.71 -27.74 -8.12
N VAL H 207 -25.89 -27.55 -6.80
CA VAL H 207 -25.62 -28.59 -5.80
C VAL H 207 -26.47 -29.84 -6.03
N VAL H 208 -27.69 -29.67 -6.55
CA VAL H 208 -28.56 -30.81 -6.84
C VAL H 208 -28.07 -31.61 -8.03
N ILE H 209 -27.28 -31.01 -8.91
CA ILE H 209 -26.72 -31.66 -10.11
C ILE H 209 -25.39 -32.35 -9.77
N LEU H 210 -24.52 -31.69 -9.02
CA LEU H 210 -23.24 -32.27 -8.60
C LEU H 210 -23.48 -33.61 -7.89
N CYS H 211 -24.56 -33.70 -7.14
CA CYS H 211 -24.95 -34.92 -6.42
C CYS H 211 -25.06 -36.13 -7.36
N GLU H 212 -25.63 -35.95 -8.54
CA GLU H 212 -25.82 -37.05 -9.49
C GLU H 212 -24.50 -37.49 -10.16
N TYR H 213 -23.59 -36.58 -10.43
CA TYR H 213 -22.30 -36.98 -10.98
C TYR H 213 -21.53 -37.82 -9.96
N VAL H 214 -21.59 -37.47 -8.68
CA VAL H 214 -20.93 -38.25 -7.63
C VAL H 214 -21.59 -39.63 -7.52
N ARG H 215 -22.89 -39.74 -7.75
CA ARG H 215 -23.57 -41.04 -7.72
C ARG H 215 -23.14 -41.91 -8.89
N ILE H 216 -23.00 -41.35 -10.08
CA ILE H 216 -22.56 -42.11 -11.25
C ILE H 216 -21.15 -42.64 -11.05
N ALA H 217 -20.27 -41.84 -10.50
CA ALA H 217 -18.89 -42.24 -10.21
C ALA H 217 -18.77 -43.33 -9.16
N LEU H 218 -19.82 -43.59 -8.38
CA LEU H 218 -19.85 -44.61 -7.33
C LEU H 218 -20.52 -45.91 -7.77
N ARG H 219 -20.59 -46.15 -9.08
CA ARG H 219 -21.21 -47.33 -9.70
C ARG H 219 -20.92 -48.67 -9.03
N ARG H 220 -19.65 -48.97 -8.73
CA ARG H 220 -19.28 -50.24 -8.11
C ARG H 220 -19.88 -50.45 -6.72
N HIS H 221 -20.04 -49.39 -5.95
CA HIS H 221 -20.66 -49.50 -4.62
C HIS H 221 -22.16 -49.77 -4.73
N ILE H 222 -22.85 -49.02 -5.57
CA ILE H 222 -24.30 -49.14 -5.75
C ILE H 222 -24.67 -50.49 -6.35
N LEU H 223 -24.04 -50.90 -7.45
CA LEU H 223 -24.35 -52.20 -8.04
C LEU H 223 -23.98 -53.35 -7.11
N GLY H 224 -22.89 -53.25 -6.37
CA GLY H 224 -22.47 -54.30 -5.46
C GLY H 224 -23.41 -54.52 -4.27
N ARG H 225 -24.35 -53.62 -4.03
CA ARG H 225 -25.34 -53.68 -2.95
C ARG H 225 -26.69 -54.23 -3.41
N TYR H 226 -27.23 -53.76 -4.52
CA TYR H 226 -28.56 -54.17 -4.96
C TYR H 226 -28.59 -55.35 -5.94
N SER H 227 -27.57 -55.55 -6.77
CA SER H 227 -27.55 -56.68 -7.68
C SER H 227 -27.33 -57.99 -6.92
N VAL H 228 -27.74 -59.11 -7.54
CA VAL H 228 -27.58 -60.44 -6.96
C VAL H 228 -26.37 -61.12 -7.59
N SER H 229 -25.45 -61.52 -6.72
CA SER H 229 -24.17 -62.17 -7.06
C SER H 229 -23.42 -61.42 -8.14
N GLY H 230 -23.65 -60.11 -8.23
CA GLY H 230 -23.04 -59.24 -9.21
C GLY H 230 -23.47 -59.42 -10.64
N THR H 231 -24.38 -60.34 -10.93
CA THR H 231 -24.75 -60.63 -12.32
C THR H 231 -26.12 -60.13 -12.76
N LEU H 232 -27.12 -60.04 -11.88
CA LEU H 232 -28.45 -59.64 -12.31
C LEU H 232 -29.10 -58.65 -11.34
N LEU H 233 -29.86 -57.72 -11.90
CA LEU H 233 -30.61 -56.70 -11.17
C LEU H 233 -32.11 -56.75 -11.47
N ASN H 234 -32.94 -56.87 -10.43
CA ASN H 234 -34.40 -56.88 -10.57
C ASN H 234 -34.93 -55.47 -10.69
N VAL H 235 -35.81 -55.21 -11.67
CA VAL H 235 -36.25 -53.85 -11.97
C VAL H 235 -37.73 -53.65 -12.27
N TRP H 236 -38.23 -52.46 -11.89
CA TRP H 236 -39.55 -51.91 -12.21
C TRP H 236 -39.32 -50.60 -12.97
N LEU H 237 -40.16 -50.30 -13.98
CA LEU H 237 -39.98 -49.09 -14.79
C LEU H 237 -41.14 -48.10 -14.72
N ILE H 238 -40.82 -46.80 -14.85
CA ILE H 238 -41.82 -45.74 -14.83
C ILE H 238 -42.54 -45.54 -16.16
N GLY H 239 -41.86 -45.77 -17.28
CA GLY H 239 -42.38 -45.60 -18.64
C GLY H 239 -42.35 -44.18 -19.18
N SER H 240 -42.26 -44.10 -20.52
CA SER H 240 -42.13 -42.82 -21.23
C SER H 240 -43.26 -41.81 -21.00
N ASP H 241 -44.49 -42.28 -20.88
CA ASP H 241 -45.61 -41.37 -20.66
C ASP H 241 -45.53 -40.64 -19.33
N ILE H 242 -45.38 -41.38 -18.24
CA ILE H 242 -45.28 -40.77 -16.92
C ILE H 242 -44.00 -39.96 -16.80
N GLU H 243 -42.89 -40.46 -17.32
CA GLU H 243 -41.63 -39.71 -17.30
C GLU H 243 -41.76 -38.38 -18.06
N ASN H 244 -42.40 -38.39 -19.21
CA ASN H 244 -42.60 -37.16 -19.98
C ASN H 244 -43.50 -36.19 -19.23
N GLU H 245 -44.60 -36.68 -18.66
CA GLU H 245 -45.51 -35.83 -17.89
C GLU H 245 -44.81 -35.22 -16.68
N LEU H 246 -44.03 -36.01 -15.95
CA LEU H 246 -43.28 -35.52 -14.80
C LEU H 246 -42.20 -34.52 -15.20
N ARG H 247 -41.49 -34.79 -16.29
CA ARG H 247 -40.44 -33.88 -16.77
C ARG H 247 -41.00 -32.49 -17.07
N GLU H 248 -42.18 -32.42 -17.65
CA GLU H 248 -42.81 -31.14 -17.97
C GLU H 248 -43.35 -30.41 -16.74
N SER H 249 -43.77 -31.12 -15.70
CA SER H 249 -44.34 -30.56 -14.47
C SER H 249 -43.35 -29.84 -13.53
N ILE H 250 -42.05 -29.86 -13.81
CA ILE H 250 -41.04 -29.23 -12.93
C ILE H 250 -41.17 -27.70 -12.87
N ARG H 251 -40.99 -27.16 -11.65
CA ARG H 251 -41.04 -25.73 -11.30
C ARG H 251 -39.94 -25.42 -10.29
N GLN H 252 -39.62 -24.13 -10.11
CA GLN H 252 -38.56 -23.71 -9.19
C GLN H 252 -38.77 -22.33 -8.57
N THR H 253 -38.09 -22.14 -7.43
CA THR H 253 -38.10 -20.93 -6.60
C THR H 253 -36.81 -20.87 -5.79
N SER H 254 -36.58 -19.72 -5.13
CA SER H 254 -35.36 -19.54 -4.33
C SER H 254 -35.19 -20.62 -3.26
N SER H 255 -36.29 -21.17 -2.77
CA SER H 255 -36.21 -22.25 -1.79
C SER H 255 -35.83 -23.57 -2.42
N GLY H 256 -36.06 -23.74 -3.73
CA GLY H 256 -35.73 -24.99 -4.40
C GLY H 256 -36.66 -25.24 -5.58
N SER H 257 -36.66 -26.51 -6.01
CA SER H 257 -37.48 -26.99 -7.12
C SER H 257 -38.54 -27.98 -6.67
N TYR H 258 -39.66 -27.99 -7.39
CA TYR H 258 -40.79 -28.84 -7.05
C TYR H 258 -41.62 -29.13 -8.29
N LEU H 259 -42.58 -30.05 -8.14
CA LEU H 259 -43.46 -30.49 -9.22
C LEU H 259 -44.87 -29.94 -9.08
N ASN H 260 -45.42 -29.43 -10.18
CA ASN H 260 -46.79 -28.94 -10.26
C ASN H 260 -47.73 -30.06 -10.71
N ILE H 261 -48.15 -30.89 -9.74
CA ILE H 261 -49.04 -32.01 -10.00
C ILE H 261 -50.09 -32.07 -8.91
N SER H 262 -51.29 -32.51 -9.27
CA SER H 262 -52.40 -32.59 -8.33
C SER H 262 -52.25 -33.75 -7.34
N PRO H 263 -52.83 -33.61 -6.15
CA PRO H 263 -52.79 -34.68 -5.15
C PRO H 263 -53.46 -35.96 -5.62
N GLU H 264 -54.57 -35.82 -6.36
CA GLU H 264 -55.30 -36.98 -6.87
C GLU H 264 -54.47 -37.77 -7.87
N ARG H 265 -53.88 -37.09 -8.84
CA ARG H 265 -53.02 -37.75 -9.83
C ARG H 265 -51.81 -38.37 -9.14
N THR H 266 -51.26 -37.69 -8.14
CA THR H 266 -50.12 -38.19 -7.38
C THR H 266 -50.48 -39.50 -6.67
N GLU H 267 -51.62 -39.52 -5.99
CA GLU H 267 -52.10 -40.71 -5.29
C GLU H 267 -52.42 -41.84 -6.28
N GLN H 268 -52.94 -41.50 -7.46
CA GLN H 268 -53.22 -42.49 -8.51
C GLN H 268 -51.92 -43.13 -9.02
N ILE H 269 -50.92 -42.29 -9.31
CA ILE H 269 -49.61 -42.77 -9.76
C ILE H 269 -49.04 -43.73 -8.72
N ILE H 270 -49.08 -43.33 -7.46
CA ILE H 270 -48.60 -44.15 -6.34
C ILE H 270 -49.43 -45.44 -6.26
N GLY H 271 -50.75 -45.32 -6.40
CA GLY H 271 -51.63 -46.49 -6.37
C GLY H 271 -51.30 -47.52 -7.43
N PHE H 272 -50.95 -47.08 -8.64
CA PHE H 272 -50.58 -48.03 -9.70
C PHE H 272 -49.36 -48.84 -9.28
N LEU H 273 -48.33 -48.18 -8.78
CA LEU H 273 -47.09 -48.82 -8.33
C LEU H 273 -47.38 -49.74 -7.15
N LYS H 274 -48.17 -49.27 -6.19
CA LYS H 274 -48.57 -50.06 -5.03
C LYS H 274 -49.26 -51.35 -5.43
N ASN H 275 -50.06 -51.31 -6.49
CA ASN H 275 -50.76 -52.50 -6.99
C ASN H 275 -49.83 -53.45 -7.74
N ILE H 276 -48.93 -52.94 -8.57
CA ILE H 276 -48.01 -53.77 -9.34
C ILE H 276 -46.94 -54.43 -8.46
N MET H 277 -46.33 -53.68 -7.55
CA MET H 277 -45.27 -54.24 -6.70
C MET H 277 -45.75 -55.34 -5.75
N ASN H 278 -44.94 -56.43 -5.68
CA ASN H 278 -45.15 -57.56 -4.79
C ASN H 278 -44.67 -57.20 -3.38
N PRO H 279 -45.40 -57.62 -2.34
CA PRO H 279 -45.00 -57.29 -0.97
C PRO H 279 -43.63 -57.85 -0.56
N THR H 280 -43.08 -58.81 -1.29
CA THR H 280 -41.77 -59.33 -0.93
C THR H 280 -40.63 -58.34 -1.21
N GLY H 281 -40.82 -57.41 -2.13
CA GLY H 281 -39.78 -56.44 -2.48
C GLY H 281 -38.64 -57.02 -3.28
N ASN H 282 -37.41 -56.85 -2.77
CA ASN H 282 -36.21 -57.37 -3.43
C ASN H 282 -36.03 -56.84 -4.86
N GLY H 283 -36.44 -55.59 -5.11
CA GLY H 283 -36.32 -54.98 -6.43
C GLY H 283 -35.98 -53.50 -6.36
N VAL H 284 -35.85 -52.89 -7.54
CA VAL H 284 -35.46 -51.47 -7.66
C VAL H 284 -36.23 -50.81 -8.80
N ILE H 285 -36.38 -49.48 -8.71
CA ILE H 285 -37.05 -48.65 -9.72
C ILE H 285 -36.03 -47.83 -10.52
N LEU H 286 -36.01 -47.97 -11.85
CA LEU H 286 -35.12 -47.18 -12.71
C LEU H 286 -35.81 -45.94 -13.27
N THR H 287 -35.06 -44.84 -13.44
CA THR H 287 -35.63 -43.59 -13.95
C THR H 287 -34.55 -42.74 -14.61
N ALA H 288 -34.97 -41.70 -15.32
CA ALA H 288 -34.06 -40.73 -15.92
C ALA H 288 -33.50 -39.79 -14.85
N LEU H 289 -32.28 -39.30 -15.08
CA LEU H 289 -31.64 -38.42 -14.10
C LEU H 289 -32.47 -37.17 -13.78
N ASP H 290 -33.12 -36.59 -14.79
CA ASP H 290 -33.91 -35.37 -14.61
C ASP H 290 -35.07 -35.48 -13.61
N ILE H 291 -35.60 -36.68 -13.38
CA ILE H 291 -36.74 -36.89 -12.48
C ILE H 291 -36.44 -37.71 -11.23
N ARG H 292 -35.31 -38.40 -11.17
CA ARG H 292 -34.97 -39.31 -10.06
C ARG H 292 -35.18 -38.72 -8.65
N ARG H 293 -34.63 -37.54 -8.36
CA ARG H 293 -34.77 -36.94 -7.03
C ARG H 293 -36.22 -36.64 -6.69
N TYR H 294 -37.02 -36.24 -7.67
CA TYR H 294 -38.44 -35.96 -7.44
C TYR H 294 -39.26 -37.23 -7.29
N VAL H 295 -38.98 -38.25 -8.09
CA VAL H 295 -39.67 -39.53 -7.97
C VAL H 295 -39.45 -40.14 -6.59
N LYS H 296 -38.22 -40.07 -6.09
CA LYS H 296 -37.92 -40.57 -4.74
C LYS H 296 -38.69 -39.80 -3.67
N LYS H 297 -38.60 -38.48 -3.69
CA LYS H 297 -39.29 -37.63 -2.72
C LYS H 297 -40.81 -37.78 -2.83
N MET H 298 -41.33 -38.10 -4.00
CA MET H 298 -42.76 -38.31 -4.21
C MET H 298 -43.22 -39.64 -3.60
N ILE H 299 -42.52 -40.74 -3.89
CA ILE H 299 -42.85 -42.06 -3.37
C ILE H 299 -42.60 -42.15 -1.87
N GLU H 300 -41.64 -41.41 -1.36
CA GLU H 300 -41.31 -41.40 0.06
C GLU H 300 -42.56 -41.32 0.95
N GLY H 301 -42.56 -42.17 1.99
CA GLY H 301 -43.66 -42.31 2.94
C GLY H 301 -44.65 -43.40 2.60
N SER H 302 -44.77 -43.79 1.34
CA SER H 302 -45.64 -44.89 0.96
C SER H 302 -44.71 -46.02 0.54
N PHE H 303 -44.82 -47.18 1.20
CA PHE H 303 -43.94 -48.31 0.98
C PHE H 303 -42.46 -47.89 0.87
N PRO H 304 -41.96 -47.20 1.89
CA PRO H 304 -40.59 -46.68 1.94
C PRO H 304 -39.53 -47.77 1.98
N SER H 305 -38.27 -47.32 1.91
CA SER H 305 -37.08 -48.16 1.88
C SER H 305 -36.91 -48.97 0.60
N VAL H 306 -37.43 -48.44 -0.49
CA VAL H 306 -37.33 -49.03 -1.83
C VAL H 306 -36.38 -48.14 -2.63
N PRO H 307 -35.24 -48.67 -3.10
CA PRO H 307 -34.29 -47.85 -3.86
C PRO H 307 -34.77 -47.44 -5.25
N VAL H 308 -34.39 -46.22 -5.61
CA VAL H 308 -34.64 -45.63 -6.94
C VAL H 308 -33.29 -45.29 -7.57
N LEU H 309 -32.99 -45.92 -8.71
CA LEU H 309 -31.73 -45.70 -9.42
C LEU H 309 -31.99 -45.03 -10.77
N SER H 310 -30.95 -44.95 -11.62
CA SER H 310 -31.10 -44.35 -12.94
C SER H 310 -30.27 -45.08 -13.99
N PHE H 311 -30.66 -44.88 -15.25
CA PHE H 311 -30.03 -45.50 -16.42
C PHE H 311 -28.59 -45.08 -16.65
N GLN H 312 -28.14 -44.01 -16.03
CA GLN H 312 -26.75 -43.56 -16.13
C GLN H 312 -25.93 -44.11 -15.00
N GLU H 313 -26.50 -44.20 -13.81
CA GLU H 313 -25.80 -44.79 -12.68
C GLU H 313 -25.63 -46.28 -12.91
N VAL H 314 -26.65 -46.95 -13.41
CA VAL H 314 -26.54 -48.37 -13.74
C VAL H 314 -25.93 -48.47 -15.13
N GLY H 315 -24.91 -49.31 -15.27
CA GLY H 315 -24.23 -49.48 -16.53
C GLY H 315 -24.89 -50.44 -17.49
N ASN H 316 -24.38 -50.45 -18.72
CA ASN H 316 -24.84 -51.34 -19.78
C ASN H 316 -24.27 -52.75 -19.65
N ASN H 317 -23.26 -52.93 -18.81
CA ASN H 317 -22.61 -54.22 -18.63
C ASN H 317 -23.48 -55.25 -17.90
N ILE H 318 -24.30 -54.82 -16.95
CA ILE H 318 -25.14 -55.74 -16.17
C ILE H 318 -26.45 -56.07 -16.87
N GLU H 319 -27.01 -57.24 -16.52
CA GLU H 319 -28.29 -57.73 -17.01
C GLU H 319 -29.46 -57.25 -16.14
N LEU H 320 -30.54 -56.81 -16.80
CA LEU H 320 -31.75 -56.34 -16.16
C LEU H 320 -32.95 -57.28 -16.33
N LYS H 321 -33.60 -57.63 -15.22
CA LYS H 321 -34.81 -58.46 -15.23
C LYS H 321 -35.98 -57.57 -14.83
N VAL H 322 -36.96 -57.40 -15.74
CA VAL H 322 -38.10 -56.53 -15.49
C VAL H 322 -39.26 -57.27 -14.85
N LEU H 323 -39.77 -56.72 -13.74
CA LEU H 323 -40.87 -57.28 -12.97
C LEU H 323 -42.15 -56.46 -13.05
N GLY H 324 -42.22 -55.45 -13.91
CA GLY H 324 -43.43 -54.66 -14.08
C GLY H 324 -43.12 -53.23 -14.49
N THR H 325 -44.15 -52.54 -14.99
CA THR H 325 -44.01 -51.16 -15.46
C THR H 325 -45.27 -50.33 -15.21
N VAL H 326 -45.11 -49.12 -14.68
CA VAL H 326 -46.28 -48.26 -14.49
C VAL H 326 -46.45 -47.39 -15.72
N ASN I 1 -8.15 -46.60 15.72
CA ASN I 1 -8.63 -45.30 15.28
C ASN I 1 -9.08 -45.32 13.80
N ILE I 2 -9.44 -44.16 13.26
CA ILE I 2 -9.93 -44.03 11.89
C ILE I 2 -8.79 -43.85 10.89
N SER I 3 -8.79 -44.65 9.82
CA SER I 3 -7.80 -44.55 8.75
C SER I 3 -8.17 -43.46 7.73
N PRO I 4 -7.18 -42.94 6.98
CA PRO I 4 -7.48 -41.88 6.01
C PRO I 4 -8.65 -42.12 5.07
N GLY I 5 -8.73 -43.29 4.46
CA GLY I 5 -9.82 -43.60 3.57
C GLY I 5 -9.81 -45.07 3.21
N ALA I 6 -10.71 -45.44 2.29
CA ALA I 6 -10.75 -46.83 1.85
C ALA I 6 -9.40 -47.30 1.36
N GLU I 7 -8.96 -48.46 1.83
CA GLU I 7 -7.68 -49.01 1.41
C GLU I 7 -7.63 -49.23 -0.09
N PRO I 8 -6.57 -48.81 -0.79
CA PRO I 8 -6.58 -48.92 -2.26
C PRO I 8 -6.64 -50.32 -2.85
N LEU I 9 -5.87 -51.28 -2.35
CA LEU I 9 -5.84 -52.64 -2.90
C LEU I 9 -5.68 -53.71 -1.83
N ILE I 10 -6.59 -54.69 -1.82
CA ILE I 10 -6.54 -55.81 -0.88
C ILE I 10 -6.79 -57.11 -1.64
N LEU I 11 -5.97 -58.11 -1.37
CA LEU I 11 -6.05 -59.45 -1.94
C LEU I 11 -6.38 -60.46 -0.85
N ASN I 12 -7.50 -61.17 -0.98
CA ASN I 12 -7.92 -62.19 -0.02
C ASN I 12 -7.66 -63.58 -0.59
N LEU I 13 -6.79 -64.34 0.06
CA LEU I 13 -6.41 -65.68 -0.37
C LEU I 13 -6.83 -66.75 0.63
N SER I 14 -7.54 -67.77 0.16
CA SER I 14 -7.85 -68.91 1.03
C SER I 14 -6.55 -69.56 1.45
N SER I 15 -6.45 -69.95 2.72
CA SER I 15 -5.20 -70.46 3.30
C SER I 15 -4.69 -71.75 2.62
N ASN I 16 -5.51 -72.37 1.77
CA ASN I 16 -5.08 -73.50 0.97
C ASN I 16 -4.04 -73.07 -0.07
N ILE I 17 -4.29 -71.94 -0.72
CA ILE I 17 -3.43 -71.37 -1.75
C ILE I 17 -2.31 -70.48 -1.19
N TYR I 18 -2.54 -69.82 -0.06
CA TYR I 18 -1.57 -68.91 0.54
C TYR I 18 -0.19 -69.52 0.77
N SER I 19 0.83 -68.65 0.71
CA SER I 19 2.23 -68.98 0.92
C SER I 19 2.94 -67.74 1.46
N SER I 20 4.07 -67.97 2.13
CA SER I 20 4.89 -66.91 2.73
C SER I 20 5.78 -66.12 1.76
N ASP I 21 6.00 -66.60 0.54
CA ASP I 21 6.86 -65.97 -0.46
C ASP I 21 6.16 -64.99 -1.42
N ILE I 22 4.83 -65.01 -1.50
CA ILE I 22 4.09 -64.20 -2.46
C ILE I 22 4.24 -62.69 -2.25
N THR I 23 4.41 -62.23 -1.01
CA THR I 23 4.59 -60.79 -0.78
C THR I 23 5.80 -60.25 -1.54
N GLN I 24 6.95 -60.91 -1.41
CA GLN I 24 8.17 -60.51 -2.11
C GLN I 24 8.00 -60.55 -3.62
N GLN I 25 7.30 -61.54 -4.15
CA GLN I 25 7.05 -61.63 -5.59
C GLN I 25 6.12 -60.52 -6.07
N ILE I 26 5.12 -60.15 -5.27
CA ILE I 26 4.22 -59.05 -5.61
C ILE I 26 4.99 -57.73 -5.62
N GLU I 27 5.88 -57.52 -4.66
CA GLU I 27 6.70 -56.32 -4.61
C GLU I 27 7.59 -56.21 -5.86
N VAL I 28 7.93 -57.32 -6.48
CA VAL I 28 8.71 -57.35 -7.71
C VAL I 28 7.82 -56.97 -8.89
N MET I 29 6.55 -57.34 -8.88
CA MET I 29 5.62 -57.00 -9.95
C MET I 29 5.38 -55.49 -10.01
N ARG I 30 5.39 -54.80 -8.88
CA ARG I 30 5.21 -53.35 -8.83
C ARG I 30 6.29 -52.63 -9.64
N TRP I 31 7.54 -53.06 -9.52
CA TRP I 31 8.64 -52.47 -10.30
C TRP I 31 8.43 -52.69 -11.80
N ASN I 32 8.12 -53.90 -12.21
CA ASN I 32 7.89 -54.17 -13.63
C ASN I 32 6.75 -53.32 -14.18
N PHE I 33 5.72 -53.08 -13.38
CA PHE I 33 4.61 -52.24 -13.81
C PHE I 33 5.04 -50.78 -13.92
N PHE I 34 5.83 -50.29 -12.98
CA PHE I 34 6.29 -48.90 -13.05
C PHE I 34 7.21 -48.66 -14.23
N GLU I 35 8.14 -49.56 -14.51
CA GLU I 35 9.03 -49.35 -15.65
C GLU I 35 8.29 -49.43 -16.98
N GLU I 36 7.26 -50.25 -17.11
CA GLU I 36 6.55 -50.32 -18.39
C GLU I 36 5.51 -49.22 -18.53
N SER I 37 4.74 -48.92 -17.49
CA SER I 37 3.69 -47.92 -17.55
C SER I 37 4.09 -46.56 -17.02
N GLY I 38 5.01 -46.50 -16.08
CA GLY I 38 5.34 -45.23 -15.46
C GLY I 38 4.32 -44.74 -14.46
N ILE I 39 3.50 -45.63 -13.93
CA ILE I 39 2.45 -45.33 -12.96
C ILE I 39 2.86 -45.97 -11.64
N PRO I 40 3.02 -45.20 -10.57
CA PRO I 40 3.45 -45.80 -9.31
C PRO I 40 2.30 -46.31 -8.46
N LEU I 41 2.13 -47.64 -8.40
CA LEU I 41 1.06 -48.27 -7.63
C LEU I 41 1.26 -48.19 -6.12
N PRO I 42 0.18 -48.11 -5.35
CA PRO I 42 0.28 -48.11 -3.89
C PRO I 42 0.66 -49.50 -3.37
N LYS I 43 0.95 -49.58 -2.06
CA LYS I 43 1.30 -50.88 -1.46
C LYS I 43 0.10 -51.83 -1.44
N ILE I 44 0.31 -53.07 -1.87
CA ILE I 44 -0.72 -54.10 -1.87
C ILE I 44 -0.78 -54.85 -0.55
N ILE I 45 -1.98 -55.06 -0.01
CA ILE I 45 -2.22 -55.78 1.23
C ILE I 45 -2.77 -57.17 0.91
N VAL I 46 -2.13 -58.22 1.42
CA VAL I 46 -2.58 -59.60 1.18
C VAL I 46 -3.01 -60.23 2.51
N ASN I 47 -4.28 -60.68 2.58
CA ASN I 47 -4.89 -61.30 3.76
C ASN I 47 -5.17 -62.79 3.58
N PRO I 48 -4.68 -63.65 4.48
CA PRO I 48 -5.02 -65.07 4.42
C PRO I 48 -6.38 -65.31 5.06
N VAL I 49 -7.21 -66.10 4.39
CA VAL I 49 -8.56 -66.45 4.85
C VAL I 49 -8.52 -67.91 5.28
N LYS I 50 -8.91 -68.18 6.52
CA LYS I 50 -8.84 -69.51 7.13
C LYS I 50 -9.96 -70.46 6.64
N ASN I 51 -9.95 -70.69 5.34
CA ASN I 51 -10.84 -71.58 4.61
C ASN I 51 -9.97 -72.30 3.60
N ASN I 52 -10.36 -73.49 3.19
CA ASN I 52 -9.59 -74.25 2.22
C ASN I 52 -10.31 -74.45 0.88
N ASP I 53 -11.18 -73.51 0.52
CA ASP I 53 -11.93 -73.61 -0.72
C ASP I 53 -11.12 -73.22 -1.97
N SER I 54 -9.83 -72.93 -1.85
CA SER I 54 -8.97 -72.52 -2.97
C SER I 54 -9.45 -71.26 -3.70
N ALA I 55 -10.30 -70.44 -3.08
CA ALA I 55 -10.82 -69.19 -3.62
C ALA I 55 -9.87 -68.01 -3.43
N ILE I 56 -10.01 -67.00 -4.31
CA ILE I 56 -9.27 -65.74 -4.25
C ILE I 56 -10.22 -64.58 -4.58
N GLU I 57 -9.87 -63.38 -4.09
CA GLU I 57 -10.64 -62.17 -4.37
C GLU I 57 -9.77 -60.92 -4.35
N PHE I 58 -10.05 -60.00 -5.28
CA PHE I 58 -9.39 -58.70 -5.39
C PHE I 58 -10.38 -57.57 -5.08
N LEU I 59 -10.00 -56.69 -4.16
CA LEU I 59 -10.81 -55.53 -3.78
C LEU I 59 -10.14 -54.22 -4.18
N LEU I 60 -10.85 -53.39 -4.93
CA LEU I 60 -10.38 -52.08 -5.34
C LEU I 60 -11.16 -51.04 -4.53
N TYR I 61 -10.47 -50.29 -3.68
CA TYR I 61 -11.11 -49.33 -2.79
C TYR I 61 -12.26 -49.99 -2.04
N GLN I 62 -11.97 -51.17 -1.51
CA GLN I 62 -12.85 -52.04 -0.75
C GLN I 62 -14.11 -52.53 -1.48
N GLU I 63 -14.17 -52.48 -2.80
CA GLU I 63 -15.28 -53.06 -3.54
C GLU I 63 -14.71 -54.22 -4.35
N SER I 64 -15.43 -55.34 -4.41
CA SER I 64 -14.92 -56.50 -5.12
C SER I 64 -14.92 -56.33 -6.63
N ILE I 65 -13.75 -56.53 -7.24
CA ILE I 65 -13.56 -56.40 -8.68
C ILE I 65 -13.44 -57.75 -9.39
N TYR I 66 -12.97 -58.78 -8.67
CA TYR I 66 -12.85 -60.12 -9.23
C TYR I 66 -12.78 -61.15 -8.11
N LYS I 67 -13.46 -62.28 -8.30
CA LYS I 67 -13.51 -63.38 -7.34
C LYS I 67 -13.58 -64.71 -8.07
N ASP I 68 -12.70 -65.65 -7.74
CA ASP I 68 -12.66 -66.94 -8.43
C ASP I 68 -11.87 -67.97 -7.64
N THR I 69 -11.97 -69.23 -8.11
CA THR I 69 -11.28 -70.38 -7.55
C THR I 69 -10.19 -70.93 -8.46
N LEU I 70 -8.98 -71.08 -7.90
CA LEU I 70 -7.84 -71.64 -8.64
C LEU I 70 -7.89 -73.17 -8.64
N ILE I 71 -7.55 -73.75 -9.81
CA ILE I 71 -7.50 -75.19 -10.01
C ILE I 71 -6.20 -75.55 -10.72
N ASP I 72 -5.72 -76.78 -10.45
CA ASP I 72 -4.48 -77.29 -11.00
C ASP I 72 -4.61 -77.89 -12.39
N ASP I 73 -5.83 -78.21 -12.84
CA ASP I 73 -6.07 -78.83 -14.14
C ASP I 73 -5.97 -77.88 -15.32
N THR I 74 -5.81 -76.57 -15.12
CA THR I 74 -5.76 -75.62 -16.22
C THR I 74 -4.56 -74.67 -16.09
N VAL I 75 -4.23 -74.03 -17.21
CA VAL I 75 -3.10 -73.11 -17.33
C VAL I 75 -3.45 -71.93 -18.25
N TYR I 76 -2.94 -70.74 -17.89
CA TYR I 76 -3.13 -69.49 -18.63
C TYR I 76 -1.95 -69.26 -19.57
N PHE I 77 -2.21 -68.67 -20.74
CA PHE I 77 -1.16 -68.38 -21.70
C PHE I 77 -1.42 -67.08 -22.47
N GLU I 78 -0.34 -66.56 -23.08
CA GLU I 78 -0.34 -65.37 -23.95
C GLU I 78 0.44 -65.66 -25.22
N ALA I 79 -0.03 -65.11 -26.35
CA ALA I 79 0.60 -65.26 -27.64
C ALA I 79 0.81 -63.92 -28.33
N GLY I 80 2.00 -63.74 -28.90
CA GLY I 80 2.37 -62.53 -29.62
C GLY I 80 1.96 -62.55 -31.08
N HIS I 81 2.90 -62.23 -31.97
CA HIS I 81 2.65 -62.23 -33.41
C HIS I 81 2.50 -63.63 -33.99
N ALA I 82 2.68 -64.67 -33.17
CA ALA I 82 2.56 -66.07 -33.58
C ALA I 82 1.14 -66.44 -34.00
N GLU I 83 1.05 -67.57 -34.71
CA GLU I 83 -0.20 -68.13 -35.22
C GLU I 83 -1.04 -68.77 -34.10
N ILE I 84 -2.35 -68.89 -34.40
CA ILE I 84 -3.34 -69.48 -33.50
C ILE I 84 -3.12 -70.98 -33.30
N SER I 85 -3.30 -71.44 -32.05
CA SER I 85 -3.14 -72.85 -31.68
C SER I 85 -4.45 -73.41 -31.12
N PHE I 86 -4.67 -74.71 -31.36
CA PHE I 86 -5.90 -75.42 -30.98
C PHE I 86 -6.22 -75.51 -29.48
N GLU I 87 -7.54 -75.67 -29.22
CA GLU I 87 -8.19 -75.85 -27.91
C GLU I 87 -8.08 -74.68 -26.92
N PHE I 88 -7.96 -73.44 -27.40
CA PHE I 88 -7.93 -72.29 -26.51
C PHE I 88 -9.33 -71.92 -26.02
N VAL I 89 -9.42 -71.44 -24.77
CA VAL I 89 -10.68 -70.98 -24.17
C VAL I 89 -10.54 -69.54 -23.74
N GLN I 90 -11.38 -68.66 -24.31
CA GLN I 90 -11.41 -67.25 -23.96
C GLN I 90 -12.38 -66.98 -22.82
N GLU I 91 -11.95 -66.15 -21.85
CA GLU I 91 -12.80 -65.75 -20.74
C GLU I 91 -12.58 -64.29 -20.42
N LYS I 92 -13.68 -63.55 -20.25
CA LYS I 92 -13.60 -62.13 -19.92
C LYS I 92 -13.23 -61.92 -18.46
N LEU I 93 -12.37 -60.93 -18.24
CA LEU I 93 -11.86 -60.56 -16.93
C LEU I 93 -12.39 -59.21 -16.48
N SER I 94 -12.80 -58.38 -17.44
CA SER I 94 -13.42 -57.08 -17.18
C SER I 94 -14.18 -56.73 -18.45
N THR I 95 -14.90 -55.61 -18.41
CA THR I 95 -15.63 -55.17 -19.58
C THR I 95 -14.71 -54.91 -20.78
N ASN I 96 -13.42 -54.68 -20.54
CA ASN I 96 -12.46 -54.37 -21.59
C ASN I 96 -11.22 -55.27 -21.60
N SER I 97 -11.25 -56.43 -20.95
CA SER I 97 -10.10 -57.33 -20.97
C SER I 97 -10.53 -58.80 -20.97
N ILE I 98 -9.78 -59.62 -21.73
CA ILE I 98 -10.02 -61.05 -21.90
C ILE I 98 -8.70 -61.81 -21.74
N VAL I 99 -8.77 -63.00 -21.13
CA VAL I 99 -7.65 -63.91 -20.91
C VAL I 99 -7.94 -65.27 -21.54
N TYR I 100 -6.86 -65.96 -21.94
CA TYR I 100 -6.91 -67.29 -22.57
C TYR I 100 -6.51 -68.41 -21.61
N LYS I 101 -7.37 -69.43 -21.52
CA LYS I 101 -7.22 -70.61 -20.67
C LYS I 101 -7.10 -71.90 -21.49
N THR I 102 -6.38 -72.88 -20.95
CA THR I 102 -6.17 -74.17 -21.60
C THR I 102 -5.94 -75.27 -20.57
N ASN I 103 -6.20 -76.51 -20.99
CA ASN I 103 -5.92 -77.66 -20.13
C ASN I 103 -4.41 -77.85 -20.03
N LYS I 104 -3.93 -78.23 -18.84
CA LYS I 104 -2.50 -78.40 -18.61
C LYS I 104 -1.79 -79.33 -19.58
N THR I 105 -2.50 -80.29 -20.18
CA THR I 105 -1.87 -81.19 -21.17
C THR I 105 -1.29 -80.46 -22.37
N ASN I 106 -1.82 -79.31 -22.72
CA ASN I 106 -1.40 -78.47 -23.85
C ASN I 106 -0.19 -77.58 -23.54
N GLN I 107 0.27 -77.56 -22.30
CA GLN I 107 1.36 -76.71 -21.82
C GLN I 107 2.64 -76.70 -22.69
N GLN I 108 3.24 -77.86 -22.94
CA GLN I 108 4.51 -77.91 -23.68
C GLN I 108 4.40 -77.51 -25.15
N LEU I 109 3.30 -77.79 -25.83
CA LEU I 109 3.17 -77.38 -27.23
C LEU I 109 3.19 -75.85 -27.35
N ALA I 110 2.44 -75.16 -26.49
CA ALA I 110 2.43 -73.71 -26.48
C ALA I 110 3.82 -73.17 -26.12
N HIS I 111 4.42 -73.73 -25.07
CA HIS I 111 5.76 -73.37 -24.64
C HIS I 111 6.78 -73.54 -25.77
N LEU I 112 6.68 -74.64 -26.51
CA LEU I 112 7.56 -74.92 -27.63
C LEU I 112 7.27 -73.98 -28.80
N THR I 113 6.00 -73.64 -29.02
CA THR I 113 5.62 -72.74 -30.10
C THR I 113 6.15 -71.32 -29.85
N GLY I 114 6.40 -70.94 -28.59
CA GLY I 114 6.92 -69.62 -28.24
C GLY I 114 6.00 -68.76 -27.40
N MET I 115 4.84 -69.29 -26.99
CA MET I 115 3.86 -68.60 -26.19
C MET I 115 4.32 -68.53 -24.73
N ASP I 116 3.82 -67.54 -24.00
CA ASP I 116 4.12 -67.40 -22.58
C ASP I 116 3.04 -68.16 -21.80
N VAL I 117 3.47 -68.95 -20.82
CA VAL I 117 2.58 -69.80 -20.04
C VAL I 117 2.80 -69.63 -18.55
N TYR I 118 1.70 -69.50 -17.80
CA TYR I 118 1.67 -69.32 -16.36
C TYR I 118 0.93 -70.49 -15.71
N ALA I 119 1.60 -71.22 -14.82
CA ALA I 119 0.99 -72.42 -14.23
C ALA I 119 0.98 -72.52 -12.70
N THR I 120 1.99 -72.02 -12.00
CA THR I 120 1.97 -72.11 -10.54
C THR I 120 1.01 -71.07 -9.95
N THR I 121 0.67 -71.28 -8.68
CA THR I 121 -0.24 -70.38 -7.98
C THR I 121 0.29 -68.95 -8.01
N ASN I 122 1.58 -68.76 -7.72
CA ASN I 122 2.13 -67.42 -7.72
C ASN I 122 2.11 -66.81 -9.13
N ASP I 123 2.25 -67.63 -10.17
CA ASP I 123 2.16 -67.14 -11.53
C ASP I 123 0.74 -66.70 -11.85
N LYS I 124 -0.23 -67.57 -11.57
CA LYS I 124 -1.64 -67.29 -11.83
C LYS I 124 -2.08 -66.02 -11.10
N ILE I 125 -1.72 -65.88 -9.83
CA ILE I 125 -2.08 -64.69 -9.05
C ILE I 125 -1.46 -63.45 -9.67
N THR I 126 -0.15 -63.45 -9.88
CA THR I 126 0.56 -62.29 -10.43
C THR I 126 0.08 -61.95 -11.85
N PHE I 127 -0.27 -62.93 -12.64
CA PHE I 127 -0.79 -62.68 -13.99
C PHE I 127 -2.16 -61.99 -13.94
N LEU I 128 -3.07 -62.50 -13.12
CA LEU I 128 -4.40 -61.92 -12.97
C LEU I 128 -4.34 -60.51 -12.38
N LEU I 129 -3.47 -60.30 -11.41
CA LEU I 129 -3.26 -58.99 -10.78
C LEU I 129 -2.86 -57.93 -11.82
N LYS I 130 -1.82 -58.17 -12.60
CA LYS I 130 -1.35 -57.21 -13.61
C LYS I 130 -2.42 -56.90 -14.65
N LYS I 131 -3.18 -57.89 -15.09
CA LYS I 131 -4.25 -57.66 -16.08
C LYS I 131 -5.42 -56.87 -15.48
N LEU I 132 -5.73 -57.07 -14.21
CA LEU I 132 -6.81 -56.32 -13.55
C LEU I 132 -6.41 -54.88 -13.30
N VAL I 133 -5.16 -54.64 -12.94
CA VAL I 133 -4.64 -53.27 -12.74
C VAL I 133 -4.61 -52.50 -14.06
N LEU I 134 -4.04 -53.08 -15.11
CA LEU I 134 -4.02 -52.40 -16.42
C LEU I 134 -5.41 -51.99 -16.87
N SER I 135 -6.42 -52.78 -16.57
CA SER I 135 -7.79 -52.48 -16.95
C SER I 135 -8.34 -51.28 -16.20
N ASN I 136 -7.83 -50.97 -15.01
CA ASN I 136 -8.28 -49.88 -14.15
C ASN I 136 -7.24 -48.77 -13.94
N ALA I 137 -6.24 -48.70 -14.82
CA ALA I 137 -5.13 -47.76 -14.72
C ALA I 137 -5.56 -46.31 -14.48
N LYS I 138 -6.66 -45.88 -15.08
CA LYS I 138 -7.18 -44.53 -14.87
C LYS I 138 -7.51 -44.22 -13.41
N GLU I 139 -7.79 -45.22 -12.60
CA GLU I 139 -8.11 -45.04 -11.19
C GLU I 139 -6.91 -44.70 -10.32
N PHE I 140 -5.71 -45.12 -10.70
CA PHE I 140 -4.48 -44.94 -9.93
C PHE I 140 -3.71 -43.65 -10.21
N ILE I 141 -4.15 -42.77 -11.10
CA ILE I 141 -3.45 -41.54 -11.41
C ILE I 141 -4.42 -40.36 -11.32
N GLY I 142 -4.23 -39.54 -10.26
CA GLY I 142 -5.05 -38.38 -9.96
C GLY I 142 -4.27 -37.18 -9.43
N VAL I 143 -4.93 -36.31 -8.66
CA VAL I 143 -4.33 -35.08 -8.14
C VAL I 143 -3.15 -35.36 -7.22
N GLN I 144 -3.31 -36.25 -6.27
CA GLN I 144 -2.22 -36.53 -5.33
C GLN I 144 -1.06 -37.28 -5.95
N GLU I 145 -1.28 -38.08 -6.99
CA GLU I 145 -0.20 -38.83 -7.64
C GLU I 145 0.56 -37.94 -8.63
N THR I 146 -0.14 -37.09 -9.37
CA THR I 146 0.48 -36.13 -10.27
C THR I 146 1.46 -35.25 -9.49
N ARG I 147 1.04 -34.74 -8.35
CA ARG I 147 1.88 -33.95 -7.47
C ARG I 147 3.10 -34.72 -6.97
N TYR I 148 3.01 -36.03 -6.90
CA TYR I 148 4.14 -36.87 -6.48
C TYR I 148 5.17 -37.03 -7.59
N LEU I 149 4.72 -37.15 -8.83
CA LEU I 149 5.58 -37.24 -10.01
C LEU I 149 6.35 -35.94 -10.24
N MET I 150 5.80 -34.82 -9.80
CA MET I 150 6.40 -33.49 -9.88
C MET I 150 7.30 -33.16 -8.70
N ASP I 151 7.14 -33.84 -7.57
CA ASP I 151 8.04 -33.65 -6.43
C ASP I 151 9.33 -34.41 -6.66
N ILE I 152 9.22 -35.64 -7.15
CA ILE I 152 10.34 -36.32 -7.78
C ILE I 152 10.41 -35.52 -9.08
N MET I 153 11.46 -35.61 -9.88
CA MET I 153 11.47 -34.84 -11.12
C MET I 153 11.72 -33.36 -10.89
N GLU I 154 12.11 -32.97 -9.68
CA GLU I 154 12.51 -31.60 -9.39
C GLU I 154 13.83 -31.59 -8.62
N ARG I 155 14.34 -32.76 -8.29
CA ARG I 155 15.65 -32.96 -7.71
C ARG I 155 16.68 -32.86 -8.81
N LYS I 156 16.18 -32.89 -10.04
CA LYS I 156 16.80 -32.77 -11.34
C LYS I 156 15.66 -32.20 -12.20
N TYR I 157 15.95 -31.48 -13.28
CA TYR I 157 14.83 -30.90 -14.04
C TYR I 157 14.01 -29.85 -13.27
N ASN I 158 14.60 -29.26 -12.23
CA ASN I 158 13.95 -28.26 -11.37
C ASN I 158 13.38 -27.06 -12.11
N GLU I 159 14.06 -26.54 -13.11
CA GLU I 159 13.58 -25.38 -13.87
C GLU I 159 12.43 -25.76 -14.80
N LEU I 160 12.41 -26.98 -15.28
CA LEU I 160 11.37 -27.49 -16.16
C LEU I 160 10.02 -27.54 -15.43
N VAL I 161 10.02 -27.94 -14.17
CA VAL I 161 8.82 -27.99 -13.32
C VAL I 161 8.30 -26.59 -13.01
N LYS I 162 9.16 -25.67 -12.60
CA LYS I 162 8.77 -24.28 -12.35
C LYS I 162 8.12 -23.65 -13.58
N GLU I 163 8.69 -23.83 -14.75
CA GLU I 163 8.10 -23.29 -15.97
C GLU I 163 6.75 -23.93 -16.27
N LEU I 164 6.60 -25.22 -16.03
CA LEU I 164 5.33 -25.90 -16.28
C LEU I 164 4.23 -25.39 -15.35
N GLN I 165 4.52 -25.28 -14.05
CA GLN I 165 3.56 -24.77 -13.06
C GLN I 165 3.08 -23.36 -13.37
N ARG I 166 3.92 -22.53 -13.97
CA ARG I 166 3.54 -21.18 -14.35
C ARG I 166 2.71 -21.15 -15.63
N GLN I 167 2.85 -22.14 -16.50
CA GLN I 167 2.14 -22.18 -17.76
C GLN I 167 0.79 -22.89 -17.68
N LEU I 168 0.68 -23.99 -16.92
CA LEU I 168 -0.56 -24.76 -16.80
C LEU I 168 -0.99 -24.97 -15.35
N GLY I 169 -2.30 -25.10 -15.16
CA GLY I 169 -2.84 -25.41 -13.83
C GLY I 169 -2.76 -26.90 -13.54
N LEU I 170 -2.51 -27.23 -12.28
CA LEU I 170 -2.36 -28.64 -11.90
C LEU I 170 -3.55 -29.49 -12.30
N SER I 171 -4.77 -28.96 -12.18
CA SER I 171 -5.95 -29.73 -12.58
C SER I 171 -5.99 -30.05 -14.07
N LYS I 172 -5.27 -29.29 -14.88
CA LYS I 172 -5.19 -29.48 -16.33
C LYS I 172 -4.14 -30.53 -16.69
N ILE I 173 -3.05 -30.59 -15.94
CA ILE I 173 -1.99 -31.59 -16.11
C ILE I 173 -2.55 -32.98 -15.81
N VAL I 174 -3.44 -33.09 -14.83
CA VAL I 174 -4.10 -34.33 -14.45
C VAL I 174 -4.98 -34.88 -15.57
N ASP I 175 -5.73 -34.04 -16.25
CA ASP I 175 -6.57 -34.51 -17.36
C ASP I 175 -5.74 -35.01 -18.54
N ILE I 176 -4.62 -34.38 -18.82
CA ILE I 176 -3.74 -34.82 -19.91
C ILE I 176 -3.13 -36.19 -19.60
N LEU I 177 -2.54 -36.38 -18.43
CA LEU I 177 -1.94 -37.68 -18.08
C LEU I 177 -2.99 -38.79 -18.04
N GLN I 178 -4.22 -38.51 -17.66
CA GLN I 178 -5.27 -39.54 -17.63
C GLN I 178 -5.66 -40.02 -19.03
N ARG I 179 -5.72 -39.13 -20.01
CA ARG I 179 -6.08 -39.52 -21.38
C ARG I 179 -5.00 -40.39 -22.01
N LEU I 180 -3.75 -40.25 -21.58
CA LEU I 180 -2.66 -41.09 -22.08
C LEU I 180 -2.74 -42.53 -21.52
N VAL I 181 -2.99 -42.69 -20.23
CA VAL I 181 -3.09 -44.03 -19.63
C VAL I 181 -4.38 -44.73 -20.06
N GLU I 182 -5.41 -43.98 -20.41
CA GLU I 182 -6.66 -44.59 -20.89
C GLU I 182 -6.45 -45.39 -22.17
N GLU I 183 -5.40 -45.12 -22.93
CA GLU I 183 -5.14 -45.76 -24.23
C GLU I 183 -3.81 -46.50 -24.23
N ASN I 184 -3.33 -46.86 -23.05
CA ASN I 184 -2.09 -47.60 -22.79
C ASN I 184 -0.79 -46.93 -23.22
N VAL I 185 -0.79 -45.62 -23.48
CA VAL I 185 0.46 -44.95 -23.81
C VAL I 185 1.27 -44.86 -22.52
N SER I 186 2.58 -45.03 -22.61
CA SER I 186 3.41 -44.96 -21.41
C SER I 186 3.77 -43.52 -21.06
N ILE I 187 3.73 -43.21 -19.75
CA ILE I 187 4.07 -41.91 -19.21
C ILE I 187 5.39 -41.94 -18.45
N ARG I 188 6.28 -42.87 -18.83
CA ARG I 188 7.59 -42.98 -18.20
C ARG I 188 8.51 -41.82 -18.55
N ASP I 189 8.46 -41.37 -19.80
CA ASP I 189 9.25 -40.23 -20.30
C ASP I 189 8.53 -38.91 -20.05
N LEU I 190 8.67 -38.40 -18.82
CA LEU I 190 8.01 -37.17 -18.41
C LEU I 190 8.62 -35.90 -19.03
N ARG I 191 9.94 -35.81 -19.24
CA ARG I 191 10.47 -34.57 -19.82
C ARG I 191 10.02 -34.37 -21.27
N THR I 192 9.78 -35.42 -22.02
CA THR I 192 9.24 -35.24 -23.36
C THR I 192 7.82 -34.67 -23.28
N ILE I 193 7.04 -35.13 -22.32
CA ILE I 193 5.67 -34.67 -22.12
C ILE I 193 5.66 -33.23 -21.61
N PHE I 194 6.42 -32.91 -20.58
CA PHE I 194 6.48 -31.56 -20.03
C PHE I 194 7.06 -30.55 -21.03
N GLU I 195 8.14 -30.91 -21.73
CA GLU I 195 8.69 -30.02 -22.76
C GLU I 195 7.70 -29.71 -23.87
N THR I 196 6.91 -30.68 -24.28
CA THR I 196 5.90 -30.46 -25.31
C THR I 196 4.75 -29.58 -24.82
N LEU I 197 4.36 -29.69 -23.56
CA LEU I 197 3.28 -28.87 -23.02
C LEU I 197 3.71 -27.41 -22.82
N ILE I 198 4.95 -27.17 -22.41
CA ILE I 198 5.43 -25.79 -22.25
C ILE I 198 5.46 -25.08 -23.60
N PHE I 199 5.82 -25.77 -24.66
CA PHE I 199 5.87 -25.19 -26.01
C PHE I 199 4.51 -24.79 -26.56
N TRP I 200 3.47 -25.61 -26.40
CA TRP I 200 2.14 -25.34 -26.94
C TRP I 200 1.17 -24.64 -26.00
N SER I 201 1.48 -24.52 -24.71
CA SER I 201 0.57 -23.92 -23.73
C SER I 201 0.02 -22.55 -24.09
N THR I 202 0.76 -21.71 -24.81
CA THR I 202 0.27 -20.38 -25.18
C THR I 202 -0.49 -20.36 -26.50
N LYS I 203 -0.15 -21.23 -27.43
CA LYS I 203 -0.78 -21.30 -28.73
C LYS I 203 -2.13 -22.01 -28.69
N GLU I 204 -2.29 -23.06 -27.87
CA GLU I 204 -3.54 -23.82 -27.78
C GLU I 204 -3.96 -24.00 -26.34
N LYS I 205 -5.28 -23.96 -26.12
CA LYS I 205 -5.88 -24.10 -24.80
C LYS I 205 -6.84 -25.27 -24.65
N ASP I 206 -7.24 -25.93 -25.73
CA ASP I 206 -8.11 -27.09 -25.67
C ASP I 206 -7.36 -28.34 -25.21
N VAL I 207 -7.76 -28.86 -24.05
CA VAL I 207 -7.14 -30.04 -23.44
C VAL I 207 -7.22 -31.26 -24.35
N VAL I 208 -8.28 -31.38 -25.14
CA VAL I 208 -8.43 -32.50 -26.07
C VAL I 208 -7.47 -32.40 -27.25
N ILE I 209 -6.98 -31.20 -27.56
CA ILE I 209 -6.05 -30.95 -28.66
C ILE I 209 -4.60 -31.13 -28.19
N LEU I 210 -4.26 -30.61 -27.02
CA LEU I 210 -2.93 -30.77 -26.44
C LEU I 210 -2.54 -32.25 -26.37
N CYS I 211 -3.51 -33.10 -26.10
CA CYS I 211 -3.33 -34.54 -26.03
C CYS I 211 -2.71 -35.13 -27.31
N GLU I 212 -3.16 -34.67 -28.47
CA GLU I 212 -2.66 -35.17 -29.76
C GLU I 212 -1.23 -34.71 -30.06
N TYR I 213 -0.86 -33.51 -29.67
CA TYR I 213 0.52 -33.05 -29.86
C TYR I 213 1.47 -33.90 -29.01
N VAL I 214 1.08 -34.22 -27.79
CA VAL I 214 1.89 -35.07 -26.92
C VAL I 214 2.00 -36.47 -27.51
N ARG I 215 0.98 -36.96 -28.18
CA ARG I 215 1.03 -38.27 -28.83
C ARG I 215 1.98 -38.26 -30.03
N ILE I 216 1.97 -37.20 -30.83
CA ILE I 216 2.87 -37.08 -31.98
C ILE I 216 4.32 -37.05 -31.52
N ALA I 217 4.60 -36.32 -30.45
CA ALA I 217 5.94 -36.23 -29.87
C ALA I 217 6.45 -37.55 -29.31
N LEU I 218 5.59 -38.53 -29.07
CA LEU I 218 5.94 -39.83 -28.52
C LEU I 218 6.08 -40.92 -29.59
N ARG I 219 6.29 -40.53 -30.84
CA ARG I 219 6.42 -41.42 -32.00
C ARG I 219 7.27 -42.69 -31.79
N ARG I 220 8.46 -42.57 -31.22
CA ARG I 220 9.34 -43.72 -30.99
C ARG I 220 8.76 -44.76 -30.04
N HIS I 221 7.99 -44.35 -29.05
CA HIS I 221 7.35 -45.28 -28.12
C HIS I 221 6.21 -46.04 -28.79
N ILE I 222 5.35 -45.33 -29.51
CA ILE I 222 4.19 -45.91 -30.18
C ILE I 222 4.61 -46.86 -31.31
N LEU I 223 5.47 -46.42 -32.20
CA LEU I 223 5.93 -47.31 -33.28
C LEU I 223 6.70 -48.51 -32.76
N GLY I 224 7.50 -48.34 -31.72
CA GLY I 224 8.27 -49.44 -31.15
C GLY I 224 7.44 -50.52 -30.49
N ARG I 225 6.15 -50.28 -30.26
CA ARG I 225 5.19 -51.22 -29.66
C ARG I 225 4.36 -51.98 -30.69
N TYR I 226 3.79 -51.30 -31.68
CA TYR I 226 2.90 -51.94 -32.64
C TYR I 226 3.57 -52.44 -33.93
N SER I 227 4.65 -51.82 -34.40
CA SER I 227 5.33 -52.30 -35.60
C SER I 227 6.07 -53.61 -35.32
N VAL I 228 6.34 -54.36 -36.39
CA VAL I 228 7.04 -55.63 -36.29
C VAL I 228 8.51 -55.42 -36.68
N SER I 229 9.38 -55.78 -35.74
CA SER I 229 10.84 -55.65 -35.82
C SER I 229 11.27 -54.27 -36.29
N GLY I 230 10.45 -53.27 -36.01
CA GLY I 230 10.69 -51.89 -36.37
C GLY I 230 10.58 -51.54 -37.84
N THR I 231 10.26 -52.49 -38.71
CA THR I 231 10.25 -52.22 -40.13
C THR I 231 8.88 -52.13 -40.81
N LEU I 232 7.87 -52.84 -40.33
CA LEU I 232 6.57 -52.84 -40.99
C LEU I 232 5.42 -52.74 -40.00
N LEU I 233 4.37 -52.04 -40.42
CA LEU I 233 3.13 -51.86 -39.66
C LEU I 233 1.91 -52.34 -40.43
N ASN I 234 1.13 -53.25 -39.83
CA ASN I 234 -0.09 -53.78 -40.44
C ASN I 234 -1.25 -52.80 -40.22
N VAL I 235 -2.00 -52.50 -41.29
CA VAL I 235 -3.01 -51.44 -41.21
C VAL I 235 -4.36 -51.73 -41.89
N TRP I 236 -5.41 -51.15 -41.31
CA TRP I 236 -6.78 -51.09 -41.83
C TRP I 236 -7.14 -49.61 -41.96
N LEU I 237 -7.89 -49.24 -43.01
CA LEU I 237 -8.24 -47.82 -43.24
C LEU I 237 -9.74 -47.53 -43.22
N ILE I 238 -10.09 -46.31 -42.78
CA ILE I 238 -11.48 -45.86 -42.72
C ILE I 238 -12.02 -45.36 -44.06
N GLY I 239 -11.17 -44.76 -44.90
CA GLY I 239 -11.54 -44.22 -46.19
C GLY I 239 -12.16 -42.82 -46.17
N SER I 240 -11.95 -42.10 -47.28
CA SER I 240 -12.36 -40.70 -47.43
C SER I 240 -13.87 -40.44 -47.25
N ASP I 241 -14.72 -41.35 -47.70
CA ASP I 241 -16.16 -41.16 -47.56
C ASP I 241 -16.62 -41.16 -46.11
N ILE I 242 -16.26 -42.20 -45.37
CA ILE I 242 -16.63 -42.29 -43.96
C ILE I 242 -15.95 -41.20 -43.14
N GLU I 243 -14.68 -40.93 -43.41
CA GLU I 243 -13.97 -39.86 -42.71
C GLU I 243 -14.64 -38.51 -42.94
N ASN I 244 -15.06 -38.23 -44.17
CA ASN I 244 -15.74 -36.97 -44.48
C ASN I 244 -17.09 -36.90 -43.77
N GLU I 245 -17.85 -37.98 -43.81
CA GLU I 245 -19.15 -38.01 -43.13
C GLU I 245 -18.99 -37.82 -41.62
N LEU I 246 -18.02 -38.47 -41.01
CA LEU I 246 -17.75 -38.33 -39.57
C LEU I 246 -17.28 -36.92 -39.24
N ARG I 247 -16.39 -36.35 -40.05
CA ARG I 247 -15.89 -34.99 -39.82
C ARG I 247 -17.02 -33.97 -39.79
N GLU I 248 -18.00 -34.12 -40.67
CA GLU I 248 -19.15 -33.21 -40.72
C GLU I 248 -20.13 -33.42 -39.55
N SER I 249 -20.25 -34.63 -39.02
CA SER I 249 -21.17 -34.98 -37.93
C SER I 249 -20.79 -34.45 -36.54
N ILE I 250 -19.62 -33.83 -36.36
CA ILE I 250 -19.18 -33.33 -35.05
C ILE I 250 -20.06 -32.19 -34.51
N ARG I 251 -20.33 -32.25 -33.19
CA ARG I 251 -21.11 -31.29 -32.41
C ARG I 251 -20.46 -31.09 -31.04
N GLN I 252 -20.84 -30.02 -30.33
CA GLN I 252 -20.26 -29.70 -29.03
C GLN I 252 -21.21 -28.98 -28.07
N THR I 253 -20.87 -29.09 -26.78
CA THR I 253 -21.59 -28.51 -25.65
C THR I 253 -20.62 -28.34 -24.47
N SER I 254 -21.08 -27.65 -23.43
CA SER I 254 -20.24 -27.40 -22.25
C SER I 254 -19.70 -28.69 -21.63
N SER I 255 -20.43 -29.79 -21.76
CA SER I 255 -19.96 -31.07 -21.24
C SER I 255 -18.88 -31.67 -22.13
N GLY I 256 -18.83 -31.30 -23.40
CA GLY I 256 -17.83 -31.83 -24.31
C GLY I 256 -18.35 -31.86 -25.74
N SER I 257 -17.66 -32.66 -26.57
CA SER I 257 -17.98 -32.84 -27.98
C SER I 257 -18.44 -34.25 -28.28
N TYR I 258 -19.31 -34.37 -29.29
CA TYR I 258 -19.91 -35.64 -29.66
C TYR I 258 -20.31 -35.62 -31.13
N LEU I 259 -20.69 -36.80 -31.63
CA LEU I 259 -21.10 -37.00 -33.02
C LEU I 259 -22.61 -37.19 -33.16
N ASN I 260 -23.19 -36.47 -34.13
CA ASN I 260 -24.61 -36.59 -34.47
C ASN I 260 -24.82 -37.64 -35.55
N ILE I 261 -24.87 -38.91 -35.13
CA ILE I 261 -25.06 -40.03 -36.04
C ILE I 261 -26.07 -41.01 -35.43
N SER I 262 -26.85 -41.66 -36.29
CA SER I 262 -27.86 -42.59 -35.83
C SER I 262 -27.28 -43.92 -35.34
N PRO I 263 -27.97 -44.58 -34.40
CA PRO I 263 -27.51 -45.88 -33.90
C PRO I 263 -27.42 -46.95 -34.98
N GLU I 264 -28.36 -46.95 -35.92
CA GLU I 264 -28.37 -47.91 -37.01
C GLU I 264 -27.14 -47.76 -37.91
N ARG I 265 -26.86 -46.53 -38.34
CA ARG I 265 -25.68 -46.27 -39.17
C ARG I 265 -24.41 -46.59 -38.39
N THR I 266 -24.39 -46.29 -37.11
CA THR I 266 -23.26 -46.59 -36.24
C THR I 266 -23.00 -48.10 -36.18
N GLU I 267 -24.07 -48.87 -35.98
CA GLU I 267 -23.97 -50.33 -35.93
C GLU I 267 -23.55 -50.89 -37.30
N GLN I 268 -24.02 -50.30 -38.39
CA GLN I 268 -23.62 -50.70 -39.74
C GLN I 268 -22.13 -50.47 -39.97
N ILE I 269 -21.65 -49.28 -39.61
CA ILE I 269 -20.24 -48.93 -39.74
C ILE I 269 -19.39 -49.94 -38.97
N ILE I 270 -19.78 -50.23 -37.74
CA ILE I 270 -19.11 -51.21 -36.90
C ILE I 270 -19.19 -52.59 -37.53
N GLY I 271 -20.36 -52.94 -38.04
CA GLY I 271 -20.55 -54.23 -38.71
C GLY I 271 -19.62 -54.43 -39.90
N PHE I 272 -19.40 -53.39 -40.69
CA PHE I 272 -18.48 -53.50 -41.84
C PHE I 272 -17.08 -53.87 -41.35
N LEU I 273 -16.59 -53.15 -40.35
CA LEU I 273 -15.26 -53.37 -39.77
C LEU I 273 -15.18 -54.77 -39.15
N LYS I 274 -16.21 -55.16 -38.41
CA LYS I 274 -16.28 -56.48 -37.79
C LYS I 274 -16.20 -57.61 -38.82
N ASN I 275 -16.77 -57.40 -40.00
CA ASN I 275 -16.73 -58.40 -41.06
C ASN I 275 -15.39 -58.44 -41.77
N ILE I 276 -14.76 -57.29 -42.02
CA ILE I 276 -13.47 -57.25 -42.69
C ILE I 276 -12.32 -57.75 -41.81
N MET I 277 -12.27 -57.35 -40.54
CA MET I 277 -11.19 -57.76 -39.65
C MET I 277 -11.15 -59.25 -39.36
N ASN I 278 -9.93 -59.83 -39.42
CA ASN I 278 -9.64 -61.22 -39.10
C ASN I 278 -9.59 -61.40 -37.58
N PRO I 279 -10.11 -62.51 -37.06
CA PRO I 279 -10.10 -62.73 -35.61
C PRO I 279 -8.70 -62.82 -34.99
N THR I 280 -7.66 -63.01 -35.80
CA THR I 280 -6.31 -63.08 -35.23
C THR I 280 -5.80 -61.71 -34.75
N GLY I 281 -6.32 -60.62 -35.30
CA GLY I 281 -5.87 -59.28 -34.90
C GLY I 281 -4.51 -58.91 -35.45
N ASN I 282 -3.60 -58.53 -34.55
CA ASN I 282 -2.23 -58.18 -34.92
C ASN I 282 -2.17 -57.01 -35.93
N GLY I 283 -3.12 -56.07 -35.85
CA GLY I 283 -3.18 -54.93 -36.76
C GLY I 283 -3.62 -53.65 -36.07
N VAL I 284 -3.68 -52.56 -36.86
CA VAL I 284 -4.03 -51.24 -36.35
C VAL I 284 -4.90 -50.49 -37.36
N ILE I 285 -5.69 -49.54 -36.86
CA ILE I 285 -6.55 -48.68 -37.68
C ILE I 285 -5.99 -47.26 -37.77
N LEU I 286 -5.73 -46.75 -38.98
CA LEU I 286 -5.24 -45.38 -39.16
C LEU I 286 -6.38 -44.40 -39.44
N THR I 287 -6.24 -43.16 -38.96
CA THR I 287 -7.29 -42.15 -39.14
C THR I 287 -6.71 -40.74 -39.08
N ALA I 288 -7.53 -39.76 -39.46
CA ALA I 288 -7.15 -38.35 -39.36
C ALA I 288 -7.26 -37.88 -37.91
N LEU I 289 -6.43 -36.89 -37.54
CA LEU I 289 -6.45 -36.39 -36.17
C LEU I 289 -7.81 -35.87 -35.72
N ASP I 290 -8.54 -35.23 -36.62
CA ASP I 290 -9.85 -34.66 -36.29
C ASP I 290 -10.90 -35.67 -35.83
N ILE I 291 -10.78 -36.95 -36.21
CA ILE I 291 -11.76 -37.97 -35.87
C ILE I 291 -11.25 -39.09 -34.95
N ARG I 292 -9.94 -39.22 -34.77
CA ARG I 292 -9.33 -40.32 -34.01
C ARG I 292 -9.98 -40.59 -32.64
N ARG I 293 -10.12 -39.57 -31.79
CA ARG I 293 -10.71 -39.76 -30.46
C ARG I 293 -12.16 -40.24 -30.54
N TYR I 294 -12.92 -39.77 -31.51
CA TYR I 294 -14.31 -40.20 -31.69
C TYR I 294 -14.40 -41.61 -32.27
N VAL I 295 -13.56 -41.94 -33.24
CA VAL I 295 -13.54 -43.28 -33.81
C VAL I 295 -13.21 -44.32 -32.72
N LYS I 296 -12.25 -44.02 -31.86
CA LYS I 296 -11.91 -44.91 -30.75
C LYS I 296 -13.08 -45.10 -29.79
N LYS I 297 -13.66 -44.01 -29.32
CA LYS I 297 -14.80 -44.05 -28.40
C LYS I 297 -16.02 -44.72 -29.03
N MET I 298 -16.15 -44.62 -30.36
CA MET I 298 -17.27 -45.26 -31.08
C MET I 298 -17.08 -46.78 -31.15
N ILE I 299 -15.90 -47.24 -31.55
CA ILE I 299 -15.60 -48.67 -31.66
C ILE I 299 -15.51 -49.35 -30.29
N GLU I 300 -15.10 -48.61 -29.26
CA GLU I 300 -14.98 -49.13 -27.90
C GLU I 300 -16.19 -49.97 -27.49
N GLY I 301 -15.90 -51.13 -26.89
CA GLY I 301 -16.88 -52.11 -26.46
C GLY I 301 -17.16 -53.22 -27.46
N SER I 302 -16.91 -53.00 -28.74
CA SER I 302 -17.06 -54.02 -29.75
C SER I 302 -15.65 -54.34 -30.21
N PHE I 303 -15.25 -55.61 -30.09
CA PHE I 303 -13.89 -56.04 -30.40
C PHE I 303 -12.83 -55.08 -29.85
N PRO I 304 -12.87 -54.81 -28.54
CA PRO I 304 -11.96 -53.88 -27.86
C PRO I 304 -10.51 -54.35 -27.86
N SER I 305 -9.65 -53.46 -27.35
CA SER I 305 -8.19 -53.66 -27.27
C SER I 305 -7.51 -53.66 -28.64
N VAL I 306 -8.08 -52.94 -29.59
CA VAL I 306 -7.55 -52.77 -30.93
C VAL I 306 -7.08 -51.32 -31.05
N PRO I 307 -5.79 -51.06 -31.26
CA PRO I 307 -5.29 -49.69 -31.34
C PRO I 307 -5.73 -48.90 -32.55
N VAL I 308 -5.96 -47.61 -32.34
CA VAL I 308 -6.30 -46.64 -33.37
C VAL I 308 -5.24 -45.55 -33.37
N LEU I 309 -4.52 -45.41 -34.49
CA LEU I 309 -3.46 -44.41 -34.64
C LEU I 309 -3.85 -43.35 -35.66
N SER I 310 -2.90 -42.49 -36.04
CA SER I 310 -3.17 -41.45 -37.04
C SER I 310 -1.96 -41.22 -37.95
N PHE I 311 -2.25 -40.61 -39.10
CA PHE I 311 -1.27 -40.32 -40.14
C PHE I 311 -0.21 -39.31 -39.74
N GLN I 312 -0.44 -38.55 -38.67
CA GLN I 312 0.55 -37.61 -38.15
C GLN I 312 1.40 -38.26 -37.08
N GLU I 313 0.80 -39.11 -36.27
CA GLU I 313 1.57 -39.82 -35.25
C GLU I 313 2.48 -40.83 -35.92
N VAL I 314 2.00 -41.53 -36.94
CA VAL I 314 2.84 -42.44 -37.69
C VAL I 314 3.59 -41.64 -38.73
N GLY I 315 4.90 -41.83 -38.82
CA GLY I 315 5.72 -41.11 -39.76
C GLY I 315 5.74 -41.70 -41.17
N ASN I 316 6.35 -40.94 -42.08
CA ASN I 316 6.51 -41.36 -43.47
C ASN I 316 7.68 -42.30 -43.66
N ASN I 317 8.54 -42.43 -42.65
CA ASN I 317 9.72 -43.29 -42.74
C ASN I 317 9.39 -44.78 -42.76
N ILE I 318 8.35 -45.20 -42.04
CA ILE I 318 7.98 -46.61 -41.96
C ILE I 318 7.10 -47.07 -43.13
N GLU I 319 7.16 -48.39 -43.40
CA GLU I 319 6.36 -49.05 -44.43
C GLU I 319 5.03 -49.55 -43.89
N LEU I 320 3.97 -49.34 -44.66
CA LEU I 320 2.61 -49.74 -44.31
C LEU I 320 2.06 -50.87 -45.18
N LYS I 321 1.54 -51.91 -44.55
CA LYS I 321 0.90 -53.04 -45.23
C LYS I 321 -0.59 -52.97 -44.94
N VAL I 322 -1.41 -52.82 -45.99
CA VAL I 322 -2.86 -52.70 -45.85
C VAL I 322 -3.56 -54.05 -45.91
N LEU I 323 -4.40 -54.32 -44.91
CA LEU I 323 -5.16 -55.55 -44.78
C LEU I 323 -6.66 -55.37 -44.97
N GLY I 324 -7.11 -54.20 -45.41
CA GLY I 324 -8.53 -53.96 -45.66
C GLY I 324 -8.92 -52.52 -45.45
N THR I 325 -10.09 -52.15 -45.96
CA THR I 325 -10.61 -50.79 -45.85
C THR I 325 -12.13 -50.75 -45.74
N VAL I 326 -12.66 -49.97 -44.82
CA VAL I 326 -14.11 -49.86 -44.69
C VAL I 326 -14.57 -48.69 -45.56
#